data_4F86
#
_entry.id   4F86
#
_cell.length_a   78.937
_cell.length_b   87.731
_cell.length_c   160.222
_cell.angle_alpha   100.01
_cell.angle_beta   96.65
_cell.angle_gamma   90.89
#
_symmetry.space_group_name_H-M   'P 1'
#
loop_
_entity.id
_entity.type
_entity.pdbx_description
1 polymer 'Geranyl diphosphate 2-C-methyltransferase'
2 non-polymer SINEFUNGIN
3 non-polymer 'GERANYL DIPHOSPHATE'
4 non-polymer 'MAGNESIUM ION'
#
_entity_poly.entity_id   1
_entity_poly.type   'polypeptide(L)'
_entity_poly.pdbx_seq_one_letter_code
;MGSSHHHHHHSSGLVPRGSHMAAASAPVPGPGGASSTARGRIPAPATPYQEDIARYWNNEARPVNLRLGDVDGLYHHHYG
IGAVDHAALGDPGDGGYEARLIAELHRLESAQAEFLLDHLGPVGPGDTLVDAGCGRGGSMVMAHQRFGCKVEGVTLSAAQ
AEFGNRRARELGIDDHVRSRVCNMLDTPFEKGTVAASWNNESSMYVDLHDVFAEHSRFLRVGGRYVTVTGCWNPRYGQPS
KWVSQINAHFECNIHSRREYLRAMADNRLVPQTVVDLTPETLPYWELRATSSLVTGIEEAFIESYRDGSFQYVLIAADRV
;
_entity_poly.pdbx_strand_id   A,B,C,D,E,F,G,H,I,J,K,L
#
# COMPACT_ATOMS: atom_id res chain seq x y z
N ALA A 46 39.37 27.69 20.24
CA ALA A 46 38.04 28.35 20.42
C ALA A 46 37.08 27.94 19.32
N THR A 47 36.05 27.19 19.73
CA THR A 47 34.97 26.65 18.88
C THR A 47 35.09 25.12 18.88
N PRO A 48 34.00 24.42 19.24
CA PRO A 48 34.00 22.95 19.29
C PRO A 48 34.61 22.26 18.07
N TYR A 49 34.11 22.58 16.87
CA TYR A 49 34.60 21.95 15.64
C TYR A 49 36.11 22.01 15.48
N GLN A 50 36.66 23.21 15.31
CA GLN A 50 38.10 23.36 15.13
C GLN A 50 38.83 22.63 16.25
N GLU A 51 38.26 22.69 17.44
CA GLU A 51 38.84 22.02 18.61
C GLU A 51 39.11 20.57 18.22
N ASP A 52 38.25 20.02 17.36
CA ASP A 52 38.37 18.65 16.88
C ASP A 52 39.42 18.54 15.79
N ILE A 53 39.20 19.29 14.71
CA ILE A 53 40.12 19.30 13.57
C ILE A 53 41.57 19.35 14.03
N ALA A 54 41.84 20.18 15.03
CA ALA A 54 43.18 20.31 15.59
C ALA A 54 43.57 18.96 16.17
N ARG A 55 42.73 18.43 17.06
CA ARG A 55 42.98 17.14 17.68
C ARG A 55 43.27 16.11 16.60
N TYR A 56 42.39 16.08 15.59
CA TYR A 56 42.49 15.16 14.46
C TYR A 56 43.89 15.15 13.85
N TRP A 57 44.36 16.33 13.45
CA TRP A 57 45.67 16.47 12.83
C TRP A 57 46.84 16.34 13.80
N ASN A 58 46.56 16.43 15.10
CA ASN A 58 47.62 16.31 16.10
C ASN A 58 47.98 14.84 16.27
N ASN A 59 47.37 14.00 15.44
CA ASN A 59 47.62 12.57 15.47
C ASN A 59 48.21 12.18 14.12
N GLU A 60 47.41 12.34 13.06
CA GLU A 60 47.84 12.03 11.70
C GLU A 60 48.74 10.77 11.68
N ALA A 61 49.99 10.96 11.30
CA ALA A 61 50.96 9.87 11.24
C ALA A 61 50.69 8.82 10.15
N ARG A 62 49.73 9.09 9.27
CA ARG A 62 49.41 8.14 8.21
C ARG A 62 50.57 7.96 7.23
N PRO A 63 51.02 6.71 7.04
CA PRO A 63 52.13 6.38 6.14
C PRO A 63 51.94 6.91 4.72
N VAL A 64 50.70 6.95 4.26
CA VAL A 64 50.39 7.43 2.92
C VAL A 64 50.76 8.92 2.80
N ASN A 65 51.32 9.48 3.86
CA ASN A 65 51.73 10.87 3.89
C ASN A 65 53.20 10.98 4.23
N LEU A 66 53.61 10.32 5.30
CA LEU A 66 54.99 10.34 5.74
C LEU A 66 55.94 9.56 4.85
N ARG A 67 55.56 8.35 4.45
CA ARG A 67 56.44 7.57 3.58
C ARG A 67 56.65 8.29 2.25
N LEU A 68 55.67 9.08 1.84
CA LEU A 68 55.77 9.83 0.58
C LEU A 68 56.57 11.11 0.73
N GLY A 69 56.62 11.65 1.94
CA GLY A 69 57.36 12.87 2.17
C GLY A 69 58.82 12.62 2.50
N ASP A 70 59.16 11.35 2.71
CA ASP A 70 60.53 10.97 3.04
C ASP A 70 61.40 10.89 1.80
N VAL A 71 60.83 10.38 0.72
CA VAL A 71 61.55 10.23 -0.54
C VAL A 71 62.22 11.52 -0.97
N ASP A 72 61.57 12.65 -0.69
CA ASP A 72 62.08 13.95 -1.09
C ASP A 72 62.52 14.84 0.06
N GLY A 73 61.66 14.95 1.07
CA GLY A 73 61.93 15.81 2.21
C GLY A 73 60.80 16.81 2.30
N LEU A 74 60.00 16.85 1.23
CA LEU A 74 58.85 17.74 1.15
C LEU A 74 57.64 16.95 1.66
N TYR A 75 57.02 17.45 2.73
CA TYR A 75 55.87 16.77 3.33
C TYR A 75 54.52 17.39 2.98
N HIS A 76 53.85 16.80 1.99
CA HIS A 76 52.55 17.28 1.51
C HIS A 76 51.34 16.70 2.23
N HIS A 77 50.19 17.34 2.01
CA HIS A 77 48.92 16.91 2.59
C HIS A 77 47.76 17.24 1.66
N HIS A 78 47.94 16.90 0.39
CA HIS A 78 46.93 17.09 -0.64
C HIS A 78 47.04 15.87 -1.55
N TYR A 79 46.51 16.00 -2.77
CA TYR A 79 46.55 14.90 -3.72
C TYR A 79 47.30 15.32 -4.96
N GLY A 80 47.56 14.39 -5.85
CA GLY A 80 48.30 14.73 -7.06
C GLY A 80 47.50 14.90 -8.33
N ILE A 81 48.21 15.29 -9.38
CA ILE A 81 47.63 15.49 -10.70
C ILE A 81 48.63 14.99 -11.73
N GLY A 82 48.22 14.95 -12.99
CA GLY A 82 49.11 14.49 -14.04
C GLY A 82 49.11 12.98 -14.21
N ALA A 83 49.39 12.54 -15.44
CA ALA A 83 49.41 11.12 -15.77
C ALA A 83 50.45 10.36 -14.94
N VAL A 84 50.35 9.03 -14.95
CA VAL A 84 51.27 8.18 -14.21
C VAL A 84 52.24 7.47 -15.16
N ASP A 85 53.48 7.31 -14.71
CA ASP A 85 54.51 6.65 -15.51
C ASP A 85 54.53 5.17 -15.11
N HIS A 86 53.66 4.38 -15.73
CA HIS A 86 53.61 2.95 -15.41
C HIS A 86 54.92 2.24 -15.69
N ALA A 87 55.61 2.65 -16.74
CA ALA A 87 56.90 2.05 -17.12
C ALA A 87 57.89 2.06 -15.95
N ALA A 88 57.91 3.15 -15.19
CA ALA A 88 58.81 3.29 -14.04
C ALA A 88 58.40 2.34 -12.91
N LEU A 89 57.32 1.60 -13.12
CA LEU A 89 56.83 0.66 -12.14
C LEU A 89 56.95 -0.74 -12.75
N GLY A 90 58.20 -1.20 -12.87
CA GLY A 90 58.47 -2.50 -13.46
C GLY A 90 57.94 -3.72 -12.73
N ASP A 91 58.62 -4.84 -12.92
CA ASP A 91 58.26 -6.12 -12.31
C ASP A 91 57.55 -5.97 -10.97
N PRO A 92 56.20 -6.05 -10.99
CA PRO A 92 55.41 -5.92 -9.77
C PRO A 92 55.98 -6.80 -8.67
N GLY A 93 56.51 -7.94 -9.09
CA GLY A 93 57.09 -8.89 -8.15
C GLY A 93 58.51 -8.52 -7.80
N ASP A 94 58.68 -7.35 -7.19
CA ASP A 94 59.99 -6.87 -6.79
C ASP A 94 59.90 -6.27 -5.38
N GLY A 95 61.03 -6.24 -4.69
CA GLY A 95 61.05 -5.68 -3.35
C GLY A 95 61.14 -4.17 -3.44
N GLY A 96 61.19 -3.67 -4.67
CA GLY A 96 61.30 -2.24 -4.88
C GLY A 96 60.11 -1.61 -5.58
N TYR A 97 59.14 -2.41 -6.01
CA TYR A 97 57.98 -1.87 -6.68
C TYR A 97 57.29 -0.84 -5.79
N GLU A 98 56.87 -1.29 -4.60
CA GLU A 98 56.20 -0.40 -3.66
C GLU A 98 57.02 0.86 -3.40
N ALA A 99 58.34 0.71 -3.40
CA ALA A 99 59.22 1.84 -3.17
C ALA A 99 59.12 2.81 -4.33
N ARG A 100 58.92 2.28 -5.53
CA ARG A 100 58.80 3.11 -6.72
C ARG A 100 57.40 3.71 -6.83
N LEU A 101 56.42 3.03 -6.25
CA LEU A 101 55.04 3.52 -6.29
C LEU A 101 54.92 4.74 -5.38
N ILE A 102 55.57 4.69 -4.22
CA ILE A 102 55.53 5.81 -3.28
C ILE A 102 56.16 7.04 -3.93
N ALA A 103 57.23 6.83 -4.69
CA ALA A 103 57.92 7.92 -5.38
C ALA A 103 57.00 8.54 -6.42
N GLU A 104 56.30 7.69 -7.17
CA GLU A 104 55.40 8.15 -8.21
C GLU A 104 54.25 8.96 -7.62
N LEU A 105 53.66 8.45 -6.54
CA LEU A 105 52.57 9.16 -5.87
C LEU A 105 53.04 10.50 -5.34
N HIS A 106 54.20 10.51 -4.70
CA HIS A 106 54.76 11.74 -4.16
C HIS A 106 55.03 12.74 -5.29
N ARG A 107 55.49 12.25 -6.42
CA ARG A 107 55.78 13.10 -7.57
C ARG A 107 54.53 13.85 -7.98
N LEU A 108 53.42 13.11 -8.11
CA LEU A 108 52.14 13.68 -8.50
C LEU A 108 51.65 14.70 -7.47
N GLU A 109 51.88 14.42 -6.19
CA GLU A 109 51.46 15.33 -5.14
C GLU A 109 52.27 16.63 -5.17
N SER A 110 53.57 16.52 -5.43
CA SER A 110 54.42 17.69 -5.51
C SER A 110 54.11 18.41 -6.81
N ALA A 111 53.60 17.65 -7.78
CA ALA A 111 53.25 18.19 -9.09
C ALA A 111 52.13 19.22 -9.01
N GLN A 112 51.08 18.90 -8.26
CA GLN A 112 49.96 19.83 -8.13
C GLN A 112 50.37 21.01 -7.26
N ALA A 113 51.20 20.77 -6.26
CA ALA A 113 51.67 21.84 -5.39
C ALA A 113 52.39 22.86 -6.25
N GLU A 114 53.21 22.35 -7.18
CA GLU A 114 53.96 23.22 -8.09
C GLU A 114 52.97 23.92 -9.01
N PHE A 115 51.98 23.17 -9.48
CA PHE A 115 50.96 23.70 -10.38
C PHE A 115 50.22 24.86 -9.73
N LEU A 116 50.05 24.80 -8.41
CA LEU A 116 49.36 25.85 -7.68
C LEU A 116 50.18 27.13 -7.71
N LEU A 117 51.47 27.00 -7.39
CA LEU A 117 52.37 28.14 -7.36
C LEU A 117 52.44 28.85 -8.71
N ASP A 118 52.18 28.12 -9.79
CA ASP A 118 52.22 28.70 -11.12
C ASP A 118 51.15 29.78 -11.28
N HIS A 119 50.13 29.74 -10.43
CA HIS A 119 49.04 30.71 -10.51
C HIS A 119 49.12 31.84 -9.48
N LEU A 120 50.24 31.93 -8.78
CA LEU A 120 50.41 32.98 -7.78
C LEU A 120 50.87 34.27 -8.44
N GLY A 121 51.14 34.20 -9.75
CA GLY A 121 51.59 35.36 -10.48
C GLY A 121 52.99 35.78 -10.07
N PRO A 122 53.50 36.89 -10.63
CA PRO A 122 54.84 37.39 -10.29
C PRO A 122 54.97 37.68 -8.81
N VAL A 123 56.07 37.26 -8.21
CA VAL A 123 56.30 37.49 -6.78
C VAL A 123 57.80 37.57 -6.48
N GLY A 124 58.22 38.72 -5.96
CA GLY A 124 59.63 38.92 -5.64
C GLY A 124 59.99 38.58 -4.20
N PRO A 125 61.29 38.57 -3.89
CA PRO A 125 61.83 38.26 -2.55
C PRO A 125 61.31 39.18 -1.46
N GLY A 126 60.80 40.34 -1.85
CA GLY A 126 60.29 41.29 -0.87
C GLY A 126 58.85 41.02 -0.49
N ASP A 127 58.14 40.25 -1.30
CA ASP A 127 56.75 39.93 -1.04
C ASP A 127 56.57 38.91 0.07
N THR A 128 55.35 38.85 0.61
CA THR A 128 55.02 37.90 1.67
C THR A 128 53.86 37.02 1.20
N LEU A 129 53.96 35.72 1.45
CA LEU A 129 52.92 34.77 1.06
C LEU A 129 52.32 34.09 2.27
N VAL A 130 51.03 33.77 2.19
CA VAL A 130 50.33 33.13 3.30
C VAL A 130 49.76 31.78 2.86
N ASP A 131 49.90 30.78 3.73
CA ASP A 131 49.39 29.44 3.45
C ASP A 131 48.33 29.08 4.51
N ALA A 132 47.05 29.26 4.16
CA ALA A 132 45.96 28.95 5.07
C ALA A 132 45.87 27.43 5.21
N GLY A 133 46.14 26.92 6.41
CA GLY A 133 46.11 25.49 6.61
C GLY A 133 47.30 24.89 5.87
N CYS A 134 48.50 25.26 6.33
CA CYS A 134 49.75 24.82 5.71
C CYS A 134 50.16 23.37 5.92
N GLY A 135 49.55 22.69 6.88
CA GLY A 135 49.92 21.31 7.13
C GLY A 135 51.33 21.21 7.69
N ARG A 136 52.17 20.40 7.06
CA ARG A 136 53.55 20.24 7.53
C ARG A 136 54.54 21.19 6.84
N GLY A 137 54.02 22.05 5.97
CA GLY A 137 54.87 23.01 5.29
C GLY A 137 55.44 22.60 3.95
N GLY A 138 54.95 21.52 3.39
CA GLY A 138 55.45 21.07 2.10
C GLY A 138 55.41 22.15 1.04
N SER A 139 54.24 22.73 0.82
CA SER A 139 54.06 23.77 -0.17
C SER A 139 54.84 25.05 0.18
N MET A 140 54.95 25.34 1.47
CA MET A 140 55.67 26.52 1.94
C MET A 140 57.13 26.49 1.51
N VAL A 141 57.79 25.36 1.73
CA VAL A 141 59.19 25.22 1.35
C VAL A 141 59.36 25.41 -0.15
N MET A 142 58.56 24.71 -0.94
CA MET A 142 58.63 24.83 -2.39
C MET A 142 58.47 26.28 -2.82
N ALA A 143 57.47 26.95 -2.26
CA ALA A 143 57.18 28.35 -2.58
C ALA A 143 58.42 29.21 -2.35
N HIS A 144 59.04 29.07 -1.18
CA HIS A 144 60.22 29.86 -0.86
C HIS A 144 61.40 29.56 -1.78
N GLN A 145 61.72 28.28 -1.95
CA GLN A 145 62.82 27.91 -2.81
C GLN A 145 62.62 28.46 -4.22
N ARG A 146 61.37 28.62 -4.61
CA ARG A 146 61.05 29.13 -5.94
C ARG A 146 61.01 30.65 -6.06
N PHE A 147 60.66 31.35 -4.98
CA PHE A 147 60.58 32.80 -5.00
C PHE A 147 61.52 33.50 -4.04
N GLY A 148 62.05 32.76 -3.07
CA GLY A 148 62.97 33.33 -2.10
C GLY A 148 62.39 34.50 -1.34
N CYS A 149 61.11 34.39 -0.98
CA CYS A 149 60.42 35.44 -0.24
C CYS A 149 59.94 34.91 1.10
N LYS A 150 59.23 35.77 1.84
CA LYS A 150 58.69 35.37 3.13
C LYS A 150 57.47 34.50 2.90
N VAL A 151 57.37 33.40 3.65
CA VAL A 151 56.23 32.50 3.54
C VAL A 151 55.67 32.21 4.91
N GLU A 152 54.54 32.83 5.23
CA GLU A 152 53.89 32.65 6.52
C GLU A 152 52.83 31.57 6.44
N GLY A 153 52.99 30.52 7.24
CA GLY A 153 52.01 29.45 7.24
C GLY A 153 51.18 29.51 8.50
N VAL A 154 49.99 28.92 8.44
CA VAL A 154 49.10 28.93 9.61
C VAL A 154 48.31 27.62 9.67
N THR A 155 48.34 26.99 10.82
CA THR A 155 47.62 25.72 11.00
C THR A 155 47.04 25.59 12.41
N LEU A 156 46.10 24.68 12.56
CA LEU A 156 45.46 24.43 13.84
C LEU A 156 46.20 23.38 14.65
N SER A 157 47.05 22.62 13.98
CA SER A 157 47.82 21.57 14.63
C SER A 157 49.20 22.04 15.11
N ALA A 158 49.38 22.09 16.42
CA ALA A 158 50.66 22.50 17.00
C ALA A 158 51.75 21.55 16.53
N ALA A 159 51.38 20.28 16.32
CA ALA A 159 52.32 19.27 15.86
C ALA A 159 52.83 19.62 14.47
N GLN A 160 51.89 19.88 13.55
CA GLN A 160 52.24 20.22 12.17
C GLN A 160 53.07 21.50 12.11
N ALA A 161 52.77 22.42 13.01
CA ALA A 161 53.48 23.69 13.06
C ALA A 161 54.94 23.46 13.38
N GLU A 162 55.18 22.78 14.50
CA GLU A 162 56.54 22.48 14.93
C GLU A 162 57.29 21.65 13.88
N PHE A 163 56.62 20.66 13.31
CA PHE A 163 57.22 19.81 12.29
C PHE A 163 57.69 20.70 11.15
N GLY A 164 56.84 21.63 10.74
CA GLY A 164 57.18 22.53 9.66
C GLY A 164 58.41 23.38 9.95
N ASN A 165 58.44 24.00 11.11
CA ASN A 165 59.58 24.84 11.48
C ASN A 165 60.83 23.99 11.67
N ARG A 166 60.65 22.81 12.22
CA ARG A 166 61.78 21.89 12.44
C ARG A 166 62.46 21.70 11.10
N ARG A 167 61.69 21.19 10.14
CA ARG A 167 62.18 20.94 8.79
C ARG A 167 62.65 22.25 8.14
N ALA A 168 62.10 23.37 8.59
CA ALA A 168 62.47 24.67 8.04
C ALA A 168 63.88 25.05 8.46
N ARG A 169 64.25 24.71 9.70
CA ARG A 169 65.57 25.03 10.21
C ARG A 169 66.63 24.19 9.50
N GLU A 170 66.27 22.93 9.21
CA GLU A 170 67.18 22.02 8.52
C GLU A 170 67.62 22.60 7.18
N LEU A 171 66.66 23.16 6.44
CA LEU A 171 66.95 23.75 5.15
C LEU A 171 67.61 25.12 5.30
N GLY A 172 67.67 25.59 6.54
CA GLY A 172 68.27 26.89 6.81
C GLY A 172 67.49 28.04 6.21
N ILE A 173 66.17 28.00 6.35
CA ILE A 173 65.31 29.05 5.82
C ILE A 173 64.27 29.46 6.85
N ASP A 174 64.46 29.01 8.08
CA ASP A 174 63.55 29.31 9.17
C ASP A 174 63.27 30.80 9.38
N ASP A 175 64.13 31.65 8.83
CA ASP A 175 63.95 33.09 8.97
C ASP A 175 63.13 33.67 7.83
N HIS A 176 62.66 32.81 6.93
CA HIS A 176 61.82 33.22 5.81
C HIS A 176 60.53 32.41 5.80
N VAL A 177 60.66 31.12 6.08
CA VAL A 177 59.51 30.21 6.11
C VAL A 177 59.19 29.86 7.56
N ARG A 178 57.97 30.19 7.98
CA ARG A 178 57.54 29.91 9.34
C ARG A 178 56.07 29.52 9.45
N SER A 179 55.81 28.44 10.19
CA SER A 179 54.46 27.97 10.40
C SER A 179 54.09 28.32 11.84
N ARG A 180 52.82 28.57 12.10
CA ARG A 180 52.39 28.91 13.45
C ARG A 180 50.96 28.44 13.70
N VAL A 181 50.66 28.09 14.94
CA VAL A 181 49.32 27.64 15.31
C VAL A 181 48.39 28.83 15.38
N CYS A 182 47.41 28.87 14.47
CA CYS A 182 46.46 29.95 14.42
C CYS A 182 45.31 29.62 13.48
N ASN A 183 44.14 30.20 13.76
CA ASN A 183 42.97 29.96 12.93
C ASN A 183 43.01 30.85 11.69
N MET A 184 43.01 30.22 10.51
CA MET A 184 43.06 30.95 9.25
C MET A 184 41.94 31.98 9.09
N LEU A 185 40.92 31.90 9.95
CA LEU A 185 39.80 32.83 9.89
C LEU A 185 40.10 34.12 10.64
N ASP A 186 41.05 34.05 11.57
CA ASP A 186 41.44 35.22 12.35
C ASP A 186 42.97 35.25 12.44
N THR A 187 43.61 35.64 11.34
CA THR A 187 45.06 35.70 11.27
C THR A 187 45.61 37.05 11.75
N PRO A 188 46.87 37.07 12.21
CA PRO A 188 47.53 38.29 12.71
C PRO A 188 48.13 39.21 11.65
N PHE A 189 48.18 38.76 10.40
CA PHE A 189 48.75 39.57 9.33
C PHE A 189 47.97 40.87 9.11
N GLU A 190 48.70 41.95 8.88
CA GLU A 190 48.08 43.26 8.68
C GLU A 190 47.46 43.43 7.30
N LYS A 191 46.49 44.33 7.21
CA LYS A 191 45.77 44.59 5.97
C LYS A 191 46.65 44.89 4.77
N GLY A 192 46.31 44.25 3.65
CA GLY A 192 47.04 44.45 2.41
C GLY A 192 48.56 44.42 2.48
N THR A 193 49.10 43.49 3.25
CA THR A 193 50.55 43.37 3.38
C THR A 193 51.02 42.07 2.75
N VAL A 194 50.07 41.23 2.34
CA VAL A 194 50.38 39.95 1.71
C VAL A 194 50.25 40.04 0.19
N ALA A 195 51.28 39.61 -0.51
CA ALA A 195 51.30 39.65 -1.97
C ALA A 195 50.44 38.57 -2.58
N ALA A 196 50.38 37.41 -1.93
CA ALA A 196 49.59 36.28 -2.42
C ALA A 196 49.37 35.24 -1.33
N SER A 197 48.19 34.63 -1.32
CA SER A 197 47.85 33.60 -0.34
C SER A 197 47.11 32.48 -1.07
N TRP A 198 46.84 31.39 -0.36
CA TRP A 198 46.14 30.26 -0.98
C TRP A 198 45.64 29.23 0.02
N ASN A 199 44.74 28.37 -0.46
CA ASN A 199 44.17 27.30 0.33
C ASN A 199 44.31 26.01 -0.46
N ASN A 200 45.29 25.19 -0.11
CA ASN A 200 45.51 23.93 -0.81
C ASN A 200 44.81 22.82 -0.06
N GLU A 201 43.54 22.58 -0.41
CA GLU A 201 42.74 21.55 0.24
C GLU A 201 42.67 21.79 1.74
N SER A 202 42.00 22.86 2.12
CA SER A 202 41.84 23.21 3.53
C SER A 202 40.63 24.11 3.71
N SER A 203 39.95 24.40 2.62
CA SER A 203 38.76 25.26 2.66
C SER A 203 37.49 24.50 3.06
N MET A 204 37.59 23.18 3.14
CA MET A 204 36.44 22.36 3.51
C MET A 204 36.27 22.36 5.02
N TYR A 205 37.21 22.99 5.71
CA TYR A 205 37.17 23.04 7.17
C TYR A 205 36.67 24.35 7.72
N VAL A 206 36.28 25.28 6.85
CA VAL A 206 35.80 26.58 7.29
C VAL A 206 34.69 27.16 6.43
N ASP A 207 34.12 28.26 6.90
CA ASP A 207 33.05 28.97 6.19
C ASP A 207 33.68 29.80 5.07
N LEU A 208 33.27 29.53 3.83
CA LEU A 208 33.81 30.24 2.68
C LEU A 208 33.81 31.76 2.76
N HIS A 209 32.67 32.35 3.10
CA HIS A 209 32.60 33.81 3.21
C HIS A 209 33.59 34.36 4.22
N ASP A 210 33.66 33.74 5.40
CA ASP A 210 34.59 34.21 6.44
C ASP A 210 36.04 34.05 6.04
N VAL A 211 36.40 32.91 5.44
CA VAL A 211 37.77 32.67 5.05
C VAL A 211 38.22 33.58 3.92
N PHE A 212 37.38 33.77 2.91
CA PHE A 212 37.74 34.64 1.80
C PHE A 212 37.77 36.09 2.25
N ALA A 213 36.93 36.40 3.23
CA ALA A 213 36.87 37.75 3.78
C ALA A 213 38.21 38.07 4.43
N GLU A 214 38.79 37.07 5.10
CA GLU A 214 40.07 37.26 5.76
C GLU A 214 41.17 37.45 4.73
N HIS A 215 41.25 36.54 3.77
CA HIS A 215 42.25 36.62 2.70
C HIS A 215 42.16 38.00 2.06
N SER A 216 40.95 38.40 1.73
CA SER A 216 40.71 39.70 1.11
C SER A 216 41.22 40.83 2.01
N ARG A 217 41.23 40.61 3.32
CA ARG A 217 41.70 41.61 4.26
C ARG A 217 43.20 41.82 4.21
N PHE A 218 43.96 40.80 4.61
CA PHE A 218 45.41 40.91 4.62
C PHE A 218 46.06 40.90 3.24
N LEU A 219 45.27 40.60 2.21
CA LEU A 219 45.80 40.56 0.86
C LEU A 219 45.85 41.97 0.26
N ARG A 220 46.99 42.29 -0.33
CA ARG A 220 47.21 43.59 -0.96
C ARG A 220 46.30 43.77 -2.18
N VAL A 221 45.89 45.00 -2.43
CA VAL A 221 45.03 45.28 -3.59
C VAL A 221 45.79 44.90 -4.85
N GLY A 222 45.15 44.09 -5.70
CA GLY A 222 45.81 43.64 -6.91
C GLY A 222 46.53 42.34 -6.63
N GLY A 223 46.51 41.92 -5.36
CA GLY A 223 47.16 40.69 -4.96
C GLY A 223 46.52 39.48 -5.64
N ARG A 224 47.12 38.31 -5.47
CA ARG A 224 46.59 37.10 -6.08
C ARG A 224 46.27 36.00 -5.07
N TYR A 225 45.06 35.44 -5.21
CA TYR A 225 44.60 34.36 -4.35
C TYR A 225 44.38 33.12 -5.19
N VAL A 226 44.83 31.97 -4.70
CA VAL A 226 44.68 30.71 -5.42
C VAL A 226 44.17 29.64 -4.47
N THR A 227 43.48 28.65 -5.02
CA THR A 227 42.97 27.56 -4.21
C THR A 227 42.67 26.32 -5.03
N VAL A 228 43.12 25.18 -4.53
CA VAL A 228 42.90 23.89 -5.16
C VAL A 228 42.01 23.16 -4.18
N THR A 229 40.86 22.68 -4.64
CA THR A 229 39.96 21.99 -3.73
C THR A 229 38.99 21.06 -4.43
N GLY A 230 38.23 20.34 -3.61
CA GLY A 230 37.23 19.43 -4.11
C GLY A 230 35.89 19.99 -3.67
N CYS A 231 34.99 20.20 -4.63
CA CYS A 231 33.67 20.74 -4.32
C CYS A 231 32.61 19.96 -5.08
N TRP A 232 31.46 19.71 -4.44
CA TRP A 232 30.41 18.98 -5.14
C TRP A 232 29.82 19.88 -6.21
N ASN A 233 29.67 19.32 -7.40
CA ASN A 233 29.15 20.06 -8.55
C ASN A 233 27.67 20.37 -8.40
N PRO A 234 27.32 21.67 -8.38
CA PRO A 234 25.92 22.10 -8.26
C PRO A 234 25.07 21.61 -9.42
N ARG A 235 25.75 21.25 -10.51
CA ARG A 235 25.09 20.74 -11.70
C ARG A 235 24.44 19.40 -11.39
N TYR A 236 24.98 18.72 -10.38
CA TYR A 236 24.47 17.43 -9.96
C TYR A 236 23.23 17.56 -9.09
N GLY A 237 23.11 18.70 -8.40
CA GLY A 237 21.96 18.92 -7.55
C GLY A 237 22.30 19.15 -6.10
N GLN A 238 22.68 18.07 -5.42
CA GLN A 238 23.05 18.12 -4.01
C GLN A 238 24.21 17.17 -3.76
N PRO A 239 24.82 17.24 -2.56
CA PRO A 239 25.94 16.34 -2.25
C PRO A 239 25.54 14.88 -2.30
N SER A 240 26.18 14.11 -3.18
CA SER A 240 25.89 12.69 -3.30
C SER A 240 26.46 11.96 -2.09
N LYS A 241 26.01 10.72 -1.87
CA LYS A 241 26.49 9.96 -0.72
C LYS A 241 28.02 9.92 -0.70
N TRP A 242 28.62 9.78 -1.87
CA TRP A 242 30.08 9.72 -1.99
C TRP A 242 30.71 10.93 -1.30
N VAL A 243 30.20 12.12 -1.60
CA VAL A 243 30.71 13.34 -1.00
C VAL A 243 30.50 13.31 0.51
N SER A 244 29.30 12.94 0.93
CA SER A 244 28.98 12.87 2.35
C SER A 244 29.90 11.89 3.06
N GLN A 245 30.26 10.82 2.36
CA GLN A 245 31.17 9.83 2.92
C GLN A 245 32.54 10.44 3.16
N ILE A 246 32.98 11.28 2.23
CA ILE A 246 34.26 11.94 2.33
C ILE A 246 34.23 12.91 3.50
N ASN A 247 33.09 13.57 3.71
CA ASN A 247 32.95 14.52 4.81
C ASN A 247 33.03 13.79 6.14
N ALA A 248 32.33 12.67 6.24
CA ALA A 248 32.32 11.88 7.46
C ALA A 248 33.69 11.27 7.73
N HIS A 249 34.40 10.93 6.66
CA HIS A 249 35.72 10.34 6.76
C HIS A 249 36.76 11.32 7.29
N PHE A 250 36.82 12.51 6.70
CA PHE A 250 37.77 13.53 7.11
C PHE A 250 37.19 14.48 8.15
N GLU A 251 35.93 14.29 8.49
CA GLU A 251 35.25 15.13 9.47
C GLU A 251 35.29 16.58 9.00
N CYS A 252 35.03 16.79 7.72
CA CYS A 252 35.04 18.14 7.14
C CYS A 252 33.67 18.52 6.59
N ASN A 253 33.65 19.53 5.72
CA ASN A 253 32.40 20.02 5.13
C ASN A 253 32.64 20.58 3.72
N ILE A 254 32.53 19.72 2.72
CA ILE A 254 32.73 20.12 1.33
C ILE A 254 31.66 21.11 0.84
N HIS A 255 32.09 22.09 0.06
CA HIS A 255 31.19 23.11 -0.47
C HIS A 255 30.92 22.88 -1.96
N SER A 256 29.93 23.56 -2.50
CA SER A 256 29.60 23.43 -3.92
C SER A 256 30.41 24.46 -4.69
N ARG A 257 30.62 24.21 -5.98
CA ARG A 257 31.39 25.14 -6.78
C ARG A 257 30.66 26.48 -6.77
N ARG A 258 29.35 26.43 -6.55
CA ARG A 258 28.54 27.65 -6.52
C ARG A 258 28.91 28.53 -5.33
N GLU A 259 29.10 27.91 -4.17
CA GLU A 259 29.47 28.65 -2.97
C GLU A 259 30.82 29.32 -3.13
N TYR A 260 31.77 28.60 -3.74
CA TYR A 260 33.10 29.14 -3.96
C TYR A 260 33.06 30.40 -4.80
N LEU A 261 32.38 30.34 -5.94
CA LEU A 261 32.28 31.49 -6.81
C LEU A 261 31.53 32.66 -6.17
N ARG A 262 30.41 32.39 -5.51
CA ARG A 262 29.64 33.45 -4.87
C ARG A 262 30.42 34.05 -3.71
N ALA A 263 31.00 33.20 -2.88
CA ALA A 263 31.77 33.67 -1.73
C ALA A 263 32.87 34.63 -2.17
N MET A 264 33.56 34.30 -3.26
CA MET A 264 34.64 35.14 -3.76
C MET A 264 34.09 36.47 -4.27
N ALA A 265 32.99 36.42 -5.01
CA ALA A 265 32.38 37.61 -5.55
C ALA A 265 31.98 38.58 -4.45
N ASP A 266 31.53 38.03 -3.31
CA ASP A 266 31.11 38.85 -2.17
C ASP A 266 32.28 39.38 -1.37
N ASN A 267 33.50 38.98 -1.72
CA ASN A 267 34.67 39.43 -0.99
C ASN A 267 35.74 40.09 -1.85
N ARG A 268 35.31 40.75 -2.92
CA ARG A 268 36.23 41.44 -3.81
C ARG A 268 37.32 40.52 -4.37
N LEU A 269 36.95 39.31 -4.73
CA LEU A 269 37.89 38.36 -5.31
C LEU A 269 37.39 37.94 -6.69
N VAL A 270 38.01 38.49 -7.73
CA VAL A 270 37.63 38.18 -9.10
C VAL A 270 38.50 37.11 -9.74
N PRO A 271 37.90 35.93 -10.00
CA PRO A 271 38.59 34.78 -10.61
C PRO A 271 39.22 35.09 -11.97
N GLN A 272 40.49 34.78 -12.10
CA GLN A 272 41.21 34.99 -13.35
C GLN A 272 41.25 33.67 -14.11
N THR A 273 41.27 32.58 -13.35
CA THR A 273 41.32 31.24 -13.92
C THR A 273 40.48 30.26 -13.11
N VAL A 274 39.69 29.44 -13.81
CA VAL A 274 38.86 28.44 -13.16
C VAL A 274 38.94 27.18 -14.03
N VAL A 275 39.79 26.24 -13.61
CA VAL A 275 39.98 25.01 -14.35
C VAL A 275 39.63 23.77 -13.53
N ASP A 276 38.95 22.83 -14.17
CA ASP A 276 38.56 21.57 -13.54
C ASP A 276 39.68 20.55 -13.73
N LEU A 277 40.33 20.17 -12.64
CA LEU A 277 41.44 19.21 -12.70
C LEU A 277 41.04 17.76 -12.44
N THR A 278 39.74 17.49 -12.37
CA THR A 278 39.29 16.13 -12.11
C THR A 278 40.02 15.10 -12.98
N PRO A 279 40.06 15.29 -14.31
CA PRO A 279 40.74 14.35 -15.19
C PRO A 279 42.23 14.18 -14.90
N GLU A 280 42.83 15.21 -14.29
CA GLU A 280 44.25 15.17 -13.97
C GLU A 280 44.54 14.45 -12.66
N THR A 281 43.57 14.46 -11.75
CA THR A 281 43.75 13.82 -10.45
C THR A 281 43.27 12.37 -10.43
N LEU A 282 42.44 12.01 -11.40
CA LEU A 282 41.92 10.65 -11.49
C LEU A 282 43.06 9.62 -11.47
N PRO A 283 44.07 9.78 -12.35
CA PRO A 283 45.20 8.84 -12.40
C PRO A 283 45.82 8.60 -11.04
N TYR A 284 46.04 9.69 -10.30
CA TYR A 284 46.62 9.61 -8.96
C TYR A 284 45.85 8.65 -8.07
N TRP A 285 44.54 8.82 -8.00
CA TRP A 285 43.71 7.97 -7.15
C TRP A 285 43.66 6.51 -7.57
N GLU A 286 43.44 6.26 -8.85
CA GLU A 286 43.37 4.89 -9.35
C GLU A 286 44.64 4.12 -9.04
N LEU A 287 45.78 4.81 -9.08
CA LEU A 287 47.07 4.17 -8.77
C LEU A 287 47.15 3.92 -7.28
N ARG A 288 46.78 4.93 -6.49
CA ARG A 288 46.80 4.83 -5.04
C ARG A 288 45.84 3.75 -4.56
N ALA A 289 44.80 3.50 -5.34
CA ALA A 289 43.80 2.50 -5.01
C ALA A 289 44.37 1.08 -5.03
N THR A 290 45.45 0.88 -5.79
CA THR A 290 46.07 -0.44 -5.89
C THR A 290 47.21 -0.61 -4.89
N SER A 291 47.70 0.48 -4.32
CA SER A 291 48.79 0.42 -3.35
C SER A 291 48.29 -0.16 -2.03
N SER A 292 49.19 -0.24 -1.06
CA SER A 292 48.84 -0.76 0.26
C SER A 292 48.73 0.36 1.28
N LEU A 293 48.96 1.59 0.82
CA LEU A 293 48.88 2.76 1.69
C LEU A 293 47.42 3.16 1.82
N VAL A 294 46.57 2.52 1.01
CA VAL A 294 45.13 2.76 0.98
C VAL A 294 44.55 3.07 2.36
N THR A 295 43.79 4.16 2.46
CA THR A 295 43.18 4.55 3.73
C THR A 295 41.71 4.14 3.78
N GLY A 296 41.16 3.75 2.65
CA GLY A 296 39.77 3.32 2.61
C GLY A 296 38.78 4.35 2.12
N ILE A 297 39.28 5.46 1.61
CA ILE A 297 38.39 6.51 1.12
C ILE A 297 38.59 6.68 -0.39
N GLU A 298 39.46 5.85 -0.97
CA GLU A 298 39.75 5.89 -2.40
C GLU A 298 38.51 5.76 -3.27
N GLU A 299 37.64 4.81 -2.95
CA GLU A 299 36.42 4.59 -3.72
C GLU A 299 35.56 5.84 -3.79
N ALA A 300 35.25 6.42 -2.63
CA ALA A 300 34.43 7.61 -2.57
C ALA A 300 34.89 8.64 -3.61
N PHE A 301 36.19 8.91 -3.62
CA PHE A 301 36.76 9.87 -4.55
C PHE A 301 36.59 9.43 -6.00
N ILE A 302 37.17 8.28 -6.34
CA ILE A 302 37.08 7.75 -7.70
C ILE A 302 35.66 7.75 -8.24
N GLU A 303 34.75 7.16 -7.49
CA GLU A 303 33.35 7.09 -7.92
C GLU A 303 32.70 8.45 -8.11
N SER A 304 32.82 9.32 -7.12
CA SER A 304 32.23 10.65 -7.21
C SER A 304 32.80 11.43 -8.39
N TYR A 305 34.09 11.26 -8.67
CA TYR A 305 34.72 11.94 -9.79
C TYR A 305 34.16 11.39 -11.10
N ARG A 306 33.85 10.10 -11.10
CA ARG A 306 33.30 9.42 -12.26
C ARG A 306 31.92 9.93 -12.64
N ASP A 307 30.96 9.85 -11.71
CA ASP A 307 29.61 10.30 -11.98
C ASP A 307 29.45 11.81 -11.99
N GLY A 308 30.54 12.53 -11.76
CA GLY A 308 30.51 13.98 -11.78
C GLY A 308 29.79 14.69 -10.64
N SER A 309 29.57 13.99 -9.53
CA SER A 309 28.89 14.61 -8.39
C SER A 309 29.92 15.38 -7.57
N PHE A 310 31.19 15.05 -7.78
CA PHE A 310 32.29 15.69 -7.07
C PHE A 310 33.37 16.07 -8.08
N GLN A 311 34.03 17.21 -7.86
CA GLN A 311 35.05 17.65 -8.78
C GLN A 311 36.23 18.32 -8.09
N TYR A 312 37.41 18.18 -8.70
CA TYR A 312 38.65 18.74 -8.18
C TYR A 312 38.95 19.97 -9.04
N VAL A 313 38.82 21.16 -8.46
CA VAL A 313 39.06 22.37 -9.21
C VAL A 313 40.12 23.31 -8.64
N LEU A 314 40.63 24.20 -9.51
CA LEU A 314 41.64 25.18 -9.14
C LEU A 314 41.11 26.56 -9.53
N ILE A 315 41.18 27.50 -8.58
CA ILE A 315 40.70 28.85 -8.84
C ILE A 315 41.74 29.88 -8.43
N ALA A 316 42.06 30.80 -9.35
CA ALA A 316 43.02 31.86 -9.10
C ALA A 316 42.33 33.20 -9.35
N ALA A 317 42.12 33.96 -8.29
CA ALA A 317 41.44 35.25 -8.40
C ALA A 317 42.29 36.42 -7.94
N ASP A 318 41.95 37.61 -8.43
CA ASP A 318 42.67 38.83 -8.08
C ASP A 318 41.94 39.59 -6.99
N ARG A 319 42.70 40.28 -6.14
CA ARG A 319 42.14 41.08 -5.06
C ARG A 319 41.80 42.46 -5.62
N VAL A 320 40.56 42.63 -6.07
CA VAL A 320 40.11 43.89 -6.65
C VAL A 320 39.67 44.88 -5.58
N THR B 47 18.89 17.69 -10.34
CA THR B 47 17.96 16.52 -10.48
C THR B 47 18.68 15.17 -10.39
N PRO B 48 19.87 15.03 -11.01
CA PRO B 48 20.54 13.73 -10.90
C PRO B 48 20.50 13.25 -9.46
N TYR B 49 20.56 14.20 -8.53
CA TYR B 49 20.50 13.91 -7.09
C TYR B 49 19.10 13.43 -6.73
N GLN B 50 18.10 14.20 -7.14
CA GLN B 50 16.72 13.86 -6.85
C GLN B 50 16.40 12.47 -7.41
N GLU B 51 16.92 12.21 -8.59
CA GLU B 51 16.70 10.92 -9.26
C GLU B 51 17.05 9.78 -8.31
N ASP B 52 18.25 9.81 -7.74
CA ASP B 52 18.64 8.75 -6.82
C ASP B 52 18.12 8.94 -5.40
N ILE B 53 17.41 10.04 -5.15
CA ILE B 53 16.81 10.24 -3.83
C ILE B 53 15.46 9.57 -3.95
N ALA B 54 14.99 9.47 -5.19
CA ALA B 54 13.72 8.83 -5.51
C ALA B 54 13.96 7.32 -5.43
N ARG B 55 15.17 6.92 -5.81
CA ARG B 55 15.56 5.51 -5.76
C ARG B 55 15.33 5.05 -4.33
N TYR B 56 16.01 5.72 -3.40
CA TYR B 56 15.90 5.41 -1.98
C TYR B 56 14.45 5.25 -1.54
N TRP B 57 13.64 6.25 -1.84
CA TRP B 57 12.24 6.24 -1.43
C TRP B 57 11.29 5.25 -2.12
N ASN B 58 11.60 4.85 -3.34
CA ASN B 58 10.77 3.86 -4.01
C ASN B 58 11.09 2.50 -3.39
N ASN B 59 12.09 2.51 -2.49
CA ASN B 59 12.53 1.31 -1.79
C ASN B 59 12.45 1.55 -0.28
N ALA B 61 11.10 0.82 3.00
CA ALA B 61 10.32 -0.30 3.50
C ALA B 61 10.84 -0.83 4.84
N ARG B 62 11.58 0.01 5.55
CA ARG B 62 12.15 -0.37 6.84
C ARG B 62 11.06 -0.83 7.82
N PRO B 63 11.27 -1.99 8.45
CA PRO B 63 10.29 -2.50 9.41
C PRO B 63 10.05 -1.45 10.49
N VAL B 64 11.14 -0.80 10.89
CA VAL B 64 11.10 0.24 11.91
C VAL B 64 10.18 1.38 11.47
N ASN B 65 9.63 1.26 10.27
CA ASN B 65 8.72 2.27 9.75
C ASN B 65 7.33 1.69 9.60
N LEU B 66 7.21 0.70 8.74
CA LEU B 66 5.93 0.04 8.48
C LEU B 66 5.31 -0.61 9.70
N ARG B 67 6.09 -1.38 10.44
CA ARG B 67 5.57 -2.06 11.63
C ARG B 67 4.89 -1.09 12.60
N LEU B 68 5.40 0.13 12.71
CA LEU B 68 4.79 1.10 13.59
C LEU B 68 3.48 1.59 12.98
N GLY B 69 3.56 1.99 11.70
CA GLY B 69 2.38 2.47 11.02
C GLY B 69 1.26 1.45 10.85
N ASP B 70 1.57 0.18 11.06
CA ASP B 70 0.56 -0.87 10.92
C ASP B 70 -0.37 -0.93 12.13
N VAL B 71 -0.09 -0.11 13.14
CA VAL B 71 -0.89 -0.11 14.35
C VAL B 71 -1.99 0.95 14.36
N ASP B 72 -1.88 1.95 13.48
CA ASP B 72 -2.86 3.03 13.40
C ASP B 72 -3.30 3.29 11.98
N GLY B 73 -2.50 2.84 11.02
CA GLY B 73 -2.81 3.09 9.63
C GLY B 73 -2.21 4.44 9.32
N LEU B 74 -1.47 4.97 10.30
CA LEU B 74 -0.81 6.26 10.21
C LEU B 74 0.66 5.99 9.89
N TYR B 75 0.97 5.92 8.60
CA TYR B 75 2.33 5.65 8.16
C TYR B 75 3.23 6.87 8.13
N HIS B 76 3.92 7.08 9.24
CA HIS B 76 4.83 8.20 9.41
C HIS B 76 6.25 7.89 8.94
N HIS B 77 7.00 8.95 8.63
CA HIS B 77 8.38 8.82 8.19
C HIS B 77 9.24 9.92 8.78
N HIS B 78 9.24 9.99 10.11
CA HIS B 78 10.03 10.96 10.84
C HIS B 78 10.36 10.41 12.23
N TYR B 79 10.68 11.28 13.16
CA TYR B 79 11.02 10.84 14.51
C TYR B 79 10.04 11.42 15.51
N GLY B 80 10.18 11.06 16.78
CA GLY B 80 9.25 11.54 17.77
C GLY B 80 9.75 12.43 18.89
N ILE B 81 8.80 12.91 19.68
CA ILE B 81 9.07 13.78 20.81
C ILE B 81 8.18 13.36 22.00
N GLY B 82 8.54 13.81 23.19
CA GLY B 82 7.77 13.49 24.38
C GLY B 82 8.46 12.46 25.26
N ALA B 83 8.20 12.54 26.57
CA ALA B 83 8.79 11.61 27.52
C ALA B 83 8.20 10.23 27.31
N VAL B 84 8.97 9.19 27.62
CA VAL B 84 8.50 7.82 27.44
C VAL B 84 7.69 7.32 28.64
N ASP B 85 6.57 6.67 28.36
CA ASP B 85 5.73 6.15 29.43
C ASP B 85 6.16 4.73 29.79
N HIS B 86 7.20 4.62 30.61
CA HIS B 86 7.74 3.34 31.05
C HIS B 86 6.67 2.41 31.59
N ALA B 87 5.82 2.94 32.47
CA ALA B 87 4.75 2.17 33.07
C ALA B 87 4.04 1.30 32.03
N ALA B 88 3.15 1.92 31.27
CA ALA B 88 2.39 1.21 30.25
C ALA B 88 3.28 0.65 29.13
N LEU B 89 4.57 0.96 29.17
CA LEU B 89 5.51 0.46 28.17
C LEU B 89 5.73 -1.03 28.35
N GLY B 90 6.18 -1.42 29.53
CA GLY B 90 6.41 -2.82 29.81
C GLY B 90 7.82 -3.13 30.28
N ASP B 91 8.04 -4.38 30.63
CA ASP B 91 9.34 -4.85 31.11
C ASP B 91 9.93 -5.77 30.04
N PRO B 92 11.26 -5.68 29.82
CA PRO B 92 11.90 -6.53 28.82
C PRO B 92 11.60 -8.01 29.07
N GLY B 93 11.41 -8.34 30.34
CA GLY B 93 11.11 -9.72 30.73
C GLY B 93 9.69 -10.14 30.45
N ASP B 94 9.37 -10.27 29.16
CA ASP B 94 8.04 -10.66 28.73
C ASP B 94 8.09 -10.92 27.22
N GLY B 95 7.05 -11.54 26.69
CA GLY B 95 7.02 -11.82 25.26
C GLY B 95 6.56 -10.64 24.45
N GLY B 96 5.39 -10.12 24.79
CA GLY B 96 4.83 -8.98 24.07
C GLY B 96 5.50 -7.65 24.33
N TYR B 97 6.74 -7.67 24.81
CA TYR B 97 7.47 -6.43 25.08
C TYR B 97 7.74 -5.66 23.80
N GLU B 98 8.40 -6.31 22.84
CA GLU B 98 8.72 -5.68 21.56
C GLU B 98 7.46 -5.11 20.91
N ALA B 99 6.33 -5.79 21.09
CA ALA B 99 5.08 -5.34 20.52
C ALA B 99 4.65 -4.04 21.19
N ARG B 100 4.97 -3.90 22.48
CA ARG B 100 4.62 -2.70 23.22
C ARG B 100 5.61 -1.57 22.95
N LEU B 101 6.84 -1.96 22.59
CA LEU B 101 7.88 -0.98 22.29
C LEU B 101 7.55 -0.29 20.97
N ILE B 102 7.08 -1.06 20.00
CA ILE B 102 6.71 -0.52 18.70
C ILE B 102 5.57 0.49 18.86
N ALA B 103 4.65 0.18 19.76
CA ALA B 103 3.51 1.05 20.01
C ALA B 103 3.98 2.36 20.64
N GLU B 104 4.92 2.25 21.58
CA GLU B 104 5.45 3.42 22.26
C GLU B 104 6.17 4.32 21.27
N LEU B 105 7.03 3.74 20.44
CA LEU B 105 7.77 4.49 19.44
C LEU B 105 6.82 5.18 18.47
N HIS B 106 5.82 4.44 18.01
CA HIS B 106 4.84 5.00 17.08
C HIS B 106 4.10 6.16 17.73
N ARG B 107 3.79 6.01 19.02
CA ARG B 107 3.06 7.05 19.74
C ARG B 107 3.86 8.35 19.71
N LEU B 108 5.14 8.26 20.01
CA LEU B 108 6.02 9.43 20.02
C LEU B 108 6.12 10.04 18.63
N GLU B 109 6.14 9.21 17.60
CA GLU B 109 6.23 9.71 16.24
C GLU B 109 4.94 10.45 15.83
N SER B 110 3.80 9.91 16.24
CA SER B 110 2.52 10.55 15.94
C SER B 110 2.38 11.79 16.81
N ALA B 111 3.08 11.77 17.93
CA ALA B 111 3.06 12.88 18.88
C ALA B 111 3.66 14.15 18.28
N GLN B 112 4.80 14.03 17.63
CA GLN B 112 5.44 15.20 17.03
C GLN B 112 4.63 15.66 15.82
N ALA B 113 4.07 14.70 15.09
CA ALA B 113 3.26 15.04 13.91
C ALA B 113 2.10 15.91 14.37
N GLU B 114 1.51 15.53 15.50
CA GLU B 114 0.38 16.27 16.07
C GLU B 114 0.90 17.62 16.52
N PHE B 115 2.07 17.62 17.17
CA PHE B 115 2.70 18.84 17.66
C PHE B 115 2.93 19.84 16.54
N LEU B 116 3.24 19.34 15.34
CA LEU B 116 3.48 20.20 14.20
C LEU B 116 2.18 20.90 13.81
N LEU B 117 1.12 20.12 13.67
CA LEU B 117 -0.19 20.67 13.29
C LEU B 117 -0.65 21.76 14.25
N ASP B 118 -0.21 21.70 15.50
CA ASP B 118 -0.60 22.69 16.50
C ASP B 118 -0.10 24.08 16.11
N HIS B 119 0.91 24.13 15.24
CA HIS B 119 1.47 25.41 14.82
C HIS B 119 1.01 25.89 13.45
N LEU B 120 0.03 25.20 12.88
CA LEU B 120 -0.50 25.60 11.57
C LEU B 120 -1.52 26.73 11.72
N GLY B 121 -1.82 27.07 12.97
CA GLY B 121 -2.79 28.11 13.24
C GLY B 121 -4.19 27.72 12.82
N PRO B 122 -5.17 28.62 12.96
CA PRO B 122 -6.56 28.33 12.58
C PRO B 122 -6.67 27.93 11.10
N VAL B 123 -7.44 26.90 10.83
CA VAL B 123 -7.63 26.43 9.46
C VAL B 123 -8.98 25.74 9.31
N GLY B 124 -9.81 26.29 8.41
CA GLY B 124 -11.13 25.74 8.18
C GLY B 124 -11.20 24.73 7.04
N PRO B 125 -12.35 24.05 6.89
CA PRO B 125 -12.60 23.05 5.84
C PRO B 125 -12.42 23.58 4.43
N GLY B 126 -12.48 24.90 4.28
CA GLY B 126 -12.34 25.49 2.97
C GLY B 126 -10.90 25.75 2.57
N ASP B 127 -10.00 25.70 3.55
CA ASP B 127 -8.59 25.94 3.31
C ASP B 127 -7.89 24.73 2.69
N THR B 128 -6.73 24.97 2.09
CA THR B 128 -5.94 23.93 1.46
C THR B 128 -4.56 23.86 2.13
N LEU B 129 -4.09 22.65 2.41
CA LEU B 129 -2.78 22.46 3.04
C LEU B 129 -1.85 21.69 2.12
N VAL B 130 -0.55 22.01 2.19
CA VAL B 130 0.44 21.34 1.37
C VAL B 130 1.49 20.66 2.24
N ASP B 131 1.86 19.44 1.86
CA ASP B 131 2.85 18.67 2.59
C ASP B 131 4.06 18.40 1.67
N ALA B 132 5.09 19.22 1.79
CA ALA B 132 6.29 19.07 0.99
C ALA B 132 7.02 17.81 1.45
N GLY B 133 7.10 16.81 0.58
CA GLY B 133 7.75 15.55 0.95
C GLY B 133 6.86 14.88 1.98
N CYS B 134 5.68 14.47 1.53
CA CYS B 134 4.68 13.85 2.39
C CYS B 134 4.94 12.41 2.82
N GLY B 135 5.86 11.73 2.15
CA GLY B 135 6.12 10.35 2.50
C GLY B 135 4.94 9.46 2.16
N ARG B 136 4.47 8.69 3.13
CA ARG B 136 3.33 7.79 2.91
C ARG B 136 1.99 8.43 3.26
N GLY B 137 2.01 9.70 3.67
CA GLY B 137 0.78 10.39 4.00
C GLY B 137 0.32 10.37 5.45
N GLY B 138 1.18 9.90 6.35
CA GLY B 138 0.80 9.84 7.75
C GLY B 138 0.29 11.17 8.28
N SER B 139 1.10 12.21 8.15
CA SER B 139 0.74 13.54 8.62
C SER B 139 -0.47 14.10 7.87
N MET B 140 -0.58 13.77 6.59
CA MET B 140 -1.69 14.25 5.78
C MET B 140 -3.04 13.79 6.32
N VAL B 141 -3.15 12.51 6.64
CA VAL B 141 -4.38 11.95 7.17
C VAL B 141 -4.75 12.64 8.47
N MET B 142 -3.80 12.73 9.40
CA MET B 142 -4.03 13.38 10.69
C MET B 142 -4.52 14.79 10.49
N ALA B 143 -3.85 15.53 9.60
CA ALA B 143 -4.22 16.90 9.31
C ALA B 143 -5.68 16.99 8.90
N HIS B 144 -6.07 16.16 7.94
CA HIS B 144 -7.46 16.19 7.46
C HIS B 144 -8.46 15.81 8.54
N GLN B 145 -8.21 14.71 9.23
CA GLN B 145 -9.11 14.27 10.28
C GLN B 145 -9.31 15.38 11.32
N ARG B 146 -8.28 16.19 11.50
CA ARG B 146 -8.32 17.28 12.47
C ARG B 146 -8.94 18.59 11.98
N PHE B 147 -8.84 18.86 10.68
CA PHE B 147 -9.37 20.10 10.12
C PHE B 147 -10.45 19.89 9.06
N GLY B 148 -10.54 18.68 8.52
CA GLY B 148 -11.53 18.38 7.51
C GLY B 148 -11.42 19.28 6.28
N CYS B 149 -10.19 19.57 5.87
CA CYS B 149 -9.93 20.42 4.72
C CYS B 149 -9.16 19.67 3.64
N LYS B 150 -8.83 20.36 2.56
CA LYS B 150 -8.05 19.75 1.49
C LYS B 150 -6.60 19.63 1.93
N VAL B 151 -5.99 18.49 1.64
CA VAL B 151 -4.59 18.27 2.00
C VAL B 151 -3.85 17.71 0.80
N GLU B 152 -3.09 18.57 0.14
CA GLU B 152 -2.31 18.16 -1.03
C GLU B 152 -0.91 17.75 -0.61
N GLY B 153 -0.54 16.53 -0.93
CA GLY B 153 0.78 16.04 -0.60
C GLY B 153 1.63 15.95 -1.86
N VAL B 154 2.94 15.99 -1.69
CA VAL B 154 3.84 15.93 -2.84
C VAL B 154 5.11 15.17 -2.46
N THR B 155 5.46 14.17 -3.26
CA THR B 155 6.66 13.38 -3.00
C THR B 155 7.35 12.96 -4.29
N LEU B 156 8.61 12.55 -4.16
CA LEU B 156 9.41 12.11 -5.30
C LEU B 156 9.23 10.61 -5.55
N SER B 157 8.73 9.90 -4.56
CA SER B 157 8.53 8.46 -4.65
C SER B 157 7.15 8.07 -5.13
N ALA B 158 7.06 7.51 -6.33
CA ALA B 158 5.79 7.08 -6.88
C ALA B 158 5.17 6.03 -5.97
N ALA B 159 6.02 5.24 -5.33
CA ALA B 159 5.56 4.20 -4.43
C ALA B 159 4.83 4.82 -3.24
N GLN B 160 5.48 5.79 -2.60
CA GLN B 160 4.90 6.47 -1.45
C GLN B 160 3.62 7.20 -1.82
N ALA B 161 3.57 7.72 -3.05
CA ALA B 161 2.39 8.44 -3.50
C ALA B 161 1.21 7.48 -3.55
N GLU B 162 1.37 6.39 -4.28
CA GLU B 162 0.32 5.40 -4.41
C GLU B 162 -0.10 4.84 -3.06
N PHE B 163 0.89 4.55 -2.22
CA PHE B 163 0.61 4.01 -0.89
C PHE B 163 -0.29 5.00 -0.15
N GLY B 164 0.05 6.28 -0.25
CA GLY B 164 -0.73 7.31 0.43
C GLY B 164 -2.16 7.36 -0.03
N ASN B 165 -2.37 7.40 -1.35
CA ASN B 165 -3.71 7.46 -1.92
C ASN B 165 -4.47 6.17 -1.62
N ARG B 166 -3.77 5.04 -1.67
CA ARG B 166 -4.38 3.74 -1.39
C ARG B 166 -5.03 3.83 -0.01
N ARG B 167 -4.19 4.14 0.98
CA ARG B 167 -4.64 4.27 2.36
C ARG B 167 -5.68 5.38 2.49
N ALA B 168 -5.61 6.35 1.59
CA ALA B 168 -6.54 7.48 1.61
C ALA B 168 -7.94 7.01 1.22
N ARG B 169 -8.01 6.10 0.25
CA ARG B 169 -9.30 5.59 -0.21
C ARG B 169 -9.96 4.74 0.88
N GLU B 170 -9.14 3.99 1.61
CA GLU B 170 -9.63 3.14 2.68
C GLU B 170 -10.38 3.97 3.72
N LEU B 171 -9.82 5.12 4.08
CA LEU B 171 -10.44 5.99 5.06
C LEU B 171 -11.61 6.76 4.44
N GLY B 172 -11.75 6.65 3.13
CA GLY B 172 -12.82 7.33 2.43
C GLY B 172 -12.67 8.84 2.44
N ILE B 173 -11.45 9.31 2.21
CA ILE B 173 -11.15 10.73 2.19
C ILE B 173 -10.30 11.10 0.98
N ASP B 174 -10.18 10.15 0.05
CA ASP B 174 -9.39 10.35 -1.16
C ASP B 174 -9.75 11.60 -1.95
N ASP B 175 -10.93 12.15 -1.70
CA ASP B 175 -11.37 13.34 -2.42
C ASP B 175 -10.95 14.63 -1.69
N HIS B 176 -10.24 14.47 -0.58
CA HIS B 176 -9.76 15.60 0.20
C HIS B 176 -8.26 15.48 0.41
N VAL B 177 -7.80 14.27 0.67
CA VAL B 177 -6.38 13.99 0.88
C VAL B 177 -5.81 13.26 -0.33
N ARG B 178 -4.81 13.86 -0.97
CA ARG B 178 -4.20 13.26 -2.15
C ARG B 178 -2.70 13.51 -2.25
N SER B 179 -1.96 12.45 -2.52
CA SER B 179 -0.51 12.54 -2.67
C SER B 179 -0.21 12.42 -4.16
N ARG B 180 0.86 13.06 -4.61
CA ARG B 180 1.22 12.99 -6.03
C ARG B 180 2.73 13.11 -6.21
N VAL B 181 3.26 12.46 -7.24
CA VAL B 181 4.68 12.49 -7.52
C VAL B 181 5.02 13.83 -8.15
N CYS B 182 5.79 14.64 -7.42
CA CYS B 182 6.19 15.95 -7.90
C CYS B 182 7.30 16.53 -7.03
N ASN B 183 8.14 17.38 -7.63
CA ASN B 183 9.23 18.00 -6.90
C ASN B 183 8.72 19.20 -6.11
N MET B 184 8.90 19.17 -4.79
CA MET B 184 8.44 20.25 -3.92
C MET B 184 9.00 21.61 -4.28
N LEU B 185 10.02 21.64 -5.14
CA LEU B 185 10.63 22.90 -5.56
C LEU B 185 9.88 23.53 -6.73
N ASP B 186 9.13 22.70 -7.46
CA ASP B 186 8.34 23.18 -8.59
C ASP B 186 6.97 22.51 -8.54
N THR B 187 6.13 23.00 -7.63
CA THR B 187 4.78 22.47 -7.44
C THR B 187 3.77 23.15 -8.36
N PRO B 188 2.65 22.46 -8.67
CA PRO B 188 1.60 22.98 -9.53
C PRO B 188 0.57 23.91 -8.86
N PHE B 189 0.63 24.01 -7.54
CA PHE B 189 -0.32 24.86 -6.82
C PHE B 189 -0.20 26.33 -7.21
N GLU B 190 -1.34 27.01 -7.37
CA GLU B 190 -1.35 28.40 -7.76
C GLU B 190 -0.96 29.35 -6.62
N LYS B 191 -0.51 30.53 -7.00
CA LYS B 191 -0.06 31.55 -6.04
C LYS B 191 -1.08 31.89 -4.96
N GLY B 192 -0.59 31.96 -3.73
CA GLY B 192 -1.43 32.30 -2.59
C GLY B 192 -2.78 31.62 -2.50
N THR B 193 -2.82 30.33 -2.77
CA THR B 193 -4.07 29.58 -2.70
C THR B 193 -4.02 28.59 -1.55
N VAL B 194 -2.84 28.45 -0.96
CA VAL B 194 -2.62 27.53 0.16
C VAL B 194 -2.67 28.27 1.50
N ALA B 195 -3.49 27.75 2.41
CA ALA B 195 -3.64 28.35 3.73
C ALA B 195 -2.45 28.07 4.64
N ALA B 196 -1.85 26.90 4.48
CA ALA B 196 -0.69 26.52 5.28
C ALA B 196 0.03 25.32 4.67
N SER B 197 1.36 25.31 4.80
CA SER B 197 2.17 24.22 4.27
C SER B 197 3.26 23.90 5.29
N TRP B 198 4.01 22.84 5.05
CA TRP B 198 5.06 22.45 5.99
C TRP B 198 6.05 21.43 5.44
N ASN B 199 7.18 21.29 6.13
CA ASN B 199 8.21 20.34 5.78
C ASN B 199 8.56 19.54 7.03
N ASN B 200 8.03 18.32 7.13
CA ASN B 200 8.31 17.49 8.29
C ASN B 200 9.49 16.57 7.97
N GLU B 201 10.70 17.05 8.26
CA GLU B 201 11.90 16.29 7.99
C GLU B 201 11.99 15.92 6.52
N SER B 202 12.19 16.92 5.67
CA SER B 202 12.30 16.71 4.24
C SER B 202 13.04 17.88 3.59
N SER B 203 13.43 18.85 4.41
CA SER B 203 14.15 20.02 3.91
C SER B 203 15.65 19.78 3.73
N MET B 204 16.12 18.62 4.17
CA MET B 204 17.54 18.28 4.05
C MET B 204 17.82 17.73 2.66
N TYR B 205 16.77 17.60 1.86
CA TYR B 205 16.91 17.06 0.51
C TYR B 205 16.85 18.13 -0.57
N VAL B 206 16.73 19.40 -0.18
CA VAL B 206 16.66 20.49 -1.14
C VAL B 206 17.34 21.78 -0.69
N ASP B 207 17.42 22.73 -1.61
CA ASP B 207 18.03 24.03 -1.35
C ASP B 207 17.03 24.90 -0.59
N LEU B 208 17.40 25.33 0.61
CA LEU B 208 16.52 26.15 1.45
C LEU B 208 15.88 27.35 0.76
N HIS B 209 16.69 28.18 0.11
CA HIS B 209 16.14 29.36 -0.57
C HIS B 209 15.10 28.99 -1.61
N ASP B 210 15.40 27.99 -2.43
CA ASP B 210 14.46 27.57 -3.48
C ASP B 210 13.17 26.99 -2.90
N VAL B 211 13.30 26.14 -1.89
CA VAL B 211 12.11 25.53 -1.28
C VAL B 211 11.23 26.55 -0.57
N PHE B 212 11.82 27.43 0.21
CA PHE B 212 11.02 28.44 0.91
C PHE B 212 10.44 29.42 -0.08
N ALA B 213 11.14 29.65 -1.17
CA ALA B 213 10.67 30.56 -2.21
C ALA B 213 9.40 30.00 -2.82
N GLU B 214 9.34 28.68 -2.96
CA GLU B 214 8.17 28.03 -3.51
C GLU B 214 7.01 28.14 -2.54
N HIS B 215 7.23 27.74 -1.29
CA HIS B 215 6.21 27.82 -0.26
C HIS B 215 5.65 29.23 -0.23
N SER B 216 6.55 30.21 -0.19
CA SER B 216 6.16 31.61 -0.16
C SER B 216 5.29 31.96 -1.37
N ARG B 217 5.49 31.26 -2.48
CA ARG B 217 4.73 31.52 -3.70
C ARG B 217 3.27 31.06 -3.60
N PHE B 218 3.07 29.76 -3.46
CA PHE B 218 1.72 29.22 -3.38
C PHE B 218 1.02 29.50 -2.06
N LEU B 219 1.77 29.99 -1.08
CA LEU B 219 1.21 30.28 0.23
C LEU B 219 0.50 31.64 0.22
N ARG B 220 -0.70 31.66 0.76
CA ARG B 220 -1.51 32.88 0.86
C ARG B 220 -0.88 33.89 1.81
N VAL B 221 -1.02 35.18 1.49
CA VAL B 221 -0.47 36.22 2.35
C VAL B 221 -1.11 36.09 3.72
N GLY B 222 -0.27 36.04 4.76
CA GLY B 222 -0.78 35.90 6.10
C GLY B 222 -0.86 34.41 6.44
N GLY B 223 -0.56 33.58 5.44
CA GLY B 223 -0.59 32.14 5.62
C GLY B 223 0.44 31.69 6.64
N ARG B 224 0.40 30.42 7.01
CA ARG B 224 1.35 29.90 8.00
C ARG B 224 2.20 28.74 7.48
N TYR B 225 3.51 28.84 7.71
CA TYR B 225 4.44 27.80 7.30
C TYR B 225 5.10 27.22 8.55
N VAL B 226 5.21 25.90 8.59
CA VAL B 226 5.84 25.22 9.72
C VAL B 226 6.83 24.17 9.23
N THR B 227 7.81 23.85 10.07
CA THR B 227 8.81 22.87 9.70
C THR B 227 9.53 22.29 10.92
N VAL B 228 9.63 20.98 10.95
CA VAL B 228 10.32 20.28 12.02
C VAL B 228 11.52 19.66 11.31
N THR B 229 12.72 19.93 11.81
CA THR B 229 13.91 19.40 11.16
C THR B 229 15.13 19.34 12.06
N GLY B 230 16.19 18.73 11.54
CA GLY B 230 17.43 18.62 12.25
C GLY B 230 18.44 19.45 11.50
N CYS B 231 19.09 20.38 12.20
CA CYS B 231 20.07 21.25 11.57
C CYS B 231 21.30 21.36 12.46
N TRP B 232 22.49 21.38 11.87
CA TRP B 232 23.68 21.50 12.69
C TRP B 232 23.74 22.90 13.26
N ASN B 233 24.02 22.98 14.56
CA ASN B 233 24.08 24.27 15.24
C ASN B 233 25.30 25.09 14.84
N PRO B 234 25.07 26.28 14.28
CA PRO B 234 26.16 27.17 13.85
C PRO B 234 27.04 27.57 15.02
N ARG B 235 26.49 27.47 16.23
CA ARG B 235 27.19 27.81 17.45
C ARG B 235 28.38 26.85 17.63
N TYR B 236 28.26 25.67 17.05
CA TYR B 236 29.30 24.65 17.13
C TYR B 236 30.43 24.94 16.15
N GLY B 237 30.12 25.63 15.06
CA GLY B 237 31.14 25.96 14.08
C GLY B 237 30.85 25.41 12.70
N GLN B 238 31.03 24.11 12.54
CA GLN B 238 30.79 23.44 11.26
C GLN B 238 30.16 22.08 11.52
N PRO B 239 29.67 21.39 10.47
CA PRO B 239 29.06 20.08 10.65
C PRO B 239 30.04 19.06 11.24
N SER B 240 29.70 18.50 12.40
CA SER B 240 30.57 17.52 13.05
C SER B 240 30.48 16.21 12.27
N LYS B 241 31.41 15.29 12.51
CA LYS B 241 31.40 14.02 11.81
C LYS B 241 30.04 13.34 11.95
N TRP B 242 29.46 13.44 13.15
CA TRP B 242 28.15 12.84 13.43
C TRP B 242 27.14 13.27 12.39
N VAL B 243 27.06 14.58 12.15
CA VAL B 243 26.14 15.12 11.17
C VAL B 243 26.47 14.58 9.78
N SER B 244 27.75 14.63 9.42
CA SER B 244 28.19 14.12 8.12
C SER B 244 27.81 12.66 7.96
N GLN B 245 27.88 11.91 9.05
CA GLN B 245 27.53 10.49 9.03
C GLN B 245 26.05 10.34 8.71
N ILE B 246 25.24 11.22 9.27
CA ILE B 246 23.80 11.17 9.03
C ILE B 246 23.52 11.50 7.57
N ASN B 247 24.29 12.44 7.02
CA ASN B 247 24.13 12.83 5.62
C ASN B 247 24.46 11.67 4.69
N ALA B 248 25.58 11.00 4.99
CA ALA B 248 26.03 9.88 4.19
C ALA B 248 25.06 8.70 4.31
N HIS B 249 24.45 8.58 5.49
CA HIS B 249 23.52 7.50 5.76
C HIS B 249 22.21 7.64 4.97
N PHE B 250 21.60 8.82 5.06
CA PHE B 250 20.34 9.08 4.37
C PHE B 250 20.56 9.70 2.99
N GLU B 251 21.82 9.93 2.64
CA GLU B 251 22.17 10.52 1.35
C GLU B 251 21.49 11.88 1.20
N CYS B 252 21.52 12.67 2.27
CA CYS B 252 20.90 13.99 2.28
C CYS B 252 21.93 15.09 2.51
N ASN B 253 21.45 16.27 2.86
CA ASN B 253 22.31 17.43 3.10
C ASN B 253 21.75 18.35 4.18
N ILE B 254 22.12 18.08 5.43
CA ILE B 254 21.65 18.88 6.56
C ILE B 254 22.17 20.32 6.51
N HIS B 255 21.29 21.25 6.88
CA HIS B 255 21.62 22.68 6.88
C HIS B 255 21.85 23.19 8.31
N SER B 256 22.41 24.39 8.43
CA SER B 256 22.65 24.97 9.74
C SER B 256 21.42 25.79 10.13
N ARG B 257 21.22 26.03 11.42
CA ARG B 257 20.08 26.79 11.86
C ARG B 257 20.16 28.18 11.26
N ARG B 258 21.38 28.61 10.95
CA ARG B 258 21.60 29.93 10.36
C ARG B 258 20.99 30.01 8.97
N GLU B 259 21.19 28.96 8.17
CA GLU B 259 20.64 28.92 6.81
C GLU B 259 19.12 28.96 6.82
N TYR B 260 18.52 28.22 7.76
CA TYR B 260 17.07 28.18 7.88
C TYR B 260 16.50 29.56 8.14
N LEU B 261 17.05 30.26 9.12
CA LEU B 261 16.58 31.59 9.47
C LEU B 261 16.80 32.61 8.35
N ARG B 262 17.99 32.60 7.75
CA ARG B 262 18.28 33.53 6.66
C ARG B 262 17.42 33.25 5.43
N ALA B 263 17.33 31.97 5.07
CA ALA B 263 16.54 31.57 3.91
C ALA B 263 15.10 32.06 4.05
N MET B 264 14.54 31.95 5.25
CA MET B 264 13.17 32.38 5.49
C MET B 264 13.05 33.89 5.38
N ALA B 265 14.02 34.60 5.94
CA ALA B 265 14.02 36.05 5.91
C ALA B 265 14.06 36.55 4.47
N ASP B 266 14.79 35.85 3.61
CA ASP B 266 14.92 36.23 2.21
C ASP B 266 13.70 35.86 1.37
N ASN B 267 12.74 35.16 1.98
CA ASN B 267 11.55 34.76 1.24
C ASN B 267 10.23 35.19 1.88
N ARG B 268 10.25 36.33 2.56
CA ARG B 268 9.06 36.87 3.20
C ARG B 268 8.42 35.91 4.18
N LEU B 269 9.24 35.20 4.94
CA LEU B 269 8.75 34.25 5.95
C LEU B 269 9.26 34.67 7.32
N VAL B 270 8.38 35.27 8.11
CA VAL B 270 8.73 35.74 9.45
C VAL B 270 8.36 34.74 10.54
N PRO B 271 9.36 34.14 11.19
CA PRO B 271 9.17 33.16 12.26
C PRO B 271 8.36 33.68 13.44
N GLN B 272 7.32 32.94 13.81
CA GLN B 272 6.48 33.30 14.94
C GLN B 272 6.94 32.51 16.16
N THR B 273 7.44 31.30 15.89
CA THR B 273 7.92 30.43 16.95
C THR B 273 9.16 29.67 16.51
N VAL B 274 10.14 29.59 17.40
CA VAL B 274 11.38 28.87 17.13
C VAL B 274 11.76 28.16 18.43
N VAL B 275 11.43 26.88 18.50
CA VAL B 275 11.72 26.08 19.68
C VAL B 275 12.63 24.89 19.39
N ASP B 276 13.59 24.65 20.29
CA ASP B 276 14.53 23.55 20.17
C ASP B 276 13.92 22.33 20.85
N LEU B 277 13.60 21.30 20.06
CA LEU B 277 12.99 20.07 20.59
C LEU B 277 13.99 18.96 20.88
N THR B 278 15.28 19.26 20.84
CA THR B 278 16.29 18.24 21.08
C THR B 278 16.00 17.43 22.35
N PRO B 279 15.77 18.11 23.49
CA PRO B 279 15.48 17.40 24.74
C PRO B 279 14.23 16.52 24.67
N GLU B 280 13.30 16.87 23.79
CA GLU B 280 12.05 16.11 23.64
C GLU B 280 12.21 14.88 22.77
N THR B 281 13.15 14.94 21.82
CA THR B 281 13.37 13.82 20.91
C THR B 281 14.42 12.83 21.41
N LEU B 282 15.25 13.26 22.36
CA LEU B 282 16.29 12.40 22.91
C LEU B 282 15.70 11.08 23.44
N PRO B 283 14.64 11.15 24.26
CA PRO B 283 14.02 9.94 24.80
C PRO B 283 13.68 8.93 23.71
N TYR B 284 13.07 9.43 22.63
CA TYR B 284 12.68 8.59 21.50
C TYR B 284 13.86 7.77 20.98
N TRP B 285 14.98 8.45 20.72
CA TRP B 285 16.16 7.77 20.19
C TRP B 285 16.78 6.75 21.15
N GLU B 286 16.98 7.15 22.40
CA GLU B 286 17.59 6.26 23.38
C GLU B 286 16.79 4.97 23.54
N LEU B 287 15.47 5.07 23.40
CA LEU B 287 14.60 3.90 23.51
C LEU B 287 14.76 3.06 22.26
N ARG B 288 14.72 3.72 21.10
CA ARG B 288 14.86 3.05 19.81
C ARG B 288 16.23 2.38 19.69
N ALA B 289 17.21 2.92 20.43
CA ALA B 289 18.57 2.39 20.42
C ALA B 289 18.65 1.01 21.04
N THR B 290 17.70 0.69 21.92
CA THR B 290 17.69 -0.60 22.60
C THR B 290 16.82 -1.63 21.86
N SER B 291 15.96 -1.16 20.97
CA SER B 291 15.09 -2.05 20.22
C SER B 291 15.89 -2.84 19.19
N SER B 292 15.19 -3.67 18.42
CA SER B 292 15.83 -4.48 17.39
C SER B 292 15.54 -3.92 16.00
N LEU B 293 14.77 -2.84 15.95
CA LEU B 293 14.44 -2.20 14.69
C LEU B 293 15.60 -1.30 14.27
N VAL B 294 16.56 -1.15 15.18
CA VAL B 294 17.75 -0.33 14.97
C VAL B 294 18.28 -0.40 13.53
N THR B 295 18.50 0.78 12.93
CA THR B 295 18.99 0.86 11.56
C THR B 295 20.50 1.11 11.52
N GLY B 296 21.08 1.46 12.67
CA GLY B 296 22.51 1.69 12.73
C GLY B 296 22.92 3.15 12.67
N ILE B 297 21.96 4.06 12.73
CA ILE B 297 22.27 5.49 12.69
C ILE B 297 21.91 6.14 14.02
N GLU B 298 21.40 5.34 14.95
CA GLU B 298 21.01 5.82 16.27
C GLU B 298 22.12 6.59 17.00
N GLU B 299 23.33 6.03 16.99
CA GLU B 299 24.44 6.67 17.66
C GLU B 299 24.71 8.08 17.15
N ALA B 300 24.82 8.22 15.83
CA ALA B 300 25.08 9.52 15.22
C ALA B 300 24.14 10.58 15.79
N PHE B 301 22.85 10.25 15.85
CA PHE B 301 21.85 11.17 16.38
C PHE B 301 22.07 11.46 17.87
N ILE B 302 22.00 10.41 18.69
CA ILE B 302 22.18 10.57 20.12
C ILE B 302 23.43 11.38 20.47
N GLU B 303 24.57 10.98 19.93
CA GLU B 303 25.83 11.67 20.21
C GLU B 303 25.82 13.14 19.79
N SER B 304 25.43 13.41 18.54
CA SER B 304 25.40 14.77 18.05
C SER B 304 24.44 15.65 18.87
N TYR B 305 23.33 15.06 19.32
CA TYR B 305 22.37 15.80 20.14
C TYR B 305 23.00 16.12 21.49
N ARG B 306 23.82 15.18 21.97
CA ARG B 306 24.50 15.32 23.25
C ARG B 306 25.50 16.47 23.26
N ASP B 307 26.48 16.44 22.36
CA ASP B 307 27.50 17.48 22.29
C ASP B 307 27.00 18.80 21.68
N GLY B 308 25.72 18.81 21.31
CA GLY B 308 25.13 20.02 20.74
C GLY B 308 25.59 20.44 19.36
N SER B 309 26.16 19.52 18.59
CA SER B 309 26.62 19.85 17.25
C SER B 309 25.45 19.73 16.28
N PHE B 310 24.42 19.01 16.73
CA PHE B 310 23.21 18.80 15.93
C PHE B 310 22.00 19.07 16.82
N GLN B 311 20.95 19.63 16.23
CA GLN B 311 19.75 19.94 16.99
C GLN B 311 18.45 19.71 16.21
N TYR B 312 17.42 19.34 16.94
CA TYR B 312 16.10 19.07 16.38
C TYR B 312 15.24 20.29 16.71
N VAL B 313 14.88 21.07 15.69
CA VAL B 313 14.09 22.27 15.93
C VAL B 313 12.79 22.37 15.14
N LEU B 314 11.89 23.21 15.63
CA LEU B 314 10.59 23.46 15.03
C LEU B 314 10.45 24.95 14.78
N ILE B 315 10.07 25.33 13.57
CA ILE B 315 9.91 26.73 13.21
C ILE B 315 8.57 26.99 12.53
N ALA B 316 7.83 27.95 13.06
CA ALA B 316 6.52 28.30 12.49
C ALA B 316 6.57 29.79 12.12
N ALA B 317 6.53 30.07 10.82
CA ALA B 317 6.59 31.45 10.35
C ALA B 317 5.37 31.87 9.56
N ASP B 318 5.13 33.17 9.49
CA ASP B 318 4.00 33.74 8.77
C ASP B 318 4.42 34.23 7.38
N ARG B 319 3.51 34.14 6.43
CA ARG B 319 3.77 34.60 5.07
C ARG B 319 3.45 36.08 5.00
N VAL B 320 4.45 36.93 5.23
CA VAL B 320 4.27 38.38 5.20
C VAL B 320 4.34 38.95 3.79
N THR C 47 20.50 61.89 16.64
CA THR C 47 20.98 62.59 17.87
C THR C 47 19.92 63.56 18.39
N PRO C 48 19.37 64.43 17.51
CA PRO C 48 18.35 65.37 17.97
C PRO C 48 17.22 64.61 18.64
N TYR C 49 16.91 63.43 18.10
CA TYR C 49 15.86 62.57 18.61
C TYR C 49 16.26 62.00 19.98
N GLN C 50 17.46 61.45 20.07
CA GLN C 50 17.96 60.88 21.31
C GLN C 50 18.00 61.96 22.39
N GLU C 51 18.36 63.19 22.00
CA GLU C 51 18.41 64.29 22.94
C GLU C 51 17.03 64.48 23.55
N ASP C 52 16.01 64.04 22.81
CA ASP C 52 14.62 64.13 23.26
C ASP C 52 14.26 63.05 24.26
N ILE C 53 14.78 61.85 24.03
CA ILE C 53 14.50 60.72 24.91
C ILE C 53 15.24 60.92 26.23
N ALA C 54 16.37 61.62 26.18
CA ALA C 54 17.15 61.89 27.38
C ALA C 54 16.30 62.76 28.30
N ARG C 55 15.78 63.86 27.75
CA ARG C 55 14.94 64.77 28.51
C ARG C 55 13.72 64.05 29.07
N TYR C 56 13.09 63.23 28.23
CA TYR C 56 11.90 62.49 28.64
C TYR C 56 12.12 61.74 29.94
N TRP C 57 13.14 60.89 29.96
CA TRP C 57 13.44 60.09 31.14
C TRP C 57 14.12 60.81 32.30
N ASN C 58 14.93 61.82 31.99
CA ASN C 58 15.60 62.58 33.05
C ASN C 58 14.56 63.03 34.06
N ASN C 59 13.34 63.27 33.59
CA ASN C 59 12.24 63.69 34.43
C ASN C 59 11.45 62.46 34.87
N GLU C 60 10.34 62.20 34.18
CA GLU C 60 9.50 61.06 34.47
C GLU C 60 9.01 61.05 35.93
N ALA C 61 9.45 60.06 36.69
CA ALA C 61 9.08 59.92 38.10
C ALA C 61 7.65 59.41 38.28
N ARG C 62 7.23 58.50 37.40
CA ARG C 62 5.89 57.92 37.49
C ARG C 62 5.79 57.01 38.70
N PRO C 63 4.73 57.16 39.51
CA PRO C 63 4.54 56.32 40.69
C PRO C 63 4.45 54.84 40.31
N VAL C 64 3.79 54.58 39.18
CA VAL C 64 3.60 53.23 38.68
C VAL C 64 4.95 52.53 38.43
N ASN C 65 6.04 53.30 38.49
CA ASN C 65 7.36 52.74 38.26
C ASN C 65 8.26 52.77 39.49
N LEU C 66 8.13 53.81 40.31
CA LEU C 66 8.96 53.92 41.51
C LEU C 66 8.40 53.13 42.69
N ARG C 67 7.14 53.39 43.03
CA ARG C 67 6.49 52.70 44.15
C ARG C 67 6.60 51.18 44.09
N LEU C 68 6.90 50.64 42.91
CA LEU C 68 7.05 49.19 42.75
C LEU C 68 8.48 48.74 43.01
N GLY C 69 9.44 49.50 42.49
CA GLY C 69 10.84 49.15 42.70
C GLY C 69 11.29 49.45 44.10
N ASP C 70 10.39 50.03 44.90
CA ASP C 70 10.67 50.37 46.29
C ASP C 70 10.71 49.13 47.18
N VAL C 71 9.72 48.26 47.00
CA VAL C 71 9.61 47.04 47.79
C VAL C 71 10.75 46.05 47.59
N ASP C 72 11.70 46.38 46.72
CA ASP C 72 12.82 45.48 46.45
C ASP C 72 14.15 46.20 46.23
N GLY C 73 14.10 47.34 45.55
CA GLY C 73 15.30 48.07 45.27
C GLY C 73 15.63 47.83 43.81
N LEU C 74 14.89 46.91 43.20
CA LEU C 74 15.06 46.55 41.80
C LEU C 74 14.06 47.37 40.99
N TYR C 75 14.48 48.55 40.57
CA TYR C 75 13.62 49.45 39.80
C TYR C 75 13.61 49.11 38.31
N HIS C 76 12.48 48.58 37.84
CA HIS C 76 12.34 48.20 36.45
C HIS C 76 11.53 49.23 35.68
N HIS C 77 11.79 49.33 34.38
CA HIS C 77 11.05 50.25 33.52
C HIS C 77 10.46 49.52 32.32
N HIS C 78 9.99 48.31 32.58
CA HIS C 78 9.35 47.49 31.56
C HIS C 78 8.04 46.95 32.13
N TYR C 79 7.53 45.86 31.57
CA TYR C 79 6.28 45.31 32.07
C TYR C 79 6.46 43.91 32.63
N GLY C 80 5.37 43.14 32.74
CA GLY C 80 5.50 41.82 33.30
C GLY C 80 4.70 40.71 32.65
N ILE C 81 5.15 39.48 32.89
CA ILE C 81 4.48 38.29 32.36
C ILE C 81 4.12 37.38 33.53
N GLY C 82 3.34 36.34 33.23
CA GLY C 82 2.94 35.41 34.27
C GLY C 82 1.50 35.59 34.71
N ALA C 83 0.91 34.51 35.22
CA ALA C 83 -0.47 34.54 35.69
C ALA C 83 -0.55 35.43 36.93
N VAL C 84 -1.77 35.80 37.31
CA VAL C 84 -1.97 36.65 38.48
C VAL C 84 -2.30 35.83 39.72
N ASP C 85 -1.55 36.08 40.80
CA ASP C 85 -1.77 35.38 42.05
C ASP C 85 -2.85 36.11 42.84
N HIS C 86 -4.10 35.95 42.40
CA HIS C 86 -5.24 36.59 43.04
C HIS C 86 -5.34 36.26 44.52
N ALA C 87 -4.64 35.22 44.95
CA ALA C 87 -4.64 34.82 46.34
C ALA C 87 -4.12 35.98 47.18
N ALA C 88 -2.84 36.28 47.02
CA ALA C 88 -2.21 37.37 47.76
C ALA C 88 -2.82 38.71 47.35
N LEU C 89 -3.75 38.67 46.40
CA LEU C 89 -4.41 39.88 45.93
C LEU C 89 -5.53 40.20 46.90
N GLY C 90 -6.46 39.26 47.07
CA GLY C 90 -7.56 39.44 48.00
C GLY C 90 -8.81 40.12 47.46
N ASP C 91 -9.32 41.08 48.21
CA ASP C 91 -10.53 41.80 47.85
C ASP C 91 -10.25 43.30 47.82
N PRO C 92 -10.89 44.03 46.88
CA PRO C 92 -10.71 45.47 46.73
C PRO C 92 -11.13 46.28 47.96
N GLY C 93 -12.11 45.78 48.71
CA GLY C 93 -12.59 46.46 49.89
C GLY C 93 -11.64 46.40 51.08
N ASP C 94 -10.35 46.61 50.83
CA ASP C 94 -9.34 46.58 51.87
C ASP C 94 -8.45 47.81 51.76
N GLY C 95 -7.95 48.28 52.90
CA GLY C 95 -7.10 49.45 52.92
C GLY C 95 -5.74 49.17 52.30
N GLY C 96 -5.18 48.01 52.63
CA GLY C 96 -3.88 47.64 52.10
C GLY C 96 -3.96 46.95 50.76
N TYR C 97 -5.12 47.03 50.11
CA TYR C 97 -5.30 46.41 48.80
C TYR C 97 -4.33 46.98 47.78
N GLU C 98 -4.38 48.29 47.60
CA GLU C 98 -3.50 48.96 46.65
C GLU C 98 -2.03 48.63 46.94
N ALA C 99 -1.70 48.46 48.21
CA ALA C 99 -0.34 48.13 48.60
C ALA C 99 0.00 46.73 48.11
N ARG C 100 -1.00 45.85 48.10
CA ARG C 100 -0.80 44.49 47.64
C ARG C 100 -0.81 44.40 46.12
N LEU C 101 -1.51 45.34 45.49
CA LEU C 101 -1.59 45.38 44.04
C LEU C 101 -0.23 45.78 43.46
N ILE C 102 0.40 46.76 44.11
CA ILE C 102 1.71 47.24 43.67
C ILE C 102 2.73 46.10 43.77
N ALA C 103 2.62 45.31 44.82
CA ALA C 103 3.52 44.19 45.02
C ALA C 103 3.33 43.15 43.91
N GLU C 104 2.07 42.89 43.57
CA GLU C 104 1.73 41.92 42.53
C GLU C 104 2.26 42.37 41.17
N LEU C 105 2.05 43.64 40.85
CA LEU C 105 2.52 44.19 39.58
C LEU C 105 4.04 44.12 39.51
N HIS C 106 4.70 44.50 40.60
CA HIS C 106 6.15 44.46 40.66
C HIS C 106 6.67 43.04 40.49
N ARG C 107 5.96 42.09 41.07
CA ARG C 107 6.34 40.69 40.98
C ARG C 107 6.39 40.28 39.52
N LEU C 108 5.31 40.58 38.80
CA LEU C 108 5.20 40.24 37.39
C LEU C 108 6.31 40.89 36.57
N GLU C 109 6.63 42.14 36.90
CA GLU C 109 7.68 42.85 36.19
C GLU C 109 9.05 42.23 36.44
N SER C 110 9.29 41.81 37.68
CA SER C 110 10.56 41.18 38.02
C SER C 110 10.57 39.78 37.43
N ALA C 111 9.38 39.24 37.21
CA ALA C 111 9.22 37.91 36.67
C ALA C 111 9.74 37.81 35.24
N GLN C 112 9.39 38.79 34.41
CA GLN C 112 9.83 38.77 33.02
C GLN C 112 11.33 39.06 32.97
N ALA C 113 11.79 39.95 33.84
CA ALA C 113 13.21 40.28 33.87
C ALA C 113 13.99 39.01 34.14
N GLU C 114 13.48 38.20 35.06
CA GLU C 114 14.12 36.94 35.40
C GLU C 114 14.03 36.02 34.20
N PHE C 115 12.85 36.00 33.58
CA PHE C 115 12.59 35.17 32.41
C PHE C 115 13.60 35.47 31.29
N LEU C 116 13.96 36.74 31.17
CA LEU C 116 14.92 37.14 30.14
C LEU C 116 16.29 36.52 30.42
N LEU C 117 16.78 36.68 31.65
CA LEU C 117 18.07 36.14 32.04
C LEU C 117 18.16 34.64 31.79
N ASP C 118 17.02 33.96 31.82
CA ASP C 118 17.01 32.52 31.61
C ASP C 118 17.49 32.16 30.20
N HIS C 119 17.44 33.13 29.29
CA HIS C 119 17.86 32.89 27.91
C HIS C 119 19.25 33.42 27.58
N LEU C 120 19.99 33.86 28.58
CA LEU C 120 21.33 34.37 28.35
C LEU C 120 22.33 33.23 28.27
N GLY C 121 21.85 32.01 28.53
CA GLY C 121 22.70 30.84 28.49
C GLY C 121 23.73 30.85 29.62
N PRO C 122 24.61 29.84 29.66
CA PRO C 122 25.64 29.76 30.71
C PRO C 122 26.53 31.01 30.72
N VAL C 123 26.79 31.52 31.92
CA VAL C 123 27.62 32.70 32.08
C VAL C 123 28.32 32.72 33.43
N GLY C 124 29.65 32.73 33.40
CA GLY C 124 30.43 32.72 34.62
C GLY C 124 30.82 34.10 35.13
N PRO C 125 31.40 34.17 36.34
CA PRO C 125 31.85 35.41 36.98
C PRO C 125 32.89 36.18 36.16
N GLY C 126 33.54 35.49 35.24
CA GLY C 126 34.54 36.14 34.42
C GLY C 126 33.98 36.82 33.19
N ASP C 127 32.75 36.47 32.83
CA ASP C 127 32.10 37.05 31.67
C ASP C 127 31.58 38.47 31.92
N THR C 128 31.33 39.19 30.83
CA THR C 128 30.82 40.55 30.90
C THR C 128 29.48 40.64 30.19
N LEU C 129 28.51 41.32 30.80
CA LEU C 129 27.19 41.48 30.21
C LEU C 129 26.89 42.94 29.91
N VAL C 130 26.13 43.19 28.84
CA VAL C 130 25.77 44.55 28.45
C VAL C 130 24.26 44.72 28.43
N ASP C 131 23.80 45.85 28.96
CA ASP C 131 22.37 46.14 29.02
C ASP C 131 22.07 47.40 28.21
N ALA C 132 21.68 47.23 26.95
CA ALA C 132 21.37 48.36 26.08
C ALA C 132 20.09 49.01 26.59
N GLY C 133 20.22 50.26 27.06
CA GLY C 133 19.07 50.95 27.60
C GLY C 133 18.70 50.29 28.91
N CYS C 134 19.60 50.39 29.88
CA CYS C 134 19.43 49.78 31.19
C CYS C 134 18.41 50.43 32.14
N GLY C 135 17.98 51.64 31.84
CA GLY C 135 17.03 52.29 32.72
C GLY C 135 17.66 52.61 34.06
N ARG C 136 17.01 52.18 35.14
CA ARG C 136 17.53 52.44 36.48
C ARG C 136 18.42 51.31 37.02
N GLY C 137 18.64 50.29 36.20
CA GLY C 137 19.49 49.18 36.59
C GLY C 137 18.82 47.99 37.25
N GLY C 138 17.50 47.94 37.20
CA GLY C 138 16.79 46.82 37.82
C GLY C 138 17.30 45.47 37.35
N SER C 139 17.28 45.27 36.03
CA SER C 139 17.73 44.01 35.43
C SER C 139 19.22 43.76 35.67
N MET C 140 20.01 44.82 35.68
CA MET C 140 21.45 44.71 35.89
C MET C 140 21.76 44.08 37.25
N VAL C 141 21.10 44.56 38.30
CA VAL C 141 21.32 44.04 39.64
C VAL C 141 20.97 42.56 39.71
N MET C 142 19.79 42.21 39.21
CA MET C 142 19.35 40.81 39.21
C MET C 142 20.37 39.93 38.49
N ALA C 143 20.80 40.38 37.32
CA ALA C 143 21.78 39.65 36.52
C ALA C 143 23.04 39.35 37.31
N HIS C 144 23.60 40.37 37.94
CA HIS C 144 24.81 40.20 38.74
C HIS C 144 24.59 39.28 39.92
N GLN C 145 23.54 39.56 40.70
CA GLN C 145 23.26 38.72 41.84
C GLN C 145 23.19 37.28 41.39
N ARG C 146 22.59 37.03 40.23
CA ARG C 146 22.44 35.67 39.69
C ARG C 146 23.68 35.03 39.07
N PHE C 147 24.59 35.83 38.52
CA PHE C 147 25.79 35.28 37.88
C PHE C 147 27.11 35.76 38.51
N GLY C 148 27.04 36.83 39.30
CA GLY C 148 28.23 37.35 39.94
C GLY C 148 29.32 37.74 38.97
N CYS C 149 28.92 38.33 37.84
CA CYS C 149 29.87 38.76 36.81
C CYS C 149 29.76 40.26 36.57
N LYS C 150 30.54 40.77 35.62
CA LYS C 150 30.51 42.18 35.29
C LYS C 150 29.25 42.49 34.49
N VAL C 151 28.59 43.58 34.84
CA VAL C 151 27.38 43.98 34.15
C VAL C 151 27.47 45.46 33.77
N GLU C 152 27.75 45.71 32.50
CA GLU C 152 27.87 47.08 32.00
C GLU C 152 26.53 47.56 31.45
N GLY C 153 26.03 48.65 32.01
CA GLY C 153 24.77 49.20 31.55
C GLY C 153 25.03 50.47 30.77
N VAL C 154 24.08 50.83 29.90
CA VAL C 154 24.23 52.03 29.09
C VAL C 154 22.86 52.67 28.87
N THR C 155 22.76 53.96 29.14
CA THR C 155 21.51 54.69 28.98
C THR C 155 21.74 56.12 28.53
N LEU C 156 20.70 56.75 28.02
CA LEU C 156 20.76 58.12 27.53
C LEU C 156 20.45 59.12 28.64
N SER C 157 19.84 58.63 29.71
CA SER C 157 19.46 59.46 30.84
C SER C 157 20.52 59.49 31.93
N ALA C 158 21.13 60.66 32.12
CA ALA C 158 22.16 60.82 33.16
C ALA C 158 21.53 60.55 34.52
N ALA C 159 20.26 60.88 34.65
CA ALA C 159 19.54 60.66 35.90
C ALA C 159 19.48 59.18 36.21
N GLN C 160 19.01 58.39 35.25
CA GLN C 160 18.89 56.94 35.40
C GLN C 160 20.24 56.29 35.67
N ALA C 161 21.28 56.84 35.04
CA ALA C 161 22.63 56.31 35.21
C ALA C 161 23.06 56.44 36.66
N GLU C 162 23.00 57.68 37.16
CA GLU C 162 23.38 57.95 38.55
C GLU C 162 22.53 57.16 39.53
N PHE C 163 21.22 57.10 39.27
CA PHE C 163 20.32 56.36 40.15
C PHE C 163 20.80 54.92 40.22
N GLY C 164 21.13 54.35 39.06
CA GLY C 164 21.59 52.98 39.01
C GLY C 164 22.85 52.74 39.82
N ASN C 165 23.86 53.58 39.62
CA ASN C 165 25.11 53.45 40.35
C ASN C 165 24.90 53.70 41.84
N ARG C 166 24.03 54.66 42.15
CA ARG C 166 23.73 54.98 43.54
C ARG C 166 23.27 53.71 44.21
N ARG C 167 22.20 53.13 43.68
CA ARG C 167 21.63 51.89 44.20
C ARG C 167 22.65 50.76 44.13
N ALA C 168 23.58 50.86 43.19
CA ALA C 168 24.61 49.83 43.02
C ALA C 168 25.59 49.85 44.19
N ARG C 169 25.92 51.04 44.67
CA ARG C 169 26.85 51.18 45.79
C ARG C 169 26.22 50.66 47.06
N GLU C 170 24.92 50.89 47.22
CA GLU C 170 24.18 50.43 48.40
C GLU C 170 24.30 48.91 48.55
N LEU C 171 24.18 48.20 47.44
CA LEU C 171 24.27 46.73 47.45
C LEU C 171 25.72 46.29 47.53
N GLY C 172 26.63 47.26 47.42
CA GLY C 172 28.05 46.95 47.49
C GLY C 172 28.52 46.10 46.32
N ILE C 173 28.10 46.48 45.12
CA ILE C 173 28.48 45.76 43.91
C ILE C 173 28.87 46.74 42.81
N ASP C 174 29.03 48.01 43.19
CA ASP C 174 29.38 49.07 42.25
C ASP C 174 30.64 48.78 41.44
N ASP C 175 31.45 47.82 41.88
CA ASP C 175 32.67 47.48 41.15
C ASP C 175 32.45 46.36 40.13
N HIS C 176 31.19 45.92 40.02
CA HIS C 176 30.82 44.87 39.08
C HIS C 176 29.67 45.37 38.20
N VAL C 177 28.72 46.06 38.82
CA VAL C 177 27.56 46.61 38.11
C VAL C 177 27.72 48.12 37.97
N ARG C 178 27.74 48.60 36.74
CA ARG C 178 27.88 50.02 36.49
C ARG C 178 27.08 50.51 35.28
N SER C 179 26.36 51.61 35.47
CA SER C 179 25.57 52.23 34.42
C SER C 179 26.30 53.49 33.98
N ARG C 180 26.18 53.84 32.71
CA ARG C 180 26.86 55.04 32.19
C ARG C 180 26.06 55.66 31.06
N VAL C 181 26.13 56.98 30.95
CA VAL C 181 25.42 57.70 29.90
C VAL C 181 26.15 57.50 28.57
N CYS C 182 25.48 56.80 27.65
CA CYS C 182 26.07 56.53 26.34
C CYS C 182 25.01 55.98 25.39
N ASN C 183 25.21 56.22 24.09
CA ASN C 183 24.28 55.74 23.09
C ASN C 183 24.56 54.28 22.76
N MET C 184 23.56 53.42 22.97
CA MET C 184 23.71 52.00 22.72
C MET C 184 24.13 51.68 21.29
N LEU C 185 24.04 52.66 20.40
CA LEU C 185 24.43 52.46 19.00
C LEU C 185 25.92 52.63 18.80
N ASP C 186 26.55 53.37 19.70
CA ASP C 186 27.99 53.62 19.64
C ASP C 186 28.59 53.44 21.04
N THR C 187 28.71 52.18 21.45
CA THR C 187 29.24 51.84 22.77
C THR C 187 30.76 51.71 22.76
N PRO C 188 31.40 51.93 23.92
CA PRO C 188 32.87 51.85 24.08
C PRO C 188 33.45 50.44 24.24
N PHE C 189 32.59 49.44 24.45
CA PHE C 189 33.06 48.07 24.63
C PHE C 189 33.81 47.56 23.41
N GLU C 190 34.90 46.83 23.66
CA GLU C 190 35.73 46.30 22.58
C GLU C 190 35.11 45.06 21.91
N LYS C 191 35.53 44.81 20.68
CA LYS C 191 35.02 43.70 19.89
C LYS C 191 35.10 42.34 20.55
N GLY C 192 34.00 41.59 20.46
CA GLY C 192 33.93 40.26 21.04
C GLY C 192 34.45 40.08 22.45
N THR C 193 34.14 41.02 23.33
CA THR C 193 34.59 40.93 24.71
C THR C 193 33.40 40.73 25.64
N VAL C 194 32.21 40.82 25.07
CA VAL C 194 30.97 40.64 25.83
C VAL C 194 30.40 39.24 25.66
N ALA C 195 30.12 38.57 26.77
CA ALA C 195 29.59 37.22 26.75
C ALA C 195 28.12 37.18 26.37
N ALA C 196 27.38 38.21 26.77
CA ALA C 196 25.96 38.28 26.47
C ALA C 196 25.42 39.69 26.70
N SER C 197 24.49 40.11 25.83
CA SER C 197 23.88 41.43 25.94
C SER C 197 22.40 41.29 25.68
N TRP C 198 21.65 42.37 25.84
CA TRP C 198 20.21 42.31 25.62
C TRP C 198 19.52 43.67 25.56
N ASN C 199 18.30 43.66 25.06
CA ASN C 199 17.49 44.88 24.97
C ASN C 199 16.13 44.58 25.59
N ASN C 200 15.91 45.01 26.82
CA ASN C 200 14.65 44.78 27.49
C ASN C 200 13.74 45.99 27.29
N GLU C 201 12.97 45.97 26.21
CA GLU C 201 12.06 47.07 25.89
C GLU C 201 12.81 48.39 25.74
N SER C 202 13.67 48.46 24.73
CA SER C 202 14.44 49.68 24.47
C SER C 202 14.85 49.73 23.00
N SER C 203 14.44 48.73 22.23
CA SER C 203 14.78 48.67 20.82
C SER C 203 13.83 49.50 19.95
N MET C 204 12.79 50.04 20.55
CA MET C 204 11.83 50.86 19.81
C MET C 204 12.36 52.28 19.68
N TYR C 205 13.50 52.54 20.31
CA TYR C 205 14.09 53.88 20.29
C TYR C 205 15.27 54.00 19.33
N VAL C 206 15.57 52.94 18.60
CA VAL C 206 16.70 52.97 17.67
C VAL C 206 16.47 52.15 16.41
N ASP C 207 17.39 52.29 15.46
CA ASP C 207 17.34 51.57 14.19
C ASP C 207 17.82 50.14 14.44
N LEU C 208 16.99 49.16 14.13
CA LEU C 208 17.31 47.76 14.33
C LEU C 208 18.64 47.30 13.74
N HIS C 209 18.89 47.59 12.47
CA HIS C 209 20.15 47.17 11.85
C HIS C 209 21.35 47.74 12.58
N ASP C 210 21.31 49.04 12.88
CA ASP C 210 22.42 49.67 13.58
C ASP C 210 22.64 49.12 14.99
N VAL C 211 21.56 48.92 15.73
CA VAL C 211 21.68 48.41 17.10
C VAL C 211 22.18 46.96 17.15
N PHE C 212 21.66 46.11 16.28
CA PHE C 212 22.09 44.70 16.25
C PHE C 212 23.52 44.62 15.72
N ALA C 213 23.87 45.55 14.84
CA ALA C 213 25.21 45.59 14.28
C ALA C 213 26.20 45.84 15.42
N GLU C 214 25.81 46.72 16.34
CA GLU C 214 26.67 47.06 17.48
C GLU C 214 26.81 45.85 18.40
N HIS C 215 25.68 45.26 18.79
CA HIS C 215 25.70 44.09 19.67
C HIS C 215 26.60 43.05 19.04
N SER C 216 26.40 42.79 17.75
CA SER C 216 27.18 41.82 17.01
C SER C 216 28.67 42.14 17.05
N ARG C 217 28.99 43.43 17.18
CA ARG C 217 30.39 43.86 17.24
C ARG C 217 31.07 43.48 18.56
N PHE C 218 30.61 44.09 19.65
CA PHE C 218 31.20 43.83 20.96
C PHE C 218 30.88 42.45 21.52
N LEU C 219 29.95 41.75 20.87
CA LEU C 219 29.56 40.43 21.34
C LEU C 219 30.54 39.37 20.86
N ARG C 220 30.97 38.50 21.77
CA ARG C 220 31.90 37.43 21.47
C ARG C 220 31.27 36.39 20.53
N VAL C 221 32.09 35.80 19.66
CA VAL C 221 31.59 34.79 18.74
C VAL C 221 31.03 33.64 19.57
N GLY C 222 29.79 33.25 19.28
CA GLY C 222 29.17 32.18 20.04
C GLY C 222 28.41 32.78 21.21
N GLY C 223 28.56 34.09 21.38
CA GLY C 223 27.88 34.78 22.47
C GLY C 223 26.37 34.70 22.31
N ARG C 224 25.65 35.14 23.34
CA ARG C 224 24.19 35.10 23.30
C ARG C 224 23.53 36.48 23.43
N TYR C 225 22.57 36.76 22.55
CA TYR C 225 21.84 38.01 22.56
C TYR C 225 20.37 37.71 22.81
N VAL C 226 19.74 38.49 23.67
CA VAL C 226 18.34 38.31 24.01
C VAL C 226 17.61 39.65 23.96
N THR C 227 16.30 39.61 23.71
CA THR C 227 15.52 40.83 23.67
C THR C 227 14.03 40.58 23.86
N VAL C 228 13.43 41.36 24.75
CA VAL C 228 12.00 41.27 25.02
C VAL C 228 11.46 42.58 24.50
N THR C 229 10.48 42.52 23.60
CA THR C 229 9.93 43.74 23.04
C THR C 229 8.52 43.59 22.48
N GLY C 230 7.96 44.72 22.08
CA GLY C 230 6.63 44.71 21.49
C GLY C 230 6.82 45.17 20.06
N CYS C 231 6.30 44.38 19.13
CA CYS C 231 6.43 44.70 17.71
C CYS C 231 5.10 44.46 17.00
N TRP C 232 4.74 45.33 16.07
CA TRP C 232 3.49 45.12 15.37
C TRP C 232 3.62 43.90 14.47
N ASN C 233 2.62 43.04 14.51
CA ASN C 233 2.62 41.81 13.73
C ASN C 233 2.44 42.08 12.24
N PRO C 234 3.43 41.70 11.42
CA PRO C 234 3.36 41.90 9.97
C PRO C 234 2.19 41.14 9.35
N ARG C 235 1.71 40.14 10.07
CA ARG C 235 0.59 39.33 9.63
C ARG C 235 -0.65 40.22 9.55
N TYR C 236 -0.67 41.27 10.36
CA TYR C 236 -1.80 42.21 10.40
C TYR C 236 -1.77 43.17 9.20
N GLY C 237 -0.57 43.44 8.69
CA GLY C 237 -0.44 44.33 7.55
C GLY C 237 0.44 45.53 7.83
N GLN C 238 -0.08 46.49 8.59
CA GLN C 238 0.65 47.69 8.94
C GLN C 238 0.33 48.06 10.38
N PRO C 239 1.08 49.00 10.96
CA PRO C 239 0.82 49.41 12.35
C PRO C 239 -0.59 49.96 12.53
N SER C 240 -1.35 49.34 13.42
CA SER C 240 -2.72 49.78 13.68
C SER C 240 -2.68 51.06 14.50
N LYS C 241 -3.79 51.78 14.56
CA LYS C 241 -3.84 53.02 15.32
C LYS C 241 -3.34 52.80 16.74
N TRP C 242 -3.71 51.66 17.34
CA TRP C 242 -3.29 51.34 18.69
C TRP C 242 -1.78 51.45 18.81
N VAL C 243 -1.06 50.82 17.89
CA VAL C 243 0.40 50.86 17.90
C VAL C 243 0.89 52.29 17.77
N SER C 244 0.32 53.01 16.79
CA SER C 244 0.71 54.40 16.56
C SER C 244 0.46 55.24 17.82
N GLN C 245 -0.60 54.91 18.56
CA GLN C 245 -0.92 55.63 19.78
C GLN C 245 0.17 55.40 20.81
N ILE C 246 0.69 54.17 20.86
CA ILE C 246 1.74 53.82 21.80
C ILE C 246 3.03 54.56 21.42
N ASN C 247 3.26 54.71 20.12
CA ASN C 247 4.45 55.42 19.65
C ASN C 247 4.39 56.89 20.03
N ALA C 248 3.23 57.50 19.80
CA ALA C 248 3.04 58.91 20.14
C ALA C 248 3.09 59.12 21.65
N HIS C 249 2.63 58.13 22.40
CA HIS C 249 2.62 58.23 23.85
C HIS C 249 4.03 58.20 24.44
N PHE C 250 4.82 57.22 24.03
CA PHE C 250 6.19 57.09 24.53
C PHE C 250 7.20 57.79 23.65
N GLU C 251 6.73 58.37 22.56
CA GLU C 251 7.59 59.09 21.63
C GLU C 251 8.66 58.13 21.10
N CYS C 252 8.24 56.93 20.74
CA CYS C 252 9.16 55.92 20.21
C CYS C 252 8.78 55.50 18.79
N ASN C 253 9.33 54.36 18.36
CA ASN C 253 9.08 53.85 17.02
C ASN C 253 9.10 52.31 16.98
N ILE C 254 7.93 51.71 17.20
CA ILE C 254 7.80 50.26 17.21
C ILE C 254 8.06 49.65 15.84
N HIS C 255 8.76 48.51 15.84
CA HIS C 255 9.10 47.81 14.61
C HIS C 255 8.23 46.57 14.42
N SER C 256 8.26 46.00 13.22
CA SER C 256 7.47 44.80 12.93
C SER C 256 8.31 43.59 13.28
N ARG C 257 7.67 42.46 13.54
CA ARG C 257 8.43 41.26 13.87
C ARG C 257 9.32 40.91 12.69
N ARG C 258 8.91 41.35 11.49
CA ARG C 258 9.66 41.09 10.27
C ARG C 258 11.02 41.79 10.32
N GLU C 259 11.00 43.06 10.74
CA GLU C 259 12.24 43.85 10.84
C GLU C 259 13.22 43.24 11.83
N TYR C 260 12.69 42.76 12.96
CA TYR C 260 13.52 42.15 13.98
C TYR C 260 14.27 40.94 13.44
N LEU C 261 13.53 40.05 12.79
CA LEU C 261 14.14 38.85 12.24
C LEU C 261 15.12 39.14 11.11
N ARG C 262 14.76 40.04 10.19
CA ARG C 262 15.65 40.36 9.09
C ARG C 262 16.90 41.07 9.58
N ALA C 263 16.71 42.05 10.46
CA ALA C 263 17.83 42.81 11.03
C ALA C 263 18.85 41.89 11.70
N MET C 264 18.36 40.86 12.40
CA MET C 264 19.25 39.93 13.08
C MET C 264 20.00 39.09 12.06
N ALA C 265 19.30 38.64 11.02
CA ALA C 265 19.88 37.82 9.97
C ALA C 265 21.01 38.57 9.27
N ASP C 266 20.82 39.88 9.09
CA ASP C 266 21.81 40.71 8.43
C ASP C 266 23.00 41.07 9.31
N ASN C 267 22.96 40.68 10.58
CA ASN C 267 24.04 40.99 11.50
C ASN C 267 24.64 39.79 12.21
N ARG C 268 24.62 38.64 11.54
CA ARG C 268 25.17 37.41 12.10
C ARG C 268 24.55 37.02 13.44
N LEU C 269 23.24 37.21 13.56
CA LEU C 269 22.52 36.86 14.79
C LEU C 269 21.45 35.81 14.47
N VAL C 270 21.73 34.56 14.82
CA VAL C 270 20.81 33.46 14.55
C VAL C 270 19.95 33.11 15.75
N PRO C 271 18.63 33.39 15.66
CA PRO C 271 17.66 33.12 16.72
C PRO C 271 17.60 31.66 17.15
N GLN C 272 17.74 31.44 18.45
CA GLN C 272 17.68 30.09 19.01
C GLN C 272 16.28 29.86 19.53
N THR C 273 15.65 30.93 20.01
CA THR C 273 14.30 30.87 20.55
C THR C 273 13.48 32.10 20.16
N VAL C 274 12.24 31.87 19.73
CA VAL C 274 11.33 32.95 19.37
C VAL C 274 9.95 32.59 19.91
N VAL C 275 9.62 33.17 21.06
CA VAL C 275 8.34 32.90 21.69
C VAL C 275 7.48 34.14 21.86
N ASP C 276 6.18 33.99 21.58
CA ASP C 276 5.23 35.08 21.71
C ASP C 276 4.68 35.08 23.14
N LEU C 277 5.01 36.11 23.91
CA LEU C 277 4.57 36.21 25.30
C LEU C 277 3.30 37.03 25.49
N THR C 278 2.62 37.39 24.41
CA THR C 278 1.41 38.18 24.52
C THR C 278 0.45 37.64 25.57
N PRO C 279 0.12 36.34 25.50
CA PRO C 279 -0.81 35.76 26.47
C PRO C 279 -0.32 35.85 27.92
N GLU C 280 1.00 35.93 28.09
CA GLU C 280 1.59 36.00 29.43
C GLU C 280 1.58 37.42 30.01
N THR C 281 1.63 38.41 29.13
CA THR C 281 1.64 39.80 29.57
C THR C 281 0.25 40.41 29.67
N LEU C 282 -0.74 39.77 29.03
CA LEU C 282 -2.11 40.27 29.07
C LEU C 282 -2.60 40.46 30.51
N PRO C 283 -2.44 39.43 31.36
CA PRO C 283 -2.88 39.52 32.76
C PRO C 283 -2.33 40.77 33.44
N TYR C 284 -1.03 41.01 33.27
CA TYR C 284 -0.36 42.16 33.85
C TYR C 284 -1.11 43.45 33.54
N TRP C 285 -1.38 43.70 32.26
CA TRP C 285 -2.07 44.91 31.84
C TRP C 285 -3.49 45.05 32.35
N GLU C 286 -4.28 43.99 32.21
CA GLU C 286 -5.67 44.03 32.66
C GLU C 286 -5.77 44.37 34.15
N LEU C 287 -4.79 43.91 34.93
CA LEU C 287 -4.77 44.18 36.35
C LEU C 287 -4.37 45.64 36.55
N ARG C 288 -3.33 46.07 35.85
CA ARG C 288 -2.85 47.44 35.94
C ARG C 288 -3.92 48.42 35.48
N ALA C 289 -4.81 47.95 34.61
CA ALA C 289 -5.87 48.79 34.08
C ALA C 289 -6.89 49.18 35.15
N THR C 290 -6.97 48.38 36.21
CA THR C 290 -7.93 48.64 37.28
C THR C 290 -7.29 49.43 38.43
N SER C 291 -5.97 49.48 38.46
CA SER C 291 -5.27 50.21 39.52
C SER C 291 -5.41 51.71 39.31
N SER C 292 -4.77 52.48 40.19
CA SER C 292 -4.82 53.94 40.10
C SER C 292 -3.51 54.49 39.58
N LEU C 293 -2.56 53.60 39.31
CA LEU C 293 -1.26 54.01 38.79
C LEU C 293 -1.36 54.21 37.29
N VAL C 294 -2.53 53.86 36.75
CA VAL C 294 -2.83 53.97 35.32
C VAL C 294 -2.25 55.25 34.70
N THR C 295 -1.53 55.08 33.58
CA THR C 295 -0.92 56.21 32.89
C THR C 295 -1.76 56.66 31.70
N GLY C 296 -2.74 55.84 31.32
CA GLY C 296 -3.61 56.20 30.21
C GLY C 296 -3.28 55.55 28.88
N ILE C 297 -2.33 54.60 28.89
CA ILE C 297 -1.94 53.92 27.67
C ILE C 297 -2.31 52.44 27.76
N GLU C 298 -2.95 52.06 28.87
CA GLU C 298 -3.37 50.69 29.10
C GLU C 298 -4.24 50.14 27.97
N GLU C 299 -5.23 50.93 27.56
CA GLU C 299 -6.14 50.50 26.49
C GLU C 299 -5.41 50.14 25.20
N ALA C 300 -4.56 51.04 24.73
CA ALA C 300 -3.80 50.81 23.51
C ALA C 300 -3.17 49.44 23.52
N PHE C 301 -2.50 49.09 24.61
CA PHE C 301 -1.85 47.79 24.76
C PHE C 301 -2.85 46.64 24.74
N ILE C 302 -3.77 46.64 25.70
CA ILE C 302 -4.77 45.59 25.80
C ILE C 302 -5.49 45.33 24.47
N GLU C 303 -6.01 46.39 23.87
CA GLU C 303 -6.72 46.25 22.60
C GLU C 303 -5.86 45.70 21.46
N SER C 304 -4.69 46.29 21.26
CA SER C 304 -3.80 45.84 20.20
C SER C 304 -3.38 44.38 20.40
N TYR C 305 -3.19 43.99 21.66
CA TYR C 305 -2.83 42.61 21.96
C TYR C 305 -4.01 41.69 21.62
N ARG C 306 -5.22 42.20 21.84
CA ARG C 306 -6.44 41.46 21.58
C ARG C 306 -6.65 41.16 20.09
N ASP C 307 -6.67 42.19 19.27
CA ASP C 307 -6.87 42.01 17.82
C ASP C 307 -5.63 41.49 17.11
N GLY C 308 -4.56 41.27 17.86
CA GLY C 308 -3.33 40.74 17.29
C GLY C 308 -2.54 41.65 16.37
N SER C 309 -2.78 42.96 16.44
CA SER C 309 -2.04 43.91 15.61
C SER C 309 -0.70 44.21 16.27
N PHE C 310 -0.64 43.95 17.56
CA PHE C 310 0.57 44.19 18.34
C PHE C 310 0.88 42.94 19.16
N GLN C 311 2.16 42.63 19.33
CA GLN C 311 2.55 41.44 20.09
C GLN C 311 3.79 41.65 20.93
N TYR C 312 3.84 40.95 22.06
CA TYR C 312 4.96 41.03 23.01
C TYR C 312 5.78 39.76 22.80
N VAL C 313 6.97 39.90 22.23
CA VAL C 313 7.80 38.72 21.96
C VAL C 313 9.19 38.72 22.59
N LEU C 314 9.78 37.54 22.69
CA LEU C 314 11.10 37.35 23.26
C LEU C 314 11.95 36.59 22.24
N ILE C 315 13.14 37.12 21.95
CA ILE C 315 14.03 36.48 20.99
C ILE C 315 15.43 36.32 21.57
N ALA C 316 15.96 35.10 21.48
CA ALA C 316 17.29 34.80 21.97
C ALA C 316 18.10 34.21 20.81
N ALA C 317 19.10 34.96 20.33
CA ALA C 317 19.90 34.50 19.22
C ALA C 317 21.38 34.36 19.58
N ASP C 318 22.08 33.56 18.78
CA ASP C 318 23.51 33.32 18.98
C ASP C 318 24.34 34.18 18.03
N ARG C 319 25.52 34.57 18.49
CA ARG C 319 26.43 35.37 17.67
C ARG C 319 27.27 34.43 16.82
N VAL C 320 26.80 34.17 15.60
CA VAL C 320 27.50 33.28 14.68
C VAL C 320 28.61 33.98 13.92
N PRO D 45 -9.78 42.36 0.00
CA PRO D 45 -9.51 42.80 1.40
C PRO D 45 -8.14 42.32 1.88
N ALA D 46 -7.13 42.58 1.06
CA ALA D 46 -5.74 42.20 1.33
C ALA D 46 -5.44 41.81 2.77
N THR D 47 -5.26 42.81 3.64
CA THR D 47 -4.94 42.56 5.03
C THR D 47 -5.89 43.28 5.99
N PRO D 48 -5.86 42.90 7.29
CA PRO D 48 -6.71 43.49 8.33
C PRO D 48 -6.55 45.00 8.43
N TYR D 49 -5.31 45.47 8.26
CA TYR D 49 -5.02 46.90 8.30
C TYR D 49 -5.75 47.59 7.15
N GLN D 50 -5.54 47.08 5.93
CA GLN D 50 -6.18 47.65 4.77
C GLN D 50 -7.71 47.55 4.85
N GLU D 51 -8.19 46.97 5.93
CA GLU D 51 -9.63 46.84 6.14
C GLU D 51 -10.06 48.10 6.88
N ASP D 52 -9.18 48.57 7.75
CA ASP D 52 -9.42 49.78 8.55
C ASP D 52 -9.12 51.01 7.71
N ILE D 53 -8.00 50.96 6.99
CA ILE D 53 -7.56 52.06 6.13
C ILE D 53 -8.49 52.22 4.94
N ALA D 54 -9.32 51.21 4.68
CA ALA D 54 -10.27 51.25 3.58
C ALA D 54 -11.61 51.76 4.11
N ARG D 55 -12.00 51.25 5.27
CA ARG D 55 -13.25 51.65 5.92
C ARG D 55 -13.17 53.14 6.27
N TYR D 56 -11.95 53.60 6.54
CA TYR D 56 -11.71 54.99 6.89
C TYR D 56 -12.19 55.90 5.78
N TRP D 57 -11.56 55.81 4.61
CA TRP D 57 -11.92 56.63 3.46
C TRP D 57 -13.30 56.35 2.91
N ASN D 58 -13.86 55.21 3.25
CA ASN D 58 -15.20 54.86 2.79
C ASN D 58 -16.26 55.54 3.67
N ASN D 59 -15.90 55.83 4.91
CA ASN D 59 -16.83 56.46 5.84
C ASN D 59 -16.34 57.81 6.39
N GLU D 60 -15.64 58.58 5.57
CA GLU D 60 -15.13 59.88 6.02
C GLU D 60 -15.05 60.94 4.93
N ALA D 61 -15.97 61.91 4.99
CA ALA D 61 -16.02 63.00 4.04
C ALA D 61 -16.12 64.32 4.79
N ARG D 62 -14.97 64.85 5.19
CA ARG D 62 -14.91 66.11 5.93
C ARG D 62 -15.15 67.32 5.03
N PRO D 63 -15.56 68.45 5.63
CA PRO D 63 -15.83 69.66 4.86
C PRO D 63 -14.56 70.23 4.23
N VAL D 64 -13.46 70.14 4.96
CA VAL D 64 -12.16 70.65 4.53
C VAL D 64 -11.65 70.07 3.21
N ASN D 65 -12.25 69.00 2.74
CA ASN D 65 -11.80 68.39 1.50
C ASN D 65 -12.87 68.46 0.42
N LEU D 66 -14.11 68.60 0.87
CA LEU D 66 -15.25 68.69 -0.05
C LEU D 66 -15.56 70.13 -0.43
N ARG D 67 -15.81 70.97 0.57
CA ARG D 67 -16.12 72.38 0.30
C ARG D 67 -15.12 72.96 -0.69
N LEU D 68 -13.86 72.58 -0.55
CA LEU D 68 -12.81 73.07 -1.44
C LEU D 68 -12.98 72.47 -2.83
N GLY D 69 -13.01 71.14 -2.89
CA GLY D 69 -13.16 70.48 -4.18
C GLY D 69 -14.37 71.00 -4.94
N ASP D 70 -15.27 71.65 -4.20
CA ASP D 70 -16.48 72.20 -4.79
C ASP D 70 -16.22 73.37 -5.72
N VAL D 71 -15.40 74.32 -5.28
CA VAL D 71 -15.11 75.50 -6.09
C VAL D 71 -14.74 75.13 -7.54
N ASP D 72 -13.91 74.10 -7.71
CA ASP D 72 -13.51 73.67 -9.05
C ASP D 72 -14.40 72.56 -9.57
N GLY D 73 -14.40 71.47 -8.83
CA GLY D 73 -15.16 70.29 -9.19
C GLY D 73 -14.16 69.17 -8.99
N LEU D 74 -12.90 69.57 -8.95
CA LEU D 74 -11.79 68.66 -8.75
C LEU D 74 -11.63 68.51 -7.24
N TYR D 75 -11.80 67.29 -6.75
CA TYR D 75 -11.70 67.03 -5.32
C TYR D 75 -10.33 66.46 -4.95
N HIS D 76 -9.67 67.14 -4.02
CA HIS D 76 -8.34 66.73 -3.58
C HIS D 76 -8.28 66.27 -2.13
N HIS D 77 -7.46 65.27 -1.88
CA HIS D 77 -7.26 64.72 -0.55
C HIS D 77 -5.77 64.68 -0.21
N HIS D 78 -5.15 65.85 -0.32
CA HIS D 78 -3.73 66.02 -0.01
C HIS D 78 -3.51 67.47 0.41
N TYR D 79 -2.27 67.94 0.43
CA TYR D 79 -2.02 69.32 0.86
C TYR D 79 -1.51 70.23 -0.23
N GLY D 80 -1.41 71.51 0.06
CA GLY D 80 -0.97 72.46 -0.94
C GLY D 80 0.44 73.02 -0.79
N ILE D 81 0.93 73.62 -1.86
CA ILE D 81 2.27 74.21 -1.89
C ILE D 81 2.23 75.58 -2.57
N GLY D 82 3.13 76.47 -2.17
CA GLY D 82 3.18 77.79 -2.76
C GLY D 82 2.85 78.89 -1.78
N ALA D 83 3.15 80.13 -2.14
CA ALA D 83 2.88 81.28 -1.28
C ALA D 83 1.39 81.59 -1.23
N VAL D 84 0.96 82.27 -0.17
CA VAL D 84 -0.45 82.62 -0.02
C VAL D 84 -0.75 84.03 -0.53
N ASP D 85 -1.72 84.12 -1.43
CA ASP D 85 -2.14 85.40 -2.00
C ASP D 85 -3.06 86.13 -1.01
N HIS D 86 -2.46 86.68 0.03
CA HIS D 86 -3.20 87.41 1.05
C HIS D 86 -3.93 88.61 0.49
N ALA D 87 -3.38 89.19 -0.58
CA ALA D 87 -4.00 90.34 -1.22
C ALA D 87 -5.45 90.03 -1.55
N ALA D 88 -5.66 89.15 -2.53
CA ALA D 88 -6.99 88.78 -2.96
C ALA D 88 -7.81 88.10 -1.85
N LEU D 89 -7.12 87.63 -0.81
CA LEU D 89 -7.80 86.96 0.30
C LEU D 89 -8.46 87.92 1.28
N GLY D 90 -7.71 88.92 1.74
CA GLY D 90 -8.23 89.87 2.70
C GLY D 90 -7.97 89.40 4.13
N ASP D 91 -8.71 89.96 5.08
CA ASP D 91 -8.55 89.58 6.49
C ASP D 91 -9.81 88.92 7.01
N PRO D 92 -9.70 88.17 8.13
CA PRO D 92 -10.83 87.49 8.75
C PRO D 92 -12.10 88.32 8.87
N GLY D 93 -11.94 89.64 8.81
CA GLY D 93 -13.08 90.53 8.89
C GLY D 93 -14.19 90.17 7.91
N TYR D 97 -15.24 86.26 3.72
CA TYR D 97 -13.85 85.91 3.98
C TYR D 97 -13.63 84.41 3.94
N GLU D 98 -14.35 83.67 4.78
CA GLU D 98 -14.21 82.22 4.83
C GLU D 98 -14.40 81.60 3.45
N ALA D 99 -15.26 82.21 2.64
CA ALA D 99 -15.51 81.71 1.30
C ALA D 99 -14.26 81.92 0.45
N ARG D 100 -13.54 83.00 0.71
CA ARG D 100 -12.31 83.29 -0.03
C ARG D 100 -11.14 82.47 0.48
N LEU D 101 -11.20 82.10 1.76
CA LEU D 101 -10.14 81.29 2.37
C LEU D 101 -10.17 79.88 1.80
N ILE D 102 -11.38 79.35 1.61
CA ILE D 102 -11.56 78.01 1.06
C ILE D 102 -11.01 77.98 -0.37
N ALA D 103 -11.23 79.05 -1.10
CA ALA D 103 -10.76 79.15 -2.48
C ALA D 103 -9.23 79.16 -2.49
N GLU D 104 -8.64 79.93 -1.58
CA GLU D 104 -7.18 80.03 -1.49
C GLU D 104 -6.56 78.68 -1.14
N LEU D 105 -7.14 78.00 -0.15
CA LEU D 105 -6.63 76.69 0.26
C LEU D 105 -6.73 75.71 -0.89
N HIS D 106 -7.87 75.71 -1.58
CA HIS D 106 -8.07 74.81 -2.70
C HIS D 106 -7.07 75.11 -3.81
N ARG D 107 -6.79 76.39 -4.03
CA ARG D 107 -5.84 76.79 -5.06
C ARG D 107 -4.49 76.16 -4.79
N LEU D 108 -4.02 76.28 -3.55
CA LEU D 108 -2.74 75.70 -3.15
C LEU D 108 -2.72 74.19 -3.32
N GLU D 109 -3.84 73.54 -3.00
CA GLU D 109 -3.92 72.10 -3.12
C GLU D 109 -3.88 71.67 -4.59
N SER D 110 -4.55 72.42 -5.45
CA SER D 110 -4.53 72.10 -6.88
C SER D 110 -3.16 72.48 -7.44
N ALA D 111 -2.50 73.40 -6.76
CA ALA D 111 -1.19 73.87 -7.17
C ALA D 111 -0.14 72.77 -7.09
N GLN D 112 -0.13 72.03 -5.98
CA GLN D 112 0.83 70.95 -5.82
C GLN D 112 0.50 69.81 -6.75
N ALA D 113 -0.80 69.56 -6.95
CA ALA D 113 -1.23 68.49 -7.84
C ALA D 113 -0.68 68.79 -9.23
N GLU D 114 -0.74 70.06 -9.63
CA GLU D 114 -0.25 70.47 -10.93
C GLU D 114 1.26 70.32 -10.93
N PHE D 115 1.89 70.72 -9.84
CA PHE D 115 3.33 70.62 -9.67
C PHE D 115 3.82 69.19 -9.85
N LEU D 116 3.01 68.23 -9.40
CA LEU D 116 3.35 66.82 -9.51
C LEU D 116 3.38 66.41 -10.97
N LEU D 117 2.32 66.74 -11.68
CA LEU D 117 2.22 66.40 -13.10
C LEU D 117 3.38 66.95 -13.92
N ASP D 118 3.97 68.05 -13.45
CA ASP D 118 5.09 68.65 -14.17
C ASP D 118 6.31 67.73 -14.21
N HIS D 119 6.33 66.74 -13.31
CA HIS D 119 7.45 65.81 -13.25
C HIS D 119 7.16 64.45 -13.88
N LEU D 120 6.03 64.32 -14.56
CA LEU D 120 5.69 63.07 -15.20
C LEU D 120 6.38 62.96 -16.56
N GLY D 121 7.07 64.03 -16.95
CA GLY D 121 7.76 64.05 -18.22
C GLY D 121 6.80 64.03 -19.39
N PRO D 122 7.30 63.96 -20.63
CA PRO D 122 6.46 63.93 -21.83
C PRO D 122 5.49 62.75 -21.81
N VAL D 123 4.24 63.01 -22.15
CA VAL D 123 3.22 61.97 -22.18
C VAL D 123 2.13 62.29 -23.20
N GLY D 124 1.98 61.41 -24.18
CA GLY D 124 0.99 61.60 -25.22
C GLY D 124 -0.35 60.93 -24.95
N PRO D 125 -1.37 61.21 -25.78
CA PRO D 125 -2.72 60.66 -25.66
C PRO D 125 -2.80 59.13 -25.71
N GLY D 126 -1.74 58.51 -26.25
CA GLY D 126 -1.71 57.07 -26.35
C GLY D 126 -1.19 56.39 -25.10
N ASP D 127 -0.52 57.16 -24.25
CA ASP D 127 0.05 56.63 -23.01
C ASP D 127 -1.01 56.41 -21.94
N THR D 128 -0.66 55.59 -20.95
CA THR D 128 -1.55 55.27 -19.83
C THR D 128 -0.89 55.70 -18.52
N LEU D 129 -1.67 56.31 -17.64
CA LEU D 129 -1.15 56.74 -16.34
C LEU D 129 -1.87 56.04 -15.20
N VAL D 130 -1.15 55.78 -14.12
CA VAL D 130 -1.74 55.12 -12.96
C VAL D 130 -1.64 56.00 -11.72
N ASP D 131 -2.71 56.02 -10.95
CA ASP D 131 -2.77 56.83 -9.73
C ASP D 131 -2.97 55.91 -8.52
N ALA D 132 -1.87 55.54 -7.86
CA ALA D 132 -1.95 54.68 -6.68
C ALA D 132 -2.61 55.46 -5.54
N GLY D 133 -3.79 55.01 -5.12
CA GLY D 133 -4.50 55.70 -4.06
C GLY D 133 -4.97 57.02 -4.63
N CYS D 134 -5.87 56.94 -5.61
CA CYS D 134 -6.38 58.12 -6.29
C CYS D 134 -7.39 58.98 -5.53
N GLY D 135 -7.91 58.48 -4.41
CA GLY D 135 -8.88 59.26 -3.66
C GLY D 135 -10.16 59.48 -4.45
N ARG D 136 -10.58 60.73 -4.60
CA ARG D 136 -11.80 61.04 -5.34
C ARG D 136 -11.57 61.34 -6.83
N GLY D 137 -10.31 61.23 -7.26
CA GLY D 137 -9.99 61.48 -8.66
C GLY D 137 -9.60 62.90 -9.05
N GLY D 138 -9.34 63.75 -8.07
CA GLY D 138 -8.97 65.12 -8.37
C GLY D 138 -7.78 65.20 -9.32
N SER D 139 -6.68 64.55 -8.95
CA SER D 139 -5.46 64.56 -9.75
C SER D 139 -5.66 63.87 -11.10
N MET D 140 -6.49 62.83 -11.11
CA MET D 140 -6.75 62.09 -12.33
C MET D 140 -7.37 62.97 -13.41
N VAL D 141 -8.38 63.74 -13.04
CA VAL D 141 -9.05 64.62 -13.97
C VAL D 141 -8.06 65.64 -14.55
N MET D 142 -7.31 66.30 -13.67
CA MET D 142 -6.33 67.29 -14.10
C MET D 142 -5.35 66.66 -15.09
N ALA D 143 -4.85 65.48 -14.75
CA ALA D 143 -3.89 64.77 -15.59
C ALA D 143 -4.45 64.57 -16.99
N HIS D 144 -5.68 64.06 -17.07
CA HIS D 144 -6.30 63.83 -18.37
C HIS D 144 -6.50 65.12 -19.14
N GLN D 145 -7.11 66.12 -18.51
CA GLN D 145 -7.36 67.38 -19.18
C GLN D 145 -6.07 67.96 -19.74
N ARG D 146 -4.96 67.67 -19.07
CA ARG D 146 -3.66 68.18 -19.48
C ARG D 146 -2.94 67.34 -20.53
N PHE D 147 -3.18 66.03 -20.56
CA PHE D 147 -2.51 65.15 -21.52
C PHE D 147 -3.46 64.44 -22.47
N GLY D 148 -4.74 64.37 -22.11
CA GLY D 148 -5.72 63.71 -22.95
C GLY D 148 -5.41 62.25 -23.20
N CYS D 149 -4.93 61.57 -22.16
CA CYS D 149 -4.58 60.16 -22.26
C CYS D 149 -5.41 59.33 -21.28
N LYS D 150 -5.13 58.02 -21.23
CA LYS D 150 -5.83 57.15 -20.30
C LYS D 150 -5.28 57.35 -18.90
N VAL D 151 -6.18 57.45 -17.92
CA VAL D 151 -5.76 57.63 -16.54
C VAL D 151 -6.48 56.62 -15.66
N GLU D 152 -5.74 55.58 -15.26
CA GLU D 152 -6.30 54.53 -14.42
C GLU D 152 -6.03 54.83 -12.95
N GLY D 153 -7.10 54.93 -12.18
CA GLY D 153 -6.96 55.21 -10.76
C GLY D 153 -7.26 53.96 -9.97
N VAL D 154 -6.73 53.87 -8.76
CA VAL D 154 -6.96 52.70 -7.91
C VAL D 154 -7.04 53.12 -6.44
N THR D 155 -8.11 52.70 -5.77
CA THR D 155 -8.30 53.04 -4.36
C THR D 155 -8.96 51.90 -3.58
N LEU D 156 -8.85 51.98 -2.26
CA LEU D 156 -9.42 50.97 -1.37
C LEU D 156 -10.86 51.30 -0.99
N SER D 157 -11.23 52.57 -1.19
CA SER D 157 -12.58 53.02 -0.85
C SER D 157 -13.54 52.94 -2.02
N ALA D 158 -14.54 52.08 -1.91
CA ALA D 158 -15.54 51.92 -2.97
C ALA D 158 -16.27 53.23 -3.16
N ALA D 159 -16.41 53.98 -2.06
CA ALA D 159 -17.09 55.27 -2.10
C ALA D 159 -16.33 56.24 -2.99
N GLN D 160 -15.03 56.38 -2.72
CA GLN D 160 -14.17 57.27 -3.49
C GLN D 160 -14.11 56.88 -4.96
N ALA D 161 -14.14 55.58 -5.21
CA ALA D 161 -14.09 55.06 -6.58
C ALA D 161 -15.31 55.55 -7.35
N GLU D 162 -16.48 55.26 -6.81
CA GLU D 162 -17.74 55.66 -7.44
C GLU D 162 -17.82 57.17 -7.60
N PHE D 163 -17.43 57.89 -6.55
CA PHE D 163 -17.45 59.36 -6.59
C PHE D 163 -16.61 59.82 -7.78
N GLY D 164 -15.43 59.23 -7.92
CA GLY D 164 -14.54 59.59 -9.00
C GLY D 164 -15.14 59.36 -10.38
N ASN D 165 -15.70 58.17 -10.60
CA ASN D 165 -16.31 57.84 -11.87
C ASN D 165 -17.55 58.70 -12.11
N ARG D 166 -18.30 58.95 -11.06
CA ARG D 166 -19.51 59.78 -11.14
C ARG D 166 -19.09 61.12 -11.76
N ARG D 167 -18.16 61.78 -11.08
CA ARG D 167 -17.64 63.07 -11.52
C ARG D 167 -16.97 62.93 -12.88
N ALA D 168 -16.47 61.75 -13.18
CA ALA D 168 -15.81 61.51 -14.46
C ALA D 168 -16.80 61.53 -15.62
N ARG D 169 -18.00 61.00 -15.37
CA ARG D 169 -19.03 60.96 -16.40
C ARG D 169 -19.55 62.37 -16.68
N GLU D 170 -19.64 63.18 -15.64
CA GLU D 170 -20.12 64.56 -15.77
C GLU D 170 -19.23 65.34 -16.75
N LEU D 171 -17.92 65.14 -16.64
CA LEU D 171 -16.98 65.83 -17.51
C LEU D 171 -16.93 65.15 -18.89
N GLY D 172 -17.62 64.02 -19.00
CA GLY D 172 -17.65 63.30 -20.27
C GLY D 172 -16.30 62.75 -20.67
N ILE D 173 -15.60 62.16 -19.70
CA ILE D 173 -14.28 61.58 -19.94
C ILE D 173 -14.18 60.19 -19.31
N ASP D 174 -15.31 59.68 -18.84
CA ASP D 174 -15.37 58.37 -18.19
C ASP D 174 -14.73 57.24 -19.00
N ASP D 175 -14.54 57.46 -20.30
CA ASP D 175 -13.94 56.44 -21.15
C ASP D 175 -12.42 56.57 -21.22
N HIS D 176 -11.88 57.53 -20.48
CA HIS D 176 -10.44 57.76 -20.42
C HIS D 176 -9.97 57.75 -18.97
N VAL D 177 -10.77 58.36 -18.10
CA VAL D 177 -10.46 58.43 -16.68
C VAL D 177 -11.37 57.49 -15.91
N ARG D 178 -10.78 56.53 -15.21
CA ARG D 178 -11.56 55.56 -14.44
C ARG D 178 -10.89 55.15 -13.14
N SER D 179 -11.67 55.17 -12.06
CA SER D 179 -11.19 54.77 -10.74
C SER D 179 -11.80 53.40 -10.45
N ARG D 180 -11.09 52.59 -9.68
CA ARG D 180 -11.59 51.26 -9.34
C ARG D 180 -11.08 50.82 -7.98
N VAL D 181 -11.88 50.02 -7.27
CA VAL D 181 -11.49 49.54 -5.96
C VAL D 181 -10.47 48.41 -6.14
N CYS D 182 -9.24 48.66 -5.69
CA CYS D 182 -8.18 47.67 -5.80
C CYS D 182 -6.97 48.07 -4.96
N ASN D 183 -6.20 47.09 -4.52
CA ASN D 183 -5.03 47.36 -3.70
C ASN D 183 -3.85 47.73 -4.60
N MET D 184 -3.31 48.93 -4.40
CA MET D 184 -2.19 49.41 -5.21
C MET D 184 -0.97 48.47 -5.19
N LEU D 185 -0.95 47.54 -4.24
CA LEU D 185 0.15 46.60 -4.14
C LEU D 185 -0.02 45.42 -5.10
N ASP D 186 -1.27 45.17 -5.50
CA ASP D 186 -1.56 44.08 -6.42
C ASP D 186 -2.55 44.59 -7.46
N THR D 187 -2.04 45.36 -8.41
CA THR D 187 -2.85 45.94 -9.46
C THR D 187 -2.97 45.02 -10.68
N PRO D 188 -4.03 45.16 -11.47
CA PRO D 188 -4.28 44.34 -12.67
C PRO D 188 -3.56 44.78 -13.94
N PHE D 189 -2.93 45.94 -13.91
CA PHE D 189 -2.23 46.45 -15.09
C PHE D 189 -1.08 45.52 -15.50
N GLU D 190 -0.93 45.32 -16.80
CA GLU D 190 0.11 44.44 -17.33
C GLU D 190 1.49 45.08 -17.29
N LYS D 191 2.52 44.23 -17.30
CA LYS D 191 3.92 44.67 -17.24
C LYS D 191 4.32 45.69 -18.30
N GLY D 192 5.03 46.72 -17.86
CA GLY D 192 5.50 47.77 -18.75
C GLY D 192 4.51 48.31 -19.75
N THR D 193 3.27 48.55 -19.32
CA THR D 193 2.25 49.09 -20.21
C THR D 193 1.87 50.50 -19.77
N VAL D 194 2.37 50.91 -18.61
CA VAL D 194 2.09 52.23 -18.06
C VAL D 194 3.24 53.19 -18.36
N ALA D 195 2.90 54.35 -18.91
CA ALA D 195 3.90 55.36 -19.25
C ALA D 195 4.41 56.11 -18.03
N ALA D 196 3.54 56.29 -17.05
CA ALA D 196 3.89 57.01 -15.83
C ALA D 196 2.85 56.77 -14.74
N SER D 197 3.32 56.69 -13.49
CA SER D 197 2.45 56.47 -12.34
C SER D 197 2.93 57.36 -11.21
N TRP D 198 2.18 57.40 -10.11
CA TRP D 198 2.56 58.23 -8.98
C TRP D 198 1.79 57.95 -7.71
N ASN D 199 2.32 58.45 -6.60
CA ASN D 199 1.69 58.31 -5.29
C ASN D 199 1.61 59.70 -4.67
N ASN D 200 0.43 60.32 -4.70
CA ASN D 200 0.28 61.64 -4.12
C ASN D 200 -0.26 61.50 -2.69
N GLU D 201 0.66 61.41 -1.74
CA GLU D 201 0.29 61.25 -0.33
C GLU D 201 -0.57 60.01 -0.11
N SER D 202 0.02 58.84 -0.35
CA SER D 202 -0.70 57.58 -0.17
C SER D 202 0.28 56.46 0.08
N SER D 203 1.57 56.79 0.12
CA SER D 203 2.60 55.80 0.35
C SER D 203 2.81 55.48 1.83
N MET D 204 2.15 56.24 2.70
CA MET D 204 2.27 56.01 4.15
C MET D 204 1.35 54.87 4.59
N TYR D 205 0.56 54.37 3.65
CA TYR D 205 -0.39 53.30 3.93
C TYR D 205 0.08 51.92 3.46
N VAL D 206 1.28 51.85 2.90
CA VAL D 206 1.80 50.57 2.41
C VAL D 206 3.31 50.40 2.58
N ASP D 207 3.79 49.20 2.33
CA ASP D 207 5.22 48.87 2.43
C ASP D 207 5.92 49.41 1.19
N LEU D 208 6.89 50.28 1.40
CA LEU D 208 7.64 50.89 0.31
C LEU D 208 8.20 49.92 -0.74
N HIS D 209 8.93 48.90 -0.30
CA HIS D 209 9.47 47.94 -1.24
C HIS D 209 8.40 47.29 -2.11
N ASP D 210 7.32 46.84 -1.48
CA ASP D 210 6.25 46.19 -2.22
C ASP D 210 5.54 47.13 -3.20
N VAL D 211 5.28 48.36 -2.76
CA VAL D 211 4.60 49.32 -3.63
C VAL D 211 5.46 49.75 -4.82
N PHE D 212 6.73 50.03 -4.58
CA PHE D 212 7.61 50.44 -5.67
C PHE D 212 7.87 49.26 -6.59
N ALA D 213 7.86 48.07 -6.02
CA ALA D 213 8.07 46.86 -6.81
C ALA D 213 6.94 46.72 -7.82
N GLU D 214 5.73 47.07 -7.38
CA GLU D 214 4.56 46.98 -8.25
C GLU D 214 4.68 48.02 -9.36
N HIS D 215 4.90 49.28 -8.98
CA HIS D 215 5.03 50.34 -9.96
C HIS D 215 6.09 49.92 -10.98
N SER D 216 7.22 49.47 -10.48
CA SER D 216 8.31 49.04 -11.35
C SER D 216 7.86 47.96 -12.31
N ARG D 217 6.87 47.16 -11.89
CA ARG D 217 6.37 46.09 -12.72
C ARG D 217 5.56 46.58 -13.92
N PHE D 218 4.41 47.21 -13.65
CA PHE D 218 3.56 47.69 -14.71
C PHE D 218 4.09 48.92 -15.42
N LEU D 219 5.16 49.49 -14.89
CA LEU D 219 5.73 50.69 -15.50
C LEU D 219 6.67 50.30 -16.64
N ARG D 220 6.50 50.97 -17.77
CA ARG D 220 7.32 50.73 -18.96
C ARG D 220 8.77 51.12 -18.71
N VAL D 221 9.71 50.42 -19.34
CA VAL D 221 11.13 50.73 -19.18
C VAL D 221 11.36 52.14 -19.70
N GLY D 222 11.99 52.97 -18.87
CA GLY D 222 12.24 54.35 -19.26
C GLY D 222 11.08 55.20 -18.79
N GLY D 223 10.05 54.55 -18.25
CA GLY D 223 8.90 55.27 -17.75
C GLY D 223 9.26 56.19 -16.61
N ARG D 224 8.30 57.00 -16.18
CA ARG D 224 8.54 57.94 -15.09
C ARG D 224 7.62 57.75 -13.90
N TYR D 225 8.21 57.73 -12.70
CA TYR D 225 7.46 57.58 -11.46
C TYR D 225 7.67 58.85 -10.62
N VAL D 226 6.59 59.33 -10.02
CA VAL D 226 6.66 60.52 -9.19
C VAL D 226 5.89 60.30 -7.89
N THR D 227 6.28 61.03 -6.85
CA THR D 227 5.61 60.91 -5.57
C THR D 227 5.84 62.10 -4.67
N VAL D 228 4.76 62.59 -4.09
CA VAL D 228 4.80 63.71 -3.18
C VAL D 228 4.38 63.10 -1.85
N THR D 229 5.19 63.26 -0.83
CA THR D 229 4.86 62.67 0.46
C THR D 229 5.54 63.34 1.63
N GLY D 230 5.15 62.92 2.83
CA GLY D 230 5.75 63.44 4.05
C GLY D 230 6.50 62.29 4.68
N CYS D 231 7.78 62.49 4.96
CA CYS D 231 8.61 61.44 5.55
C CYS D 231 9.46 62.01 6.67
N TRP D 232 9.62 61.27 7.76
CA TRP D 232 10.45 61.78 8.85
C TRP D 232 11.90 61.79 8.40
N ASN D 233 12.59 62.89 8.68
CA ASN D 233 13.97 63.05 8.28
C ASN D 233 14.92 62.19 9.10
N PRO D 234 15.65 61.28 8.44
CA PRO D 234 16.60 60.39 9.12
C PRO D 234 17.70 61.18 9.81
N ARG D 235 17.89 62.42 9.36
CA ARG D 235 18.90 63.31 9.92
C ARG D 235 18.53 63.61 11.37
N TYR D 236 17.24 63.54 11.68
CA TYR D 236 16.73 63.83 13.01
C TYR D 236 16.98 62.65 13.95
N GLY D 237 17.01 61.44 13.39
CA GLY D 237 17.24 60.25 14.19
C GLY D 237 16.14 59.21 14.10
N GLN D 238 15.00 59.51 14.72
CA GLN D 238 13.84 58.62 14.72
C GLN D 238 12.58 59.47 14.64
N PRO D 239 11.42 58.85 14.41
CA PRO D 239 10.18 59.60 14.33
C PRO D 239 9.87 60.34 15.62
N SER D 240 9.73 61.67 15.53
CA SER D 240 9.42 62.48 16.70
C SER D 240 7.96 62.28 17.07
N LYS D 241 7.58 62.66 18.29
CA LYS D 241 6.20 62.51 18.74
C LYS D 241 5.23 63.10 17.72
N TRP D 242 5.62 64.24 17.14
CA TRP D 242 4.78 64.91 16.16
C TRP D 242 4.42 63.95 15.04
N VAL D 243 5.43 63.27 14.49
CA VAL D 243 5.19 62.32 13.41
C VAL D 243 4.27 61.21 13.89
N SER D 244 4.57 60.65 15.06
CA SER D 244 3.76 59.58 15.61
C SER D 244 2.31 60.03 15.80
N GLN D 245 2.13 61.30 16.16
CA GLN D 245 0.80 61.84 16.35
C GLN D 245 0.05 61.84 15.03
N ILE D 246 0.76 62.15 13.95
CA ILE D 246 0.18 62.18 12.62
C ILE D 246 -0.20 60.77 12.19
N ASN D 247 0.61 59.80 12.58
CA ASN D 247 0.35 58.39 12.25
C ASN D 247 -0.91 57.92 12.96
N ALA D 248 -1.00 58.23 14.25
CA ALA D 248 -2.15 57.84 15.06
C ALA D 248 -3.41 58.54 14.60
N HIS D 249 -3.26 59.78 14.13
CA HIS D 249 -4.39 60.56 13.65
C HIS D 249 -4.99 60.00 12.36
N PHE D 250 -4.14 59.73 11.37
CA PHE D 250 -4.59 59.21 10.09
C PHE D 250 -4.54 57.70 10.04
N GLU D 251 -4.07 57.10 11.12
CA GLU D 251 -3.97 55.65 11.21
C GLU D 251 -3.09 55.12 10.07
N CYS D 252 -1.96 55.80 9.85
CA CYS D 252 -1.04 55.41 8.79
C CYS D 252 0.34 55.05 9.35
N ASN D 253 1.35 55.04 8.47
CA ASN D 253 2.70 54.70 8.87
C ASN D 253 3.74 55.43 8.02
N ILE D 254 4.14 56.62 8.48
CA ILE D 254 5.11 57.44 7.77
C ILE D 254 6.50 56.81 7.75
N HIS D 255 7.17 56.92 6.59
CA HIS D 255 8.50 56.34 6.41
C HIS D 255 9.57 57.42 6.46
N SER D 256 10.83 57.01 6.56
CA SER D 256 11.93 57.96 6.59
C SER D 256 12.37 58.22 5.15
N ARG D 257 13.03 59.34 4.90
CA ARG D 257 13.49 59.65 3.56
C ARG D 257 14.47 58.58 3.12
N ARG D 258 15.11 57.95 4.10
CA ARG D 258 16.07 56.88 3.83
C ARG D 258 15.39 55.67 3.20
N GLU D 259 14.24 55.29 3.73
CA GLU D 259 13.49 54.15 3.22
C GLU D 259 13.06 54.40 1.78
N TYR D 260 12.57 55.60 1.52
CA TYR D 260 12.12 55.96 0.18
C TYR D 260 13.22 55.79 -0.85
N LEU D 261 14.40 56.35 -0.56
CA LEU D 261 15.52 56.25 -1.48
C LEU D 261 16.04 54.82 -1.65
N ARG D 262 16.17 54.08 -0.55
CA ARG D 262 16.64 52.71 -0.64
C ARG D 262 15.62 51.85 -1.38
N ALA D 263 14.36 51.98 -0.99
CA ALA D 263 13.29 51.20 -1.62
C ALA D 263 13.30 51.37 -3.13
N MET D 264 13.49 52.61 -3.59
CA MET D 264 13.51 52.87 -5.03
C MET D 264 14.72 52.24 -5.67
N ALA D 265 15.86 52.34 -5.00
CA ALA D 265 17.09 51.77 -5.52
C ALA D 265 16.97 50.26 -5.69
N ASP D 266 16.26 49.61 -4.76
CA ASP D 266 16.07 48.17 -4.81
C ASP D 266 15.03 47.73 -5.83
N ASN D 267 14.38 48.68 -6.47
CA ASN D 267 13.34 48.35 -7.45
C ASN D 267 13.55 48.99 -8.82
N ARG D 268 14.80 49.18 -9.20
CA ARG D 268 15.12 49.77 -10.50
C ARG D 268 14.46 51.13 -10.73
N LEU D 269 14.42 51.95 -9.68
CA LEU D 269 13.85 53.28 -9.77
C LEU D 269 14.92 54.32 -9.44
N VAL D 270 15.46 54.96 -10.47
CA VAL D 270 16.51 55.96 -10.29
C VAL D 270 15.98 57.39 -10.26
N PRO D 271 16.02 58.04 -9.10
CA PRO D 271 15.56 59.42 -8.90
C PRO D 271 16.23 60.43 -9.83
N GLN D 272 15.42 61.21 -10.52
CA GLN D 272 15.90 62.25 -11.43
C GLN D 272 15.85 63.58 -10.68
N THR D 273 14.88 63.70 -9.79
CA THR D 273 14.69 64.91 -9.00
C THR D 273 14.27 64.59 -7.58
N VAL D 274 14.87 65.28 -6.62
CA VAL D 274 14.57 65.10 -5.21
C VAL D 274 14.58 66.48 -4.57
N VAL D 275 13.39 67.07 -4.40
CA VAL D 275 13.28 68.40 -3.83
C VAL D 275 12.44 68.43 -2.56
N ASP D 276 12.91 69.20 -1.57
CA ASP D 276 12.22 69.34 -0.30
C ASP D 276 11.23 70.52 -0.42
N LEU D 277 9.94 70.22 -0.37
CA LEU D 277 8.91 71.24 -0.49
C LEU D 277 8.38 71.76 0.85
N THR D 278 9.03 71.40 1.94
CA THR D 278 8.58 71.84 3.25
C THR D 278 8.30 73.35 3.29
N PRO D 279 9.27 74.17 2.84
CA PRO D 279 9.06 75.63 2.86
C PRO D 279 7.87 76.10 2.03
N GLU D 280 7.50 75.30 1.02
CA GLU D 280 6.41 75.64 0.13
C GLU D 280 5.04 75.26 0.72
N THR D 281 5.02 74.21 1.54
CA THR D 281 3.77 73.76 2.13
C THR D 281 3.49 74.42 3.48
N LEU D 282 4.50 75.00 4.09
CA LEU D 282 4.32 75.66 5.39
C LEU D 282 3.20 76.70 5.33
N PRO D 283 3.23 77.61 4.34
CA PRO D 283 2.20 78.64 4.21
C PRO D 283 0.79 78.05 4.25
N TYR D 284 0.58 77.00 3.46
CA TYR D 284 -0.70 76.33 3.39
C TYR D 284 -1.22 75.97 4.78
N TRP D 285 -0.40 75.30 5.57
CA TRP D 285 -0.79 74.89 6.92
C TRP D 285 -1.07 76.03 7.88
N GLU D 286 -0.17 77.01 7.93
CA GLU D 286 -0.34 78.14 8.83
C GLU D 286 -1.65 78.86 8.56
N LEU D 287 -2.04 78.92 7.29
CA LEU D 287 -3.30 79.57 6.90
C LEU D 287 -4.48 78.70 7.34
N ARG D 288 -4.38 77.42 7.04
CA ARG D 288 -5.42 76.46 7.39
C ARG D 288 -5.59 76.39 8.91
N ALA D 289 -4.51 76.69 9.62
CA ALA D 289 -4.54 76.66 11.09
C ALA D 289 -5.45 77.73 11.68
N THR D 290 -5.68 78.80 10.93
CA THR D 290 -6.52 79.90 11.40
C THR D 290 -7.97 79.74 10.95
N SER D 291 -8.21 78.88 9.96
CA SER D 291 -9.55 78.66 9.45
C SER D 291 -10.38 77.88 10.46
N SER D 292 -11.63 77.58 10.10
CA SER D 292 -12.53 76.83 10.96
C SER D 292 -12.69 75.40 10.46
N LEU D 293 -12.01 75.08 9.36
CA LEU D 293 -12.06 73.74 8.80
C LEU D 293 -11.07 72.85 9.55
N VAL D 294 -10.30 73.48 10.42
CA VAL D 294 -9.30 72.80 11.24
C VAL D 294 -9.74 71.42 11.71
N THR D 295 -8.91 70.41 11.48
CA THR D 295 -9.22 69.05 11.89
C THR D 295 -8.53 68.68 13.20
N GLY D 296 -7.59 69.51 13.64
CA GLY D 296 -6.90 69.25 14.89
C GLY D 296 -5.53 68.61 14.77
N ILE D 297 -5.04 68.47 13.54
CA ILE D 297 -3.74 67.86 13.31
C ILE D 297 -2.76 68.91 12.75
N GLU D 298 -3.25 70.14 12.59
CA GLU D 298 -2.44 71.23 12.06
C GLU D 298 -1.13 71.42 12.84
N GLU D 299 -1.22 71.45 14.16
CA GLU D 299 -0.05 71.65 15.00
C GLU D 299 1.05 70.62 14.73
N ALA D 300 0.69 69.35 14.76
CA ALA D 300 1.64 68.27 14.51
C ALA D 300 2.47 68.55 13.26
N PHE D 301 1.80 68.91 12.17
CA PHE D 301 2.47 69.22 10.93
C PHE D 301 3.38 70.45 11.06
N ILE D 302 2.78 71.59 11.39
CA ILE D 302 3.53 72.83 11.53
C ILE D 302 4.78 72.66 12.41
N GLU D 303 4.59 72.13 13.60
CA GLU D 303 5.71 71.94 14.51
C GLU D 303 6.80 71.02 13.96
N SER D 304 6.40 69.84 13.49
CA SER D 304 7.37 68.90 12.95
C SER D 304 8.14 69.49 11.77
N TYR D 305 7.45 70.27 10.95
CA TYR D 305 8.09 70.90 9.81
C TYR D 305 9.11 71.91 10.31
N ARG D 306 8.77 72.58 11.40
CA ARG D 306 9.62 73.60 12.01
C ARG D 306 10.94 73.03 12.54
N ASP D 307 10.86 72.05 13.45
CA ASP D 307 12.07 71.46 14.02
C ASP D 307 12.80 70.51 13.07
N GLY D 308 12.24 70.35 11.86
CA GLY D 308 12.87 69.48 10.87
C GLY D 308 12.81 67.98 11.11
N SER D 309 11.92 67.53 11.98
CA SER D 309 11.80 66.11 12.25
C SER D 309 10.94 65.46 11.18
N PHE D 310 10.16 66.29 10.49
CA PHE D 310 9.26 65.83 9.44
C PHE D 310 9.46 66.73 8.22
N GLN D 311 9.39 66.15 7.02
CA GLN D 311 9.56 66.93 5.80
C GLN D 311 8.62 66.50 4.69
N TYR D 312 8.25 67.47 3.86
CA TYR D 312 7.36 67.25 2.72
C TYR D 312 8.25 67.24 1.48
N VAL D 313 8.43 66.07 0.86
CA VAL D 313 9.29 65.99 -0.31
C VAL D 313 8.63 65.45 -1.57
N LEU D 314 9.28 65.71 -2.70
CA LEU D 314 8.80 65.26 -4.01
C LEU D 314 9.94 64.51 -4.69
N ILE D 315 9.65 63.33 -5.21
CA ILE D 315 10.66 62.52 -5.88
C ILE D 315 10.17 62.01 -7.22
N ALA D 316 10.97 62.24 -8.25
CA ALA D 316 10.63 61.81 -9.60
C ALA D 316 11.76 60.92 -10.10
N ALA D 317 11.49 59.63 -10.26
CA ALA D 317 12.50 58.70 -10.72
C ALA D 317 12.15 58.00 -12.04
N ASP D 318 13.17 57.52 -12.72
CA ASP D 318 13.00 56.83 -13.99
C ASP D 318 13.01 55.31 -13.79
N ARG D 319 12.27 54.61 -14.63
CA ARG D 319 12.20 53.15 -14.58
C ARG D 319 13.35 52.60 -15.42
N VAL D 320 14.48 52.34 -14.78
CA VAL D 320 15.65 51.81 -15.46
C VAL D 320 15.60 50.30 -15.62
N THR E 47 45.72 51.02 -9.10
CA THR E 47 46.93 51.89 -9.06
C THR E 47 47.49 52.18 -10.46
N PRO E 48 47.62 51.14 -11.31
CA PRO E 48 48.15 51.36 -12.66
C PRO E 48 47.40 52.48 -13.38
N TYR E 49 46.13 52.63 -13.04
CA TYR E 49 45.28 53.67 -13.63
C TYR E 49 45.51 54.96 -12.84
N GLN E 50 45.73 54.82 -11.53
CA GLN E 50 45.97 55.95 -10.65
C GLN E 50 47.19 56.73 -11.15
N GLU E 51 48.16 55.99 -11.69
CA GLU E 51 49.39 56.58 -12.22
C GLU E 51 49.07 57.31 -13.51
N ASP E 52 48.11 56.78 -14.26
CA ASP E 52 47.66 57.36 -15.52
C ASP E 52 47.12 58.76 -15.24
N ILE E 53 46.40 58.87 -14.13
CA ILE E 53 45.81 60.14 -13.71
C ILE E 53 46.87 61.08 -13.17
N ALA E 54 47.84 60.54 -12.44
CA ALA E 54 48.92 61.35 -11.88
C ALA E 54 49.82 61.87 -13.01
N ARG E 55 50.18 60.99 -13.93
CA ARG E 55 51.02 61.37 -15.06
C ARG E 55 50.20 62.18 -16.06
N TYR E 56 49.06 62.69 -15.59
CA TYR E 56 48.17 63.48 -16.43
C TYR E 56 47.96 64.89 -15.90
N TRP E 57 47.38 64.99 -14.71
CA TRP E 57 47.13 66.29 -14.09
C TRP E 57 48.41 67.03 -13.73
N ASN E 58 49.52 66.29 -13.63
CA ASN E 58 50.80 66.90 -13.32
C ASN E 58 51.35 67.52 -14.60
N ASN E 59 50.52 67.51 -15.64
CA ASN E 59 50.88 68.06 -16.95
C ASN E 59 49.73 68.90 -17.50
N ARG E 62 46.50 73.74 -19.21
CA ARG E 62 45.97 74.28 -20.46
C ARG E 62 45.64 75.76 -20.30
N PRO E 63 45.46 76.47 -21.44
CA PRO E 63 45.12 77.89 -21.40
C PRO E 63 43.69 78.10 -20.92
N VAL E 64 42.78 77.28 -21.44
CA VAL E 64 41.36 77.35 -21.11
C VAL E 64 41.10 77.13 -19.62
N ASN E 65 42.16 76.99 -18.84
CA ASN E 65 42.00 76.78 -17.39
C ASN E 65 42.76 77.80 -16.57
N LEU E 66 44.00 78.06 -16.94
CA LEU E 66 44.84 79.01 -16.21
C LEU E 66 44.48 80.47 -16.43
N ARG E 67 44.22 80.83 -17.69
CA ARG E 67 43.88 82.22 -17.98
C ARG E 67 42.63 82.68 -17.26
N LEU E 68 41.74 81.74 -16.92
CA LEU E 68 40.52 82.08 -16.20
C LEU E 68 40.85 82.26 -14.72
N GLY E 69 41.67 81.37 -14.19
CA GLY E 69 42.06 81.46 -12.80
C GLY E 69 42.94 82.67 -12.57
N ASP E 70 43.50 83.19 -13.67
CA ASP E 70 44.38 84.35 -13.61
C ASP E 70 43.63 85.64 -13.31
N VAL E 71 42.33 85.66 -13.57
CA VAL E 71 41.54 86.87 -13.33
C VAL E 71 41.17 87.07 -11.85
N ASP E 72 40.74 85.99 -11.21
CA ASP E 72 40.33 86.02 -9.81
C ASP E 72 41.46 85.62 -8.88
N GLY E 73 42.25 84.64 -9.33
CA GLY E 73 43.34 84.11 -8.53
C GLY E 73 42.83 82.74 -8.13
N LEU E 74 41.54 82.53 -8.38
CA LEU E 74 40.86 81.27 -8.10
C LEU E 74 40.99 80.40 -9.33
N TYR E 75 41.72 79.30 -9.21
CA TYR E 75 41.91 78.39 -10.33
C TYR E 75 40.98 77.20 -10.23
N HIS E 76 40.04 77.12 -11.18
CA HIS E 76 39.06 76.04 -11.20
C HIS E 76 39.33 75.03 -12.30
N HIS E 77 38.90 73.79 -12.05
CA HIS E 77 39.06 72.71 -13.01
C HIS E 77 37.76 71.91 -13.13
N HIS E 78 36.66 72.67 -13.25
CA HIS E 78 35.33 72.10 -13.42
C HIS E 78 34.59 72.96 -14.43
N TYR E 79 33.29 72.79 -14.57
CA TYR E 79 32.54 73.57 -15.55
C TYR E 79 31.53 74.55 -14.98
N GLY E 80 31.16 75.54 -15.79
CA GLY E 80 30.23 76.56 -15.34
C GLY E 80 28.75 76.31 -15.50
N ILE E 81 27.95 77.04 -14.73
CA ILE E 81 26.51 76.95 -14.76
C ILE E 81 25.90 78.34 -14.60
N GLY E 82 24.73 78.56 -15.19
CA GLY E 82 24.09 79.86 -15.07
C GLY E 82 23.86 80.58 -16.39
N ALA E 83 22.95 81.54 -16.37
CA ALA E 83 22.61 82.33 -17.54
C ALA E 83 23.77 83.24 -17.95
N VAL E 84 24.22 83.09 -19.19
CA VAL E 84 25.31 83.91 -19.71
C VAL E 84 24.91 85.38 -19.69
N ASP E 85 25.83 86.23 -19.26
CA ASP E 85 25.58 87.67 -19.19
C ASP E 85 26.07 88.37 -20.46
N HIS E 86 25.18 88.48 -21.44
CA HIS E 86 25.50 89.12 -22.71
C HIS E 86 25.55 90.63 -22.55
N ALA E 87 25.38 91.09 -21.32
CA ALA E 87 25.42 92.52 -21.03
C ALA E 87 26.88 92.97 -20.98
N ALA E 88 27.64 92.38 -20.07
CA ALA E 88 29.06 92.70 -19.93
C ALA E 88 29.89 91.99 -20.99
N LEU E 89 29.29 91.03 -21.68
CA LEU E 89 29.99 90.28 -22.71
C LEU E 89 30.41 91.18 -23.89
N GLY E 90 29.53 92.11 -24.25
CA GLY E 90 29.84 93.00 -25.36
C GLY E 90 29.77 92.23 -26.67
N ASP E 91 29.98 92.93 -27.79
CA ASP E 91 29.94 92.27 -29.08
C ASP E 91 31.32 91.80 -29.51
N PRO E 92 31.39 90.85 -30.47
CA PRO E 92 32.63 90.28 -31.01
C PRO E 92 33.60 91.25 -31.67
N GLY E 93 33.17 92.50 -31.91
CA GLY E 93 34.04 93.46 -32.54
C GLY E 93 34.56 94.57 -31.64
N ASP E 94 35.12 94.20 -30.50
CA ASP E 94 35.66 95.18 -29.57
C ASP E 94 37.11 94.85 -29.22
N GLY E 95 37.91 95.89 -29.04
CA GLY E 95 39.31 95.72 -28.73
C GLY E 95 39.70 94.76 -27.62
N GLY E 96 38.73 94.26 -26.86
CA GLY E 96 39.04 93.35 -25.79
C GLY E 96 37.94 92.34 -25.53
N TYR E 97 37.44 91.73 -26.60
CA TYR E 97 36.35 90.75 -26.51
C TYR E 97 36.79 89.46 -25.83
N GLU E 98 37.81 88.82 -26.37
CA GLU E 98 38.32 87.56 -25.82
C GLU E 98 38.64 87.71 -24.34
N ALA E 99 39.10 88.90 -23.95
CA ALA E 99 39.43 89.17 -22.56
C ALA E 99 38.17 89.17 -21.71
N ARG E 100 37.07 89.61 -22.32
CA ARG E 100 35.79 89.65 -21.62
C ARG E 100 35.12 88.28 -21.61
N LEU E 101 35.42 87.48 -22.63
CA LEU E 101 34.86 86.14 -22.74
C LEU E 101 35.45 85.25 -21.65
N ILE E 102 36.75 85.40 -21.41
CA ILE E 102 37.44 84.62 -20.39
C ILE E 102 36.86 84.95 -19.02
N ALA E 103 36.54 86.22 -18.81
CA ALA E 103 35.97 86.67 -17.53
C ALA E 103 34.60 86.05 -17.35
N GLU E 104 33.81 86.03 -18.41
CA GLU E 104 32.46 85.47 -18.38
C GLU E 104 32.50 83.97 -18.08
N LEU E 105 33.38 83.25 -18.76
CA LEU E 105 33.51 81.82 -18.56
C LEU E 105 33.94 81.52 -17.14
N HIS E 106 34.91 82.28 -16.64
CA HIS E 106 35.40 82.10 -15.28
C HIS E 106 34.30 82.39 -14.27
N ARG E 107 33.47 83.38 -14.56
CA ARG E 107 32.37 83.75 -13.66
C ARG E 107 31.45 82.55 -13.50
N LEU E 108 31.08 81.94 -14.62
CA LEU E 108 30.19 80.78 -14.61
C LEU E 108 30.81 79.61 -13.84
N GLU E 109 32.12 79.42 -14.00
CA GLU E 109 32.80 78.33 -13.32
C GLU E 109 32.84 78.56 -11.81
N SER E 110 33.03 79.81 -11.40
CA SER E 110 33.06 80.15 -9.98
C SER E 110 31.63 80.11 -9.46
N ALA E 111 30.68 80.31 -10.37
CA ALA E 111 29.27 80.30 -10.04
C ALA E 111 28.80 78.94 -9.54
N GLN E 112 29.20 77.88 -10.25
CA GLN E 112 28.79 76.54 -9.85
C GLN E 112 29.52 76.13 -8.57
N ALA E 113 30.78 76.54 -8.45
CA ALA E 113 31.56 76.23 -7.27
C ALA E 113 30.84 76.82 -6.07
N GLU E 114 30.33 78.04 -6.22
CA GLU E 114 29.61 78.71 -5.15
C GLU E 114 28.33 77.95 -4.90
N PHE E 115 27.66 77.57 -5.99
CA PHE E 115 26.40 76.83 -5.92
C PHE E 115 26.57 75.53 -5.13
N LEU E 116 27.73 74.91 -5.26
CA LEU E 116 28.01 73.66 -4.57
C LEU E 116 28.06 73.92 -3.06
N LEU E 117 28.82 74.94 -2.66
CA LEU E 117 28.96 75.28 -1.25
C LEU E 117 27.61 75.58 -0.59
N ASP E 118 26.64 76.02 -1.39
CA ASP E 118 25.32 76.34 -0.87
C ASP E 118 24.64 75.11 -0.30
N HIS E 119 25.09 73.94 -0.73
CA HIS E 119 24.49 72.68 -0.28
C HIS E 119 25.28 71.96 0.80
N LEU E 120 26.30 72.62 1.35
CA LEU E 120 27.10 72.00 2.40
C LEU E 120 26.44 72.19 3.75
N GLY E 121 25.32 72.92 3.76
CA GLY E 121 24.61 73.16 5.00
C GLY E 121 25.40 74.03 5.96
N PRO E 122 24.88 74.30 7.16
CA PRO E 122 25.55 75.13 8.16
C PRO E 122 26.92 74.57 8.50
N VAL E 123 27.92 75.43 8.57
CA VAL E 123 29.28 75.01 8.89
C VAL E 123 30.05 76.15 9.56
N GLY E 124 30.49 75.90 10.78
CA GLY E 124 31.24 76.90 11.53
C GLY E 124 32.75 76.82 11.38
N PRO E 125 33.47 77.81 11.91
CA PRO E 125 34.94 77.88 11.86
C PRO E 125 35.64 76.69 12.52
N GLY E 126 34.91 75.98 13.38
CA GLY E 126 35.48 74.83 14.06
C GLY E 126 35.39 73.55 13.26
N ASP E 127 34.55 73.55 12.24
CA ASP E 127 34.36 72.37 11.41
C ASP E 127 35.48 72.18 10.39
N THR E 128 35.60 70.96 9.88
CA THR E 128 36.61 70.63 8.88
C THR E 128 35.95 70.14 7.60
N LEU E 129 36.45 70.61 6.47
CA LEU E 129 35.89 70.22 5.17
C LEU E 129 36.92 69.47 4.35
N VAL E 130 36.46 68.53 3.54
CA VAL E 130 37.36 67.75 2.68
C VAL E 130 36.99 67.91 1.22
N ASP E 131 38.00 68.06 0.37
CA ASP E 131 37.79 68.22 -1.06
C ASP E 131 38.46 67.08 -1.80
N ALA E 132 37.68 66.05 -2.14
CA ALA E 132 38.20 64.89 -2.86
C ALA E 132 38.54 65.32 -4.29
N GLY E 133 39.83 65.28 -4.64
CA GLY E 133 40.25 65.70 -5.95
C GLY E 133 40.07 67.21 -6.03
N CYS E 134 40.83 67.93 -5.21
CA CYS E 134 40.74 69.39 -5.12
C CYS E 134 41.32 70.19 -6.28
N GLY E 135 42.09 69.54 -7.14
CA GLY E 135 42.70 70.26 -8.26
C GLY E 135 43.70 71.29 -7.78
N ARG E 136 43.53 72.54 -8.18
CA ARG E 136 44.45 73.60 -7.77
C ARG E 136 44.01 74.36 -6.52
N GLY E 137 42.88 73.94 -5.94
CA GLY E 137 42.39 74.57 -4.73
C GLY E 137 41.39 75.70 -4.90
N GLY E 138 40.88 75.88 -6.11
CA GLY E 138 39.92 76.96 -6.34
C GLY E 138 38.75 76.92 -5.38
N SER E 139 38.05 75.78 -5.33
CA SER E 139 36.90 75.63 -4.46
C SER E 139 37.28 75.71 -2.99
N MET E 140 38.47 75.21 -2.65
CA MET E 140 38.94 75.22 -1.28
C MET E 140 39.02 76.64 -0.73
N VAL E 141 39.65 77.53 -1.49
CA VAL E 141 39.80 78.92 -1.07
C VAL E 141 38.43 79.56 -0.84
N MET E 142 37.53 79.42 -1.81
CA MET E 142 36.19 79.99 -1.70
C MET E 142 35.49 79.47 -0.44
N ALA E 143 35.59 78.18 -0.22
CA ALA E 143 34.98 77.55 0.94
C ALA E 143 35.46 78.20 2.22
N HIS E 144 36.77 78.32 2.37
CA HIS E 144 37.34 78.93 3.56
C HIS E 144 36.92 80.38 3.72
N GLN E 145 37.08 81.17 2.68
CA GLN E 145 36.71 82.58 2.74
C GLN E 145 35.27 82.74 3.17
N ARG E 146 34.44 81.76 2.81
CA ARG E 146 33.03 81.81 3.13
C ARG E 146 32.66 81.27 4.52
N PHE E 147 33.43 80.32 5.03
CA PHE E 147 33.13 79.73 6.33
C PHE E 147 34.23 79.92 7.38
N GLY E 148 35.43 80.26 6.92
CA GLY E 148 36.55 80.48 7.82
C GLY E 148 36.86 79.27 8.68
N CYS E 149 36.79 78.09 8.07
CA CYS E 149 37.06 76.84 8.77
C CYS E 149 38.23 76.10 8.11
N LYS E 150 38.56 74.93 8.64
CA LYS E 150 39.63 74.13 8.07
C LYS E 150 39.16 73.49 6.77
N VAL E 151 39.99 73.52 5.76
CA VAL E 151 39.65 72.93 4.48
C VAL E 151 40.79 72.04 4.00
N GLU E 152 40.60 70.74 4.15
CA GLU E 152 41.61 69.77 3.74
C GLU E 152 41.34 69.28 2.32
N GLY E 153 42.32 69.49 1.45
CA GLY E 153 42.17 69.07 0.07
C GLY E 153 43.04 67.85 -0.17
N VAL E 154 42.71 67.09 -1.20
CA VAL E 154 43.47 65.90 -1.53
C VAL E 154 43.47 65.68 -3.04
N THR E 155 44.66 65.47 -3.60
CA THR E 155 44.79 65.26 -5.04
C THR E 155 45.93 64.30 -5.38
N LEU E 156 45.89 63.77 -6.59
CA LEU E 156 46.90 62.82 -7.05
C LEU E 156 48.08 63.55 -7.69
N SER E 157 47.87 64.81 -8.07
CA SER E 157 48.91 65.60 -8.72
C SER E 157 49.73 66.43 -7.73
N ALA E 158 51.00 66.08 -7.60
CA ALA E 158 51.89 66.80 -6.70
C ALA E 158 51.98 68.25 -7.15
N ALA E 159 51.86 68.47 -8.46
CA ALA E 159 51.93 69.81 -9.01
C ALA E 159 50.75 70.63 -8.50
N GLN E 160 49.54 70.10 -8.65
CA GLN E 160 48.33 70.77 -8.22
C GLN E 160 48.34 71.03 -6.72
N ALA E 161 48.93 70.11 -5.97
CA ALA E 161 48.99 70.23 -4.52
C ALA E 161 49.82 71.45 -4.16
N GLU E 162 51.05 71.49 -4.67
CA GLU E 162 51.96 72.60 -4.40
C GLU E 162 51.36 73.92 -4.88
N PHE E 163 50.78 73.92 -6.07
CA PHE E 163 50.17 75.12 -6.62
C PHE E 163 49.14 75.64 -5.64
N GLY E 164 48.31 74.73 -5.13
CA GLY E 164 47.27 75.11 -4.20
C GLY E 164 47.81 75.73 -2.92
N ASN E 165 48.80 75.08 -2.31
CA ASN E 165 49.39 75.59 -1.10
C ASN E 165 50.11 76.91 -1.36
N ARG E 166 50.79 76.99 -2.50
CA ARG E 166 51.50 78.20 -2.90
C ARG E 166 50.51 79.35 -2.82
N ARG E 167 49.45 79.24 -3.60
CA ARG E 167 48.40 80.24 -3.65
C ARG E 167 47.76 80.42 -2.29
N ALA E 168 47.78 79.37 -1.48
CA ALA E 168 47.19 79.41 -0.15
C ALA E 168 47.99 80.32 0.78
N ARG E 169 49.31 80.30 0.62
CA ARG E 169 50.18 81.13 1.45
C ARG E 169 50.01 82.59 1.09
N GLU E 170 49.84 82.87 -0.21
CA GLU E 170 49.67 84.23 -0.67
C GLU E 170 48.47 84.90 0.00
N LEU E 171 47.37 84.16 0.13
CA LEU E 171 46.16 84.67 0.76
C LEU E 171 46.32 84.68 2.28
N GLY E 172 47.40 84.08 2.76
CA GLY E 172 47.64 84.03 4.19
C GLY E 172 46.63 83.18 4.93
N ILE E 173 46.33 82.01 4.37
CA ILE E 173 45.38 81.09 4.98
C ILE E 173 45.93 79.66 4.97
N ASP E 174 47.20 79.54 4.63
CA ASP E 174 47.86 78.23 4.56
C ASP E 174 47.71 77.39 5.82
N ASP E 175 47.34 78.02 6.93
CA ASP E 175 47.18 77.29 8.18
C ASP E 175 45.75 76.78 8.37
N HIS E 176 44.91 77.03 7.37
CA HIS E 176 43.52 76.58 7.40
C HIS E 176 43.20 75.79 6.14
N VAL E 177 43.73 76.26 5.01
CA VAL E 177 43.51 75.60 3.73
C VAL E 177 44.79 74.90 3.29
N ARG E 178 44.73 73.59 3.10
CA ARG E 178 45.90 72.83 2.71
C ARG E 178 45.59 71.67 1.77
N SER E 179 46.35 71.58 0.68
CA SER E 179 46.18 70.51 -0.29
C SER E 179 47.33 69.54 -0.09
N ARG E 180 47.10 68.25 -0.35
CA ARG E 180 48.15 67.25 -0.19
C ARG E 180 47.97 66.11 -1.18
N VAL E 181 49.09 65.52 -1.60
CA VAL E 181 49.04 64.40 -2.54
C VAL E 181 48.60 63.15 -1.82
N CYS E 182 47.42 62.65 -2.17
CA CYS E 182 46.88 61.44 -1.55
C CYS E 182 45.69 60.93 -2.34
N ASN E 183 45.44 59.63 -2.27
CA ASN E 183 44.32 59.03 -2.98
C ASN E 183 43.04 59.21 -2.17
N MET E 184 42.05 59.86 -2.77
CA MET E 184 40.77 60.11 -2.10
C MET E 184 40.08 58.84 -1.60
N LEU E 185 40.53 57.68 -2.08
CA LEU E 185 39.95 56.41 -1.66
C LEU E 185 40.53 55.93 -0.35
N ASP E 186 41.73 56.41 -0.03
CA ASP E 186 42.41 56.04 1.22
C ASP E 186 43.00 57.29 1.84
N THR E 187 42.14 58.10 2.45
CA THR E 187 42.54 59.35 3.08
C THR E 187 42.93 59.14 4.54
N PRO E 188 43.80 60.03 5.08
CA PRO E 188 44.27 59.95 6.47
C PRO E 188 43.34 60.54 7.53
N PHE E 189 42.28 61.21 7.11
CA PHE E 189 41.35 61.80 8.07
C PHE E 189 40.68 60.75 8.94
N GLU E 190 40.52 61.07 10.22
CA GLU E 190 39.92 60.15 11.17
C GLU E 190 38.40 60.06 11.04
N LYS E 191 37.84 58.94 11.50
CA LYS E 191 36.41 58.68 11.43
C LYS E 191 35.54 59.79 12.02
N GLY E 192 34.48 60.14 11.29
CA GLY E 192 33.54 61.16 11.74
C GLY E 192 34.13 62.43 12.32
N THR E 193 35.18 62.95 11.70
CA THR E 193 35.81 64.18 12.17
C THR E 193 35.57 65.30 11.16
N VAL E 194 35.02 64.94 10.01
CA VAL E 194 34.75 65.91 8.95
C VAL E 194 33.28 66.32 8.97
N ALA E 195 33.05 67.64 8.95
CA ALA E 195 31.70 68.18 8.98
C ALA E 195 31.01 68.07 7.62
N ALA E 196 31.80 68.15 6.54
CA ALA E 196 31.27 68.07 5.19
C ALA E 196 32.37 67.88 4.17
N SER E 197 32.08 67.10 3.13
CA SER E 197 33.05 66.83 2.08
C SER E 197 32.32 66.87 0.75
N TRP E 198 33.06 66.77 -0.36
CA TRP E 198 32.43 66.82 -1.67
C TRP E 198 33.35 66.38 -2.80
N ASN E 199 32.75 66.12 -3.96
CA ASN E 199 33.47 65.73 -5.17
C ASN E 199 32.99 66.63 -6.30
N ASN E 200 33.78 67.63 -6.64
CA ASN E 200 33.41 68.54 -7.73
C ASN E 200 34.04 68.05 -9.03
N GLU E 201 33.33 67.18 -9.75
CA GLU E 201 33.83 66.64 -11.00
C GLU E 201 35.16 65.92 -10.80
N SER E 202 35.13 64.83 -10.04
CA SER E 202 36.33 64.04 -9.78
C SER E 202 35.95 62.62 -9.43
N SER E 203 34.65 62.33 -9.47
CA SER E 203 34.16 61.00 -9.15
C SER E 203 34.20 60.05 -10.34
N MET E 204 34.55 60.57 -11.52
CA MET E 204 34.63 59.75 -12.72
C MET E 204 35.97 59.03 -12.77
N TYR E 205 36.83 59.34 -11.81
CA TYR E 205 38.17 58.75 -11.77
C TYR E 205 38.31 57.63 -10.74
N VAL E 206 37.22 57.29 -10.06
CA VAL E 206 37.25 56.24 -9.04
C VAL E 206 35.98 55.41 -8.95
N ASP E 207 36.04 54.33 -8.17
CA ASP E 207 34.91 53.44 -7.96
C ASP E 207 33.93 54.09 -6.98
N LEU E 208 32.70 54.30 -7.42
CA LEU E 208 31.69 54.94 -6.57
C LEU E 208 31.53 54.35 -5.17
N HIS E 209 31.35 53.04 -5.07
CA HIS E 209 31.18 52.42 -3.76
C HIS E 209 32.36 52.70 -2.85
N ASP E 210 33.57 52.51 -3.36
CA ASP E 210 34.76 52.75 -2.55
C ASP E 210 34.91 54.21 -2.12
N VAL E 211 34.69 55.13 -3.04
CA VAL E 211 34.81 56.56 -2.72
C VAL E 211 33.78 57.03 -1.71
N PHE E 212 32.52 56.63 -1.88
CA PHE E 212 31.47 57.04 -0.96
C PHE E 212 31.67 56.36 0.39
N ALA E 213 32.24 55.16 0.36
CA ALA E 213 32.50 54.41 1.57
C ALA E 213 33.50 55.20 2.41
N GLU E 214 34.48 55.80 1.74
CA GLU E 214 35.49 56.58 2.42
C GLU E 214 34.88 57.83 3.03
N HIS E 215 34.17 58.60 2.19
CA HIS E 215 33.50 59.81 2.67
C HIS E 215 32.66 59.48 3.89
N SER E 216 31.87 58.43 3.77
CA SER E 216 31.01 57.98 4.85
C SER E 216 31.82 57.67 6.11
N ARG E 217 33.07 57.27 5.93
CA ARG E 217 33.92 56.94 7.06
C ARG E 217 34.35 58.17 7.85
N PHE E 218 35.15 59.03 7.23
CA PHE E 218 35.64 60.23 7.90
C PHE E 218 34.58 61.30 8.11
N LEU E 219 33.42 61.12 7.50
CA LEU E 219 32.34 62.08 7.64
C LEU E 219 31.57 61.85 8.95
N ARG E 220 31.35 62.93 9.69
CA ARG E 220 30.63 62.87 10.95
C ARG E 220 29.16 62.49 10.74
N VAL E 221 28.59 61.78 11.70
CA VAL E 221 27.18 61.38 11.59
C VAL E 221 26.33 62.65 11.53
N GLY E 222 25.48 62.72 10.53
CA GLY E 222 24.64 63.89 10.37
C GLY E 222 25.35 64.88 9.46
N GLY E 223 26.58 64.55 9.09
CA GLY E 223 27.35 65.40 8.22
C GLY E 223 26.72 65.53 6.84
N ARG E 224 27.27 66.41 6.02
CA ARG E 224 26.72 66.61 4.68
C ARG E 224 27.73 66.37 3.57
N TYR E 225 27.30 65.60 2.57
CA TYR E 225 28.14 65.29 1.42
C TYR E 225 27.48 65.87 0.16
N VAL E 226 28.28 66.47 -0.70
CA VAL E 226 27.75 67.05 -1.93
C VAL E 226 28.64 66.66 -3.11
N THR E 227 28.05 66.65 -4.30
CA THR E 227 28.82 66.29 -5.49
C THR E 227 28.16 66.80 -6.76
N VAL E 228 28.98 67.41 -7.61
CA VAL E 228 28.51 67.93 -8.89
C VAL E 228 29.25 67.06 -9.89
N THR E 229 28.52 66.43 -10.80
CA THR E 229 29.17 65.57 -11.78
C THR E 229 28.35 65.33 -13.03
N GLY E 230 28.98 64.66 -13.99
CA GLY E 230 28.32 64.33 -15.24
C GLY E 230 28.18 62.82 -15.25
N CYS E 231 26.96 62.33 -15.44
CA CYS E 231 26.71 60.89 -15.45
C CYS E 231 25.77 60.54 -16.60
N TRP E 232 26.04 59.43 -17.28
CA TRP E 232 25.15 59.05 -18.38
C TRP E 232 23.80 58.63 -17.80
N ASN E 233 22.73 59.14 -18.41
CA ASN E 233 21.38 58.85 -17.95
C ASN E 233 20.97 57.41 -18.25
N PRO E 234 20.65 56.64 -17.20
CA PRO E 234 20.23 55.24 -17.36
C PRO E 234 18.95 55.13 -18.17
N ARG E 235 18.22 56.24 -18.23
CA ARG E 235 16.96 56.31 -18.98
C ARG E 235 17.27 56.13 -20.47
N TYR E 236 18.48 56.48 -20.86
CA TYR E 236 18.91 56.37 -22.25
C TYR E 236 19.26 54.93 -22.59
N GLY E 237 19.71 54.17 -21.60
CA GLY E 237 20.06 52.78 -21.83
C GLY E 237 21.49 52.44 -21.47
N GLN E 238 22.43 52.90 -22.29
CA GLN E 238 23.85 52.67 -22.06
C GLN E 238 24.62 53.91 -22.47
N PRO E 239 25.92 53.98 -22.14
CA PRO E 239 26.72 55.15 -22.50
C PRO E 239 26.79 55.35 -24.03
N SER E 240 26.35 56.51 -24.48
CA SER E 240 26.36 56.83 -25.91
C SER E 240 27.79 57.12 -26.34
N LYS E 241 28.04 57.09 -27.64
CA LYS E 241 29.38 57.35 -28.14
C LYS E 241 29.93 58.66 -27.56
N TRP E 242 29.07 59.67 -27.47
CA TRP E 242 29.47 60.97 -26.93
C TRP E 242 30.12 60.79 -25.57
N VAL E 243 29.47 60.06 -24.68
CA VAL E 243 30.00 59.81 -23.34
C VAL E 243 31.33 59.09 -23.44
N SER E 244 31.38 58.05 -24.27
CA SER E 244 32.61 57.28 -24.43
C SER E 244 33.73 58.18 -24.93
N GLN E 245 33.39 59.13 -25.80
CA GLN E 245 34.38 60.05 -26.33
C GLN E 245 34.95 60.92 -25.21
N ILE E 246 34.09 61.31 -24.29
CA ILE E 246 34.51 62.13 -23.16
C ILE E 246 35.42 61.31 -22.25
N ASN E 247 35.13 60.02 -22.12
CA ASN E 247 35.95 59.15 -21.28
C ASN E 247 37.33 58.99 -21.90
N ALA E 248 37.36 58.75 -23.20
CA ALA E 248 38.63 58.58 -23.91
C ALA E 248 39.43 59.86 -23.92
N HIS E 249 38.74 60.99 -23.93
CA HIS E 249 39.38 62.30 -23.96
C HIS E 249 40.07 62.63 -22.64
N PHE E 250 39.35 62.48 -21.53
CA PHE E 250 39.89 62.77 -20.21
C PHE E 250 40.49 61.53 -19.55
N GLU E 251 40.40 60.40 -20.23
CA GLU E 251 40.93 59.15 -19.73
C GLU E 251 40.28 58.82 -18.38
N CYS E 252 38.97 58.99 -18.31
CA CYS E 252 38.22 58.72 -17.08
C CYS E 252 37.18 57.62 -17.29
N ASN E 253 36.21 57.56 -16.38
CA ASN E 253 35.16 56.55 -16.44
C ASN E 253 33.84 57.06 -15.84
N ILE E 254 33.02 57.67 -16.69
CA ILE E 254 31.73 58.21 -16.28
C ILE E 254 30.76 57.13 -15.82
N HIS E 255 30.01 57.42 -14.75
CA HIS E 255 29.05 56.49 -14.18
C HIS E 255 27.62 56.90 -14.54
N SER E 256 26.68 55.99 -14.32
CA SER E 256 25.27 56.29 -14.60
C SER E 256 24.66 56.91 -13.35
N ARG E 257 23.57 57.65 -13.51
CA ARG E 257 22.94 58.26 -12.37
C ARG E 257 22.49 57.14 -11.42
N ARG E 258 22.24 55.97 -11.99
CA ARG E 258 21.81 54.81 -11.21
C ARG E 258 22.88 54.38 -10.22
N GLU E 259 24.12 54.32 -10.70
CA GLU E 259 25.24 53.93 -9.86
C GLU E 259 25.45 54.91 -8.71
N TYR E 260 25.32 56.19 -8.99
CA TYR E 260 25.48 57.22 -7.98
C TYR E 260 24.49 57.04 -6.84
N LEU E 261 23.21 56.89 -7.19
CA LEU E 261 22.18 56.71 -6.19
C LEU E 261 22.32 55.41 -5.41
N ARG E 262 22.60 54.30 -6.09
CA ARG E 262 22.76 53.03 -5.40
C ARG E 262 23.99 53.04 -4.50
N ALA E 263 25.10 53.53 -5.04
CA ALA E 263 26.35 53.60 -4.28
C ALA E 263 26.16 54.36 -2.96
N MET E 264 25.42 55.47 -3.02
CA MET E 264 25.18 56.28 -1.83
C MET E 264 24.30 55.52 -0.85
N ALA E 265 23.28 54.86 -1.37
CA ALA E 265 22.37 54.09 -0.53
C ALA E 265 23.10 52.98 0.23
N ASP E 266 24.09 52.39 -0.43
CA ASP E 266 24.86 51.31 0.19
C ASP E 266 25.91 51.81 1.17
N ASN E 267 26.07 53.13 1.27
CA ASN E 267 27.07 53.68 2.16
C ASN E 267 26.53 54.69 3.18
N ARG E 268 25.28 54.49 3.59
CA ARG E 268 24.64 55.36 4.58
C ARG E 268 24.62 56.82 4.17
N LEU E 269 24.39 57.08 2.88
CA LEU E 269 24.32 58.43 2.36
C LEU E 269 22.94 58.69 1.74
N VAL E 270 22.10 59.40 2.49
CA VAL E 270 20.74 59.70 2.05
C VAL E 270 20.61 61.07 1.39
N PRO E 271 20.38 61.09 0.07
CA PRO E 271 20.23 62.32 -0.72
C PRO E 271 19.13 63.24 -0.20
N GLN E 272 19.47 64.51 -0.01
CA GLN E 272 18.53 65.52 0.46
C GLN E 272 18.07 66.31 -0.75
N THR E 273 18.95 66.44 -1.72
CA THR E 273 18.66 67.17 -2.94
C THR E 273 19.29 66.51 -4.16
N VAL E 274 18.52 66.42 -5.23
CA VAL E 274 18.99 65.83 -6.48
C VAL E 274 18.43 66.68 -7.59
N VAL E 275 19.25 67.58 -8.12
CA VAL E 275 18.83 68.47 -9.19
C VAL E 275 19.66 68.32 -10.46
N ASP E 276 18.98 68.33 -11.60
CA ASP E 276 19.64 68.21 -12.89
C ASP E 276 20.03 69.61 -13.38
N LEU E 277 21.32 69.88 -13.45
CA LEU E 277 21.81 71.19 -13.88
C LEU E 277 22.18 71.29 -15.36
N THR E 278 21.79 70.28 -16.14
CA THR E 278 22.10 70.29 -17.57
C THR E 278 21.70 71.60 -18.26
N PRO E 279 20.46 72.07 -18.04
CA PRO E 279 20.03 73.32 -18.67
C PRO E 279 20.83 74.55 -18.22
N GLU E 280 21.43 74.46 -17.04
CA GLU E 280 22.22 75.56 -16.49
C GLU E 280 23.65 75.59 -17.02
N THR E 281 24.16 74.41 -17.37
CA THR E 281 25.53 74.31 -17.87
C THR E 281 25.61 74.41 -19.39
N LEU E 282 24.49 74.21 -20.07
CA LEU E 282 24.47 74.29 -21.53
C LEU E 282 25.02 75.62 -22.03
N PRO E 283 24.53 76.74 -21.47
CA PRO E 283 25.01 78.07 -21.89
C PRO E 283 26.53 78.17 -21.85
N TYR E 284 27.11 77.71 -20.74
CA TYR E 284 28.57 77.74 -20.56
C TYR E 284 29.30 77.09 -21.73
N TRP E 285 28.88 75.88 -22.10
CA TRP E 285 29.52 75.17 -23.20
C TRP E 285 29.36 75.82 -24.56
N GLU E 286 28.13 76.20 -24.90
CA GLU E 286 27.88 76.82 -26.19
C GLU E 286 28.73 78.07 -26.38
N LEU E 287 28.97 78.79 -25.29
CA LEU E 287 29.77 80.01 -25.35
C LEU E 287 31.24 79.63 -25.53
N ARG E 288 31.68 78.65 -24.74
CA ARG E 288 33.05 78.17 -24.80
C ARG E 288 33.35 77.55 -26.17
N ALA E 289 32.30 77.07 -26.82
CA ALA E 289 32.43 76.44 -28.14
C ALA E 289 32.84 77.45 -29.21
N THR E 290 32.55 78.73 -28.98
CA THR E 290 32.88 79.78 -29.94
C THR E 290 34.22 80.44 -29.64
N SER E 291 34.72 80.25 -28.42
CA SER E 291 35.99 80.85 -28.04
C SER E 291 37.14 80.14 -28.75
N SER E 292 38.37 80.56 -28.43
CA SER E 292 39.56 79.97 -29.03
C SER E 292 40.29 79.09 -28.01
N LEU E 293 39.73 79.00 -26.81
CA LEU E 293 40.32 78.18 -25.76
C LEU E 293 39.86 76.73 -25.95
N VAL E 294 38.96 76.55 -26.92
CA VAL E 294 38.41 75.24 -27.25
C VAL E 294 39.44 74.12 -27.19
N THR E 295 39.09 73.04 -26.48
CA THR E 295 39.98 71.90 -26.35
C THR E 295 39.62 70.77 -27.31
N GLY E 296 38.45 70.87 -27.93
CA GLY E 296 38.02 69.86 -28.89
C GLY E 296 37.06 68.82 -28.34
N ILE E 297 36.58 69.02 -27.13
CA ILE E 297 35.65 68.08 -26.52
C ILE E 297 34.28 68.74 -26.32
N GLU E 298 34.19 70.01 -26.72
CA GLU E 298 32.95 70.77 -26.60
C GLU E 298 31.75 70.07 -27.23
N GLU E 299 31.92 69.56 -28.45
CA GLU E 299 30.83 68.89 -29.15
C GLU E 299 30.26 67.71 -28.37
N ALA E 300 31.14 66.83 -27.91
CA ALA E 300 30.73 65.66 -27.16
C ALA E 300 29.76 66.06 -26.04
N PHE E 301 30.14 67.08 -25.28
CA PHE E 301 29.30 67.57 -24.18
C PHE E 301 27.96 68.12 -24.67
N ILE E 302 28.03 69.16 -25.50
CA ILE E 302 26.83 69.79 -26.04
C ILE E 302 25.85 68.78 -26.62
N GLU E 303 26.34 67.93 -27.53
CA GLU E 303 25.49 66.92 -28.15
C GLU E 303 24.86 65.96 -27.17
N SER E 304 25.68 65.36 -26.31
CA SER E 304 25.18 64.41 -25.32
C SER E 304 24.15 65.05 -24.38
N TYR E 305 24.36 66.32 -24.05
CA TYR E 305 23.42 67.04 -23.17
C TYR E 305 22.11 67.24 -23.93
N ARG E 306 22.23 67.44 -25.23
CA ARG E 306 21.09 67.66 -26.10
C ARG E 306 20.17 66.43 -26.18
N ASP E 307 20.72 65.31 -26.63
CA ASP E 307 19.93 64.08 -26.76
C ASP E 307 19.61 63.40 -25.44
N GLY E 308 20.09 63.98 -24.35
CA GLY E 308 19.83 63.45 -23.03
C GLY E 308 20.52 62.15 -22.65
N SER E 309 21.60 61.80 -23.35
CA SER E 309 22.33 60.58 -23.04
C SER E 309 23.31 60.86 -21.91
N PHE E 310 23.60 62.14 -21.71
CA PHE E 310 24.52 62.58 -20.67
C PHE E 310 23.89 63.73 -19.91
N GLN E 311 24.12 63.79 -18.61
CA GLN E 311 23.54 64.85 -17.79
C GLN E 311 24.48 65.36 -16.71
N TYR E 312 24.32 66.64 -16.39
CA TYR E 312 25.13 67.30 -15.37
C TYR E 312 24.24 67.43 -14.13
N VAL E 313 24.54 66.67 -13.08
CA VAL E 313 23.72 66.72 -11.87
C VAL E 313 24.45 67.08 -10.59
N LEU E 314 23.67 67.49 -9.59
CA LEU E 314 24.18 67.87 -8.28
C LEU E 314 23.43 67.06 -7.23
N ILE E 315 24.17 66.43 -6.32
CA ILE E 315 23.55 65.63 -5.27
C ILE E 315 24.11 65.98 -3.90
N ALA E 316 23.21 66.25 -2.96
CA ALA E 316 23.61 66.60 -1.59
C ALA E 316 22.93 65.64 -0.64
N ALA E 317 23.70 64.74 -0.03
CA ALA E 317 23.16 63.75 0.88
C ALA E 317 23.65 63.90 2.32
N ASP E 318 22.89 63.34 3.25
CA ASP E 318 23.25 63.39 4.66
C ASP E 318 23.91 62.09 5.10
N ARG E 319 24.82 62.19 6.07
CA ARG E 319 25.50 61.01 6.60
C ARG E 319 24.64 60.44 7.72
N VAL E 320 23.80 59.48 7.37
CA VAL E 320 22.90 58.84 8.33
C VAL E 320 23.59 57.69 9.09
N THR F 47 16.25 51.70 -24.21
CA THR F 47 15.73 51.54 -25.60
C THR F 47 16.36 52.56 -26.55
N PRO F 48 16.37 53.85 -26.18
CA PRO F 48 16.97 54.85 -27.06
C PRO F 48 18.36 54.41 -27.52
N TYR F 49 19.10 53.81 -26.60
CA TYR F 49 20.44 53.32 -26.90
C TYR F 49 20.33 52.20 -27.94
N GLN F 50 19.37 51.29 -27.72
CA GLN F 50 19.15 50.17 -28.63
C GLN F 50 19.00 50.67 -30.07
N GLU F 51 18.32 51.81 -30.23
CA GLU F 51 18.12 52.38 -31.55
C GLU F 51 19.48 52.70 -32.17
N ASP F 52 20.38 53.25 -31.34
CA ASP F 52 21.72 53.59 -31.77
C ASP F 52 22.44 52.35 -32.30
N ILE F 53 22.51 51.32 -31.46
CA ILE F 53 23.17 50.08 -31.83
C ILE F 53 22.53 49.50 -33.08
N ALA F 54 21.21 49.43 -33.09
CA ALA F 54 20.48 48.92 -34.25
C ALA F 54 21.09 49.64 -35.45
N ARG F 55 20.99 50.97 -35.44
CA ARG F 55 21.53 51.78 -36.54
C ARG F 55 22.94 51.33 -36.89
N TYR F 56 23.83 51.34 -35.91
CA TYR F 56 25.22 50.96 -36.11
C TYR F 56 25.39 49.74 -37.00
N TRP F 57 24.67 48.67 -36.69
CA TRP F 57 24.78 47.43 -37.44
C TRP F 57 24.02 47.40 -38.77
N ASN F 58 22.86 48.05 -38.81
CA ASN F 58 22.09 48.09 -40.06
C ASN F 58 23.02 48.70 -41.10
N ASN F 59 23.78 49.70 -40.66
CA ASN F 59 24.74 50.38 -41.51
C ASN F 59 25.98 49.52 -41.71
N ARG F 62 31.06 46.18 -43.20
CA ARG F 62 32.48 46.42 -43.46
C ARG F 62 33.12 45.27 -44.24
N PRO F 63 34.16 45.57 -45.04
CA PRO F 63 34.88 44.58 -45.86
C PRO F 63 35.65 43.57 -45.02
N VAL F 64 36.36 44.07 -44.01
CA VAL F 64 37.14 43.22 -43.12
C VAL F 64 36.27 42.12 -42.51
N ASN F 65 34.96 42.24 -42.66
CA ASN F 65 34.03 41.26 -42.12
C ASN F 65 33.46 40.37 -43.22
N LEU F 66 32.67 40.96 -44.11
CA LEU F 66 32.06 40.21 -45.20
C LEU F 66 33.06 39.51 -46.11
N ARG F 67 34.21 40.14 -46.36
CA ARG F 67 35.21 39.53 -47.21
C ARG F 67 35.60 38.15 -46.70
N LEU F 68 35.89 38.06 -45.41
CA LEU F 68 36.27 36.79 -44.79
C LEU F 68 35.12 35.79 -44.82
N GLY F 69 33.89 36.30 -44.81
CA GLY F 69 32.74 35.42 -44.83
C GLY F 69 32.54 34.81 -46.20
N ASP F 70 33.10 35.46 -47.22
CA ASP F 70 32.99 35.01 -48.59
C ASP F 70 33.62 33.64 -48.81
N VAL F 71 34.77 33.40 -48.18
CA VAL F 71 35.47 32.13 -48.33
C VAL F 71 34.71 30.91 -47.80
N ASP F 72 34.67 30.72 -46.49
CA ASP F 72 33.97 29.59 -45.90
C ASP F 72 32.48 29.60 -46.19
N GLY F 73 31.84 30.74 -45.92
CA GLY F 73 30.41 30.86 -46.13
C GLY F 73 29.81 31.24 -44.79
N LEU F 74 30.67 31.26 -43.77
CA LEU F 74 30.28 31.61 -42.41
C LEU F 74 30.61 33.09 -42.22
N TYR F 75 29.69 33.83 -41.61
CA TYR F 75 29.89 35.26 -41.38
C TYR F 75 30.02 35.60 -39.91
N HIS F 76 31.25 35.74 -39.45
CA HIS F 76 31.56 36.05 -38.06
C HIS F 76 31.81 37.54 -37.85
N HIS F 77 31.33 38.07 -36.73
CA HIS F 77 31.54 39.47 -36.41
C HIS F 77 32.32 39.60 -35.10
N HIS F 78 33.30 38.73 -34.91
CA HIS F 78 34.15 38.76 -33.73
C HIS F 78 35.61 38.77 -34.15
N TYR F 79 36.48 38.12 -33.38
CA TYR F 79 37.89 38.09 -33.70
C TYR F 79 38.45 36.68 -33.66
N GLY F 80 39.78 36.56 -33.74
CA GLY F 80 40.37 35.24 -33.74
C GLY F 80 41.37 34.93 -32.64
N ILE F 81 41.65 33.65 -32.48
CA ILE F 81 42.59 33.16 -31.48
C ILE F 81 43.51 32.14 -32.12
N GLY F 82 44.46 31.62 -31.33
CA GLY F 82 45.39 30.62 -31.84
C GLY F 82 46.53 31.23 -32.62
N ALA F 83 47.66 30.53 -32.64
CA ALA F 83 48.84 30.99 -33.36
C ALA F 83 48.56 31.12 -34.84
N VAL F 84 49.46 31.78 -35.55
CA VAL F 84 49.30 32.00 -36.99
C VAL F 84 50.03 30.96 -37.83
N ASP F 85 49.42 30.59 -38.94
CA ASP F 85 49.99 29.62 -39.87
C ASP F 85 51.08 30.38 -40.65
N HIS F 86 51.97 31.02 -39.89
CA HIS F 86 53.07 31.81 -40.45
C HIS F 86 53.68 31.26 -41.74
N ALA F 87 54.10 30.00 -41.70
CA ALA F 87 54.70 29.37 -42.88
C ALA F 87 53.77 29.42 -44.09
N ALA F 88 52.78 28.53 -44.09
CA ALA F 88 51.81 28.45 -45.19
C ALA F 88 50.89 29.67 -45.19
N LEU F 89 51.44 30.83 -45.54
CA LEU F 89 50.67 32.07 -45.59
C LEU F 89 51.18 33.00 -46.69
N GLY F 90 52.50 33.15 -46.76
CA GLY F 90 53.10 34.02 -47.76
C GLY F 90 54.18 34.91 -47.18
N ASP F 91 54.50 35.99 -47.90
CA ASP F 91 55.53 36.92 -47.45
C ASP F 91 55.17 38.37 -47.81
N GLY F 95 52.06 37.38 -54.78
CA GLY F 95 51.09 38.10 -55.57
C GLY F 95 49.73 38.16 -54.92
N GLY F 96 49.11 36.99 -54.76
CA GLY F 96 47.80 36.92 -54.14
C GLY F 96 47.91 36.86 -52.62
N TYR F 97 48.97 37.48 -52.10
CA TYR F 97 49.24 37.53 -50.67
C TYR F 97 48.03 37.97 -49.87
N GLU F 98 47.49 39.13 -50.21
CA GLU F 98 46.33 39.68 -49.51
C GLU F 98 45.18 38.66 -49.50
N ALA F 99 45.08 37.89 -50.57
CA ALA F 99 44.03 36.88 -50.68
C ALA F 99 44.27 35.78 -49.66
N ARG F 100 45.54 35.49 -49.39
CA ARG F 100 45.91 34.46 -48.43
C ARG F 100 45.80 35.00 -47.01
N LEU F 101 45.99 36.30 -46.85
CA LEU F 101 45.91 36.93 -45.54
C LEU F 101 44.47 36.92 -45.05
N ILE F 102 43.54 37.18 -45.97
CA ILE F 102 42.12 37.18 -45.63
C ILE F 102 41.71 35.78 -45.17
N ALA F 103 42.24 34.77 -45.84
CA ALA F 103 41.93 33.39 -45.50
C ALA F 103 42.45 33.06 -44.10
N GLU F 104 43.66 33.52 -43.80
CA GLU F 104 44.28 33.27 -42.51
C GLU F 104 43.48 33.95 -41.39
N LEU F 105 43.11 35.20 -41.60
CA LEU F 105 42.34 35.93 -40.60
C LEU F 105 41.00 35.25 -40.37
N HIS F 106 40.33 34.86 -41.45
CA HIS F 106 39.04 34.19 -41.36
C HIS F 106 39.18 32.87 -40.60
N ARG F 107 40.28 32.18 -40.84
CA ARG F 107 40.53 30.90 -40.18
C ARG F 107 40.54 31.10 -38.67
N LEU F 108 41.31 32.09 -38.23
CA LEU F 108 41.43 32.40 -36.82
C LEU F 108 40.07 32.80 -36.21
N GLU F 109 39.28 33.54 -36.96
CA GLU F 109 37.97 33.95 -36.49
C GLU F 109 37.03 32.77 -36.35
N SER F 110 37.10 31.84 -37.30
CA SER F 110 36.25 30.65 -37.24
C SER F 110 36.81 29.73 -36.17
N ALA F 111 38.10 29.89 -35.88
CA ALA F 111 38.77 29.09 -34.87
C ALA F 111 38.21 29.34 -33.48
N GLN F 112 38.03 30.61 -33.13
CA GLN F 112 37.51 30.95 -31.80
C GLN F 112 36.03 30.57 -31.73
N ALA F 113 35.32 30.74 -32.84
CA ALA F 113 33.89 30.40 -32.87
C ALA F 113 33.77 28.92 -32.53
N GLU F 114 34.66 28.11 -33.12
CA GLU F 114 34.65 26.67 -32.88
C GLU F 114 35.03 26.42 -31.42
N PHE F 115 36.04 27.15 -30.95
CA PHE F 115 36.52 27.04 -29.59
C PHE F 115 35.40 27.31 -28.59
N LEU F 116 34.49 28.21 -28.95
CA LEU F 116 33.37 28.54 -28.08
C LEU F 116 32.44 27.35 -27.95
N LEU F 117 32.06 26.78 -29.10
CA LEU F 117 31.15 25.64 -29.12
C LEU F 117 31.69 24.47 -28.31
N ASP F 118 33.01 24.38 -28.17
CA ASP F 118 33.62 23.30 -27.41
C ASP F 118 33.21 23.35 -25.95
N HIS F 119 32.76 24.52 -25.49
CA HIS F 119 32.36 24.69 -24.10
C HIS F 119 30.86 24.66 -23.85
N LEU F 120 30.09 24.31 -24.88
CA LEU F 120 28.64 24.24 -24.73
C LEU F 120 28.24 22.89 -24.13
N GLY F 121 29.22 22.02 -23.93
CA GLY F 121 28.95 20.71 -23.37
C GLY F 121 28.13 19.84 -24.32
N PRO F 122 27.77 18.62 -23.88
CA PRO F 122 26.98 17.71 -24.72
C PRO F 122 25.66 18.34 -25.14
N VAL F 123 25.31 18.17 -26.41
CA VAL F 123 24.07 18.72 -26.94
C VAL F 123 23.55 17.90 -28.12
N GLY F 124 22.36 17.35 -27.96
CA GLY F 124 21.77 16.54 -29.01
C GLY F 124 20.88 17.30 -29.97
N PRO F 125 20.42 16.63 -31.05
CA PRO F 125 19.55 17.22 -32.08
C PRO F 125 18.21 17.72 -31.53
N GLY F 126 17.83 17.24 -30.35
CA GLY F 126 16.56 17.64 -29.77
C GLY F 126 16.67 18.92 -28.96
N ASP F 127 17.89 19.30 -28.61
CA ASP F 127 18.13 20.51 -27.82
C ASP F 127 18.02 21.78 -28.64
N THR F 128 17.82 22.91 -27.96
CA THR F 128 17.70 24.21 -28.60
C THR F 128 18.81 25.14 -28.09
N LEU F 129 19.44 25.86 -29.01
CA LEU F 129 20.51 26.79 -28.66
C LEU F 129 20.13 28.22 -28.99
N VAL F 130 20.59 29.17 -28.17
CA VAL F 130 20.29 30.58 -28.38
C VAL F 130 21.57 31.37 -28.58
N ASP F 131 21.55 32.29 -29.54
CA ASP F 131 22.71 33.12 -29.84
C ASP F 131 22.36 34.60 -29.60
N ALA F 132 22.70 35.11 -28.42
CA ALA F 132 22.42 36.51 -28.09
C ALA F 132 23.32 37.41 -28.92
N GLY F 133 22.72 38.19 -29.81
CA GLY F 133 23.50 39.04 -30.68
C GLY F 133 24.23 38.15 -31.67
N CYS F 134 23.45 37.46 -32.51
CA CYS F 134 23.99 36.52 -33.49
C CYS F 134 24.70 37.10 -34.70
N GLY F 135 24.52 38.40 -34.95
CA GLY F 135 25.18 39.00 -36.10
C GLY F 135 24.61 38.45 -37.39
N ARG F 136 25.47 37.96 -38.27
CA ARG F 136 25.01 37.42 -39.56
C ARG F 136 24.74 35.91 -39.52
N GLY F 137 24.91 35.30 -38.36
CA GLY F 137 24.66 33.88 -38.22
C GLY F 137 25.84 32.95 -38.43
N GLY F 138 27.05 33.50 -38.47
CA GLY F 138 28.23 32.66 -38.67
C GLY F 138 28.32 31.53 -37.66
N SER F 139 28.30 31.88 -36.38
CA SER F 139 28.38 30.90 -35.30
C SER F 139 27.17 29.95 -35.28
N MET F 140 26.00 30.47 -35.63
CA MET F 140 24.79 29.67 -35.65
C MET F 140 24.89 28.50 -36.62
N VAL F 141 25.36 28.77 -37.83
CA VAL F 141 25.51 27.73 -38.85
C VAL F 141 26.47 26.64 -38.36
N MET F 142 27.64 27.07 -37.89
CA MET F 142 28.63 26.12 -37.38
C MET F 142 28.03 25.24 -36.28
N ALA F 143 27.33 25.88 -35.35
CA ALA F 143 26.71 25.18 -34.24
C ALA F 143 25.79 24.08 -34.74
N HIS F 144 24.90 24.42 -35.66
CA HIS F 144 23.96 23.45 -36.21
C HIS F 144 24.67 22.32 -36.95
N GLN F 145 25.57 22.66 -37.87
CA GLN F 145 26.30 21.66 -38.62
C GLN F 145 26.99 20.68 -37.68
N ARG F 146 27.41 21.18 -36.53
CA ARG F 146 28.12 20.36 -35.54
C ARG F 146 27.22 19.56 -34.60
N PHE F 147 26.02 20.04 -34.33
CA PHE F 147 25.11 19.35 -33.43
C PHE F 147 23.79 18.93 -34.06
N GLY F 148 23.45 19.54 -35.19
CA GLY F 148 22.21 19.21 -35.88
C GLY F 148 20.98 19.44 -35.04
N CYS F 149 20.98 20.53 -34.27
CA CYS F 149 19.86 20.87 -33.40
C CYS F 149 19.27 22.22 -33.79
N LYS F 150 18.29 22.67 -33.02
CA LYS F 150 17.67 23.96 -33.26
C LYS F 150 18.60 25.06 -32.77
N VAL F 151 18.76 26.10 -33.59
CA VAL F 151 19.62 27.22 -33.23
C VAL F 151 18.87 28.53 -33.45
N GLU F 152 18.39 29.11 -32.35
CA GLU F 152 17.67 30.37 -32.41
C GLU F 152 18.61 31.53 -32.21
N GLY F 153 18.63 32.43 -33.19
CA GLY F 153 19.48 33.60 -33.12
C GLY F 153 18.64 34.83 -32.88
N VAL F 154 19.25 35.85 -32.28
CA VAL F 154 18.53 37.09 -32.00
C VAL F 154 19.46 38.29 -32.17
N THR F 155 19.01 39.28 -32.93
CA THR F 155 19.81 40.47 -33.18
C THR F 155 18.95 41.71 -33.28
N LEU F 156 19.59 42.87 -33.16
CA LEU F 156 18.89 44.16 -33.24
C LEU F 156 18.84 44.68 -34.67
N SER F 157 19.70 44.11 -35.52
CA SER F 157 19.76 44.52 -36.92
C SER F 157 18.89 43.67 -37.82
N ALA F 158 17.86 44.29 -38.40
CA ALA F 158 16.97 43.58 -39.31
C ALA F 158 17.76 43.09 -40.53
N ALA F 159 18.78 43.85 -40.89
CA ALA F 159 19.64 43.50 -42.02
C ALA F 159 20.36 42.19 -41.73
N GLN F 160 21.03 42.14 -40.59
CA GLN F 160 21.78 40.95 -40.18
C GLN F 160 20.86 39.73 -40.05
N ALA F 161 19.64 39.97 -39.59
CA ALA F 161 18.67 38.92 -39.40
C ALA F 161 18.35 38.26 -40.74
N GLU F 162 17.93 39.08 -41.69
CA GLU F 162 17.59 38.60 -43.03
C GLU F 162 18.79 37.95 -43.71
N PHE F 163 19.96 38.57 -43.56
CA PHE F 163 21.17 38.02 -44.16
C PHE F 163 21.38 36.61 -43.63
N GLY F 164 21.20 36.45 -42.32
CA GLY F 164 21.37 35.15 -41.70
C GLY F 164 20.43 34.10 -42.23
N ASN F 165 19.14 34.43 -42.28
CA ASN F 165 18.14 33.50 -42.78
C ASN F 165 18.35 33.22 -44.25
N ARG F 166 18.74 34.25 -45.00
CA ARG F 166 19.00 34.11 -46.43
C ARG F 166 20.02 32.99 -46.59
N ARG F 167 21.19 33.20 -45.99
CA ARG F 167 22.27 32.23 -46.03
C ARG F 167 21.84 30.90 -45.44
N ALA F 168 20.87 30.95 -44.52
CA ALA F 168 20.37 29.74 -43.88
C ALA F 168 19.59 28.88 -44.86
N ARG F 169 18.83 29.53 -45.75
CA ARG F 169 18.03 28.81 -46.74
C ARG F 169 18.94 28.15 -47.78
N GLU F 170 20.03 28.83 -48.12
CA GLU F 170 20.98 28.31 -49.09
C GLU F 170 21.53 26.97 -48.64
N LEU F 171 21.87 26.87 -47.35
CA LEU F 171 22.41 25.64 -46.79
C LEU F 171 21.30 24.62 -46.56
N GLY F 172 20.05 25.05 -46.73
CA GLY F 172 18.92 24.16 -46.54
C GLY F 172 18.73 23.74 -45.10
N ILE F 173 18.87 24.70 -44.18
CA ILE F 173 18.72 24.41 -42.76
C ILE F 173 17.85 25.46 -42.09
N ASP F 174 17.21 26.30 -42.91
CA ASP F 174 16.34 27.36 -42.42
C ASP F 174 15.27 26.90 -41.44
N ASP F 175 14.99 25.60 -41.41
CA ASP F 175 13.97 25.07 -40.51
C ASP F 175 14.57 24.67 -39.16
N HIS F 176 15.87 24.88 -39.00
CA HIS F 176 16.58 24.56 -37.76
C HIS F 176 17.31 25.79 -37.27
N VAL F 177 17.93 26.53 -38.20
CA VAL F 177 18.66 27.74 -37.87
C VAL F 177 17.87 28.96 -38.31
N ARG F 178 17.53 29.82 -37.35
CA ARG F 178 16.75 31.02 -37.64
C ARG F 178 17.16 32.23 -36.81
N SER F 179 17.35 33.36 -37.48
CA SER F 179 17.73 34.61 -36.82
C SER F 179 16.48 35.49 -36.83
N ARG F 180 16.33 36.33 -35.82
CA ARG F 180 15.17 37.21 -35.76
C ARG F 180 15.51 38.51 -35.03
N VAL F 181 14.85 39.60 -35.44
CA VAL F 181 15.09 40.90 -34.82
C VAL F 181 14.42 40.93 -33.45
N CYS F 182 15.22 41.00 -32.40
CA CYS F 182 14.70 41.04 -31.04
C CYS F 182 15.79 41.43 -30.06
N ASN F 183 15.40 42.03 -28.95
CA ASN F 183 16.34 42.45 -27.92
C ASN F 183 16.69 41.27 -27.03
N MET F 184 17.97 40.91 -26.98
CA MET F 184 18.44 39.79 -26.17
C MET F 184 18.07 39.90 -24.70
N LEU F 185 17.65 41.08 -24.27
CA LEU F 185 17.26 41.30 -22.88
C LEU F 185 15.82 40.88 -22.63
N ASP F 186 15.02 40.84 -23.69
CA ASP F 186 13.62 40.44 -23.59
C ASP F 186 13.29 39.51 -24.75
N THR F 187 13.75 38.26 -24.64
CA THR F 187 13.54 37.26 -25.66
C THR F 187 12.23 36.49 -25.45
N PRO F 188 11.65 35.94 -26.55
CA PRO F 188 10.40 35.19 -26.53
C PRO F 188 10.49 33.72 -26.09
N PHE F 189 11.72 33.20 -25.96
CA PHE F 189 11.90 31.81 -25.55
C PHE F 189 11.33 31.53 -24.15
N GLU F 190 10.69 30.38 -24.01
CA GLU F 190 10.09 30.01 -22.73
C GLU F 190 11.11 29.52 -21.70
N LYS F 191 10.73 29.63 -20.43
CA LYS F 191 11.59 29.26 -19.30
C LYS F 191 12.17 27.85 -19.38
N GLY F 192 13.47 27.75 -19.13
CA GLY F 192 14.16 26.47 -19.14
C GLY F 192 13.89 25.56 -20.32
N THR F 193 13.84 26.12 -21.53
CA THR F 193 13.59 25.32 -22.72
C THR F 193 14.84 25.29 -23.60
N VAL F 194 15.83 26.09 -23.22
CA VAL F 194 17.07 26.17 -23.97
C VAL F 194 18.17 25.34 -23.30
N ALA F 195 18.80 24.48 -24.09
CA ALA F 195 19.86 23.61 -23.60
C ALA F 195 21.16 24.37 -23.36
N ALA F 196 21.43 25.37 -24.20
CA ALA F 196 22.64 26.17 -24.08
C ALA F 196 22.54 27.46 -24.89
N SER F 197 23.12 28.53 -24.36
CA SER F 197 23.11 29.83 -25.03
C SER F 197 24.48 30.46 -24.87
N TRP F 198 24.71 31.60 -25.51
CA TRP F 198 26.01 32.25 -25.41
C TRP F 198 26.02 33.67 -25.95
N ASN F 199 27.09 34.40 -25.62
CA ASN F 199 27.28 35.76 -26.08
C ASN F 199 28.70 35.87 -26.66
N ASN F 200 28.80 35.83 -27.99
CA ASN F 200 30.10 35.93 -28.62
C ASN F 200 30.38 37.39 -28.99
N GLU F 201 30.99 38.12 -28.05
CA GLU F 201 31.31 39.53 -28.26
C GLU F 201 30.05 40.33 -28.57
N SER F 202 29.16 40.44 -27.59
CA SER F 202 27.92 41.18 -27.76
C SER F 202 27.38 41.62 -26.40
N SER F 203 28.11 41.27 -25.35
CA SER F 203 27.71 41.63 -23.99
C SER F 203 28.11 43.05 -23.61
N MET F 204 28.90 43.70 -24.46
CA MET F 204 29.34 45.06 -24.17
C MET F 204 28.24 46.04 -24.55
N TYR F 205 27.17 45.53 -25.15
CA TYR F 205 26.06 46.36 -25.59
C TYR F 205 24.85 46.33 -24.64
N VAL F 206 24.98 45.63 -23.52
CA VAL F 206 23.88 45.53 -22.59
C VAL F 206 24.32 45.45 -21.13
N ASP F 207 23.35 45.55 -20.23
CA ASP F 207 23.59 45.48 -18.79
C ASP F 207 23.79 44.01 -18.41
N LEU F 208 24.94 43.71 -17.83
CA LEU F 208 25.26 42.33 -17.44
C LEU F 208 24.20 41.61 -16.60
N HIS F 209 23.75 42.22 -15.52
CA HIS F 209 22.74 41.59 -14.68
C HIS F 209 21.48 41.26 -15.46
N ASP F 210 20.99 42.21 -16.25
CA ASP F 210 19.78 41.98 -17.03
C ASP F 210 19.94 40.88 -18.07
N VAL F 211 21.06 40.90 -18.80
CA VAL F 211 21.29 39.90 -19.83
C VAL F 211 21.46 38.49 -19.26
N PHE F 212 22.23 38.36 -18.20
CA PHE F 212 22.43 37.04 -17.59
C PHE F 212 21.14 36.57 -16.94
N ALA F 213 20.34 37.51 -16.46
CA ALA F 213 19.07 37.18 -15.83
C ALA F 213 18.17 36.53 -16.86
N GLU F 214 18.23 37.04 -18.09
CA GLU F 214 17.42 36.50 -19.18
C GLU F 214 17.89 35.10 -19.54
N HIS F 215 19.20 34.97 -19.80
CA HIS F 215 19.75 33.67 -20.14
C HIS F 215 19.34 32.67 -19.08
N SER F 216 19.54 33.03 -17.82
CA SER F 216 19.20 32.18 -16.70
C SER F 216 17.72 31.78 -16.73
N ARG F 217 16.89 32.66 -17.30
CA ARG F 217 15.46 32.40 -17.38
C ARG F 217 15.12 31.30 -18.38
N PHE F 218 15.38 31.55 -19.66
CA PHE F 218 15.07 30.58 -20.70
C PHE F 218 16.00 29.37 -20.73
N LEU F 219 17.08 29.44 -19.97
CA LEU F 219 18.04 28.35 -19.93
C LEU F 219 17.58 27.26 -18.97
N ARG F 220 17.63 26.01 -19.42
CA ARG F 220 17.23 24.86 -18.64
C ARG F 220 18.14 24.65 -17.44
N VAL F 221 17.60 24.17 -16.33
CA VAL F 221 18.41 23.91 -15.14
C VAL F 221 19.47 22.88 -15.50
N GLY F 222 20.72 23.20 -15.21
CA GLY F 222 21.80 22.30 -15.55
C GLY F 222 22.33 22.65 -16.92
N GLY F 223 21.66 23.59 -17.58
CA GLY F 223 22.08 24.02 -18.90
C GLY F 223 23.45 24.67 -18.87
N ARG F 224 24.00 24.96 -20.05
CA ARG F 224 25.31 25.57 -20.14
C ARG F 224 25.33 26.91 -20.86
N TYR F 225 25.99 27.89 -20.24
CA TYR F 225 26.12 29.23 -20.81
C TYR F 225 27.59 29.52 -21.06
N VAL F 226 27.88 30.09 -22.22
CA VAL F 226 29.26 30.42 -22.58
C VAL F 226 29.33 31.84 -23.14
N THR F 227 30.49 32.47 -23.00
CA THR F 227 30.68 33.82 -23.50
C THR F 227 32.14 34.16 -23.72
N VAL F 228 32.43 34.73 -24.89
CA VAL F 228 33.77 35.15 -25.23
C VAL F 228 33.64 36.66 -25.32
N THR F 229 34.47 37.38 -24.57
CA THR F 229 34.39 38.83 -24.58
C THR F 229 35.67 39.52 -24.14
N GLY F 230 35.65 40.85 -24.27
CA GLY F 230 36.78 41.66 -23.86
C GLY F 230 36.31 42.50 -22.69
N CYS F 231 37.03 42.42 -21.58
CA CYS F 231 36.66 43.17 -20.38
C CYS F 231 37.89 43.82 -19.77
N TRP F 232 37.76 45.05 -19.29
CA TRP F 232 38.91 45.70 -18.68
C TRP F 232 39.23 45.00 -17.37
N ASN F 233 40.50 44.71 -17.17
CA ASN F 233 40.95 44.01 -15.97
C ASN F 233 40.87 44.89 -14.72
N PRO F 234 40.08 44.46 -13.72
CA PRO F 234 39.92 45.22 -12.47
C PRO F 234 41.24 45.34 -11.73
N ARG F 235 42.17 44.46 -12.06
CA ARG F 235 43.49 44.45 -11.45
C ARG F 235 44.22 45.73 -11.83
N TYR F 236 43.84 46.29 -12.98
CA TYR F 236 44.46 47.52 -13.49
C TYR F 236 43.92 48.75 -12.77
N GLY F 237 42.68 48.67 -12.29
CA GLY F 237 42.10 49.81 -11.58
C GLY F 237 40.80 50.30 -12.21
N GLN F 238 40.94 51.01 -13.32
CA GLN F 238 39.78 51.54 -14.04
C GLN F 238 40.03 51.41 -15.54
N PRO F 239 39.00 51.65 -16.36
CA PRO F 239 39.18 51.55 -17.81
C PRO F 239 40.24 52.52 -18.33
N SER F 240 41.27 51.99 -18.96
CA SER F 240 42.33 52.83 -19.51
C SER F 240 41.81 53.52 -20.76
N LYS F 241 42.50 54.56 -21.21
CA LYS F 241 42.09 55.29 -22.40
C LYS F 241 41.86 54.34 -23.57
N TRP F 242 42.73 53.36 -23.70
CA TRP F 242 42.62 52.37 -24.78
C TRP F 242 41.23 51.77 -24.79
N VAL F 243 40.77 51.32 -23.63
CA VAL F 243 39.45 50.73 -23.50
C VAL F 243 38.38 51.74 -23.88
N SER F 244 38.50 52.95 -23.34
CA SER F 244 37.54 54.00 -23.63
C SER F 244 37.50 54.29 -25.13
N GLN F 245 38.65 54.20 -25.78
CA GLN F 245 38.74 54.43 -27.22
C GLN F 245 37.96 53.37 -27.97
N ILE F 246 38.04 52.14 -27.49
CA ILE F 246 37.31 51.04 -28.10
C ILE F 246 35.81 51.23 -27.93
N ASN F 247 35.41 51.78 -26.77
CA ASN F 247 34.01 52.03 -26.49
C ASN F 247 33.47 53.09 -27.43
N ALA F 248 34.22 54.18 -27.56
CA ALA F 248 33.82 55.28 -28.42
C ALA F 248 33.81 54.85 -29.89
N HIS F 249 34.71 53.94 -30.25
CA HIS F 249 34.81 53.45 -31.61
C HIS F 249 33.61 52.59 -32.01
N PHE F 250 33.27 51.61 -31.18
CA PHE F 250 32.14 50.72 -31.45
C PHE F 250 30.84 51.21 -30.83
N GLU F 251 30.93 52.32 -30.10
CA GLU F 251 29.76 52.89 -29.44
C GLU F 251 29.17 51.88 -28.47
N CYS F 252 30.03 51.20 -27.73
CA CYS F 252 29.60 50.20 -26.77
C CYS F 252 29.97 50.57 -25.33
N ASN F 253 29.95 49.57 -24.45
CA ASN F 253 30.28 49.78 -23.05
C ASN F 253 30.91 48.54 -22.43
N ILE F 254 32.24 48.46 -22.50
CA ILE F 254 32.98 47.32 -21.96
C ILE F 254 32.88 47.24 -20.44
N HIS F 255 32.75 46.03 -19.92
CA HIS F 255 32.64 45.78 -18.48
C HIS F 255 33.94 45.22 -17.93
N SER F 256 34.05 45.21 -16.60
CA SER F 256 35.24 44.67 -15.96
C SER F 256 35.03 43.18 -15.73
N ARG F 257 36.12 42.44 -15.57
CA ARG F 257 36.00 41.01 -15.33
C ARG F 257 35.24 40.81 -14.01
N ARG F 258 35.32 41.80 -13.14
CA ARG F 258 34.63 41.74 -11.86
C ARG F 258 33.11 41.73 -12.04
N GLU F 259 32.61 42.58 -12.94
CA GLU F 259 31.18 42.67 -13.21
C GLU F 259 30.64 41.37 -13.79
N TYR F 260 31.42 40.77 -14.70
CA TYR F 260 31.02 39.52 -15.32
C TYR F 260 30.82 38.42 -14.28
N LEU F 261 31.81 38.24 -13.41
CA LEU F 261 31.74 37.22 -12.38
C LEU F 261 30.63 37.46 -11.36
N ARG F 262 30.50 38.71 -10.90
CA ARG F 262 29.45 39.04 -9.94
C ARG F 262 28.07 38.88 -10.56
N ALA F 263 27.91 39.42 -11.76
CA ALA F 263 26.63 39.35 -12.46
C ALA F 263 26.17 37.90 -12.61
N MET F 264 27.10 37.00 -12.92
CA MET F 264 26.76 35.60 -13.09
C MET F 264 26.36 34.98 -11.76
N ALA F 265 27.10 35.32 -10.72
CA ALA F 265 26.81 34.81 -9.37
C ALA F 265 25.42 35.21 -8.91
N ASP F 266 25.01 36.43 -9.26
CA ASP F 266 23.70 36.94 -8.88
C ASP F 266 22.57 36.38 -9.74
N ASN F 267 22.91 35.59 -10.74
CA ASN F 267 21.88 35.01 -11.62
C ASN F 267 21.93 33.49 -11.75
N ARG F 268 22.37 32.82 -10.69
CA ARG F 268 22.43 31.37 -10.68
C ARG F 268 23.28 30.81 -11.81
N LEU F 269 24.39 31.46 -12.12
CA LEU F 269 25.30 31.00 -13.16
C LEU F 269 26.68 30.74 -12.56
N VAL F 270 26.99 29.46 -12.37
CA VAL F 270 28.27 29.07 -11.77
C VAL F 270 29.32 28.69 -12.83
N PRO F 271 30.35 29.52 -12.98
CA PRO F 271 31.44 29.30 -13.94
C PRO F 271 32.15 27.97 -13.77
N GLN F 272 32.27 27.23 -14.86
CA GLN F 272 32.94 25.93 -14.85
C GLN F 272 34.36 26.14 -15.38
N THR F 273 34.50 27.10 -16.29
CA THR F 273 35.79 27.43 -16.88
C THR F 273 35.95 28.93 -17.07
N VAL F 274 37.13 29.43 -16.73
CA VAL F 274 37.44 30.85 -16.88
C VAL F 274 38.88 30.94 -17.37
N VAL F 275 39.04 31.10 -18.69
CA VAL F 275 40.37 31.18 -19.29
C VAL F 275 40.62 32.49 -20.01
N ASP F 276 41.82 33.03 -19.83
CA ASP F 276 42.22 34.28 -20.46
C ASP F 276 42.84 33.96 -21.82
N LEU F 277 42.16 34.38 -22.89
CA LEU F 277 42.63 34.12 -24.25
C LEU F 277 43.45 35.25 -24.87
N THR F 278 43.80 36.26 -24.08
CA THR F 278 44.56 37.38 -24.59
C THR F 278 45.76 36.94 -25.43
N PRO F 279 46.62 36.06 -24.90
CA PRO F 279 47.79 35.59 -25.64
C PRO F 279 47.43 34.87 -26.95
N GLU F 280 46.22 34.33 -27.02
CA GLU F 280 45.78 33.60 -28.20
C GLU F 280 45.23 34.53 -29.29
N THR F 281 44.68 35.67 -28.87
CA THR F 281 44.12 36.62 -29.81
C THR F 281 45.12 37.68 -30.27
N LEU F 282 46.21 37.83 -29.53
CA LEU F 282 47.23 38.81 -29.89
C LEU F 282 47.73 38.60 -31.33
N PRO F 283 48.09 37.36 -31.70
CA PRO F 283 48.57 37.08 -33.05
C PRO F 283 47.60 37.60 -34.12
N TYR F 284 46.32 37.33 -33.91
CA TYR F 284 45.28 37.75 -34.85
C TYR F 284 45.36 39.25 -35.13
N TRP F 285 45.41 40.06 -34.07
CA TRP F 285 45.46 41.50 -34.22
C TRP F 285 46.73 42.03 -34.88
N GLU F 286 47.88 41.55 -34.43
CA GLU F 286 49.15 42.01 -34.99
C GLU F 286 49.22 41.74 -36.48
N LEU F 287 48.62 40.65 -36.92
CA LEU F 287 48.61 40.31 -38.34
C LEU F 287 47.64 41.25 -39.07
N ARG F 288 46.47 41.43 -38.48
CA ARG F 288 45.44 42.30 -39.05
C ARG F 288 45.94 43.75 -39.10
N ALA F 289 46.86 44.09 -38.20
CA ALA F 289 47.41 45.43 -38.13
C ALA F 289 48.25 45.77 -39.35
N THR F 290 48.76 44.74 -40.02
CA THR F 290 49.59 44.95 -41.21
C THR F 290 48.79 44.88 -42.51
N SER F 291 47.59 44.32 -42.44
CA SER F 291 46.74 44.21 -43.61
C SER F 291 46.21 45.58 -44.03
N SER F 292 45.37 45.60 -45.06
CA SER F 292 44.79 46.84 -45.56
C SER F 292 43.33 46.93 -45.17
N LEU F 293 42.83 45.90 -44.49
CA LEU F 293 41.44 45.87 -44.05
C LEU F 293 41.31 46.68 -42.76
N VAL F 294 42.47 47.09 -42.24
CA VAL F 294 42.56 47.88 -41.02
C VAL F 294 41.43 48.91 -40.88
N THR F 295 40.77 48.89 -39.72
CA THR F 295 39.67 49.82 -39.46
C THR F 295 40.12 51.00 -38.61
N GLY F 296 41.32 50.91 -38.05
CA GLY F 296 41.85 52.00 -37.24
C GLY F 296 41.70 51.84 -35.74
N ILE F 297 41.26 50.67 -35.30
CA ILE F 297 41.08 50.41 -33.88
C ILE F 297 42.08 49.35 -33.42
N GLU F 298 42.89 48.87 -34.35
CA GLU F 298 43.89 47.85 -34.07
C GLU F 298 44.82 48.22 -32.91
N GLU F 299 45.33 49.44 -32.93
CA GLU F 299 46.23 49.89 -31.87
C GLU F 299 45.63 49.78 -30.48
N ALA F 300 44.44 50.34 -30.31
CA ALA F 300 43.74 50.30 -29.03
C ALA F 300 43.76 48.90 -28.43
N PHE F 301 43.39 47.92 -29.25
CA PHE F 301 43.38 46.52 -28.82
C PHE F 301 44.79 46.04 -28.45
N ILE F 302 45.69 46.04 -29.42
CA ILE F 302 47.06 45.58 -29.21
C ILE F 302 47.69 46.18 -27.96
N GLU F 303 47.65 47.51 -27.85
CA GLU F 303 48.23 48.20 -26.71
C GLU F 303 47.60 47.82 -25.37
N SER F 304 46.28 47.87 -25.29
CA SER F 304 45.58 47.53 -24.07
C SER F 304 45.86 46.08 -23.65
N TYR F 305 45.95 45.19 -24.62
CA TYR F 305 46.25 43.79 -24.33
C TYR F 305 47.66 43.68 -23.77
N ARG F 306 48.55 44.52 -24.29
CA ARG F 306 49.95 44.55 -23.87
C ARG F 306 50.14 44.96 -22.42
N ASP F 307 49.64 46.14 -22.06
CA ASP F 307 49.78 46.64 -20.69
C ASP F 307 48.83 45.96 -19.72
N GLY F 308 48.01 45.04 -20.22
CA GLY F 308 47.08 44.32 -19.37
C GLY F 308 45.88 45.07 -18.81
N SER F 309 45.56 46.21 -19.41
CA SER F 309 44.41 47.00 -18.94
C SER F 309 43.13 46.43 -19.55
N PHE F 310 43.30 45.65 -20.61
CA PHE F 310 42.19 45.03 -21.31
C PHE F 310 42.52 43.56 -21.56
N GLN F 311 41.52 42.69 -21.46
CA GLN F 311 41.75 41.27 -21.66
C GLN F 311 40.61 40.57 -22.40
N TYR F 312 40.97 39.55 -23.17
CA TYR F 312 40.03 38.76 -23.95
C TYR F 312 39.83 37.45 -23.20
N VAL F 313 38.64 37.26 -22.61
CA VAL F 313 38.38 36.05 -21.83
C VAL F 313 37.19 35.22 -22.30
N LEU F 314 37.16 33.96 -21.86
CA LEU F 314 36.11 33.02 -22.19
C LEU F 314 35.57 32.45 -20.88
N ILE F 315 34.24 32.47 -20.71
CA ILE F 315 33.63 31.94 -19.50
C ILE F 315 32.49 30.99 -19.83
N ALA F 316 32.54 29.79 -19.24
CA ALA F 316 31.51 28.79 -19.44
C ALA F 316 30.94 28.41 -18.06
N ALA F 317 29.69 28.79 -17.82
CA ALA F 317 29.06 28.50 -16.55
C ALA F 317 27.81 27.62 -16.68
N ASP F 318 27.47 26.96 -15.57
CA ASP F 318 26.30 26.08 -15.54
C ASP F 318 25.11 26.80 -14.93
N ARG F 319 23.91 26.42 -15.38
CA ARG F 319 22.68 27.01 -14.87
C ARG F 319 22.25 26.22 -13.64
N VAL F 320 22.67 26.68 -12.47
CA VAL F 320 22.35 26.01 -11.21
C VAL F 320 20.97 26.41 -10.69
N PRO G 48 3.70 -54.44 5.52
CA PRO G 48 4.48 -54.81 6.73
C PRO G 48 3.74 -55.85 7.56
N TYR G 49 2.46 -55.62 7.80
CA TYR G 49 1.62 -56.54 8.56
C TYR G 49 1.57 -57.89 7.86
N GLN G 50 1.16 -57.86 6.59
CA GLN G 50 1.07 -59.07 5.79
C GLN G 50 2.38 -59.83 5.78
N GLU G 51 3.47 -59.12 6.06
CA GLU G 51 4.78 -59.76 6.11
C GLU G 51 4.79 -60.66 7.35
N ASP G 52 4.31 -60.13 8.47
CA ASP G 52 4.24 -60.88 9.73
C ASP G 52 3.38 -62.13 9.57
N ILE G 53 2.13 -61.94 9.16
CA ILE G 53 1.21 -63.05 8.97
C ILE G 53 1.85 -64.13 8.11
N ALA G 54 2.54 -63.72 7.05
CA ALA G 54 3.21 -64.65 6.15
C ALA G 54 4.28 -65.43 6.92
N ARG G 55 5.06 -64.72 7.72
CA ARG G 55 6.12 -65.34 8.50
C ARG G 55 5.53 -66.24 9.58
N TYR G 56 4.40 -65.84 10.15
CA TYR G 56 3.73 -66.61 11.19
C TYR G 56 3.46 -68.04 10.74
N TRP G 57 2.67 -68.17 9.66
CA TRP G 57 2.31 -69.46 9.13
C TRP G 57 3.46 -70.24 8.48
N ASN G 58 4.55 -69.56 8.14
CA ASN G 58 5.67 -70.27 7.56
C ASN G 58 6.17 -71.26 8.60
N ASN G 59 6.05 -70.89 9.86
CA ASN G 59 6.48 -71.76 10.96
C ASN G 59 5.35 -72.76 11.23
N GLU G 60 4.45 -72.39 12.12
CA GLU G 60 3.31 -73.24 12.48
C GLU G 60 3.75 -74.63 12.90
N ALA G 61 3.41 -75.64 12.09
CA ALA G 61 3.76 -77.02 12.39
C ALA G 61 3.35 -77.38 13.81
N ARG G 62 2.15 -76.95 14.20
CA ARG G 62 1.62 -77.19 15.54
C ARG G 62 0.96 -78.58 15.59
N PRO G 63 1.04 -79.27 16.74
CA PRO G 63 0.45 -80.59 16.88
C PRO G 63 -1.08 -80.60 16.79
N VAL G 64 -1.72 -79.77 17.60
CA VAL G 64 -3.17 -79.68 17.64
C VAL G 64 -3.78 -79.49 16.25
N ASN G 65 -2.92 -79.27 15.27
CA ASN G 65 -3.36 -79.08 13.89
C ASN G 65 -2.89 -80.22 13.00
N LEU G 66 -1.59 -80.51 13.05
CA LEU G 66 -1.01 -81.57 12.23
C LEU G 66 -1.38 -82.99 12.64
N ARG G 67 -1.54 -83.22 13.95
CA ARG G 67 -1.89 -84.55 14.43
C ARG G 67 -3.33 -84.90 14.08
N LEU G 68 -4.17 -83.89 13.91
CA LEU G 68 -5.56 -84.13 13.55
C LEU G 68 -5.67 -84.36 12.05
N GLY G 69 -4.77 -83.74 11.29
CA GLY G 69 -4.80 -83.90 9.85
C GLY G 69 -4.15 -85.19 9.41
N ASP G 70 -3.32 -85.77 10.27
CA ASP G 70 -2.62 -87.01 9.95
C ASP G 70 -3.57 -88.20 9.87
N VAL G 71 -4.72 -88.11 10.54
CA VAL G 71 -5.67 -89.20 10.52
C VAL G 71 -6.38 -89.37 9.17
N ASP G 72 -6.81 -88.27 8.58
CA ASP G 72 -7.50 -88.29 7.29
C ASP G 72 -6.58 -88.14 6.09
N GLY G 73 -5.87 -87.03 6.08
CA GLY G 73 -4.97 -86.69 4.99
C GLY G 73 -5.34 -85.26 4.65
N LEU G 74 -6.45 -84.84 5.24
CA LEU G 74 -7.00 -83.49 5.06
C LEU G 74 -6.51 -82.65 6.24
N TYR G 75 -5.65 -81.67 5.95
CA TYR G 75 -5.11 -80.80 6.98
C TYR G 75 -5.88 -79.48 7.10
N HIS G 76 -6.71 -79.41 8.13
CA HIS G 76 -7.54 -78.23 8.39
C HIS G 76 -6.90 -77.23 9.36
N HIS G 77 -7.20 -75.96 9.13
CA HIS G 77 -6.69 -74.88 9.97
C HIS G 77 -7.85 -73.98 10.34
N HIS G 78 -8.89 -74.59 10.90
CA HIS G 78 -10.09 -73.89 11.35
C HIS G 78 -10.64 -74.66 12.54
N TYR G 79 -11.90 -74.43 12.91
CA TYR G 79 -12.48 -75.13 14.05
C TYR G 79 -13.64 -76.07 13.69
N GLY G 80 -14.31 -76.62 14.69
CA GLY G 80 -15.39 -77.55 14.40
C GLY G 80 -16.80 -77.25 14.89
N ILE G 81 -17.76 -77.94 14.28
CA ILE G 81 -19.17 -77.82 14.61
C ILE G 81 -19.78 -79.21 14.77
N GLY G 82 -20.78 -79.32 15.64
CA GLY G 82 -21.43 -80.60 15.87
C GLY G 82 -21.37 -80.99 17.34
N ALA G 83 -22.13 -82.00 17.73
CA ALA G 83 -22.16 -82.45 19.12
C ALA G 83 -21.15 -83.58 19.37
N VAL G 84 -20.70 -83.70 20.62
CA VAL G 84 -19.73 -84.71 20.99
C VAL G 84 -20.33 -85.90 21.75
N ASP G 85 -20.03 -87.11 21.29
CA ASP G 85 -20.53 -88.32 21.92
C ASP G 85 -19.71 -88.60 23.17
N HIS G 86 -20.08 -87.95 24.26
CA HIS G 86 -19.37 -88.09 25.53
C HIS G 86 -19.41 -89.51 26.10
N ALA G 87 -20.52 -90.21 25.88
CA ALA G 87 -20.63 -91.56 26.40
C ALA G 87 -19.49 -92.39 25.82
N ALA G 88 -19.18 -92.13 24.56
CA ALA G 88 -18.11 -92.84 23.84
C ALA G 88 -16.71 -92.39 24.22
N LEU G 89 -16.45 -91.08 24.18
CA LEU G 89 -15.13 -90.56 24.54
C LEU G 89 -14.70 -91.05 25.90
N GLY G 90 -15.54 -90.76 26.90
CA GLY G 90 -15.24 -91.22 28.24
C GLY G 90 -14.48 -90.27 29.14
N ASP G 91 -13.63 -90.86 29.95
CA ASP G 91 -12.82 -90.15 30.93
C ASP G 91 -11.41 -89.80 30.44
N PRO G 92 -10.92 -88.60 30.79
CA PRO G 92 -9.58 -88.20 30.37
C PRO G 92 -8.52 -89.06 31.02
N TYR G 97 -7.12 -93.40 24.51
CA TYR G 97 -8.08 -92.31 24.63
C TYR G 97 -7.70 -91.08 23.83
N GLU G 98 -6.52 -90.53 24.12
CA GLU G 98 -6.04 -89.34 23.41
C GLU G 98 -6.06 -89.56 21.91
N ALA G 99 -5.81 -90.80 21.48
CA ALA G 99 -5.81 -91.12 20.05
C ALA G 99 -7.24 -91.00 19.51
N ARG G 100 -8.21 -91.30 20.36
CA ARG G 100 -9.62 -91.23 19.97
C ARG G 100 -10.12 -89.79 20.06
N LEU G 101 -9.52 -89.00 20.94
CA LEU G 101 -9.91 -87.60 21.10
C LEU G 101 -9.47 -86.80 19.88
N ILE G 102 -8.28 -87.10 19.36
CA ILE G 102 -7.76 -86.42 18.19
C ILE G 102 -8.68 -86.70 17.01
N ALA G 103 -9.15 -87.94 16.91
CA ALA G 103 -10.04 -88.32 15.82
C ALA G 103 -11.35 -87.56 15.91
N GLU G 104 -11.88 -87.45 17.13
CA GLU G 104 -13.13 -86.74 17.37
C GLU G 104 -13.01 -85.27 17.01
N LEU G 105 -11.93 -84.64 17.46
CA LEU G 105 -11.70 -83.22 17.16
C LEU G 105 -11.58 -83.02 15.65
N HIS G 106 -10.81 -83.88 15.00
CA HIS G 106 -10.62 -83.78 13.55
C HIS G 106 -11.95 -83.94 12.83
N ARG G 107 -12.79 -84.84 13.34
CA ARG G 107 -14.09 -85.09 12.73
C ARG G 107 -14.90 -83.80 12.72
N LEU G 108 -14.95 -83.14 13.87
CA LEU G 108 -15.70 -81.89 14.00
C LEU G 108 -15.14 -80.82 13.09
N GLU G 109 -13.82 -80.78 12.94
CA GLU G 109 -13.19 -79.78 12.08
C GLU G 109 -13.51 -80.04 10.61
N SER G 110 -13.53 -81.31 10.21
CA SER G 110 -13.85 -81.66 8.83
C SER G 110 -15.35 -81.47 8.63
N ALA G 111 -16.08 -81.54 9.74
CA ALA G 111 -17.53 -81.39 9.74
C ALA G 111 -17.96 -79.99 9.31
N GLN G 112 -17.31 -78.96 9.86
CA GLN G 112 -17.65 -77.60 9.51
C GLN G 112 -17.19 -77.29 8.08
N ALA G 113 -16.05 -77.85 7.71
CA ALA G 113 -15.51 -77.65 6.36
C ALA G 113 -16.55 -78.15 5.36
N GLU G 114 -17.11 -79.32 5.66
CA GLU G 114 -18.14 -79.92 4.82
C GLU G 114 -19.37 -79.02 4.84
N PHE G 115 -19.71 -78.55 6.03
CA PHE G 115 -20.87 -77.67 6.23
C PHE G 115 -20.75 -76.41 5.38
N LEU G 116 -19.53 -75.92 5.21
CA LEU G 116 -19.30 -74.73 4.42
C LEU G 116 -19.62 -75.02 2.95
N LEU G 117 -19.05 -76.11 2.43
CA LEU G 117 -19.27 -76.49 1.05
C LEU G 117 -20.76 -76.66 0.72
N ASP G 118 -21.56 -76.97 1.72
CA ASP G 118 -23.00 -77.15 1.52
C ASP G 118 -23.67 -75.85 1.08
N HIS G 119 -23.01 -74.72 1.34
CA HIS G 119 -23.56 -73.42 0.98
C HIS G 119 -22.96 -72.82 -0.28
N LEU G 120 -22.16 -73.59 -1.01
CA LEU G 120 -21.55 -73.07 -2.23
C LEU G 120 -22.52 -73.23 -3.39
N GLY G 121 -23.68 -73.82 -3.12
CA GLY G 121 -24.67 -74.01 -4.15
C GLY G 121 -24.21 -74.97 -5.24
N PRO G 122 -25.02 -75.19 -6.28
CA PRO G 122 -24.67 -76.10 -7.38
C PRO G 122 -23.36 -75.69 -8.03
N VAL G 123 -22.50 -76.67 -8.29
CA VAL G 123 -21.22 -76.40 -8.93
C VAL G 123 -20.74 -77.62 -9.70
N GLY G 124 -20.55 -77.43 -11.01
CA GLY G 124 -20.11 -78.53 -11.86
C GLY G 124 -18.60 -78.59 -12.08
N PRO G 125 -18.11 -79.68 -12.69
CA PRO G 125 -16.69 -79.92 -12.97
C PRO G 125 -16.04 -78.84 -13.83
N GLY G 126 -16.87 -78.04 -14.50
CA GLY G 126 -16.34 -76.98 -15.34
C GLY G 126 -16.10 -75.70 -14.58
N ASP G 127 -16.71 -75.57 -13.41
CA ASP G 127 -16.58 -74.37 -12.60
C ASP G 127 -15.24 -74.29 -11.88
N THR G 128 -14.89 -73.08 -11.44
CA THR G 128 -13.64 -72.83 -10.72
C THR G 128 -13.96 -72.26 -9.34
N LEU G 129 -13.27 -72.77 -8.32
CA LEU G 129 -13.47 -72.30 -6.95
C LEU G 129 -12.21 -71.67 -6.40
N VAL G 130 -12.38 -70.66 -5.54
CA VAL G 130 -11.24 -69.98 -4.94
C VAL G 130 -11.29 -70.07 -3.42
N ASP G 131 -10.13 -70.34 -2.82
CA ASP G 131 -10.03 -70.46 -1.38
C ASP G 131 -9.10 -69.37 -0.85
N ALA G 132 -9.69 -68.28 -0.36
CA ALA G 132 -8.91 -67.17 0.19
C ALA G 132 -8.29 -67.61 1.51
N GLY G 133 -6.96 -67.71 1.55
CA GLY G 133 -6.30 -68.16 2.76
C GLY G 133 -6.63 -69.63 2.93
N CYS G 134 -6.13 -70.43 2.00
CA CYS G 134 -6.39 -71.87 1.99
C CYS G 134 -5.66 -72.72 3.02
N GLY G 135 -4.64 -72.16 3.66
CA GLY G 135 -3.91 -72.92 4.64
C GLY G 135 -3.15 -74.06 3.99
N ARG G 136 -3.34 -75.28 4.48
CA ARG G 136 -2.64 -76.43 3.91
C ARG G 136 -3.43 -77.15 2.82
N GLY G 137 -4.61 -76.62 2.49
CA GLY G 137 -5.43 -77.23 1.44
C GLY G 137 -6.45 -78.25 1.87
N GLY G 138 -6.72 -78.34 3.17
CA GLY G 138 -7.69 -79.30 3.65
C GLY G 138 -9.05 -79.14 2.96
N SER G 139 -9.61 -77.94 3.04
CA SER G 139 -10.90 -77.66 2.43
C SER G 139 -10.88 -77.80 0.92
N MET G 140 -9.74 -77.44 0.31
CA MET G 140 -9.61 -77.53 -1.13
C MET G 140 -9.78 -78.96 -1.64
N VAL G 141 -9.11 -79.90 -1.00
CA VAL G 141 -9.20 -81.30 -1.39
C VAL G 141 -10.64 -81.79 -1.30
N MET G 142 -11.28 -81.54 -0.15
CA MET G 142 -12.66 -81.96 0.05
C MET G 142 -13.56 -81.40 -1.04
N ALA G 143 -13.39 -80.11 -1.32
CA ALA G 143 -14.18 -79.43 -2.33
C ALA G 143 -14.06 -80.15 -3.68
N HIS G 144 -12.84 -80.43 -4.10
CA HIS G 144 -12.62 -81.10 -5.37
C HIS G 144 -13.21 -82.50 -5.38
N GLN G 145 -12.90 -83.30 -4.35
CA GLN G 145 -13.42 -84.66 -4.29
C GLN G 145 -14.94 -84.66 -4.38
N ARG G 146 -15.56 -83.59 -3.88
CA ARG G 146 -17.01 -83.47 -3.87
C ARG G 146 -17.61 -82.90 -5.16
N PHE G 147 -16.88 -82.05 -5.87
CA PHE G 147 -17.40 -81.46 -7.10
C PHE G 147 -16.58 -81.80 -8.34
N GLY G 148 -15.36 -82.27 -8.15
CA GLY G 148 -14.50 -82.63 -9.27
C GLY G 148 -14.25 -81.47 -10.21
N CYS G 149 -14.08 -80.28 -9.65
CA CYS G 149 -13.84 -79.08 -10.44
C CYS G 149 -12.47 -78.47 -10.10
N LYS G 150 -12.17 -77.33 -10.71
CA LYS G 150 -10.91 -76.65 -10.44
C LYS G 150 -11.01 -75.95 -9.10
N VAL G 151 -9.96 -76.05 -8.29
CA VAL G 151 -9.95 -75.42 -6.99
C VAL G 151 -8.64 -74.64 -6.82
N GLU G 152 -8.73 -73.33 -6.97
CA GLU G 152 -7.56 -72.47 -6.83
C GLU G 152 -7.45 -71.96 -5.40
N GLY G 153 -6.33 -72.25 -4.75
CA GLY G 153 -6.12 -71.81 -3.40
C GLY G 153 -5.09 -70.69 -3.38
N VAL G 154 -5.14 -69.85 -2.35
CA VAL G 154 -4.20 -68.76 -2.25
C VAL G 154 -3.83 -68.49 -0.79
N THR G 155 -2.53 -68.45 -0.51
CA THR G 155 -2.05 -68.22 0.85
C THR G 155 -0.78 -67.36 0.88
N LEU G 156 -0.48 -66.83 2.05
CA LEU G 156 0.70 -65.99 2.26
C LEU G 156 1.91 -66.82 2.65
N SER G 157 1.67 -68.04 3.12
CA SER G 157 2.73 -68.94 3.55
C SER G 157 3.21 -69.87 2.45
N ALA G 158 4.46 -69.68 2.02
CA ALA G 158 5.04 -70.50 0.97
C ALA G 158 5.08 -71.96 1.44
N ALA G 159 5.24 -72.13 2.76
CA ALA G 159 5.28 -73.46 3.33
C ALA G 159 3.95 -74.16 3.12
N GLN G 160 2.87 -73.49 3.51
CA GLN G 160 1.53 -74.03 3.39
C GLN G 160 1.17 -74.34 1.94
N ALA G 161 1.65 -73.49 1.04
CA ALA G 161 1.38 -73.64 -0.39
C ALA G 161 1.98 -74.95 -0.87
N GLU G 162 3.29 -75.09 -0.64
CA GLU G 162 3.99 -76.30 -1.06
C GLU G 162 3.39 -77.55 -0.41
N PHE G 163 3.07 -77.46 0.87
CA PHE G 163 2.49 -78.58 1.59
C PHE G 163 1.20 -78.99 0.89
N GLY G 164 0.40 -78.00 0.53
CA GLY G 164 -0.86 -78.26 -0.15
C GLY G 164 -0.69 -78.97 -1.47
N ASN G 165 0.21 -78.45 -2.31
CA ASN G 165 0.46 -79.05 -3.62
C ASN G 165 1.09 -80.43 -3.47
N ARG G 166 1.98 -80.58 -2.49
CA ARG G 166 2.62 -81.86 -2.23
C ARG G 166 1.53 -82.89 -2.02
N ARG G 167 0.68 -82.64 -1.03
CA ARG G 167 -0.43 -83.52 -0.70
C ARG G 167 -1.38 -83.65 -1.89
N ALA G 168 -1.43 -82.62 -2.73
CA ALA G 168 -2.29 -82.62 -3.90
C ALA G 168 -1.81 -83.62 -4.94
N ARG G 169 -0.49 -83.74 -5.09
CA ARG G 169 0.08 -84.67 -6.06
C ARG G 169 -0.16 -86.12 -5.61
N GLU G 170 -0.07 -86.34 -4.30
CA GLU G 170 -0.28 -87.67 -3.74
C GLU G 170 -1.66 -88.21 -4.11
N LEU G 171 -2.67 -87.35 -4.02
CA LEU G 171 -4.04 -87.73 -4.35
C LEU G 171 -4.24 -87.78 -5.87
N GLY G 172 -3.22 -87.34 -6.61
CA GLY G 172 -3.29 -87.32 -8.05
C GLY G 172 -4.35 -86.37 -8.59
N ILE G 173 -4.40 -85.18 -8.01
CA ILE G 173 -5.37 -84.16 -8.41
C ILE G 173 -4.69 -82.80 -8.58
N ASP G 174 -3.36 -82.81 -8.55
CA ASP G 174 -2.57 -81.59 -8.67
C ASP G 174 -2.90 -80.74 -9.90
N ASP G 175 -3.58 -81.33 -10.89
CA ASP G 175 -3.95 -80.62 -12.10
C ASP G 175 -5.32 -79.96 -11.98
N HIS G 176 -5.93 -80.11 -10.81
CA HIS G 176 -7.24 -79.52 -10.55
C HIS G 176 -7.18 -78.67 -9.28
N VAL G 177 -6.48 -79.18 -8.28
CA VAL G 177 -6.32 -78.48 -7.01
C VAL G 177 -4.91 -77.93 -6.91
N ARG G 178 -4.79 -76.62 -6.75
CA ARG G 178 -3.48 -75.98 -6.65
C ARG G 178 -3.47 -74.78 -5.71
N SER G 179 -2.48 -74.75 -4.84
CA SER G 179 -2.31 -73.66 -3.89
C SER G 179 -1.14 -72.82 -4.38
N ARG G 180 -1.17 -71.51 -4.11
CA ARG G 180 -0.09 -70.64 -4.54
C ARG G 180 0.07 -69.46 -3.56
N VAL G 181 1.31 -69.00 -3.43
CA VAL G 181 1.59 -67.89 -2.54
C VAL G 181 1.14 -66.59 -3.20
N CYS G 182 0.13 -65.96 -2.61
CA CYS G 182 -0.41 -64.71 -3.14
C CYS G 182 -1.32 -64.05 -2.11
N ASN G 183 -1.45 -62.74 -2.21
CA ASN G 183 -2.31 -62.00 -1.29
C ASN G 183 -3.75 -62.06 -1.79
N MET G 184 -4.64 -62.59 -0.96
CA MET G 184 -6.05 -62.72 -1.32
C MET G 184 -6.70 -61.38 -1.70
N LEU G 185 -6.05 -60.27 -1.38
CA LEU G 185 -6.58 -58.95 -1.71
C LEU G 185 -6.25 -58.54 -3.14
N ASP G 186 -5.22 -59.16 -3.70
CA ASP G 186 -4.80 -58.89 -5.07
C ASP G 186 -4.50 -60.20 -5.76
N THR G 187 -5.56 -60.92 -6.13
CA THR G 187 -5.44 -62.20 -6.80
C THR G 187 -5.35 -62.07 -8.34
N PRO G 188 -4.73 -63.04 -9.00
CA PRO G 188 -4.56 -63.06 -10.47
C PRO G 188 -5.77 -63.56 -11.28
N PHE G 189 -6.78 -64.08 -10.60
CA PHE G 189 -7.96 -64.59 -11.29
C PHE G 189 -8.70 -63.48 -12.03
N GLU G 190 -9.15 -63.79 -13.24
CA GLU G 190 -9.85 -62.81 -14.07
C GLU G 190 -11.29 -62.56 -13.61
N LYS G 191 -11.82 -61.40 -13.98
CA LYS G 191 -13.18 -60.99 -13.60
C LYS G 191 -14.27 -62.00 -13.95
N GLY G 192 -15.15 -62.24 -12.98
CA GLY G 192 -16.27 -63.14 -13.15
C GLY G 192 -15.98 -64.49 -13.80
N THR G 193 -14.87 -65.12 -13.42
CA THR G 193 -14.51 -66.42 -13.98
C THR G 193 -14.62 -67.48 -12.91
N VAL G 194 -14.84 -67.05 -11.67
CA VAL G 194 -14.97 -67.96 -10.54
C VAL G 194 -16.43 -68.22 -10.20
N ALA G 195 -16.80 -69.49 -10.12
CA ALA G 195 -18.17 -69.89 -9.81
C ALA G 195 -18.51 -69.67 -8.33
N ALA G 196 -17.53 -69.85 -7.45
CA ALA G 196 -17.74 -69.68 -6.03
C ALA G 196 -16.41 -69.59 -5.29
N SER G 197 -16.38 -68.77 -4.24
CA SER G 197 -15.17 -68.60 -3.43
C SER G 197 -15.58 -68.55 -1.97
N TRP G 198 -14.60 -68.50 -1.07
CA TRP G 198 -14.93 -68.46 0.35
C TRP G 198 -13.74 -68.13 1.24
N ASN G 199 -14.05 -67.77 2.48
CA ASN G 199 -13.04 -67.44 3.49
C ASN G 199 -13.36 -68.27 4.74
N ASN G 200 -12.61 -69.35 4.95
CA ASN G 200 -12.83 -70.19 6.11
C ASN G 200 -11.87 -69.77 7.21
N GLU G 201 -12.30 -68.82 8.04
CA GLU G 201 -11.48 -68.32 9.14
C GLU G 201 -10.16 -67.75 8.61
N SER G 202 -10.25 -66.65 7.86
CA SER G 202 -9.07 -66.00 7.29
C SER G 202 -9.37 -64.55 6.99
N SER G 203 -10.59 -64.12 7.29
CA SER G 203 -11.01 -62.75 7.05
C SER G 203 -10.59 -61.79 8.17
N MET G 204 -10.04 -62.34 9.26
CA MET G 204 -9.60 -61.51 10.38
C MET G 204 -8.21 -60.94 10.10
N TYR G 205 -7.62 -61.36 8.98
CA TYR G 205 -6.29 -60.92 8.61
C TYR G 205 -6.27 -59.84 7.53
N VAL G 206 -7.45 -59.39 7.10
CA VAL G 206 -7.52 -58.38 6.05
C VAL G 206 -8.70 -57.42 6.21
N ASP G 207 -8.69 -56.36 5.41
CA ASP G 207 -9.74 -55.34 5.41
C ASP G 207 -10.96 -55.90 4.69
N LEU G 208 -12.09 -55.97 5.40
CA LEU G 208 -13.33 -56.50 4.83
C LEU G 208 -13.73 -55.91 3.48
N HIS G 209 -13.80 -54.60 3.38
CA HIS G 209 -14.18 -53.98 2.11
C HIS G 209 -13.27 -54.39 0.97
N ASP G 210 -11.96 -54.34 1.21
CA ASP G 210 -11.01 -54.72 0.17
C ASP G 210 -11.11 -56.19 -0.23
N VAL G 211 -11.22 -57.08 0.75
CA VAL G 211 -11.32 -58.51 0.45
C VAL G 211 -12.60 -58.87 -0.29
N PHE G 212 -13.75 -58.35 0.16
CA PHE G 212 -15.01 -58.66 -0.50
C PHE G 212 -15.04 -58.02 -1.88
N ALA G 213 -14.37 -56.88 -2.01
CA ALA G 213 -14.31 -56.17 -3.28
C ALA G 213 -13.61 -57.08 -4.28
N GLU G 214 -12.56 -57.77 -3.83
CA GLU G 214 -11.82 -58.67 -4.69
C GLU G 214 -12.69 -59.86 -5.10
N HIS G 215 -13.27 -60.53 -4.11
CA HIS G 215 -14.14 -61.67 -4.38
C HIS G 215 -15.19 -61.26 -5.40
N SER G 216 -15.82 -60.11 -5.13
CA SER G 216 -16.84 -59.58 -6.01
C SER G 216 -16.31 -59.40 -7.43
N ARG G 217 -15.02 -59.14 -7.55
CA ARG G 217 -14.40 -58.93 -8.86
C ARG G 217 -14.29 -60.21 -9.68
N PHE G 218 -13.48 -61.16 -9.20
CA PHE G 218 -13.28 -62.40 -9.92
C PHE G 218 -14.47 -63.36 -9.87
N LEU G 219 -15.44 -63.03 -9.03
CA LEU G 219 -16.62 -63.87 -8.89
C LEU G 219 -17.65 -63.57 -9.98
N ARG G 220 -18.13 -64.63 -10.62
CA ARG G 220 -19.11 -64.52 -11.69
C ARG G 220 -20.43 -63.97 -11.17
N VAL G 221 -21.15 -63.22 -12.02
CA VAL G 221 -22.43 -62.65 -11.61
C VAL G 221 -23.37 -63.81 -11.32
N GLY G 222 -23.99 -63.78 -10.14
CA GLY G 222 -24.89 -64.85 -9.76
C GLY G 222 -24.10 -65.90 -9.00
N GLY G 223 -22.78 -65.71 -8.92
CA GLY G 223 -21.94 -66.64 -8.21
C GLY G 223 -22.25 -66.66 -6.73
N ARG G 224 -21.63 -67.60 -6.00
CA ARG G 224 -21.87 -67.72 -4.57
C ARG G 224 -20.62 -67.58 -3.73
N TYR G 225 -20.73 -66.74 -2.69
CA TYR G 225 -19.64 -66.51 -1.76
C TYR G 225 -20.07 -66.99 -0.38
N VAL G 226 -19.16 -67.66 0.32
CA VAL G 226 -19.44 -68.17 1.65
C VAL G 226 -18.28 -67.86 2.58
N THR G 227 -18.57 -67.77 3.88
CA THR G 227 -17.53 -67.50 4.86
C THR G 227 -17.93 -67.91 6.26
N VAL G 228 -17.03 -68.60 6.94
CA VAL G 228 -17.24 -69.04 8.31
C VAL G 228 -16.21 -68.24 9.09
N THR G 229 -16.66 -67.51 10.11
CA THR G 229 -15.72 -66.71 10.89
C THR G 229 -16.21 -66.38 12.28
N GLY G 230 -15.34 -65.75 13.05
CA GLY G 230 -15.66 -65.34 14.39
C GLY G 230 -15.63 -63.83 14.37
N CYS G 231 -16.71 -63.20 14.80
CA CYS G 231 -16.80 -61.75 14.82
C CYS G 231 -17.41 -61.27 16.14
N TRP G 232 -16.89 -60.18 16.70
CA TRP G 232 -17.46 -59.70 17.95
C TRP G 232 -18.85 -59.14 17.67
N ASN G 233 -19.80 -59.51 18.52
CA ASN G 233 -21.18 -59.09 18.36
C ASN G 233 -21.39 -57.61 18.68
N PRO G 234 -21.84 -56.82 17.70
CA PRO G 234 -22.07 -55.39 17.89
C PRO G 234 -23.11 -55.14 18.96
N ARG G 235 -23.92 -56.16 19.22
CA ARG G 235 -24.97 -56.06 20.23
C ARG G 235 -24.32 -55.87 21.60
N TYR G 236 -23.10 -56.36 21.74
CA TYR G 236 -22.35 -56.27 22.99
C TYR G 236 -21.77 -54.88 23.20
N GLY G 237 -21.49 -54.18 22.11
CA GLY G 237 -20.95 -52.84 22.21
C GLY G 237 -19.60 -52.67 21.51
N GLN G 238 -18.57 -53.22 22.13
CA GLN G 238 -17.22 -53.16 21.58
C GLN G 238 -16.51 -54.47 21.86
N PRO G 239 -15.34 -54.69 21.23
CA PRO G 239 -14.60 -55.93 21.47
C PRO G 239 -14.23 -56.11 22.94
N SER G 240 -14.67 -57.22 23.53
CA SER G 240 -14.37 -57.51 24.93
C SER G 240 -12.91 -57.95 25.04
N LYS G 241 -12.38 -57.93 26.26
CA LYS G 241 -10.99 -58.33 26.45
C LYS G 241 -10.73 -59.69 25.82
N TRP G 242 -11.68 -60.60 25.97
CA TRP G 242 -11.56 -61.95 25.41
C TRP G 242 -11.22 -61.88 23.93
N VAL G 243 -11.97 -61.07 23.19
CA VAL G 243 -11.73 -60.92 21.76
C VAL G 243 -10.34 -60.35 21.52
N SER G 244 -9.99 -59.30 22.25
CA SER G 244 -8.68 -58.67 22.11
C SER G 244 -7.58 -59.66 22.40
N GLN G 245 -7.83 -60.56 23.34
CA GLN G 245 -6.84 -61.59 23.70
C GLN G 245 -6.63 -62.52 22.52
N ILE G 246 -7.71 -62.84 21.82
CA ILE G 246 -7.63 -63.71 20.66
C ILE G 246 -6.87 -63.03 19.53
N ASN G 247 -7.03 -61.71 19.41
CA ASN G 247 -6.35 -60.92 18.38
C ASN G 247 -4.85 -60.92 18.67
N ALA G 248 -4.49 -60.67 19.92
CA ALA G 248 -3.10 -60.63 20.34
C ALA G 248 -2.46 -62.00 20.21
N HIS G 249 -3.24 -63.04 20.46
CA HIS G 249 -2.75 -64.41 20.38
C HIS G 249 -2.42 -64.83 18.93
N PHE G 250 -3.36 -64.60 18.02
CA PHE G 250 -3.16 -64.97 16.62
C PHE G 250 -2.60 -63.82 15.80
N GLU G 251 -2.40 -62.68 16.44
CA GLU G 251 -1.86 -61.51 15.76
C GLU G 251 -2.77 -61.14 14.59
N CYS G 252 -4.07 -61.15 14.83
CA CYS G 252 -5.06 -60.83 13.79
C CYS G 252 -5.90 -59.62 14.17
N ASN G 253 -7.03 -59.46 13.49
CA ASN G 253 -7.93 -58.33 13.75
C ASN G 253 -9.40 -58.70 13.49
N ILE G 254 -10.07 -59.20 14.53
CA ILE G 254 -11.47 -59.61 14.42
C ILE G 254 -12.39 -58.42 14.15
N HIS G 255 -13.38 -58.66 13.29
CA HIS G 255 -14.34 -57.62 12.90
C HIS G 255 -15.69 -57.88 13.58
N SER G 256 -16.57 -56.89 13.55
CA SER G 256 -17.90 -57.03 14.14
C SER G 256 -18.84 -57.57 13.08
N ARG G 257 -19.94 -58.19 13.50
CA ARG G 257 -20.88 -58.74 12.54
C ARG G 257 -21.42 -57.60 11.69
N ARG G 258 -21.39 -56.39 12.25
CA ARG G 258 -21.87 -55.21 11.53
C ARG G 258 -21.00 -54.90 10.32
N GLU G 259 -19.68 -54.99 10.50
CA GLU G 259 -18.74 -54.74 9.42
C GLU G 259 -18.91 -55.75 8.29
N TYR G 260 -19.09 -57.01 8.65
CA TYR G 260 -19.28 -58.06 7.66
C TYR G 260 -20.47 -57.78 6.77
N LEU G 261 -21.62 -57.49 7.38
CA LEU G 261 -22.83 -57.21 6.63
C LEU G 261 -22.72 -55.95 5.79
N ARG G 262 -22.20 -54.87 6.36
CA ARG G 262 -22.06 -53.62 5.60
C ARG G 262 -21.07 -53.80 4.45
N ALA G 263 -19.93 -54.41 4.75
CA ALA G 263 -18.89 -54.63 3.75
C ALA G 263 -19.43 -55.39 2.54
N MET G 264 -20.27 -56.40 2.80
CA MET G 264 -20.84 -57.18 1.72
C MET G 264 -21.83 -56.34 0.92
N ALA G 265 -22.65 -55.57 1.63
CA ALA G 265 -23.62 -54.71 0.98
C ALA G 265 -22.95 -53.71 0.04
N ASP G 266 -21.79 -53.21 0.43
CA ASP G 266 -21.07 -52.24 -0.38
C ASP G 266 -20.31 -52.88 -1.54
N ASN G 267 -20.33 -54.20 -1.62
CA ASN G 267 -19.63 -54.89 -2.69
C ASN G 267 -20.49 -55.83 -3.52
N ARG G 268 -21.77 -55.47 -3.66
CA ARG G 268 -22.70 -56.28 -4.44
C ARG G 268 -22.77 -57.74 -3.98
N LEU G 269 -22.74 -57.95 -2.67
CA LEU G 269 -22.83 -59.29 -2.10
C LEU G 269 -24.06 -59.39 -1.20
N VAL G 270 -25.12 -60.01 -1.71
CA VAL G 270 -26.36 -60.15 -0.97
C VAL G 270 -26.48 -61.50 -0.23
N PRO G 271 -26.43 -61.46 1.11
CA PRO G 271 -26.52 -62.65 1.97
C PRO G 271 -27.80 -63.47 1.76
N GLN G 272 -27.62 -64.76 1.49
CA GLN G 272 -28.76 -65.66 1.29
C GLN G 272 -29.03 -66.38 2.61
N THR G 273 -27.96 -66.60 3.37
CA THR G 273 -28.06 -67.28 4.66
C THR G 273 -27.10 -66.67 5.67
N VAL G 274 -27.60 -66.47 6.88
CA VAL G 274 -26.79 -65.92 7.97
C VAL G 274 -27.17 -66.68 9.23
N VAL G 275 -26.36 -67.67 9.58
CA VAL G 275 -26.61 -68.49 10.75
C VAL G 275 -25.51 -68.42 11.79
N ASP G 276 -25.92 -68.34 13.06
CA ASP G 276 -24.98 -68.27 14.18
C ASP G 276 -24.64 -69.70 14.62
N LEU G 277 -23.40 -70.11 14.41
CA LEU G 277 -22.98 -71.45 14.77
C LEU G 277 -22.32 -71.56 16.13
N THR G 278 -22.39 -70.51 16.94
CA THR G 278 -21.77 -70.53 18.26
C THR G 278 -22.13 -71.78 19.07
N PRO G 279 -23.42 -72.11 19.16
CA PRO G 279 -23.85 -73.30 19.92
C PRO G 279 -23.30 -74.61 19.35
N GLU G 280 -22.96 -74.61 18.06
CA GLU G 280 -22.44 -75.81 17.40
C GLU G 280 -20.94 -75.98 17.59
N THR G 281 -20.23 -74.87 17.78
CA THR G 281 -18.79 -74.92 17.96
C THR G 281 -18.39 -75.01 19.43
N LEU G 282 -19.29 -74.67 20.33
CA LEU G 282 -19.00 -74.71 21.76
C LEU G 282 -18.48 -76.09 22.17
N PRO G 283 -19.20 -77.17 21.80
CA PRO G 283 -18.78 -78.53 22.15
C PRO G 283 -17.33 -78.80 21.77
N TYR G 284 -16.96 -78.41 20.55
CA TYR G 284 -15.60 -78.60 20.05
C TYR G 284 -14.56 -78.02 20.99
N TRP G 285 -14.76 -76.77 21.41
CA TRP G 285 -13.81 -76.11 22.30
C TRP G 285 -13.74 -76.72 23.69
N GLU G 286 -14.89 -76.95 24.31
CA GLU G 286 -14.91 -77.53 25.65
C GLU G 286 -14.20 -78.87 25.71
N LEU G 287 -14.28 -79.63 24.62
CA LEU G 287 -13.60 -80.92 24.55
C LEU G 287 -12.11 -80.69 24.38
N ARG G 288 -11.75 -79.79 23.47
CA ARG G 288 -10.36 -79.47 23.20
C ARG G 288 -9.71 -78.88 24.45
N ALA G 289 -10.52 -78.26 25.30
CA ALA G 289 -10.03 -77.64 26.52
C ALA G 289 -9.50 -78.67 27.52
N THR G 290 -9.97 -79.90 27.40
CA THR G 290 -9.55 -80.97 28.30
C THR G 290 -8.39 -81.78 27.75
N SER G 291 -8.14 -81.66 26.44
CA SER G 291 -7.05 -82.39 25.82
C SER G 291 -5.71 -81.81 26.21
N SER G 292 -4.64 -82.37 25.66
CA SER G 292 -3.29 -81.91 25.95
C SER G 292 -2.71 -81.14 24.78
N LEU G 293 -3.52 -80.99 23.72
CA LEU G 293 -3.10 -80.25 22.53
C LEU G 293 -3.34 -78.76 22.77
N VAL G 294 -3.99 -78.47 23.89
CA VAL G 294 -4.32 -77.11 24.29
C VAL G 294 -3.21 -76.11 23.96
N THR G 295 -3.60 -75.01 23.32
CA THR G 295 -2.63 -73.97 22.93
C THR G 295 -2.66 -72.80 23.91
N GLY G 296 -3.66 -72.77 24.78
CA GLY G 296 -3.76 -71.71 25.77
C GLY G 296 -4.70 -70.58 25.41
N ILE G 297 -5.46 -70.73 24.33
CA ILE G 297 -6.39 -69.70 23.91
C ILE G 297 -7.84 -70.21 24.04
N GLU G 298 -7.96 -71.45 24.51
CA GLU G 298 -9.27 -72.07 24.70
C GLU G 298 -10.23 -71.23 25.55
N GLU G 299 -9.74 -70.75 26.68
CA GLU G 299 -10.56 -69.94 27.58
C GLU G 299 -11.16 -68.72 26.89
N ALA G 300 -10.32 -67.94 26.22
CA ALA G 300 -10.78 -66.75 25.53
C ALA G 300 -12.01 -67.06 24.67
N PHE G 301 -11.92 -68.13 23.89
CA PHE G 301 -13.02 -68.53 23.02
C PHE G 301 -14.26 -68.93 23.82
N ILE G 302 -14.11 -69.97 24.65
CA ILE G 302 -15.23 -70.45 25.45
C ILE G 302 -15.94 -69.32 26.20
N GLU G 303 -15.18 -68.52 26.95
CA GLU G 303 -15.76 -67.42 27.70
C GLU G 303 -16.49 -66.40 26.84
N SER G 304 -15.82 -65.92 25.79
CA SER G 304 -16.43 -64.93 24.91
C SER G 304 -17.70 -65.46 24.26
N TYR G 305 -17.71 -66.75 23.94
CA TYR G 305 -18.88 -67.37 23.33
C TYR G 305 -20.01 -67.41 24.35
N ARG G 306 -19.63 -67.61 25.61
CA ARG G 306 -20.57 -67.68 26.72
C ARG G 306 -21.31 -66.36 26.95
N ASP G 307 -20.56 -65.30 27.22
CA ASP G 307 -21.17 -63.99 27.48
C ASP G 307 -21.70 -63.31 26.22
N GLY G 308 -21.54 -63.97 25.08
CA GLY G 308 -22.04 -63.43 23.83
C GLY G 308 -21.31 -62.22 23.25
N SER G 309 -20.08 -61.98 23.69
CA SER G 309 -19.32 -60.85 23.18
C SER G 309 -18.65 -61.25 21.86
N PHE G 310 -18.54 -62.55 21.66
CA PHE G 310 -17.92 -63.10 20.46
C PHE G 310 -18.83 -64.18 19.90
N GLN G 311 -18.92 -64.28 18.58
CA GLN G 311 -19.78 -65.29 17.96
C GLN G 311 -19.16 -65.91 16.71
N TYR G 312 -19.51 -67.18 16.49
CA TYR G 312 -19.02 -67.94 15.34
C TYR G 312 -20.16 -67.98 14.33
N VAL G 313 -20.03 -67.27 13.21
CA VAL G 313 -21.10 -67.25 12.22
C VAL G 313 -20.72 -67.70 10.81
N LEU G 314 -21.74 -68.05 10.04
CA LEU G 314 -21.57 -68.49 8.66
C LEU G 314 -22.45 -67.62 7.77
N ILE G 315 -21.88 -67.09 6.70
CA ILE G 315 -22.64 -66.24 5.79
C ILE G 315 -22.44 -66.68 4.34
N ALA G 316 -23.54 -66.87 3.63
CA ALA G 316 -23.50 -67.27 2.23
C ALA G 316 -24.27 -66.24 1.42
N ALA G 317 -23.55 -65.47 0.61
CA ALA G 317 -24.19 -64.44 -0.20
C ALA G 317 -24.02 -64.66 -1.70
N ASP G 318 -24.90 -64.04 -2.47
CA ASP G 318 -24.88 -64.14 -3.93
C ASP G 318 -24.21 -62.92 -4.54
N ARG G 319 -23.54 -63.13 -5.67
CA ARG G 319 -22.88 -62.05 -6.38
C ARG G 319 -23.90 -61.38 -7.31
N VAL G 320 -24.55 -60.34 -6.81
CA VAL G 320 -25.56 -59.62 -7.57
C VAL G 320 -24.96 -58.57 -8.51
N THR H 47 -24.42 -50.39 27.53
CA THR H 47 -24.34 -51.69 26.81
C THR H 47 -23.49 -52.69 27.59
N PRO H 48 -23.55 -53.97 27.22
CA PRO H 48 -22.76 -55.00 27.91
C PRO H 48 -21.28 -54.63 27.99
N TYR H 49 -20.80 -53.86 27.01
CA TYR H 49 -19.41 -53.44 26.99
C TYR H 49 -19.16 -52.26 27.94
N GLN H 50 -20.15 -51.38 28.06
CA GLN H 50 -20.03 -50.21 28.93
C GLN H 50 -20.00 -50.65 30.40
N GLU H 51 -20.58 -51.81 30.68
CA GLU H 51 -20.60 -52.33 32.04
C GLU H 51 -19.17 -52.72 32.43
N ASP H 52 -18.43 -53.28 31.47
CA ASP H 52 -17.05 -53.71 31.67
C ASP H 52 -16.09 -52.53 31.64
N ILE H 53 -16.14 -51.74 30.57
CA ILE H 53 -15.26 -50.59 30.45
C ILE H 53 -15.48 -49.57 31.55
N ALA H 54 -16.42 -49.86 32.45
CA ALA H 54 -16.72 -48.98 33.58
C ALA H 54 -16.15 -49.59 34.84
N ARG H 55 -16.43 -50.87 35.06
CA ARG H 55 -15.94 -51.58 36.22
C ARG H 55 -14.42 -51.56 36.21
N TYR H 56 -13.85 -51.20 35.06
CA TYR H 56 -12.40 -51.13 34.91
C TYR H 56 -11.84 -49.91 35.61
N TRP H 57 -12.52 -48.77 35.44
CA TRP H 57 -12.07 -47.52 36.05
C TRP H 57 -12.53 -47.34 37.48
N ASN H 58 -13.35 -48.27 37.97
CA ASN H 58 -13.82 -48.20 39.35
C ASN H 58 -12.83 -48.96 40.22
N ASN H 59 -12.51 -50.18 39.81
CA ASN H 59 -11.61 -51.05 40.55
C ASN H 59 -10.16 -50.96 40.08
N GLU H 60 -9.74 -49.79 39.59
CA GLU H 60 -8.37 -49.65 39.14
C GLU H 60 -7.75 -48.29 39.41
N ALA H 61 -6.93 -48.22 40.46
CA ALA H 61 -6.25 -47.01 40.87
C ALA H 61 -4.78 -47.34 41.13
N ARG H 62 -4.00 -47.46 40.07
CA ARG H 62 -2.59 -47.79 40.18
C ARG H 62 -1.76 -46.64 40.77
N PRO H 63 -0.56 -46.94 41.29
CA PRO H 63 0.33 -45.94 41.88
C PRO H 63 0.68 -44.82 40.90
N LEU H 66 -1.90 -41.68 40.45
CA LEU H 66 -2.14 -41.20 41.82
C LEU H 66 -0.89 -40.56 42.42
N ARG H 67 0.04 -41.41 42.87
CA ARG H 67 1.28 -40.92 43.47
C ARG H 67 1.95 -39.93 42.53
N LEU H 68 1.70 -40.10 41.24
CA LEU H 68 2.27 -39.21 40.24
C LEU H 68 1.48 -37.91 40.21
N GLY H 69 0.21 -37.99 40.61
CA GLY H 69 -0.63 -36.80 40.64
C GLY H 69 -0.63 -36.09 41.97
N ASP H 70 -0.07 -36.75 42.99
CA ASP H 70 -0.01 -36.18 44.33
C ASP H 70 0.86 -34.92 44.35
N VAL H 71 1.97 -34.97 43.61
CA VAL H 71 2.90 -33.86 43.51
C VAL H 71 2.21 -32.51 43.35
N ASP H 72 1.19 -32.47 42.48
CA ASP H 72 0.45 -31.24 42.23
C ASP H 72 -0.95 -31.32 42.84
N GLY H 73 -1.87 -31.86 42.04
CA GLY H 73 -3.25 -32.02 42.42
C GLY H 73 -3.96 -32.38 41.13
N LEU H 74 -3.16 -32.40 40.06
CA LEU H 74 -3.63 -32.71 38.72
C LEU H 74 -3.43 -34.20 38.46
N TYR H 75 -4.52 -34.95 38.50
CA TYR H 75 -4.47 -36.39 38.28
C TYR H 75 -4.81 -36.75 36.85
N HIS H 76 -3.77 -37.06 36.08
CA HIS H 76 -3.89 -37.40 34.67
C HIS H 76 -3.91 -38.90 34.44
N HIS H 77 -4.71 -39.33 33.47
CA HIS H 77 -4.77 -40.75 33.11
C HIS H 77 -4.40 -40.93 31.65
N HIS H 78 -3.44 -40.13 31.20
CA HIS H 78 -2.92 -40.18 29.85
C HIS H 78 -1.40 -40.26 29.99
N TYR H 79 -0.68 -40.03 28.89
CA TYR H 79 0.78 -40.10 28.94
C TYR H 79 1.45 -38.75 28.76
N GLY H 80 2.76 -38.76 28.56
CA GLY H 80 3.47 -37.51 28.39
C GLY H 80 4.27 -37.34 27.12
N ILE H 81 4.50 -36.07 26.76
CA ILE H 81 5.28 -35.73 25.58
C ILE H 81 6.43 -34.84 26.01
N GLY H 82 7.29 -34.48 25.05
CA GLY H 82 8.42 -33.63 25.36
C GLY H 82 9.65 -34.41 25.78
N ALA H 83 10.82 -33.83 25.53
CA ALA H 83 12.08 -34.46 25.89
C ALA H 83 12.19 -34.60 27.41
N VAL H 84 13.19 -35.38 27.85
CA VAL H 84 13.40 -35.59 29.28
C VAL H 84 14.44 -34.61 29.83
N ASP H 85 14.22 -34.18 31.07
CA ASP H 85 15.13 -33.26 31.73
C ASP H 85 15.92 -34.03 32.78
N HIS H 86 16.77 -34.95 32.32
CA HIS H 86 17.59 -35.77 33.20
C HIS H 86 18.50 -34.96 34.13
N ALA H 87 18.69 -33.69 33.80
CA ALA H 87 19.53 -32.83 34.64
C ALA H 87 18.87 -32.74 36.00
N ALA H 88 17.64 -32.24 36.02
CA ALA H 88 16.88 -32.10 37.27
C ALA H 88 16.41 -33.47 37.75
N LEU H 89 16.47 -34.46 36.87
CA LEU H 89 16.05 -35.82 37.22
C LEU H 89 17.00 -36.41 38.25
N GLY H 90 18.26 -36.62 37.85
CA GLY H 90 19.24 -37.19 38.75
C GLY H 90 19.64 -38.60 38.36
N GLY H 95 18.35 -42.78 46.92
CA GLY H 95 17.16 -43.11 47.69
C GLY H 95 15.98 -42.22 47.33
N GLY H 96 16.26 -40.98 46.96
CA GLY H 96 15.21 -40.05 46.59
C GLY H 96 14.93 -40.03 45.10
N TYR H 97 15.89 -40.55 44.33
CA TYR H 97 15.79 -40.64 42.87
C TYR H 97 14.38 -40.93 42.38
N GLU H 98 13.80 -42.02 42.88
CA GLU H 98 12.46 -42.42 42.50
C GLU H 98 11.45 -41.28 42.71
N ALA H 99 11.68 -40.48 43.74
CA ALA H 99 10.80 -39.35 44.04
C ALA H 99 10.93 -38.31 42.94
N ARG H 100 12.13 -38.19 42.38
CA ARG H 100 12.38 -37.23 41.31
C ARG H 100 11.90 -37.78 39.97
N LEU H 101 11.89 -39.10 39.84
CA LEU H 101 11.45 -39.74 38.61
C LEU H 101 9.94 -39.55 38.46
N ILE H 102 9.22 -39.69 39.57
CA ILE H 102 7.77 -39.52 39.57
C ILE H 102 7.42 -38.09 39.15
N ALA H 103 8.21 -37.14 39.63
CA ALA H 103 7.98 -35.74 39.31
C ALA H 103 8.19 -35.50 37.82
N GLU H 104 9.25 -36.10 37.28
CA GLU H 104 9.58 -35.97 35.87
C GLU H 104 8.47 -36.56 34.99
N LEU H 105 8.03 -37.76 35.33
CA LEU H 105 6.96 -38.41 34.58
C LEU H 105 5.70 -37.57 34.64
N HIS H 106 5.35 -37.10 35.82
CA HIS H 106 4.15 -36.28 35.98
C HIS H 106 4.25 -35.01 35.15
N ARG H 107 5.45 -34.44 35.10
CA ARG H 107 5.67 -33.21 34.34
C ARG H 107 5.33 -33.44 32.88
N LEU H 108 5.84 -34.54 32.32
CA LEU H 108 5.58 -34.88 30.92
C LEU H 108 4.10 -35.11 30.66
N GLU H 109 3.42 -35.74 31.62
CA GLU H 109 2.00 -36.00 31.47
C GLU H 109 1.19 -34.71 31.51
N SER H 110 1.58 -33.78 32.37
CA SER H 110 0.89 -32.51 32.46
C SER H 110 1.26 -31.69 31.24
N ALA H 111 2.42 -32.00 30.68
CA ALA H 111 2.93 -31.30 29.50
C ALA H 111 2.05 -31.52 28.28
N GLN H 112 1.64 -32.77 28.05
CA GLN H 112 0.82 -33.06 26.89
C GLN H 112 -0.59 -32.51 27.11
N ALA H 113 -1.06 -32.56 28.37
CA ALA H 113 -2.38 -32.04 28.71
C ALA H 113 -2.42 -30.57 28.35
N GLU H 114 -1.34 -29.87 28.68
CA GLU H 114 -1.23 -28.45 28.39
C GLU H 114 -1.18 -28.28 26.87
N PHE H 115 -0.39 -29.13 26.23
CA PHE H 115 -0.24 -29.11 24.77
C PHE H 115 -1.57 -29.26 24.07
N LEU H 116 -2.48 -30.03 24.66
CA LEU H 116 -3.79 -30.25 24.09
C LEU H 116 -4.59 -28.96 24.13
N LEU H 117 -4.63 -28.33 25.31
CA LEU H 117 -5.36 -27.08 25.49
C LEU H 117 -4.90 -25.99 24.53
N ASP H 118 -3.66 -26.08 24.07
CA ASP H 118 -3.12 -25.09 23.15
C ASP H 118 -3.85 -25.11 21.80
N HIS H 119 -4.52 -26.23 21.52
CA HIS H 119 -5.25 -26.37 20.26
C HIS H 119 -6.76 -26.17 20.37
N LEU H 120 -7.23 -25.71 21.53
CA LEU H 120 -8.66 -25.48 21.72
C LEU H 120 -9.04 -24.12 21.15
N GLY H 121 -8.04 -23.36 20.70
CA GLY H 121 -8.29 -22.04 20.16
C GLY H 121 -8.76 -21.06 21.22
N PRO H 122 -9.08 -19.82 20.82
CA PRO H 122 -9.54 -18.80 21.78
C PRO H 122 -10.80 -19.27 22.52
N VAL H 123 -10.82 -19.04 23.84
CA VAL H 123 -11.96 -19.42 24.64
C VAL H 123 -12.09 -18.53 25.88
N GLY H 124 -13.22 -17.84 25.97
CA GLY H 124 -13.46 -16.94 27.09
C GLY H 124 -14.19 -17.57 28.26
N PRO H 125 -14.30 -16.84 29.39
CA PRO H 125 -14.97 -17.29 30.60
C PRO H 125 -16.44 -17.64 30.41
N GLY H 126 -17.03 -17.14 29.32
CA GLY H 126 -18.43 -17.40 29.05
C GLY H 126 -18.66 -18.70 28.31
N ASP H 127 -17.60 -19.23 27.70
CA ASP H 127 -17.69 -20.48 26.94
C ASP H 127 -17.76 -21.71 27.83
N THR H 128 -18.22 -22.82 27.24
CA THR H 128 -18.33 -24.08 27.96
C THR H 128 -17.48 -25.14 27.26
N LEU H 129 -16.74 -25.92 28.04
CA LEU H 129 -15.90 -26.97 27.49
C LEU H 129 -16.36 -28.35 27.96
N VAL H 130 -16.20 -29.34 27.10
CA VAL H 130 -16.59 -30.71 27.45
C VAL H 130 -15.39 -31.66 27.37
N ASP H 131 -15.28 -32.53 28.36
CA ASP H 131 -14.19 -33.50 28.43
C ASP H 131 -14.75 -34.92 28.36
N ALA H 132 -14.77 -35.50 27.15
CA ALA H 132 -15.27 -36.85 26.96
C ALA H 132 -14.31 -37.83 27.62
N GLY H 133 -14.78 -38.51 28.67
CA GLY H 133 -13.92 -39.44 29.38
C GLY H 133 -12.89 -38.62 30.11
N CYS H 134 -13.35 -37.83 31.08
CA CYS H 134 -12.48 -36.95 31.86
C CYS H 134 -11.57 -37.60 32.90
N GLY H 135 -11.83 -38.84 33.24
CA GLY H 135 -11.00 -39.50 34.24
C GLY H 135 -11.20 -38.87 35.61
N ARG H 136 -10.10 -38.46 36.25
CA ARG H 136 -10.20 -37.85 37.57
C ARG H 136 -10.29 -36.32 37.53
N GLY H 137 -10.33 -35.77 36.33
CA GLY H 137 -10.45 -34.32 36.18
C GLY H 137 -9.16 -33.53 36.07
N GLY H 138 -8.04 -34.21 35.87
CA GLY H 138 -6.76 -33.52 35.75
C GLY H 138 -6.79 -32.43 34.70
N SER H 139 -7.16 -32.80 33.48
CA SER H 139 -7.22 -31.85 32.37
C SER H 139 -8.27 -30.77 32.58
N MET H 140 -9.38 -31.15 33.21
CA MET H 140 -10.47 -30.22 33.48
C MET H 140 -10.01 -29.03 34.34
N VAL H 141 -9.30 -29.33 35.43
CA VAL H 141 -8.81 -28.29 36.32
C VAL H 141 -7.87 -27.34 35.58
N MET H 142 -6.89 -27.90 34.87
CA MET H 142 -5.95 -27.09 34.11
C MET H 142 -6.67 -26.18 33.13
N ALA H 143 -7.64 -26.75 32.41
CA ALA H 143 -8.42 -26.00 31.45
C ALA H 143 -9.07 -24.79 32.10
N HIS H 144 -9.75 -25.01 33.22
CA HIS H 144 -10.42 -23.92 33.92
C HIS H 144 -9.44 -22.87 34.43
N GLN H 145 -8.40 -23.31 35.12
CA GLN H 145 -7.41 -22.37 35.64
C GLN H 145 -6.84 -21.51 34.52
N ARG H 146 -6.77 -22.08 33.32
CA ARG H 146 -6.24 -21.38 32.16
C ARG H 146 -7.23 -20.48 31.42
N PHE H 147 -8.52 -20.85 31.45
CA PHE H 147 -9.53 -20.05 30.74
C PHE H 147 -10.61 -19.46 31.65
N GLY H 148 -10.73 -20.00 32.86
CA GLY H 148 -11.73 -19.51 33.79
C GLY H 148 -13.15 -19.60 33.25
N CYS H 149 -13.44 -20.71 32.58
CA CYS H 149 -14.76 -20.92 31.99
C CYS H 149 -15.39 -22.18 32.56
N LYS H 150 -16.57 -22.53 32.07
CA LYS H 150 -17.25 -23.74 32.52
C LYS H 150 -16.60 -24.96 31.86
N VAL H 151 -16.36 -26.00 32.66
CA VAL H 151 -15.75 -27.20 32.17
C VAL H 151 -16.55 -28.41 32.60
N GLU H 152 -17.35 -28.95 31.68
CA GLU H 152 -18.18 -30.11 31.96
C GLU H 152 -17.45 -31.39 31.60
N GLY H 153 -17.29 -32.26 32.59
CA GLY H 153 -16.62 -33.52 32.38
C GLY H 153 -17.63 -34.66 32.40
N VAL H 154 -17.30 -35.75 31.73
CA VAL H 154 -18.18 -36.90 31.68
C VAL H 154 -17.38 -38.19 31.68
N THR H 155 -17.74 -39.10 32.58
CA THR H 155 -17.04 -40.38 32.69
C THR H 155 -17.99 -41.51 33.05
N LEU H 156 -17.54 -42.74 32.84
CA LEU H 156 -18.33 -43.92 33.13
C LEU H 156 -18.11 -44.40 34.57
N SER H 157 -17.02 -43.93 35.17
CA SER H 157 -16.66 -44.32 36.53
C SER H 157 -17.19 -43.35 37.58
N ALA H 158 -18.13 -43.83 38.40
CA ALA H 158 -18.71 -43.01 39.46
C ALA H 158 -17.61 -42.60 40.43
N ALA H 159 -16.61 -43.47 40.59
CA ALA H 159 -15.50 -43.20 41.48
C ALA H 159 -14.72 -41.98 40.96
N GLN H 160 -14.32 -42.03 39.69
CA GLN H 160 -13.57 -40.94 39.08
C GLN H 160 -14.35 -39.64 39.10
N ALA H 161 -15.66 -39.74 38.94
CA ALA H 161 -16.52 -38.57 38.93
C ALA H 161 -16.44 -37.87 40.29
N GLU H 162 -16.74 -38.63 41.34
CA GLU H 162 -16.69 -38.09 42.70
C GLU H 162 -15.31 -37.57 43.05
N PHE H 163 -14.28 -38.31 42.67
CA PHE H 163 -12.91 -37.90 42.94
C PHE H 163 -12.68 -36.53 42.31
N GLY H 164 -13.12 -36.38 41.07
CA GLY H 164 -12.96 -35.13 40.36
C GLY H 164 -13.64 -33.96 41.06
N ASN H 165 -14.91 -34.13 41.42
CA ASN H 165 -15.66 -33.08 42.09
C ASN H 165 -15.08 -32.80 43.47
N ARG H 166 -14.65 -33.85 44.16
CA ARG H 166 -14.05 -33.72 45.48
C ARG H 166 -12.89 -32.73 45.36
N ARG H 167 -11.94 -33.07 44.50
CA ARG H 167 -10.77 -32.24 44.25
C ARG H 167 -11.17 -30.88 43.69
N ALA H 168 -12.33 -30.83 43.04
CA ALA H 168 -12.83 -29.58 42.47
C ALA H 168 -13.26 -28.62 43.57
N ARG H 169 -13.86 -29.16 44.63
CA ARG H 169 -14.32 -28.34 45.76
C ARG H 169 -13.13 -27.78 46.52
N GLU H 170 -12.08 -28.58 46.64
CA GLU H 170 -10.88 -28.15 47.33
C GLU H 170 -10.29 -26.89 46.69
N LEU H 171 -10.26 -26.85 45.37
CA LEU H 171 -9.73 -25.71 44.65
C LEU H 171 -10.74 -24.56 44.64
N GLY H 172 -11.95 -24.84 45.11
CA GLY H 172 -12.99 -23.83 45.15
C GLY H 172 -13.45 -23.41 43.77
N ILE H 173 -13.63 -24.40 42.89
CA ILE H 173 -14.07 -24.14 41.53
C ILE H 173 -15.20 -25.09 41.13
N ASP H 174 -15.72 -25.81 42.10
CA ASP H 174 -16.79 -26.78 41.88
C ASP H 174 -18.01 -26.21 41.14
N ASP H 175 -18.14 -24.90 41.12
CA ASP H 175 -19.27 -24.26 40.45
C ASP H 175 -18.96 -23.95 38.97
N HIS H 176 -17.76 -24.33 38.53
CA HIS H 176 -17.34 -24.12 37.15
C HIS H 176 -16.87 -25.45 36.55
N VAL H 177 -16.15 -26.22 37.35
CA VAL H 177 -15.64 -27.52 36.91
C VAL H 177 -16.44 -28.63 37.58
N ARG H 178 -17.09 -29.47 36.78
CA ARG H 178 -17.88 -30.56 37.31
C ARG H 178 -17.82 -31.82 36.45
N SER H 179 -17.62 -32.95 37.11
CA SER H 179 -17.56 -34.24 36.44
C SER H 179 -18.86 -34.97 36.78
N ARG H 180 -19.33 -35.81 35.86
CA ARG H 180 -20.57 -36.54 36.10
C ARG H 180 -20.55 -37.90 35.38
N VAL H 181 -21.20 -38.89 35.98
CA VAL H 181 -21.26 -40.22 35.38
C VAL H 181 -22.24 -40.21 34.22
N CYS H 182 -21.72 -40.40 33.02
CA CYS H 182 -22.54 -40.41 31.81
C CYS H 182 -21.76 -40.93 30.62
N ASN H 183 -22.46 -41.50 29.66
CA ASN H 183 -21.82 -42.04 28.47
C ASN H 183 -21.57 -40.92 27.46
N MET H 184 -20.30 -40.72 27.11
CA MET H 184 -19.92 -39.66 26.17
C MET H 184 -20.62 -39.77 24.82
N LEU H 185 -21.27 -40.90 24.55
CA LEU H 185 -21.98 -41.10 23.29
C LEU H 185 -23.39 -40.51 23.37
N ASP H 186 -23.90 -40.37 24.58
CA ASP H 186 -25.23 -39.81 24.79
C ASP H 186 -25.19 -38.82 25.94
N THR H 187 -24.62 -37.65 25.67
CA THR H 187 -24.47 -36.59 26.66
C THR H 187 -25.72 -35.69 26.73
N PRO H 188 -25.96 -35.05 27.89
CA PRO H 188 -27.09 -34.15 28.11
C PRO H 188 -26.94 -32.72 27.60
N PHE H 189 -25.74 -32.35 27.16
CA PHE H 189 -25.49 -31.00 26.66
C PHE H 189 -26.33 -30.68 25.43
N GLU H 190 -26.86 -29.47 25.38
CA GLU H 190 -27.70 -29.04 24.27
C GLU H 190 -26.90 -28.72 23.01
N LYS H 191 -27.56 -28.80 21.86
CA LYS H 191 -26.94 -28.55 20.56
C LYS H 191 -26.22 -27.23 20.45
N GLY H 192 -25.01 -27.28 19.90
CA GLY H 192 -24.19 -26.09 19.69
C GLY H 192 -24.08 -25.12 20.84
N THR H 193 -23.92 -25.63 22.06
CA THR H 193 -23.79 -24.79 23.24
C THR H 193 -22.38 -24.90 23.81
N VAL H 194 -21.61 -25.82 23.25
CA VAL H 194 -20.24 -26.05 23.70
C VAL H 194 -19.25 -25.36 22.76
N ALA H 195 -18.35 -24.58 23.34
CA ALA H 195 -17.34 -23.85 22.58
C ALA H 195 -16.22 -24.75 22.08
N ALA H 196 -15.88 -25.76 22.89
CA ALA H 196 -14.82 -26.69 22.54
C ALA H 196 -14.87 -27.95 23.40
N SER H 197 -14.56 -29.09 22.80
CA SER H 197 -14.56 -30.37 23.50
C SER H 197 -13.34 -31.16 23.06
N TRP H 198 -13.09 -32.30 23.70
CA TRP H 198 -11.93 -33.11 23.35
C TRP H 198 -11.95 -34.50 23.93
N ASN H 199 -11.09 -35.36 23.39
CA ASN H 199 -10.94 -36.73 23.86
C ASN H 199 -9.45 -36.99 24.12
N ASN H 200 -9.04 -36.95 25.38
CA ASN H 200 -7.65 -37.19 25.70
C ASN H 200 -7.46 -38.65 26.06
N GLU H 201 -7.17 -39.47 25.06
CA GLU H 201 -6.97 -40.90 25.25
C GLU H 201 -8.20 -41.55 25.89
N SER H 202 -9.30 -41.56 25.14
CA SER H 202 -10.55 -42.15 25.62
C SER H 202 -11.42 -42.54 24.43
N SER H 203 -10.91 -42.31 23.23
CA SER H 203 -11.66 -42.64 22.02
C SER H 203 -11.51 -44.11 21.61
N MET H 204 -10.64 -44.85 22.30
CA MET H 204 -10.44 -46.25 21.99
C MET H 204 -11.52 -47.10 22.67
N TYR H 205 -12.36 -46.44 23.46
CA TYR H 205 -13.43 -47.13 24.18
C TYR H 205 -14.80 -46.97 23.53
N VAL H 206 -14.86 -46.30 22.38
CA VAL H 206 -16.15 -46.09 21.71
C VAL H 206 -16.04 -46.09 20.19
N ASP H 207 -17.20 -46.10 19.54
CA ASP H 207 -17.29 -46.07 18.08
C ASP H 207 -17.03 -44.66 17.59
N LEU H 208 -16.00 -44.50 16.75
CA LEU H 208 -15.63 -43.19 16.23
C LEU H 208 -16.76 -42.37 15.63
N HIS H 209 -17.52 -42.95 14.71
CA HIS H 209 -18.62 -42.22 14.09
C HIS H 209 -19.64 -41.71 15.10
N ASP H 210 -20.02 -42.58 16.04
CA ASP H 210 -20.99 -42.20 17.07
C ASP H 210 -20.46 -41.10 18.00
N VAL H 211 -19.21 -41.24 18.44
CA VAL H 211 -18.63 -40.25 19.34
C VAL H 211 -18.45 -38.89 18.69
N PHE H 212 -17.93 -38.86 17.47
CA PHE H 212 -17.73 -37.59 16.79
C PHE H 212 -19.08 -36.98 16.42
N ALA H 213 -20.06 -37.82 16.18
CA ALA H 213 -21.40 -37.36 15.83
C ALA H 213 -21.96 -36.60 17.02
N GLU H 214 -21.68 -37.09 18.22
CA GLU H 214 -22.15 -36.44 19.44
C GLU H 214 -21.45 -35.10 19.63
N HIS H 215 -20.13 -35.11 19.56
CA HIS H 215 -19.36 -33.87 19.71
C HIS H 215 -19.90 -32.85 18.72
N SER H 216 -20.04 -33.28 17.47
CA SER H 216 -20.54 -32.41 16.41
C SER H 216 -21.91 -31.84 16.77
N ARG H 217 -22.68 -32.59 17.55
CA ARG H 217 -24.01 -32.16 17.96
C ARG H 217 -23.99 -31.00 18.96
N PHE H 218 -23.48 -31.28 20.16
CA PHE H 218 -23.42 -30.25 21.20
C PHE H 218 -22.38 -29.15 20.94
N LEU H 219 -21.53 -29.36 19.95
CA LEU H 219 -20.49 -28.39 19.62
C LEU H 219 -21.05 -27.27 18.75
N ARG H 220 -20.75 -26.03 19.15
CA ARG H 220 -21.20 -24.85 18.42
C ARG H 220 -20.57 -24.78 17.04
N VAL H 221 -21.29 -24.24 16.06
CA VAL H 221 -20.75 -24.12 14.71
C VAL H 221 -19.51 -23.22 14.77
N GLY H 222 -18.41 -23.70 14.21
CA GLY H 222 -17.18 -22.95 14.23
C GLY H 222 -16.39 -23.32 15.47
N GLY H 223 -16.99 -24.16 16.31
CA GLY H 223 -16.33 -24.60 17.53
C GLY H 223 -15.09 -25.40 17.22
N ARG H 224 -14.33 -25.74 18.25
CA ARG H 224 -13.09 -26.49 18.06
C ARG H 224 -13.06 -27.82 18.82
N TYR H 225 -12.68 -28.88 18.11
CA TYR H 225 -12.57 -30.21 18.69
C TYR H 225 -11.11 -30.66 18.61
N VAL H 226 -10.62 -31.24 19.70
CA VAL H 226 -9.25 -31.73 19.76
C VAL H 226 -9.21 -33.13 20.36
N THR H 227 -8.19 -33.89 19.99
CA THR H 227 -8.04 -35.24 20.50
C THR H 227 -6.62 -35.76 20.39
N VAL H 228 -6.14 -36.33 21.50
CA VAL H 228 -4.81 -36.91 21.54
C VAL H 228 -5.08 -38.39 21.71
N THR H 229 -4.53 -39.22 20.82
CA THR H 229 -4.76 -40.65 20.92
C THR H 229 -3.71 -41.49 20.23
N GLY H 230 -3.83 -42.81 20.43
CA GLY H 230 -2.93 -43.75 19.82
C GLY H 230 -3.75 -44.55 18.83
N CYS H 231 -3.31 -44.59 17.59
CA CYS H 231 -4.03 -45.31 16.55
C CYS H 231 -3.05 -46.11 15.70
N TRP H 232 -3.42 -47.33 15.32
CA TRP H 232 -2.52 -48.11 14.49
C TRP H 232 -2.44 -47.48 13.12
N ASN H 233 -1.22 -47.35 12.60
CA ASN H 233 -0.99 -46.74 11.31
C ASN H 233 -1.45 -47.62 10.15
N PRO H 234 -2.41 -47.12 9.35
CA PRO H 234 -2.93 -47.87 8.20
C PRO H 234 -1.83 -48.17 7.18
N ARG H 235 -0.76 -47.40 7.25
CA ARG H 235 0.37 -47.55 6.35
C ARG H 235 1.02 -48.91 6.62
N TYR H 236 0.86 -49.39 7.85
CA TYR H 236 1.42 -50.68 8.26
C TYR H 236 0.59 -51.86 7.74
N GLY H 237 -0.70 -51.63 7.53
CA GLY H 237 -1.56 -52.69 7.04
C GLY H 237 -2.71 -53.02 7.96
N GLN H 238 -2.41 -53.70 9.05
CA GLN H 238 -3.42 -54.09 10.04
C GLN H 238 -2.81 -53.97 11.42
N PRO H 239 -3.63 -54.07 12.48
CA PRO H 239 -3.12 -53.96 13.85
C PRO H 239 -2.09 -55.05 14.15
N SER H 240 -0.89 -54.65 14.52
CA SER H 240 0.19 -55.58 14.85
C SER H 240 -0.11 -56.20 16.22
N LYS H 241 0.55 -57.31 16.54
CA LYS H 241 0.33 -57.96 17.82
C LYS H 241 0.48 -56.96 18.97
N TRP H 242 1.48 -56.09 18.86
CA TRP H 242 1.73 -55.08 19.88
C TRP H 242 0.44 -54.31 20.18
N VAL H 243 -0.20 -53.81 19.13
CA VAL H 243 -1.44 -53.06 19.30
C VAL H 243 -2.49 -53.95 19.96
N SER H 244 -2.65 -55.16 19.45
CA SER H 244 -3.63 -56.09 20.01
C SER H 244 -3.34 -56.34 21.48
N GLN H 245 -2.07 -56.40 21.84
CA GLN H 245 -1.69 -56.61 23.23
C GLN H 245 -2.15 -55.45 24.10
N ILE H 246 -2.05 -54.24 23.56
CA ILE H 246 -2.47 -53.05 24.27
C ILE H 246 -3.99 -53.07 24.45
N ASN H 247 -4.70 -53.58 23.44
CA ASN H 247 -6.16 -53.67 23.50
C ASN H 247 -6.59 -54.64 24.57
N ALA H 248 -5.93 -55.80 24.59
CA ALA H 248 -6.24 -56.84 25.56
C ALA H 248 -5.87 -56.38 26.97
N HIS H 249 -4.82 -55.57 27.07
CA HIS H 249 -4.35 -55.07 28.36
C HIS H 249 -5.32 -54.07 28.98
N PHE H 250 -5.73 -53.08 28.21
CA PHE H 250 -6.66 -52.06 28.69
C PHE H 250 -8.12 -52.40 28.40
N GLU H 251 -8.32 -53.53 27.72
CA GLU H 251 -9.66 -53.97 27.37
C GLU H 251 -10.35 -52.90 26.53
N CYS H 252 -9.62 -52.37 25.54
CA CYS H 252 -10.16 -51.33 24.67
C CYS H 252 -10.18 -51.76 23.22
N ASN H 253 -10.27 -50.79 22.32
CA ASN H 253 -10.30 -51.06 20.89
C ASN H 253 -9.69 -49.91 20.09
N ILE H 254 -8.40 -49.99 19.83
CA ILE H 254 -7.67 -48.97 19.09
C ILE H 254 -8.10 -48.91 17.63
N HIS H 255 -8.23 -47.69 17.11
CA HIS H 255 -8.64 -47.46 15.73
C HIS H 255 -7.46 -47.07 14.85
N SER H 256 -7.64 -47.09 13.54
CA SER H 256 -6.58 -46.72 12.62
C SER H 256 -6.67 -45.22 12.38
N ARG H 257 -5.58 -44.61 11.93
CA ARG H 257 -5.60 -43.19 11.68
C ARG H 257 -6.61 -42.92 10.58
N ARG H 258 -6.86 -43.93 9.75
CA ARG H 258 -7.81 -43.81 8.65
C ARG H 258 -9.22 -43.62 9.17
N GLU H 259 -9.60 -44.38 10.19
CA GLU H 259 -10.92 -44.29 10.79
C GLU H 259 -11.15 -42.93 11.42
N TYR H 260 -10.14 -42.41 12.09
CA TYR H 260 -10.23 -41.10 12.73
C TYR H 260 -10.54 -40.00 11.72
N LEU H 261 -9.77 -39.97 10.63
CA LEU H 261 -9.97 -38.97 9.60
C LEU H 261 -11.31 -39.11 8.88
N ARG H 262 -11.68 -40.34 8.52
CA ARG H 262 -12.95 -40.55 7.83
C ARG H 262 -14.12 -40.23 8.75
N ALA H 263 -14.06 -40.72 9.98
CA ALA H 263 -15.12 -40.48 10.94
C ALA H 263 -15.38 -38.98 11.13
N MET H 264 -14.31 -38.19 11.18
CA MET H 264 -14.45 -36.75 11.34
C MET H 264 -15.07 -36.11 10.10
N ALA H 265 -14.64 -36.58 8.93
CA ALA H 265 -15.15 -36.05 7.68
C ALA H 265 -16.65 -36.30 7.56
N ASP H 266 -17.10 -37.44 8.06
CA ASP H 266 -18.51 -37.81 8.01
C ASP H 266 -19.37 -37.10 9.07
N ASN H 267 -18.72 -36.33 9.95
CA ASN H 267 -19.44 -35.63 11.00
C ASN H 267 -19.19 -34.12 11.05
N ARG H 268 -18.95 -33.54 9.88
CA ARG H 268 -18.72 -32.10 9.79
C ARG H 268 -17.58 -31.63 10.67
N LEU H 269 -16.49 -32.40 10.74
CA LEU H 269 -15.34 -32.03 11.53
C LEU H 269 -14.11 -31.94 10.62
N VAL H 270 -13.71 -30.71 10.30
CA VAL H 270 -12.56 -30.49 9.43
C VAL H 270 -11.27 -30.22 10.19
N PRO H 271 -10.33 -31.16 10.14
CA PRO H 271 -9.03 -31.05 10.82
C PRO H 271 -8.23 -29.82 10.43
N GLN H 272 -7.79 -29.07 11.43
CA GLN H 272 -6.98 -27.86 11.21
C GLN H 272 -5.51 -28.24 11.41
N THR H 273 -5.28 -29.20 12.30
CA THR H 273 -3.93 -29.66 12.61
C THR H 273 -3.90 -31.16 12.84
N VAL H 274 -2.90 -31.82 12.24
CA VAL H 274 -2.72 -33.25 12.38
C VAL H 274 -1.22 -33.49 12.54
N VAL H 275 -0.78 -33.66 13.78
CA VAL H 275 0.63 -33.87 14.07
C VAL H 275 0.90 -35.20 14.79
N ASP H 276 1.95 -35.88 14.35
CA ASP H 276 2.35 -37.16 14.93
C ASP H 276 3.31 -36.90 16.09
N LEU H 277 2.86 -37.18 17.30
CA LEU H 277 3.66 -36.95 18.51
C LEU H 277 4.46 -38.16 18.97
N THR H 278 4.51 -39.21 18.16
CA THR H 278 5.24 -40.42 18.54
C THR H 278 6.64 -40.11 19.08
N PRO H 279 7.45 -39.36 18.32
CA PRO H 279 8.80 -39.01 18.77
C PRO H 279 8.83 -38.24 20.08
N GLU H 280 7.74 -37.55 20.41
CA GLU H 280 7.67 -36.75 21.63
C GLU H 280 7.28 -37.58 22.85
N THR H 281 6.53 -38.65 22.62
CA THR H 281 6.09 -39.51 23.71
C THR H 281 7.06 -40.67 23.98
N LEU H 282 7.93 -40.97 23.02
CA LEU H 282 8.89 -42.06 23.17
C LEU H 282 9.71 -41.89 24.45
N PRO H 283 10.30 -40.70 24.66
CA PRO H 283 11.11 -40.45 25.86
C PRO H 283 10.36 -40.80 27.14
N TYR H 284 9.09 -40.39 27.22
CA TYR H 284 8.27 -40.67 28.38
C TYR H 284 8.23 -42.16 28.71
N TRP H 285 7.95 -42.98 27.72
CA TRP H 285 7.87 -44.43 27.91
C TRP H 285 9.19 -45.08 28.29
N GLU H 286 10.25 -44.78 27.55
CA GLU H 286 11.56 -45.36 27.83
C GLU H 286 12.00 -45.09 29.27
N LEU H 287 11.65 -43.92 29.78
CA LEU H 287 12.00 -43.55 31.15
C LEU H 287 11.13 -44.35 32.11
N ARG H 288 9.83 -44.40 31.81
CA ARG H 288 8.88 -45.12 32.64
C ARG H 288 9.21 -46.62 32.66
N ALA H 289 9.86 -47.08 31.58
CA ALA H 289 10.22 -48.49 31.46
C ALA H 289 11.29 -48.90 32.48
N THR H 290 12.06 -47.93 32.97
CA THR H 290 13.11 -48.21 33.93
C THR H 290 12.65 -48.02 35.37
N SER H 291 11.53 -47.32 35.54
CA SER H 291 10.99 -47.09 36.88
C SER H 291 10.42 -48.37 37.46
N SER H 292 9.85 -48.27 38.66
CA SER H 292 9.27 -49.43 39.34
C SER H 292 7.75 -49.36 39.30
N LEU H 293 7.23 -48.29 38.71
CA LEU H 293 5.78 -48.12 38.59
C LEU H 293 5.28 -48.92 37.41
N VAL H 294 6.22 -49.47 36.64
CA VAL H 294 5.93 -50.28 35.46
C VAL H 294 4.69 -51.15 35.64
N THR H 295 3.78 -51.10 34.66
CA THR H 295 2.56 -51.90 34.71
C THR H 295 2.67 -53.15 33.85
N GLY H 296 3.71 -53.21 33.02
CA GLY H 296 3.90 -54.38 32.18
C GLY H 296 3.43 -54.24 30.73
N ILE H 297 3.05 -53.02 30.35
CA ILE H 297 2.58 -52.77 28.99
C ILE H 297 3.55 -51.84 28.26
N GLU H 298 4.61 -51.45 28.97
CA GLU H 298 5.61 -50.55 28.42
C GLU H 298 6.19 -51.05 27.10
N GLU H 299 6.56 -52.32 27.04
CA GLU H 299 7.15 -52.89 25.84
C GLU H 299 6.25 -52.74 24.61
N ALA H 300 4.99 -53.15 24.75
CA ALA H 300 4.03 -53.06 23.66
C ALA H 300 4.07 -51.68 23.01
N PHE H 301 4.02 -50.64 23.84
CA PHE H 301 4.06 -49.27 23.35
C PHE H 301 5.39 -48.95 22.66
N ILE H 302 6.48 -49.05 23.40
CA ILE H 302 7.80 -48.77 22.86
C ILE H 302 8.05 -49.46 21.54
N GLU H 303 7.85 -50.77 21.50
CA GLU H 303 8.06 -51.55 20.29
C GLU H 303 7.19 -51.12 19.11
N SER H 304 5.88 -51.02 19.34
CA SER H 304 4.96 -50.62 18.29
C SER H 304 5.29 -49.23 17.76
N TYR H 305 5.73 -48.34 18.65
CA TYR H 305 6.10 -46.99 18.23
C TYR H 305 7.35 -47.06 17.37
N ARG H 306 8.24 -47.98 17.70
CA ARG H 306 9.48 -48.19 16.98
C ARG H 306 9.27 -48.64 15.53
N ASP H 307 8.59 -49.77 15.35
CA ASP H 307 8.34 -50.30 14.01
C ASP H 307 7.27 -49.54 13.24
N GLY H 308 6.70 -48.52 13.88
CA GLY H 308 5.69 -47.70 13.23
C GLY H 308 4.33 -48.32 12.99
N SER H 309 4.00 -49.41 13.69
CA SER H 309 2.71 -50.05 13.53
C SER H 309 1.68 -49.32 14.38
N PHE H 310 2.17 -48.55 15.36
CA PHE H 310 1.33 -47.79 16.26
C PHE H 310 1.88 -46.38 16.36
N GLN H 311 0.99 -45.39 16.45
CA GLN H 311 1.41 -44.00 16.54
C GLN H 311 0.56 -43.16 17.49
N TYR H 312 1.20 -42.16 18.09
CA TYR H 312 0.55 -41.26 19.04
C TYR H 312 0.31 -39.96 18.28
N VAL H 313 -0.94 -39.66 17.97
CA VAL H 313 -1.25 -38.43 17.23
C VAL H 313 -2.21 -37.46 17.91
N LEU H 314 -2.18 -36.21 17.44
CA LEU H 314 -3.02 -35.14 17.95
C LEU H 314 -3.76 -34.53 16.77
N ILE H 315 -5.08 -34.39 16.90
CA ILE H 315 -5.89 -33.82 15.84
C ILE H 315 -6.82 -32.74 16.38
N ALA H 316 -6.79 -31.57 15.74
CA ALA H 316 -7.62 -30.44 16.13
C ALA H 316 -8.45 -30.03 14.91
N ALA H 317 -9.76 -30.27 14.97
CA ALA H 317 -10.63 -29.94 13.85
C ALA H 317 -11.70 -28.91 14.23
N ASP H 318 -12.21 -28.22 13.21
CA ASP H 318 -13.24 -27.22 13.39
C ASP H 318 -14.63 -27.79 13.11
N ARG H 319 -15.63 -27.28 13.80
CA ARG H 319 -17.01 -27.72 13.61
C ARG H 319 -17.61 -26.90 12.48
N VAL H 320 -17.53 -27.43 11.26
CA VAL H 320 -18.06 -26.76 10.08
C VAL H 320 -19.55 -26.98 9.89
N PRO I 48 -12.31 -27.52 -22.19
CA PRO I 48 -12.51 -26.09 -22.51
C PRO I 48 -11.80 -25.24 -21.47
N TYR I 49 -12.21 -25.42 -20.21
CA TYR I 49 -11.61 -24.68 -19.12
C TYR I 49 -10.11 -24.87 -19.12
N GLN I 50 -9.69 -26.12 -19.31
CA GLN I 50 -8.27 -26.44 -19.34
C GLN I 50 -7.60 -25.80 -20.55
N GLU I 51 -8.34 -25.70 -21.65
CA GLU I 51 -7.82 -25.09 -22.85
C GLU I 51 -7.51 -23.62 -22.51
N ASP I 52 -8.34 -23.04 -21.65
CA ASP I 52 -8.16 -21.66 -21.21
C ASP I 52 -6.95 -21.52 -20.28
N ILE I 53 -6.82 -22.45 -19.35
CA ILE I 53 -5.70 -22.42 -18.42
C ILE I 53 -4.42 -22.82 -19.16
N ALA I 54 -4.55 -23.75 -20.08
CA ALA I 54 -3.40 -24.20 -20.87
C ALA I 54 -2.82 -22.99 -21.61
N ARG I 55 -3.69 -22.24 -22.27
CA ARG I 55 -3.28 -21.06 -23.01
C ARG I 55 -2.69 -20.03 -22.04
N TYR I 56 -3.43 -19.77 -20.96
CA TYR I 56 -3.01 -18.81 -19.93
C TYR I 56 -1.54 -18.98 -19.55
N TRP I 57 -1.14 -20.23 -19.30
CA TRP I 57 0.23 -20.53 -18.90
C TRP I 57 1.23 -20.59 -20.04
N ASN I 58 0.76 -20.35 -21.26
CA ASN I 58 1.64 -20.35 -22.43
C ASN I 58 2.08 -18.91 -22.67
N ASN I 59 1.11 -18.00 -22.72
CA ASN I 59 1.40 -16.59 -22.93
C ASN I 59 1.79 -15.94 -21.60
N GLU I 60 2.44 -16.73 -20.75
CA GLU I 60 2.88 -16.25 -19.44
C GLU I 60 4.40 -16.13 -19.42
N ALA I 61 4.90 -14.98 -18.98
CA ALA I 61 6.33 -14.71 -18.90
C ALA I 61 6.54 -13.52 -17.97
N ARG I 62 5.82 -13.51 -16.85
CA ARG I 62 5.89 -12.43 -15.89
C ARG I 62 7.24 -12.31 -15.17
N PRO I 63 7.72 -11.06 -15.00
CA PRO I 63 8.99 -10.75 -14.34
C PRO I 63 9.11 -11.36 -12.93
N VAL I 64 8.18 -11.01 -12.05
CA VAL I 64 8.18 -11.51 -10.69
C VAL I 64 8.65 -12.95 -10.61
N ASN I 65 8.27 -13.76 -11.60
CA ASN I 65 8.65 -15.17 -11.63
C ASN I 65 10.01 -15.41 -12.30
N LEU I 66 10.15 -14.94 -13.53
CA LEU I 66 11.38 -15.10 -14.29
C LEU I 66 12.62 -14.47 -13.67
N ARG I 67 12.53 -13.19 -13.34
CA ARG I 67 13.67 -12.51 -12.73
C ARG I 67 14.10 -13.25 -11.48
N LEU I 68 13.14 -13.84 -10.77
CA LEU I 68 13.47 -14.58 -9.55
C LEU I 68 14.20 -15.88 -9.85
N GLY I 69 13.84 -16.52 -10.97
CA GLY I 69 14.46 -17.78 -11.35
C GLY I 69 15.72 -17.62 -12.17
N ASP I 70 16.25 -16.39 -12.22
CA ASP I 70 17.46 -16.12 -12.99
C ASP I 70 18.66 -16.00 -12.05
N VAL I 71 18.38 -16.10 -10.76
CA VAL I 71 19.41 -16.01 -9.74
C VAL I 71 19.91 -17.39 -9.36
N ASP I 72 19.15 -18.42 -9.69
CA ASP I 72 19.51 -19.80 -9.36
C ASP I 72 19.44 -20.76 -10.53
N GLY I 73 18.33 -20.71 -11.27
CA GLY I 73 18.13 -21.61 -12.39
C GLY I 73 16.95 -22.48 -11.99
N LEU I 74 16.50 -22.28 -10.75
CA LEU I 74 15.36 -22.99 -10.18
C LEU I 74 14.12 -22.14 -10.37
N TYR I 75 13.41 -22.36 -11.47
CA TYR I 75 12.22 -21.61 -11.81
C TYR I 75 10.95 -22.09 -11.10
N HIS I 76 10.53 -21.33 -10.10
CA HIS I 76 9.34 -21.66 -9.33
C HIS I 76 8.14 -20.85 -9.78
N HIS I 77 6.96 -21.39 -9.54
CA HIS I 77 5.70 -20.75 -9.88
C HIS I 77 4.73 -20.92 -8.73
N HIS I 78 5.26 -20.77 -7.52
CA HIS I 78 4.50 -20.87 -6.29
C HIS I 78 4.98 -19.78 -5.36
N TYR I 79 4.36 -19.64 -4.20
CA TYR I 79 4.76 -18.61 -3.25
C TYR I 79 5.66 -19.22 -2.18
N GLY I 80 6.35 -18.36 -1.44
CA GLY I 80 7.26 -18.87 -0.43
C GLY I 80 6.83 -18.79 1.02
N ILE I 81 7.73 -19.22 1.90
CA ILE I 81 7.49 -19.22 3.33
C ILE I 81 8.77 -18.81 4.05
N GLY I 82 8.71 -18.74 5.38
CA GLY I 82 9.87 -18.37 6.15
C GLY I 82 10.00 -16.86 6.29
N ALA I 83 10.78 -16.42 7.27
CA ALA I 83 10.96 -14.98 7.52
C ALA I 83 11.95 -14.36 6.54
N VAL I 84 11.89 -13.04 6.42
CA VAL I 84 12.76 -12.32 5.51
C VAL I 84 14.02 -11.83 6.23
N ASP I 85 15.10 -11.67 5.48
CA ASP I 85 16.36 -11.20 6.05
C ASP I 85 16.47 -9.70 5.80
N HIS I 86 15.81 -8.90 6.63
CA HIS I 86 15.82 -7.45 6.48
C HIS I 86 17.21 -6.83 6.48
N ALA I 87 18.11 -7.38 7.29
CA ALA I 87 19.47 -6.89 7.36
C ALA I 87 20.18 -7.17 6.02
N ALA I 88 19.63 -8.12 5.27
CA ALA I 88 20.18 -8.49 3.98
C ALA I 88 19.82 -7.45 2.93
N LEU I 89 18.57 -6.99 2.97
CA LEU I 89 18.11 -5.98 2.01
C LEU I 89 19.03 -4.77 2.06
N GLY I 90 19.37 -4.31 3.26
CA GLY I 90 20.28 -3.19 3.41
C GLY I 90 19.77 -1.79 3.14
N ASP I 91 20.67 -0.92 2.65
CA ASP I 91 20.35 0.46 2.36
C ASP I 91 19.51 0.63 1.10
N PRO I 92 18.27 1.15 1.26
CA PRO I 92 17.36 1.37 0.14
C PRO I 92 17.92 2.31 -0.93
N GLY I 93 18.76 3.26 -0.50
CA GLY I 93 19.35 4.19 -1.44
C GLY I 93 20.24 3.53 -2.45
N ASP I 94 20.66 2.30 -2.15
CA ASP I 94 21.53 1.53 -3.03
C ASP I 94 20.84 1.26 -4.36
N GLY I 95 21.64 0.96 -5.39
CA GLY I 95 21.09 0.68 -6.70
C GLY I 95 20.97 -0.81 -6.93
N GLY I 96 21.30 -1.59 -5.90
CA GLY I 96 21.22 -3.03 -6.01
C GLY I 96 20.22 -3.62 -5.03
N TYR I 97 19.53 -2.74 -4.30
CA TYR I 97 18.52 -3.19 -3.34
C TYR I 97 17.55 -4.13 -4.01
N GLU I 98 16.93 -3.68 -5.10
CA GLU I 98 15.98 -4.49 -5.83
C GLU I 98 16.59 -5.84 -6.22
N ALA I 99 17.88 -5.84 -6.51
CA ALA I 99 18.57 -7.07 -6.90
C ALA I 99 18.62 -8.01 -5.70
N ARG I 100 18.75 -7.44 -4.49
CA ARG I 100 18.81 -8.23 -3.27
C ARG I 100 17.41 -8.67 -2.85
N LEU I 101 16.40 -7.89 -3.20
CA LEU I 101 15.02 -8.22 -2.86
C LEU I 101 14.57 -9.44 -3.66
N ILE I 102 14.96 -9.48 -4.94
CA ILE I 102 14.60 -10.60 -5.81
C ILE I 102 15.21 -11.88 -5.27
N ALA I 103 16.43 -11.77 -4.77
CA ALA I 103 17.12 -12.92 -4.21
C ALA I 103 16.40 -13.42 -2.97
N GLU I 104 15.99 -12.48 -2.12
CA GLU I 104 15.28 -12.82 -0.90
C GLU I 104 13.96 -13.50 -1.19
N LEU I 105 13.20 -12.95 -2.15
CA LEU I 105 11.92 -13.53 -2.52
C LEU I 105 12.12 -14.93 -3.08
N HIS I 106 13.11 -15.09 -3.95
CA HIS I 106 13.41 -16.38 -4.55
C HIS I 106 13.80 -17.40 -3.49
N ARG I 107 14.54 -16.94 -2.48
CA ARG I 107 14.98 -17.81 -1.39
C ARG I 107 13.77 -18.39 -0.69
N LEU I 108 12.82 -17.52 -0.36
CA LEU I 108 11.61 -17.94 0.33
C LEU I 108 10.79 -18.91 -0.51
N GLU I 109 10.75 -18.68 -1.82
CA GLU I 109 10.02 -19.57 -2.72
C GLU I 109 10.68 -20.94 -2.81
N SER I 110 12.00 -20.97 -2.86
CA SER I 110 12.72 -22.23 -2.92
C SER I 110 12.64 -22.90 -1.55
N ALA I 111 12.44 -22.07 -0.53
CA ALA I 111 12.34 -22.56 0.85
C ALA I 111 11.11 -23.44 1.06
N GLN I 112 9.97 -23.02 0.54
CA GLN I 112 8.74 -23.81 0.69
C GLN I 112 8.83 -25.05 -0.18
N ALA I 113 9.44 -24.92 -1.36
CA ALA I 113 9.59 -26.05 -2.26
C ALA I 113 10.39 -27.13 -1.53
N GLU I 114 11.44 -26.71 -0.84
CA GLU I 114 12.27 -27.63 -0.09
C GLU I 114 11.42 -28.21 1.04
N PHE I 115 10.66 -27.34 1.71
CA PHE I 115 9.79 -27.74 2.82
C PHE I 115 8.81 -28.81 2.39
N LEU I 116 8.35 -28.75 1.15
CA LEU I 116 7.40 -29.73 0.63
C LEU I 116 8.09 -31.09 0.52
N LEU I 117 9.27 -31.11 -0.09
CA LEU I 117 10.02 -32.35 -0.25
C LEU I 117 10.29 -33.05 1.08
N ASP I 118 10.37 -32.27 2.16
CA ASP I 118 10.63 -32.83 3.48
C ASP I 118 9.52 -33.78 3.92
N HIS I 119 8.34 -33.64 3.31
CA HIS I 119 7.20 -34.49 3.65
C HIS I 119 6.93 -35.62 2.69
N LEU I 120 7.84 -35.85 1.74
CA LEU I 120 7.68 -36.94 0.78
C LEU I 120 8.15 -38.26 1.39
N GLY I 121 8.69 -38.18 2.60
CA GLY I 121 9.18 -39.38 3.27
C GLY I 121 10.39 -39.96 2.58
N PRO I 122 10.90 -41.11 3.06
CA PRO I 122 12.07 -41.76 2.46
C PRO I 122 11.83 -42.09 1.00
N VAL I 123 12.83 -41.83 0.15
CA VAL I 123 12.71 -42.11 -1.27
C VAL I 123 14.07 -42.35 -1.90
N GLY I 124 14.26 -43.55 -2.46
CA GLY I 124 15.52 -43.90 -3.06
C GLY I 124 15.59 -43.63 -4.55
N PRO I 125 16.79 -43.79 -5.16
CA PRO I 125 17.06 -43.57 -6.58
C PRO I 125 16.22 -44.44 -7.51
N GLY I 126 15.67 -45.52 -6.97
CA GLY I 126 14.86 -46.43 -7.78
C GLY I 126 13.40 -46.02 -7.84
N ASP I 127 12.98 -45.16 -6.92
CA ASP I 127 11.60 -44.69 -6.87
C ASP I 127 11.30 -43.65 -7.95
N THR I 128 10.01 -43.47 -8.21
CA THR I 128 9.55 -42.49 -9.20
C THR I 128 8.64 -41.47 -8.54
N LEU I 129 8.83 -40.20 -8.87
CA LEU I 129 8.01 -39.12 -8.32
C LEU I 129 7.22 -38.41 -9.41
N VAL I 130 6.02 -37.96 -9.06
CA VAL I 130 5.16 -37.25 -10.01
C VAL I 130 4.85 -35.84 -9.51
N ASP I 131 4.90 -34.88 -10.43
CA ASP I 131 4.63 -33.49 -10.11
C ASP I 131 3.39 -33.02 -10.91
N ALA I 132 2.23 -33.06 -10.27
CA ALA I 132 1.00 -32.63 -10.92
C ALA I 132 1.05 -31.11 -11.10
N GLY I 133 1.10 -30.67 -12.35
CA GLY I 133 1.18 -29.24 -12.62
C GLY I 133 2.55 -28.78 -12.19
N CYS I 134 3.57 -29.27 -12.88
CA CYS I 134 4.97 -28.96 -12.57
C CYS I 134 5.48 -27.57 -12.92
N GLY I 135 4.73 -26.83 -13.73
CA GLY I 135 5.20 -25.51 -14.11
C GLY I 135 6.45 -25.58 -14.96
N ARG I 136 7.50 -24.87 -14.58
CA ARG I 136 8.74 -24.88 -15.35
C ARG I 136 9.76 -25.91 -14.87
N GLY I 137 9.37 -26.69 -13.86
CA GLY I 137 10.25 -27.73 -13.35
C GLY I 137 11.13 -27.38 -12.18
N GLY I 138 10.88 -26.24 -11.55
CA GLY I 138 11.69 -25.84 -10.42
C GLY I 138 11.78 -26.90 -9.33
N SER I 139 10.61 -27.32 -8.84
CA SER I 139 10.55 -28.33 -7.79
C SER I 139 11.10 -29.68 -8.26
N MET I 140 10.88 -30.00 -9.52
CA MET I 140 11.35 -31.26 -10.09
C MET I 140 12.87 -31.40 -9.99
N VAL I 141 13.58 -30.34 -10.38
CA VAL I 141 15.04 -30.36 -10.34
C VAL I 141 15.52 -30.55 -8.90
N MET I 142 14.97 -29.76 -7.97
CA MET I 142 15.35 -29.87 -6.57
C MET I 142 15.13 -31.28 -6.06
N ALA I 143 13.97 -31.84 -6.37
CA ALA I 143 13.63 -33.18 -5.94
C ALA I 143 14.68 -34.20 -6.39
N HIS I 144 15.03 -34.16 -7.68
CA HIS I 144 16.01 -35.08 -8.21
C HIS I 144 17.39 -34.88 -7.57
N GLN I 145 17.86 -33.64 -7.54
CA GLN I 145 19.17 -33.38 -6.95
C GLN I 145 19.23 -33.90 -5.53
N ARG I 146 18.09 -33.90 -4.84
CA ARG I 146 18.02 -34.35 -3.47
C ARG I 146 17.84 -35.85 -3.28
N PHE I 147 17.19 -36.52 -4.23
CA PHE I 147 16.96 -37.96 -4.12
C PHE I 147 17.60 -38.78 -5.24
N GLY I 148 17.97 -38.12 -6.33
CA GLY I 148 18.59 -38.80 -7.45
C GLY I 148 17.73 -39.91 -8.02
N CYS I 149 16.43 -39.66 -8.10
CA CYS I 149 15.48 -40.64 -8.63
C CYS I 149 14.77 -40.09 -9.86
N LYS I 150 13.82 -40.85 -10.39
CA LYS I 150 13.06 -40.42 -11.55
C LYS I 150 12.02 -39.41 -11.10
N VAL I 151 11.87 -38.33 -11.85
CA VAL I 151 10.90 -37.30 -11.52
C VAL I 151 10.09 -36.97 -12.76
N GLU I 152 8.86 -37.48 -12.81
CA GLU I 152 7.98 -37.23 -13.92
C GLU I 152 7.09 -36.03 -13.65
N GLY I 153 7.17 -35.04 -14.53
CA GLY I 153 6.35 -33.85 -14.38
C GLY I 153 5.26 -33.83 -15.43
N VAL I 154 4.17 -33.12 -15.13
CA VAL I 154 3.05 -33.04 -16.06
C VAL I 154 2.41 -31.66 -15.99
N THR I 155 2.24 -31.03 -17.15
CA THR I 155 1.64 -29.72 -17.22
C THR I 155 0.78 -29.54 -18.47
N LEU I 156 -0.05 -28.51 -18.45
CA LEU I 156 -0.95 -28.21 -19.56
C LEU I 156 -0.28 -27.29 -20.58
N SER I 157 0.77 -26.61 -20.13
CA SER I 157 1.50 -25.66 -20.98
C SER I 157 2.67 -26.29 -21.72
N ALA I 158 2.56 -26.37 -23.04
CA ALA I 158 3.63 -26.94 -23.85
C ALA I 158 4.88 -26.10 -23.68
N ALA I 159 4.69 -24.81 -23.44
CA ALA I 159 5.81 -23.91 -23.25
C ALA I 159 6.57 -24.30 -21.98
N GLN I 160 5.85 -24.42 -20.87
CA GLN I 160 6.46 -24.78 -19.59
C GLN I 160 7.15 -26.14 -19.65
N ALA I 161 6.55 -27.05 -20.42
CA ALA I 161 7.09 -28.40 -20.57
C ALA I 161 8.46 -28.31 -21.23
N GLU I 162 8.52 -27.69 -22.39
CA GLU I 162 9.77 -27.56 -23.12
C GLU I 162 10.81 -26.81 -22.29
N PHE I 163 10.39 -25.74 -21.63
CA PHE I 163 11.28 -24.96 -20.79
C PHE I 163 11.90 -25.87 -19.75
N GLY I 164 11.07 -26.69 -19.12
CA GLY I 164 11.54 -27.60 -18.11
C GLY I 164 12.58 -28.59 -18.62
N ASN I 165 12.29 -29.24 -19.74
CA ASN I 165 13.21 -30.20 -20.33
C ASN I 165 14.48 -29.51 -20.81
N ARG I 166 14.33 -28.31 -21.37
CA ARG I 166 15.46 -27.53 -21.85
C ARG I 166 16.45 -27.39 -20.69
N ARG I 167 15.96 -26.79 -19.61
CA ARG I 167 16.75 -26.58 -18.41
C ARG I 167 17.22 -27.91 -17.83
N ALA I 168 16.46 -28.96 -18.08
CA ALA I 168 16.80 -30.30 -17.59
C ALA I 168 18.03 -30.84 -18.30
N ARG I 169 18.16 -30.56 -19.59
CA ARG I 169 19.29 -31.03 -20.37
C ARG I 169 20.56 -30.30 -19.94
N GLU I 170 20.43 -29.02 -19.62
CA GLU I 170 21.56 -28.22 -19.19
C GLU I 170 22.21 -28.81 -17.96
N LEU I 171 21.39 -29.25 -17.01
CA LEU I 171 21.87 -29.86 -15.78
C LEU I 171 22.33 -31.28 -16.01
N GLY I 172 22.07 -31.79 -17.22
CA GLY I 172 22.46 -33.15 -17.55
C GLY I 172 21.73 -34.20 -16.75
N ILE I 173 20.41 -34.01 -16.60
CA ILE I 173 19.58 -34.94 -15.85
C ILE I 173 18.30 -35.25 -16.62
N ASP I 174 18.26 -34.85 -17.88
CA ASP I 174 17.11 -35.05 -18.74
C ASP I 174 16.63 -36.50 -18.81
N ASP I 175 17.50 -37.43 -18.44
CA ASP I 175 17.14 -38.85 -18.47
C ASP I 175 16.52 -39.32 -17.16
N HIS I 176 16.34 -38.38 -16.23
CA HIS I 176 15.75 -38.68 -14.93
C HIS I 176 14.59 -37.73 -14.68
N VAL I 177 14.79 -36.47 -15.03
CA VAL I 177 13.77 -35.44 -14.85
C VAL I 177 13.16 -35.08 -16.21
N ARG I 178 11.86 -35.27 -16.35
CA ARG I 178 11.17 -34.96 -17.59
C ARG I 178 9.77 -34.42 -17.40
N SER I 179 9.47 -33.32 -18.10
CA SER I 179 8.17 -32.70 -18.03
C SER I 179 7.46 -33.03 -19.34
N ARG I 180 6.14 -33.13 -19.30
CA ARG I 180 5.38 -33.45 -20.52
C ARG I 180 3.99 -32.82 -20.46
N VAL I 181 3.46 -32.47 -21.62
CA VAL I 181 2.13 -31.87 -21.71
C VAL I 181 1.08 -32.96 -21.52
N CYS I 182 0.33 -32.87 -20.44
CA CYS I 182 -0.70 -33.85 -20.13
C CYS I 182 -1.57 -33.37 -18.99
N ASN I 183 -2.82 -33.83 -18.97
CA ASN I 183 -3.75 -33.43 -17.92
C ASN I 183 -3.53 -34.30 -16.68
N MET I 184 -3.21 -33.65 -15.56
CA MET I 184 -2.96 -34.36 -14.31
C MET I 184 -4.11 -35.24 -13.87
N LEU I 185 -5.29 -35.07 -14.48
CA LEU I 185 -6.45 -35.87 -14.14
C LEU I 185 -6.46 -37.20 -14.88
N ASP I 186 -5.75 -37.25 -16.01
CA ASP I 186 -5.66 -38.47 -16.80
C ASP I 186 -4.22 -38.67 -17.23
N THR I 187 -3.40 -39.12 -16.28
CA THR I 187 -1.98 -39.34 -16.51
C THR I 187 -1.69 -40.76 -17.04
N PRO I 188 -0.58 -40.94 -17.78
CA PRO I 188 -0.17 -42.22 -18.36
C PRO I 188 0.55 -43.19 -17.41
N PHE I 189 0.90 -42.71 -16.22
CA PHE I 189 1.61 -43.55 -15.26
C PHE I 189 0.76 -44.76 -14.83
N GLU I 190 1.40 -45.92 -14.73
CA GLU I 190 0.72 -47.15 -14.35
C GLU I 190 0.40 -47.22 -12.86
N LYS I 191 -0.61 -48.01 -12.52
CA LYS I 191 -1.07 -48.18 -11.15
C LYS I 191 0.01 -48.55 -10.15
N GLY I 192 0.01 -47.85 -9.01
CA GLY I 192 0.96 -48.09 -7.94
C GLY I 192 2.41 -48.24 -8.35
N THR I 193 2.87 -47.39 -9.26
CA THR I 193 4.26 -47.44 -9.72
C THR I 193 5.01 -46.20 -9.24
N VAL I 194 4.26 -45.26 -8.67
CA VAL I 194 4.83 -44.00 -8.18
C VAL I 194 5.02 -44.06 -6.67
N ALA I 195 6.22 -43.73 -6.22
CA ALA I 195 6.56 -43.75 -4.79
C ALA I 195 5.99 -42.56 -4.04
N ALA I 196 5.89 -41.42 -4.72
CA ALA I 196 5.36 -40.21 -4.12
C ALA I 196 5.03 -39.15 -5.19
N SER I 197 3.94 -38.43 -4.97
CA SER I 197 3.52 -37.38 -5.89
C SER I 197 3.08 -36.18 -5.07
N TRP I 198 2.77 -35.07 -5.75
CA TRP I 198 2.35 -33.86 -5.04
C TRP I 198 1.76 -32.78 -5.94
N ASN I 199 1.08 -31.83 -5.31
CA ASN I 199 0.47 -30.71 -6.00
C ASN I 199 0.92 -29.43 -5.30
N ASN I 200 1.89 -28.74 -5.88
CA ASN I 200 2.39 -27.50 -5.30
C ASN I 200 1.65 -26.33 -5.93
N GLU I 201 0.54 -25.94 -5.33
CA GLU I 201 -0.26 -24.84 -5.83
C GLU I 201 -0.68 -25.09 -7.28
N SER I 202 -1.55 -26.09 -7.47
CA SER I 202 -2.04 -26.43 -8.79
C SER I 202 -3.36 -27.18 -8.67
N SER I 203 -3.81 -27.40 -7.44
CA SER I 203 -5.06 -28.11 -7.18
C SER I 203 -6.30 -27.22 -7.32
N MET I 204 -6.08 -25.91 -7.48
CA MET I 204 -7.19 -24.98 -7.62
C MET I 204 -7.69 -24.97 -9.07
N TYR I 205 -7.02 -25.73 -9.92
CA TYR I 205 -7.37 -25.79 -11.34
C TYR I 205 -8.13 -27.06 -11.73
N VAL I 206 -8.40 -27.92 -10.75
CA VAL I 206 -9.10 -29.17 -11.03
C VAL I 206 -10.04 -29.60 -9.90
N ASP I 207 -10.83 -30.64 -10.19
CA ASP I 207 -11.79 -31.20 -9.24
C ASP I 207 -11.03 -32.08 -8.25
N LEU I 208 -11.10 -31.74 -6.96
CA LEU I 208 -10.40 -32.50 -5.92
C LEU I 208 -10.59 -34.00 -5.95
N HIS I 209 -11.83 -34.47 -6.01
CA HIS I 209 -12.07 -35.91 -6.04
C HIS I 209 -11.40 -36.59 -7.21
N ASP I 210 -11.53 -36.00 -8.40
CA ASP I 210 -10.91 -36.58 -9.59
C ASP I 210 -9.39 -36.59 -9.52
N VAL I 211 -8.80 -35.48 -9.07
CA VAL I 211 -7.35 -35.39 -9.00
C VAL I 211 -6.75 -36.34 -7.96
N PHE I 212 -7.36 -36.40 -6.78
CA PHE I 212 -6.85 -37.30 -5.73
C PHE I 212 -7.08 -38.75 -6.14
N ALA I 213 -8.16 -38.98 -6.88
CA ALA I 213 -8.48 -40.32 -7.34
C ALA I 213 -7.36 -40.81 -8.26
N GLU I 214 -6.85 -39.89 -9.08
CA GLU I 214 -5.77 -40.23 -10.01
C GLU I 214 -4.49 -40.52 -9.23
N HIS I 215 -4.11 -39.61 -8.35
CA HIS I 215 -2.91 -39.79 -7.53
C HIS I 215 -3.00 -41.16 -6.85
N SER I 216 -4.15 -41.41 -6.22
CA SER I 216 -4.39 -42.65 -5.52
C SER I 216 -4.20 -43.85 -6.44
N ARG I 217 -4.46 -43.66 -7.73
CA ARG I 217 -4.32 -44.73 -8.71
C ARG I 217 -2.86 -45.11 -8.99
N PHE I 218 -2.12 -44.18 -9.57
CA PHE I 218 -0.72 -44.44 -9.91
C PHE I 218 0.19 -44.49 -8.70
N LEU I 219 -0.31 -44.09 -7.55
CA LEU I 219 0.49 -44.09 -6.33
C LEU I 219 0.53 -45.47 -5.70
N ARG I 220 1.74 -45.92 -5.36
CA ARG I 220 1.95 -47.22 -4.73
C ARG I 220 1.32 -47.26 -3.35
N VAL I 221 0.84 -48.44 -2.95
CA VAL I 221 0.23 -48.60 -1.63
C VAL I 221 1.29 -48.28 -0.58
N GLY I 222 0.94 -47.40 0.35
CA GLY I 222 1.89 -47.01 1.37
C GLY I 222 2.67 -45.81 0.88
N GLY I 223 2.42 -45.41 -0.36
CA GLY I 223 3.10 -44.27 -0.93
C GLY I 223 2.75 -42.99 -0.20
N ARG I 224 3.43 -41.90 -0.53
CA ARG I 224 3.18 -40.62 0.13
C ARG I 224 2.76 -39.51 -0.83
N TYR I 225 1.69 -38.81 -0.46
CA TYR I 225 1.17 -37.70 -1.24
C TYR I 225 1.26 -36.43 -0.41
N VAL I 226 1.72 -35.35 -1.04
CA VAL I 226 1.85 -34.07 -0.37
C VAL I 226 1.26 -32.97 -1.23
N THR I 227 0.83 -31.88 -0.59
CA THR I 227 0.27 -30.76 -1.30
C THR I 227 0.30 -29.47 -0.49
N VAL I 228 0.76 -28.41 -1.14
CA VAL I 228 0.83 -27.09 -0.52
C VAL I 228 -0.18 -26.29 -1.32
N THR I 229 -1.14 -25.68 -0.65
CA THR I 229 -2.15 -24.91 -1.34
C THR I 229 -2.85 -23.87 -0.48
N GLY I 230 -3.67 -23.06 -1.14
CA GLY I 230 -4.44 -22.03 -0.46
C GLY I 230 -5.89 -22.43 -0.59
N CYS I 231 -6.58 -22.53 0.54
CA CYS I 231 -7.98 -22.93 0.54
C CYS I 231 -8.78 -22.03 1.48
N TRP I 232 -9.99 -21.64 1.08
CA TRP I 232 -10.77 -20.80 1.97
C TRP I 232 -11.18 -21.61 3.19
N ASN I 233 -11.03 -21.01 4.36
CA ASN I 233 -11.36 -21.67 5.61
C ASN I 233 -12.87 -21.82 5.81
N PRO I 234 -13.36 -23.06 5.93
CA PRO I 234 -14.78 -23.33 6.12
C PRO I 234 -15.29 -22.72 7.41
N ARG I 235 -14.36 -22.44 8.32
CA ARG I 235 -14.69 -21.85 9.61
C ARG I 235 -15.25 -20.45 9.38
N TYR I 236 -14.87 -19.84 8.26
CA TYR I 236 -15.31 -18.50 7.91
C TYR I 236 -16.72 -18.51 7.33
N GLY I 237 -17.11 -19.64 6.73
CA GLY I 237 -18.44 -19.75 6.16
C GLY I 237 -18.44 -20.04 4.67
N GLN I 238 -18.12 -19.02 3.88
CA GLN I 238 -18.07 -19.14 2.43
C GLN I 238 -16.90 -18.32 1.90
N PRO I 239 -16.56 -18.48 0.62
CA PRO I 239 -15.45 -17.74 0.04
C PRO I 239 -15.67 -16.22 0.11
N SER I 240 -14.76 -15.51 0.79
CA SER I 240 -14.87 -14.07 0.91
C SER I 240 -14.51 -13.43 -0.43
N LYS I 241 -14.87 -12.16 -0.60
CA LYS I 241 -14.58 -11.47 -1.86
C LYS I 241 -13.09 -11.61 -2.21
N TRP I 242 -12.24 -11.50 -1.20
CA TRP I 242 -10.80 -11.63 -1.40
C TRP I 242 -10.49 -12.90 -2.17
N VAL I 243 -11.03 -14.01 -1.69
CA VAL I 243 -10.80 -15.29 -2.35
C VAL I 243 -11.32 -15.27 -3.77
N SER I 244 -12.54 -14.76 -3.95
CA SER I 244 -13.15 -14.68 -5.26
C SER I 244 -12.30 -13.83 -6.19
N GLN I 245 -11.67 -12.79 -5.65
CA GLN I 245 -10.83 -11.91 -6.43
C GLN I 245 -9.61 -12.69 -6.93
N ILE I 246 -9.08 -13.55 -6.07
CA ILE I 246 -7.93 -14.36 -6.43
C ILE I 246 -8.32 -15.36 -7.52
N ASN I 247 -9.53 -15.86 -7.45
CA ASN I 247 -10.02 -16.81 -8.44
C ASN I 247 -10.15 -16.12 -9.80
N ALA I 248 -10.74 -14.93 -9.79
CA ALA I 248 -10.92 -14.17 -11.01
C ALA I 248 -9.59 -13.72 -11.59
N HIS I 249 -8.64 -13.47 -10.71
CA HIS I 249 -7.32 -13.02 -11.14
C HIS I 249 -6.53 -14.12 -11.85
N PHE I 250 -6.48 -15.29 -11.23
CA PHE I 250 -5.74 -16.44 -11.79
C PHE I 250 -6.64 -17.33 -12.64
N GLU I 251 -7.92 -16.98 -12.71
CA GLU I 251 -8.88 -17.77 -13.48
C GLU I 251 -8.90 -19.20 -12.97
N CYS I 252 -8.90 -19.36 -11.65
CA CYS I 252 -8.91 -20.68 -11.03
C CYS I 252 -10.15 -20.90 -10.18
N ASN I 253 -10.09 -21.90 -9.30
CA ASN I 253 -11.21 -22.23 -8.42
C ASN I 253 -10.75 -22.80 -7.07
N ILE I 254 -10.52 -21.91 -6.12
CA ILE I 254 -10.07 -22.31 -4.78
C ILE I 254 -11.10 -23.16 -4.05
N HIS I 255 -10.62 -24.17 -3.33
CA HIS I 255 -11.48 -25.08 -2.58
C HIS I 255 -11.39 -24.79 -1.09
N SER I 256 -12.32 -25.34 -0.31
CA SER I 256 -12.30 -25.14 1.14
C SER I 256 -11.45 -26.23 1.76
N ARG I 257 -10.96 -26.00 2.97
CA ARG I 257 -10.13 -27.00 3.63
C ARG I 257 -10.97 -28.25 3.82
N ARG I 258 -12.30 -28.07 3.91
CA ARG I 258 -13.22 -29.19 4.09
C ARG I 258 -13.21 -30.12 2.88
N GLU I 259 -13.23 -29.55 1.68
CA GLU I 259 -13.21 -30.34 0.45
C GLU I 259 -11.91 -31.14 0.34
N TYR I 260 -10.80 -30.53 0.71
CA TYR I 260 -9.51 -31.20 0.65
C TYR I 260 -9.52 -32.45 1.52
N LEU I 261 -9.91 -32.28 2.77
CA LEU I 261 -9.95 -33.40 3.71
C LEU I 261 -10.93 -34.50 3.30
N ARG I 262 -12.14 -34.11 2.88
CA ARG I 262 -13.12 -35.10 2.47
C ARG I 262 -12.69 -35.81 1.20
N ALA I 263 -12.22 -35.03 0.22
CA ALA I 263 -11.78 -35.60 -1.04
C ALA I 263 -10.71 -36.68 -0.81
N MET I 264 -9.76 -36.40 0.08
CA MET I 264 -8.71 -37.36 0.37
C MET I 264 -9.26 -38.61 1.04
N ALA I 265 -10.18 -38.41 1.99
CA ALA I 265 -10.78 -39.51 2.71
C ALA I 265 -11.51 -40.45 1.75
N ASP I 266 -12.14 -39.88 0.72
CA ASP I 266 -12.88 -40.66 -0.26
C ASP I 266 -11.98 -41.33 -1.29
N ASN I 267 -10.68 -41.07 -1.21
CA ASN I 267 -9.75 -41.68 -2.17
C ASN I 267 -8.59 -42.43 -1.53
N ARG I 268 -8.85 -43.02 -0.37
CA ARG I 268 -7.84 -43.80 0.34
C ARG I 268 -6.56 -43.01 0.61
N LEU I 269 -6.71 -41.74 1.01
CA LEU I 269 -5.57 -40.90 1.32
C LEU I 269 -5.69 -40.41 2.75
N VAL I 270 -4.92 -41.01 3.65
CA VAL I 270 -4.96 -40.64 5.06
C VAL I 270 -3.87 -39.64 5.44
N PRO I 271 -4.25 -38.41 5.79
CA PRO I 271 -3.34 -37.35 6.18
C PRO I 271 -2.47 -37.71 7.39
N GLN I 272 -1.15 -37.53 7.23
CA GLN I 272 -0.19 -37.80 8.30
C GLN I 272 0.15 -36.47 8.97
N THR I 273 0.12 -35.41 8.18
CA THR I 273 0.42 -34.06 8.67
C THR I 273 -0.48 -33.01 8.02
N VAL I 274 -0.99 -32.11 8.84
CA VAL I 274 -1.84 -31.02 8.37
C VAL I 274 -1.42 -29.77 9.13
N VAL I 275 -0.60 -28.94 8.51
CA VAL I 275 -0.11 -27.72 9.13
C VAL I 275 -0.51 -26.46 8.36
N ASP I 276 -0.90 -25.43 9.11
CA ASP I 276 -1.29 -24.16 8.53
C ASP I 276 -0.05 -23.28 8.42
N LEU I 277 0.37 -22.98 7.19
CA LEU I 277 1.56 -22.16 6.96
C LEU I 277 1.27 -20.68 6.73
N THR I 278 0.04 -20.25 6.97
CA THR I 278 -0.32 -18.86 6.75
C THR I 278 0.69 -17.90 7.39
N PRO I 279 1.00 -18.09 8.68
CA PRO I 279 1.96 -17.20 9.37
C PRO I 279 3.35 -17.21 8.74
N GLU I 280 3.70 -18.30 8.07
CA GLU I 280 5.00 -18.45 7.43
C GLU I 280 5.08 -17.79 6.07
N THR I 281 3.93 -17.70 5.39
CA THR I 281 3.88 -17.11 4.06
C THR I 281 3.58 -15.60 4.09
N LEU I 282 3.02 -15.14 5.21
CA LEU I 282 2.68 -13.72 5.34
C LEU I 282 3.88 -12.83 5.04
N PRO I 283 5.03 -13.09 5.69
CA PRO I 283 6.24 -12.28 5.46
C PRO I 283 6.57 -12.14 3.97
N TYR I 284 6.50 -13.26 3.25
CA TYR I 284 6.79 -13.27 1.83
C TYR I 284 5.96 -12.25 1.06
N TRP I 285 4.65 -12.26 1.30
CA TRP I 285 3.75 -11.34 0.62
C TRP I 285 3.94 -9.87 0.98
N GLU I 286 4.04 -9.57 2.27
CA GLU I 286 4.23 -8.20 2.71
C GLU I 286 5.48 -7.58 2.10
N LEU I 287 6.51 -8.39 1.92
CA LEU I 287 7.75 -7.93 1.32
C LEU I 287 7.54 -7.71 -0.18
N ARG I 288 6.91 -8.68 -0.82
CA ARG I 288 6.63 -8.61 -2.24
C ARG I 288 5.70 -7.43 -2.55
N ALA I 289 4.90 -7.05 -1.56
CA ALA I 289 3.96 -5.95 -1.71
C ALA I 289 4.65 -4.59 -1.87
N THR I 290 5.90 -4.50 -1.39
CA THR I 290 6.66 -3.27 -1.47
C THR I 290 7.57 -3.23 -2.70
N SER I 291 7.79 -4.38 -3.32
CA SER I 291 8.64 -4.46 -4.50
C SER I 291 7.93 -3.86 -5.70
N SER I 292 8.59 -3.89 -6.85
CA SER I 292 8.03 -3.35 -8.08
C SER I 292 7.59 -4.48 -9.00
N LEU I 293 7.76 -5.72 -8.56
CA LEU I 293 7.37 -6.89 -9.33
C LEU I 293 5.89 -7.14 -9.12
N VAL I 294 5.31 -6.38 -8.20
CA VAL I 294 3.89 -6.46 -7.84
C VAL I 294 2.99 -6.72 -9.05
N THR I 295 2.13 -7.73 -8.93
CA THR I 295 1.20 -8.07 -10.01
C THR I 295 -0.19 -7.50 -9.78
N GLY I 296 -0.43 -7.01 -8.55
CA GLY I 296 -1.72 -6.42 -8.24
C GLY I 296 -2.69 -7.32 -7.50
N ILE I 297 -2.22 -8.48 -7.07
CA ILE I 297 -3.07 -9.42 -6.35
C ILE I 297 -2.58 -9.57 -4.91
N GLU I 298 -1.51 -8.84 -4.58
CA GLU I 298 -0.92 -8.89 -3.26
C GLU I 298 -1.93 -8.62 -2.14
N GLU I 299 -2.72 -7.57 -2.30
CA GLU I 299 -3.71 -7.20 -1.29
C GLU I 299 -4.67 -8.35 -0.98
N ALA I 300 -5.27 -8.91 -2.03
CA ALA I 300 -6.21 -10.01 -1.88
C ALA I 300 -5.67 -11.07 -0.92
N PHE I 301 -4.43 -11.48 -1.17
CA PHE I 301 -3.76 -12.49 -0.33
C PHE I 301 -3.57 -12.01 1.10
N ILE I 302 -2.82 -10.92 1.25
CA ILE I 302 -2.54 -10.36 2.57
C ILE I 302 -3.80 -10.19 3.41
N GLU I 303 -4.80 -9.50 2.86
CA GLU I 303 -6.04 -9.27 3.57
C GLU I 303 -6.77 -10.56 3.97
N SER I 304 -6.98 -11.45 3.00
CA SER I 304 -7.67 -12.70 3.27
C SER I 304 -6.93 -13.52 4.33
N TYR I 305 -5.60 -13.48 4.31
CA TYR I 305 -4.81 -14.22 5.28
C TYR I 305 -5.03 -13.60 6.66
N ARG I 306 -5.18 -12.27 6.68
CA ARG I 306 -5.39 -11.53 7.91
C ARG I 306 -6.70 -11.87 8.60
N ASP I 307 -7.82 -11.69 7.90
CA ASP I 307 -9.13 -11.98 8.49
C ASP I 307 -9.44 -13.47 8.58
N GLY I 308 -8.50 -14.30 8.16
CA GLY I 308 -8.69 -15.74 8.24
C GLY I 308 -9.69 -16.37 7.30
N SER I 309 -10.09 -15.67 6.25
CA SER I 309 -11.04 -16.22 5.30
C SER I 309 -10.32 -17.12 4.31
N PHE I 310 -9.01 -16.94 4.23
CA PHE I 310 -8.17 -17.69 3.31
C PHE I 310 -6.94 -18.19 4.09
N GLN I 311 -6.48 -19.39 3.79
CA GLN I 311 -5.33 -19.95 4.48
C GLN I 311 -4.40 -20.74 3.57
N TYR I 312 -3.11 -20.73 3.91
CA TYR I 312 -2.09 -21.44 3.15
C TYR I 312 -1.74 -22.68 3.97
N VAL I 313 -2.12 -23.86 3.48
CA VAL I 313 -1.84 -25.09 4.21
C VAL I 313 -1.04 -26.14 3.45
N LEU I 314 -0.48 -27.07 4.23
CA LEU I 314 0.33 -28.17 3.70
C LEU I 314 -0.24 -29.47 4.24
N ILE I 315 -0.48 -30.42 3.35
CA ILE I 315 -1.03 -31.71 3.75
C ILE I 315 -0.23 -32.86 3.16
N ALA I 316 0.19 -33.79 4.03
CA ALA I 316 0.95 -34.96 3.62
C ALA I 316 0.19 -36.20 4.08
N ALA I 317 -0.36 -36.95 3.12
CA ALA I 317 -1.11 -38.15 3.44
C ALA I 317 -0.49 -39.43 2.86
N ASP I 318 -0.86 -40.56 3.46
CA ASP I 318 -0.37 -41.87 3.01
C ASP I 318 -1.40 -42.56 2.13
N ARG I 319 -0.92 -43.34 1.17
CA ARG I 319 -1.79 -44.09 0.28
C ARG I 319 -2.15 -45.42 0.93
N VAL I 320 -3.25 -45.43 1.66
CA VAL I 320 -3.70 -46.63 2.36
C VAL I 320 -4.47 -47.58 1.45
N THR J 47 -20.77 -18.01 9.60
CA THR J 47 -21.39 -16.73 10.06
C THR J 47 -20.59 -15.49 9.66
N PRO J 48 -19.24 -15.56 9.75
CA PRO J 48 -18.49 -14.36 9.36
C PRO J 48 -18.90 -13.97 7.94
N TYR J 49 -19.24 -14.97 7.13
CA TYR J 49 -19.66 -14.74 5.76
C TYR J 49 -21.07 -14.18 5.73
N GLN J 50 -21.94 -14.67 6.62
CA GLN J 50 -23.31 -14.18 6.69
C GLN J 50 -23.29 -12.69 7.03
N GLU J 51 -22.40 -12.30 7.92
CA GLU J 51 -22.28 -10.90 8.31
C GLU J 51 -21.90 -10.06 7.11
N ASP J 52 -20.90 -10.52 6.36
CA ASP J 52 -20.45 -9.82 5.16
C ASP J 52 -21.60 -9.71 4.16
N ILE J 53 -22.47 -10.71 4.14
CA ILE J 53 -23.61 -10.70 3.25
C ILE J 53 -24.73 -9.88 3.86
N ALA J 54 -24.83 -9.92 5.19
CA ALA J 54 -25.83 -9.15 5.92
C ALA J 54 -25.60 -7.68 5.63
N ARG J 55 -24.36 -7.24 5.82
CA ARG J 55 -23.98 -5.85 5.57
C ARG J 55 -24.29 -5.44 4.12
N TYR J 56 -23.81 -6.24 3.18
CA TYR J 56 -24.03 -5.96 1.77
C TYR J 56 -25.47 -5.55 1.49
N TRP J 57 -26.40 -6.42 1.88
CA TRP J 57 -27.81 -6.17 1.64
C TRP J 57 -28.45 -5.04 2.43
N ASN J 58 -28.04 -4.85 3.68
CA ASN J 58 -28.61 -3.76 4.46
C ASN J 58 -28.39 -2.47 3.67
N ASN J 59 -27.15 -2.23 3.26
CA ASN J 59 -26.80 -1.05 2.48
C ASN J 59 -27.51 -1.04 1.14
N GLU J 60 -27.40 -2.15 0.41
CA GLU J 60 -28.00 -2.29 -0.91
C GLU J 60 -29.17 -1.35 -1.13
N ALA J 61 -29.07 -0.54 -2.19
CA ALA J 61 -30.11 0.41 -2.55
C ALA J 61 -29.83 1.00 -3.93
N ARG J 62 -29.32 0.16 -4.83
CA ARG J 62 -28.99 0.60 -6.18
C ARG J 62 -30.19 1.13 -6.94
N PRO J 63 -29.94 2.02 -7.92
CA PRO J 63 -30.99 2.62 -8.75
C PRO J 63 -31.64 1.58 -9.65
N VAL J 64 -30.81 0.71 -10.22
CA VAL J 64 -31.31 -0.33 -11.11
C VAL J 64 -32.30 -1.24 -10.37
N ASN J 65 -32.36 -1.10 -9.06
CA ASN J 65 -33.27 -1.90 -8.25
C ASN J 65 -34.52 -1.13 -7.82
N LEU J 66 -34.33 -0.10 -7.01
CA LEU J 66 -35.46 0.68 -6.53
C LEU J 66 -36.24 1.37 -7.67
N ARG J 67 -35.54 2.15 -8.49
CA ARG J 67 -36.20 2.83 -9.60
C ARG J 67 -36.98 1.86 -10.49
N LEU J 68 -36.51 0.62 -10.55
CA LEU J 68 -37.17 -0.38 -11.36
C LEU J 68 -38.44 -0.86 -10.68
N GLY J 69 -38.41 -0.91 -9.36
CA GLY J 69 -39.58 -1.36 -8.61
C GLY J 69 -40.58 -0.24 -8.32
N ASP J 70 -40.11 1.00 -8.37
CA ASP J 70 -40.98 2.15 -8.12
C ASP J 70 -42.21 2.15 -9.02
N VAL J 71 -42.06 1.56 -10.20
CA VAL J 71 -43.14 1.52 -11.18
C VAL J 71 -44.35 0.69 -10.75
N ASP J 72 -44.14 -0.36 -9.95
CA ASP J 72 -45.24 -1.22 -9.51
C ASP J 72 -45.50 -1.19 -8.01
N GLY J 73 -44.55 -1.69 -7.25
CA GLY J 73 -44.66 -1.76 -5.81
C GLY J 73 -44.03 -3.10 -5.48
N LEU J 74 -43.66 -3.79 -6.56
CA LEU J 74 -43.03 -5.11 -6.50
C LEU J 74 -41.52 -4.88 -6.60
N TYR J 75 -40.83 -4.96 -5.48
CA TYR J 75 -39.39 -4.74 -5.47
C TYR J 75 -38.59 -6.03 -5.59
N HIS J 76 -38.15 -6.30 -6.82
CA HIS J 76 -37.39 -7.50 -7.16
C HIS J 76 -35.87 -7.33 -7.11
N HIS J 77 -35.20 -8.40 -6.70
CA HIS J 77 -33.74 -8.42 -6.62
C HIS J 77 -33.22 -9.67 -7.31
N HIS J 78 -33.60 -9.83 -8.58
CA HIS J 78 -33.18 -10.95 -9.41
C HIS J 78 -33.12 -10.47 -10.84
N TYR J 79 -33.12 -11.41 -11.80
CA TYR J 79 -33.04 -11.00 -13.20
C TYR J 79 -34.29 -11.30 -14.00
N GLY J 80 -34.27 -10.98 -15.30
CA GLY J 80 -35.45 -11.19 -16.12
C GLY J 80 -35.36 -12.28 -17.17
N ILE J 81 -36.52 -12.61 -17.74
CA ILE J 81 -36.63 -13.63 -18.78
C ILE J 81 -37.65 -13.15 -19.81
N GLY J 82 -37.64 -13.78 -20.98
CA GLY J 82 -38.56 -13.39 -22.03
C GLY J 82 -37.94 -12.42 -23.01
N ALA J 83 -38.42 -12.43 -24.25
CA ALA J 83 -37.89 -11.54 -25.30
C ALA J 83 -38.24 -10.08 -25.03
N VAL J 84 -37.44 -9.17 -25.61
CA VAL J 84 -37.65 -7.74 -25.43
C VAL J 84 -38.87 -7.22 -26.17
N ASP J 85 -39.55 -6.26 -25.55
CA ASP J 85 -40.75 -5.66 -26.12
C ASP J 85 -40.37 -4.37 -26.87
N HIS J 86 -39.54 -4.54 -27.90
CA HIS J 86 -39.05 -3.43 -28.72
C HIS J 86 -40.09 -2.35 -29.04
N ALA J 87 -41.29 -2.78 -29.40
CA ALA J 87 -42.36 -1.87 -29.73
C ALA J 87 -42.60 -0.83 -28.64
N ALA J 88 -43.12 -1.29 -27.50
CA ALA J 88 -43.42 -0.41 -26.38
C ALA J 88 -42.20 0.30 -25.79
N LEU J 89 -41.01 -0.12 -26.21
CA LEU J 89 -39.78 0.50 -25.71
C LEU J 89 -39.28 1.58 -26.66
N GLY J 90 -39.45 1.35 -27.96
CA GLY J 90 -39.01 2.31 -28.95
C GLY J 90 -37.50 2.38 -29.07
N ASP J 91 -37.00 3.48 -29.63
CA ASP J 91 -35.57 3.67 -29.82
C ASP J 91 -35.03 4.68 -28.81
N PRO J 92 -33.72 4.64 -28.53
CA PRO J 92 -33.06 5.54 -27.58
C PRO J 92 -33.43 7.02 -27.75
N GLY J 93 -32.93 7.62 -28.82
CA GLY J 93 -33.22 9.02 -29.09
C GLY J 93 -34.70 9.31 -29.21
N ASP J 94 -35.32 9.70 -28.10
CA ASP J 94 -36.74 10.01 -28.10
C ASP J 94 -37.17 10.61 -26.75
N TYR J 97 -37.37 7.96 -22.97
CA TYR J 97 -36.84 6.65 -23.33
C TYR J 97 -36.39 5.86 -22.11
N GLU J 98 -35.48 6.44 -21.34
CA GLU J 98 -34.97 5.80 -20.15
C GLU J 98 -36.09 5.38 -19.22
N ALA J 99 -37.16 6.18 -19.19
CA ALA J 99 -38.31 5.88 -18.34
C ALA J 99 -39.00 4.62 -18.86
N ARG J 100 -38.98 4.44 -20.17
CA ARG J 100 -39.61 3.27 -20.80
C ARG J 100 -38.71 2.05 -20.70
N LEU J 101 -37.40 2.28 -20.63
CA LEU J 101 -36.44 1.19 -20.52
C LEU J 101 -36.54 0.55 -19.14
N ILE J 102 -36.71 1.39 -18.12
CA ILE J 102 -36.83 0.91 -16.75
C ILE J 102 -38.09 0.04 -16.63
N ALA J 103 -39.15 0.44 -17.32
CA ALA J 103 -40.40 -0.29 -17.29
C ALA J 103 -40.21 -1.65 -17.95
N GLU J 104 -39.51 -1.67 -19.08
CA GLU J 104 -39.26 -2.89 -19.82
C GLU J 104 -38.42 -3.86 -18.98
N LEU J 105 -37.36 -3.35 -18.37
CA LEU J 105 -36.51 -4.19 -17.53
C LEU J 105 -37.31 -4.75 -16.37
N HIS J 106 -38.09 -3.90 -15.72
CA HIS J 106 -38.90 -4.34 -14.59
C HIS J 106 -39.90 -5.41 -15.02
N ARG J 107 -40.46 -5.25 -16.22
CA ARG J 107 -41.43 -6.22 -16.73
C ARG J 107 -40.79 -7.60 -16.82
N LEU J 108 -39.59 -7.65 -17.40
CA LEU J 108 -38.86 -8.89 -17.55
C LEU J 108 -38.54 -9.52 -16.20
N GLU J 109 -38.20 -8.68 -15.23
CA GLU J 109 -37.88 -9.17 -13.89
C GLU J 109 -39.11 -9.74 -13.20
N SER J 110 -40.26 -9.09 -13.38
CA SER J 110 -41.50 -9.57 -12.77
C SER J 110 -41.95 -10.80 -13.55
N ALA J 111 -41.51 -10.88 -14.80
CA ALA J 111 -41.86 -11.98 -15.69
C ALA J 111 -41.29 -13.30 -15.19
N GLN J 112 -40.02 -13.30 -14.80
CA GLN J 112 -39.41 -14.53 -14.32
C GLN J 112 -39.98 -14.89 -12.95
N ALA J 113 -40.26 -13.87 -12.15
CA ALA J 113 -40.84 -14.10 -10.82
C ALA J 113 -42.15 -14.84 -10.98
N GLU J 114 -42.93 -14.41 -11.98
CA GLU J 114 -44.22 -15.03 -12.26
C GLU J 114 -43.96 -16.45 -12.78
N PHE J 115 -42.97 -16.58 -13.65
CA PHE J 115 -42.59 -17.85 -14.23
C PHE J 115 -42.24 -18.87 -13.14
N LEU J 116 -41.62 -18.39 -12.07
CA LEU J 116 -41.24 -19.26 -10.96
C LEU J 116 -42.49 -19.80 -10.28
N LEU J 117 -43.42 -18.91 -9.96
CA LEU J 117 -44.66 -19.29 -9.28
C LEU J 117 -45.44 -20.34 -10.08
N ASP J 118 -45.26 -20.34 -11.40
CA ASP J 118 -45.96 -21.30 -12.25
C ASP J 118 -45.55 -22.74 -11.93
N HIS J 119 -44.39 -22.91 -11.29
CA HIS J 119 -43.90 -24.24 -10.98
C HIS J 119 -44.10 -24.63 -9.53
N LEU J 120 -44.85 -23.84 -8.78
CA LEU J 120 -45.10 -24.17 -7.37
C LEU J 120 -46.24 -25.17 -7.26
N GLY J 121 -46.86 -25.48 -8.40
CA GLY J 121 -47.97 -26.41 -8.41
C GLY J 121 -49.19 -25.86 -7.71
N PRO J 122 -50.27 -26.64 -7.62
CA PRO J 122 -51.50 -26.20 -6.96
C PRO J 122 -51.24 -25.78 -5.52
N VAL J 123 -51.84 -24.66 -5.11
CA VAL J 123 -51.67 -24.17 -3.76
C VAL J 123 -52.88 -23.32 -3.33
N GLY J 124 -53.54 -23.76 -2.27
CA GLY J 124 -54.72 -23.05 -1.78
C GLY J 124 -54.43 -22.05 -0.69
N PRO J 125 -55.44 -21.25 -0.31
CA PRO J 125 -55.34 -20.22 0.73
C PRO J 125 -54.95 -20.74 2.10
N GLY J 126 -55.09 -22.04 2.30
CA GLY J 126 -54.72 -22.62 3.58
C GLY J 126 -53.27 -23.02 3.65
N ASP J 127 -52.61 -23.11 2.50
CA ASP J 127 -51.21 -23.51 2.44
C ASP J 127 -50.28 -22.37 2.85
N THR J 128 -49.04 -22.74 3.20
CA THR J 128 -48.03 -21.78 3.60
C THR J 128 -46.83 -21.88 2.65
N LEU J 129 -46.29 -20.73 2.25
CA LEU J 129 -45.15 -20.69 1.34
C LEU J 129 -43.95 -20.04 2.02
N VAL J 130 -42.76 -20.50 1.67
CA VAL J 130 -41.54 -19.94 2.24
C VAL J 130 -40.64 -19.39 1.15
N ASP J 131 -40.06 -18.21 1.41
CA ASP J 131 -39.17 -17.56 0.46
C ASP J 131 -37.79 -17.41 1.08
N ALA J 132 -36.90 -18.36 0.76
CA ALA J 132 -35.54 -18.33 1.28
C ALA J 132 -34.79 -17.16 0.64
N GLY J 133 -34.42 -16.17 1.44
CA GLY J 133 -33.74 -15.00 0.91
C GLY J 133 -34.75 -14.24 0.08
N CYS J 134 -35.76 -13.71 0.75
CA CYS J 134 -36.84 -12.98 0.09
C CYS J 134 -36.52 -11.59 -0.43
N GLY J 135 -35.40 -11.01 0.02
CA GLY J 135 -35.08 -9.67 -0.44
C GLY J 135 -36.06 -8.64 0.10
N ARG J 136 -36.65 -7.83 -0.78
CA ARG J 136 -37.60 -6.81 -0.35
C ARG J 136 -39.06 -7.29 -0.38
N GLY J 137 -39.26 -8.55 -0.73
CA GLY J 137 -40.61 -9.10 -0.75
C GLY J 137 -41.36 -9.03 -2.07
N GLY J 138 -40.67 -8.70 -3.15
CA GLY J 138 -41.32 -8.61 -4.45
C GLY J 138 -42.07 -9.88 -4.82
N SER J 139 -41.38 -11.00 -4.81
CA SER J 139 -41.97 -12.28 -5.15
C SER J 139 -43.05 -12.70 -4.15
N MET J 140 -42.84 -12.37 -2.88
CA MET J 140 -43.80 -12.71 -1.83
C MET J 140 -45.18 -12.10 -2.09
N VAL J 141 -45.20 -10.82 -2.43
CA VAL J 141 -46.46 -10.13 -2.69
C VAL J 141 -47.18 -10.78 -3.88
N MET J 142 -46.47 -10.98 -4.98
CA MET J 142 -47.04 -11.60 -6.16
C MET J 142 -47.62 -12.97 -5.81
N ALA J 143 -46.86 -13.75 -5.07
CA ALA J 143 -47.30 -15.08 -4.68
C ALA J 143 -48.64 -15.00 -3.93
N HIS J 144 -48.72 -14.11 -2.94
CA HIS J 144 -49.95 -13.97 -2.18
C HIS J 144 -51.11 -13.51 -3.02
N GLN J 145 -50.92 -12.44 -3.80
CA GLN J 145 -51.98 -11.91 -4.64
C GLN J 145 -52.51 -13.00 -5.58
N ARG J 146 -51.64 -13.93 -5.95
CA ARG J 146 -52.00 -15.01 -6.85
C ARG J 146 -52.63 -16.24 -6.19
N PHE J 147 -52.28 -16.51 -4.94
CA PHE J 147 -52.81 -17.67 -4.24
C PHE J 147 -53.61 -17.33 -2.98
N GLY J 148 -53.43 -16.11 -2.47
CA GLY J 148 -54.14 -15.70 -1.27
C GLY J 148 -53.88 -16.59 -0.08
N CYS J 149 -52.63 -17.01 0.07
CA CYS J 149 -52.23 -17.87 1.17
C CYS J 149 -51.18 -17.20 2.03
N LYS J 150 -50.68 -17.93 3.03
CA LYS J 150 -49.63 -17.39 3.90
C LYS J 150 -48.30 -17.46 3.18
N VAL J 151 -47.53 -16.37 3.26
CA VAL J 151 -46.23 -16.33 2.61
C VAL J 151 -45.19 -15.84 3.59
N GLU J 152 -44.40 -16.78 4.11
CA GLU J 152 -43.35 -16.46 5.06
C GLU J 152 -42.02 -16.22 4.35
N GLY J 153 -41.46 -15.03 4.53
CA GLY J 153 -40.19 -14.70 3.92
C GLY J 153 -39.10 -14.69 4.98
N VAL J 154 -37.87 -14.88 4.54
CA VAL J 154 -36.74 -14.89 5.46
C VAL J 154 -35.50 -14.29 4.78
N THR J 155 -34.88 -13.34 5.45
CA THR J 155 -33.70 -12.68 4.91
C THR J 155 -32.71 -12.31 6.01
N LEU J 156 -31.47 -12.06 5.60
CA LEU J 156 -30.40 -11.70 6.52
C LEU J 156 -30.36 -10.19 6.77
N SER J 157 -30.97 -9.44 5.87
CA SER J 157 -30.99 -7.97 5.95
C SER J 157 -32.19 -7.43 6.71
N ALA J 158 -31.95 -6.85 7.88
CA ALA J 158 -33.01 -6.28 8.69
C ALA J 158 -33.70 -5.17 7.90
N ALA J 159 -32.93 -4.52 7.04
CA ALA J 159 -33.46 -3.44 6.23
C ALA J 159 -34.50 -3.98 5.27
N GLN J 160 -34.10 -5.02 4.51
CA GLN J 160 -34.99 -5.64 3.53
C GLN J 160 -36.24 -6.22 4.18
N ALA J 161 -36.08 -6.72 5.40
CA ALA J 161 -37.19 -7.29 6.13
C ALA J 161 -38.24 -6.22 6.41
N GLU J 162 -37.81 -5.15 7.06
CA GLU J 162 -38.70 -4.04 7.38
C GLU J 162 -39.33 -3.44 6.14
N PHE J 163 -38.53 -3.26 5.09
CA PHE J 163 -39.02 -2.72 3.83
C PHE J 163 -40.15 -3.59 3.32
N GLY J 164 -39.94 -4.91 3.39
CA GLY J 164 -40.96 -5.85 2.94
C GLY J 164 -42.26 -5.74 3.70
N ASN J 165 -42.18 -5.74 5.02
CA ASN J 165 -43.36 -5.64 5.86
C ASN J 165 -44.03 -4.28 5.70
N ARG J 166 -43.21 -3.23 5.57
CA ARG J 166 -43.72 -1.88 5.38
C ARG J 166 -44.65 -1.91 4.17
N ARG J 167 -44.09 -2.30 3.03
CA ARG J 167 -44.83 -2.40 1.78
C ARG J 167 -45.99 -3.38 1.92
N ALA J 168 -45.83 -4.36 2.82
CA ALA J 168 -46.86 -5.37 3.04
C ALA J 168 -48.08 -4.76 3.70
N ARG J 169 -47.86 -3.83 4.63
CA ARG J 169 -48.95 -3.18 5.34
C ARG J 169 -49.72 -2.26 4.40
N GLU J 170 -49.01 -1.62 3.49
CA GLU J 170 -49.62 -0.72 2.51
C GLU J 170 -50.67 -1.47 1.69
N LEU J 171 -50.34 -2.68 1.25
CA LEU J 171 -51.24 -3.50 0.46
C LEU J 171 -52.32 -4.12 1.34
N GLY J 172 -52.17 -3.97 2.65
CA GLY J 172 -53.13 -4.53 3.59
C GLY J 172 -53.14 -6.05 3.59
N ILE J 173 -51.95 -6.64 3.58
CA ILE J 173 -51.82 -8.10 3.58
C ILE J 173 -50.77 -8.54 4.59
N ASP J 174 -50.35 -7.61 5.44
CA ASP J 174 -49.33 -7.88 6.45
C ASP J 174 -49.65 -9.07 7.36
N ASP J 175 -50.91 -9.49 7.38
CA ASP J 175 -51.30 -10.63 8.21
C ASP J 175 -51.20 -11.95 7.46
N HIS J 176 -50.73 -11.88 6.22
CA HIS J 176 -50.56 -13.06 5.39
C HIS J 176 -49.13 -13.12 4.86
N VAL J 177 -48.61 -11.96 4.45
CA VAL J 177 -47.25 -11.86 3.94
C VAL J 177 -46.35 -11.18 4.97
N ARG J 178 -45.32 -11.89 5.41
CA ARG J 178 -44.41 -11.36 6.40
C ARG J 178 -42.96 -11.78 6.18
N SER J 179 -42.05 -10.81 6.26
CA SER J 179 -40.63 -11.06 6.10
C SER J 179 -40.01 -10.94 7.48
N ARG J 180 -38.94 -11.69 7.72
CA ARG J 180 -38.27 -11.65 9.02
C ARG J 180 -36.78 -11.94 8.86
N VAL J 181 -35.98 -11.33 9.75
CA VAL J 181 -34.54 -11.54 9.71
C VAL J 181 -34.21 -12.90 10.29
N CYS J 182 -33.71 -13.80 9.44
CA CYS J 182 -33.36 -15.14 9.88
C CYS J 182 -32.53 -15.85 8.81
N ASN J 183 -31.69 -16.78 9.25
CA ASN J 183 -30.84 -17.52 8.32
C ASN J 183 -31.64 -18.66 7.70
N MET J 184 -31.75 -18.66 6.38
CA MET J 184 -32.50 -19.69 5.67
C MET J 184 -32.02 -21.11 5.96
N LEU J 185 -30.84 -21.25 6.56
CA LEU J 185 -30.30 -22.56 6.89
C LEU J 185 -30.86 -23.08 8.21
N ASP J 186 -31.34 -22.16 9.04
CA ASP J 186 -31.91 -22.54 10.33
C ASP J 186 -33.19 -21.74 10.55
N THR J 187 -34.24 -22.14 9.86
CA THR J 187 -35.54 -21.46 9.95
C THR J 187 -36.40 -22.01 11.08
N PRO J 188 -37.33 -21.20 11.61
CA PRO J 188 -38.24 -21.58 12.69
C PRO J 188 -39.48 -22.40 12.30
N PHE J 189 -39.74 -22.52 11.00
CA PHE J 189 -40.90 -23.27 10.53
C PHE J 189 -40.85 -24.73 10.94
N GLU J 190 -41.99 -25.28 11.34
CA GLU J 190 -42.07 -26.67 11.77
C GLU J 190 -42.04 -27.66 10.61
N LYS J 191 -41.62 -28.89 10.91
CA LYS J 191 -41.51 -29.95 9.93
C LYS J 191 -42.76 -30.19 9.10
N GLY J 192 -42.57 -30.30 7.78
CA GLY J 192 -43.66 -30.56 6.86
C GLY J 192 -44.93 -29.74 7.04
N THR J 193 -44.78 -28.45 7.29
CA THR J 193 -45.92 -27.57 7.46
C THR J 193 -46.00 -26.58 6.30
N VAL J 194 -44.97 -26.60 5.45
CA VAL J 194 -44.91 -25.72 4.30
C VAL J 194 -45.33 -26.45 3.03
N ALA J 195 -46.26 -25.86 2.29
CA ALA J 195 -46.76 -26.45 1.05
C ALA J 195 -45.77 -26.32 -0.10
N ALA J 196 -45.02 -25.23 -0.10
CA ALA J 196 -44.04 -24.98 -1.16
C ALA J 196 -43.09 -23.86 -0.76
N SER J 197 -41.83 -24.00 -1.16
CA SER J 197 -40.81 -23.00 -0.87
C SER J 197 -39.95 -22.82 -2.10
N TRP J 198 -39.02 -21.86 -2.06
CA TRP J 198 -38.17 -21.61 -3.21
C TRP J 198 -36.99 -20.70 -2.92
N ASN J 199 -36.03 -20.70 -3.85
CA ASN J 199 -34.85 -19.86 -3.76
C ASN J 199 -34.70 -19.13 -5.08
N ASN J 200 -35.09 -17.85 -5.11
CA ASN J 200 -34.98 -17.07 -6.33
C ASN J 200 -33.66 -16.29 -6.30
N GLU J 201 -32.61 -16.91 -6.82
CA GLU J 201 -31.30 -16.28 -6.86
C GLU J 201 -30.84 -15.90 -5.45
N SER J 202 -30.59 -16.91 -4.62
CA SER J 202 -30.14 -16.69 -3.25
C SER J 202 -29.43 -17.94 -2.74
N SER J 203 -29.31 -18.94 -3.59
CA SER J 203 -28.64 -20.20 -3.23
C SER J 203 -27.12 -20.12 -3.38
N MET J 204 -26.63 -19.03 -3.95
CA MET J 204 -25.19 -18.86 -4.14
C MET J 204 -24.56 -18.35 -2.86
N TYR J 205 -25.39 -18.06 -1.87
CA TYR J 205 -24.91 -17.54 -0.58
C TYR J 205 -24.85 -18.58 0.53
N VAL J 206 -25.18 -19.82 0.20
CA VAL J 206 -25.18 -20.89 1.20
C VAL J 206 -24.75 -22.26 0.66
N ASP J 207 -24.56 -23.21 1.58
CA ASP J 207 -24.17 -24.57 1.22
C ASP J 207 -25.39 -25.33 0.74
N LEU J 208 -25.34 -25.80 -0.51
CA LEU J 208 -26.46 -26.52 -1.10
C LEU J 208 -27.06 -27.65 -0.26
N HIS J 209 -26.22 -28.55 0.24
CA HIS J 209 -26.74 -29.65 1.05
C HIS J 209 -27.49 -29.15 2.28
N ASP J 210 -26.90 -28.19 2.98
CA ASP J 210 -27.54 -27.65 4.18
C ASP J 210 -28.85 -26.94 3.87
N VAL J 211 -28.87 -26.11 2.83
CA VAL J 211 -30.08 -25.38 2.48
C VAL J 211 -31.20 -26.30 2.02
N PHE J 212 -30.90 -27.26 1.15
CA PHE J 212 -31.93 -28.17 0.67
C PHE J 212 -32.39 -29.07 1.80
N ALA J 213 -31.49 -29.36 2.73
CA ALA J 213 -31.81 -30.20 3.86
C ALA J 213 -32.87 -29.50 4.71
N GLU J 214 -32.75 -28.17 4.81
CA GLU J 214 -33.70 -27.40 5.59
C GLU J 214 -35.05 -27.40 4.90
N HIS J 215 -35.06 -27.03 3.62
CA HIS J 215 -36.30 -27.01 2.83
C HIS J 215 -36.99 -28.35 2.98
N SER J 216 -36.24 -29.42 2.77
CA SER J 216 -36.75 -30.77 2.88
C SER J 216 -37.38 -31.01 4.26
N ARG J 217 -36.87 -30.31 5.27
CA ARG J 217 -37.39 -30.47 6.62
C ARG J 217 -38.77 -29.87 6.82
N PHE J 218 -38.86 -28.54 6.71
CA PHE J 218 -40.14 -27.86 6.89
C PHE J 218 -41.13 -28.07 5.75
N LEU J 219 -40.66 -28.65 4.66
CA LEU J 219 -41.52 -28.89 3.50
C LEU J 219 -42.35 -30.16 3.70
N ARG J 220 -43.64 -30.06 3.43
CA ARG J 220 -44.57 -31.17 3.56
C ARG J 220 -44.28 -32.26 2.53
N VAL J 221 -44.49 -33.51 2.91
CA VAL J 221 -44.25 -34.62 1.99
C VAL J 221 -45.15 -34.43 0.79
N GLY J 222 -44.55 -34.49 -0.40
CA GLY J 222 -45.32 -34.29 -1.62
C GLY J 222 -45.31 -32.82 -1.97
N GLY J 223 -44.72 -32.02 -1.09
CA GLY J 223 -44.63 -30.59 -1.34
C GLY J 223 -43.80 -30.28 -2.57
N ARG J 224 -43.78 -29.00 -2.97
CA ARG J 224 -43.02 -28.59 -4.14
C ARG J 224 -41.96 -27.53 -3.85
N TYR J 225 -40.75 -27.78 -4.34
CA TYR J 225 -39.65 -26.86 -4.18
C TYR J 225 -39.21 -26.37 -5.56
N VAL J 226 -38.95 -25.07 -5.68
CA VAL J 226 -38.53 -24.47 -6.94
C VAL J 226 -37.34 -23.55 -6.71
N THR J 227 -36.54 -23.35 -7.73
CA THR J 227 -35.38 -22.47 -7.63
C THR J 227 -34.88 -22.00 -8.98
N VAL J 228 -34.65 -20.70 -9.07
CA VAL J 228 -34.13 -20.08 -10.28
C VAL J 228 -32.75 -19.61 -9.86
N THR J 229 -31.73 -20.02 -10.60
CA THR J 229 -30.37 -19.61 -10.25
C THR J 229 -29.39 -19.69 -11.40
N GLY J 230 -28.17 -19.22 -11.14
CA GLY J 230 -27.13 -19.26 -12.12
C GLY J 230 -26.07 -20.19 -11.58
N CYS J 231 -25.70 -21.19 -12.36
CA CYS J 231 -24.70 -22.16 -11.93
C CYS J 231 -23.71 -22.41 -13.06
N TRP J 232 -22.42 -22.56 -12.72
CA TRP J 232 -21.45 -22.82 -13.77
C TRP J 232 -21.68 -24.23 -14.30
N ASN J 233 -21.69 -24.36 -15.62
CA ASN J 233 -21.91 -25.64 -16.27
C ASN J 233 -20.73 -26.59 -16.11
N PRO J 234 -20.97 -27.75 -15.47
CA PRO J 234 -19.92 -28.75 -15.25
C PRO J 234 -19.35 -29.26 -16.57
N ARG J 235 -20.14 -29.10 -17.64
CA ARG J 235 -19.75 -29.52 -18.97
C ARG J 235 -18.54 -28.72 -19.43
N TYR J 236 -18.41 -27.52 -18.88
CA TYR J 236 -17.29 -26.63 -19.21
C TYR J 236 -16.01 -27.05 -18.51
N GLY J 237 -16.16 -27.66 -17.33
CA GLY J 237 -14.99 -28.10 -16.58
C GLY J 237 -14.89 -27.51 -15.18
N GLN J 238 -14.58 -26.23 -15.10
CA GLN J 238 -14.46 -25.54 -13.83
C GLN J 238 -14.98 -24.11 -14.01
N PRO J 239 -15.16 -23.37 -12.90
CA PRO J 239 -15.65 -22.00 -13.00
C PRO J 239 -14.70 -21.12 -13.82
N SER J 240 -15.22 -20.52 -14.89
CA SER J 240 -14.42 -19.64 -15.74
C SER J 240 -14.19 -18.32 -15.01
N LYS J 241 -13.24 -17.53 -15.48
CA LYS J 241 -12.96 -16.25 -14.83
C LYS J 241 -14.24 -15.43 -14.71
N TRP J 242 -15.08 -15.46 -15.75
CA TRP J 242 -16.34 -14.73 -15.76
C TRP J 242 -17.14 -15.03 -14.50
N VAL J 243 -17.31 -16.32 -14.21
CA VAL J 243 -18.05 -16.74 -13.03
C VAL J 243 -17.37 -16.23 -11.77
N SER J 244 -16.06 -16.40 -11.69
CA SER J 244 -15.30 -15.95 -10.53
C SER J 244 -15.46 -14.44 -10.34
N GLN J 245 -15.57 -13.72 -11.45
CA GLN J 245 -15.74 -12.29 -11.40
C GLN J 245 -17.09 -11.95 -10.77
N ILE J 246 -18.10 -12.74 -11.12
CA ILE J 246 -19.44 -12.53 -10.58
C ILE J 246 -19.43 -12.83 -9.07
N ASN J 247 -18.66 -13.82 -8.66
CA ASN J 247 -18.57 -14.18 -7.25
C ASN J 247 -17.91 -13.06 -6.47
N ALA J 248 -16.82 -12.53 -7.01
CA ALA J 248 -16.09 -11.46 -6.37
C ALA J 248 -16.93 -10.18 -6.32
N HIS J 249 -17.74 -9.99 -7.35
CA HIS J 249 -18.60 -8.81 -7.44
C HIS J 249 -19.70 -8.80 -6.39
N PHE J 250 -20.44 -9.90 -6.31
CA PHE J 250 -21.55 -10.02 -5.35
C PHE J 250 -21.10 -10.64 -4.03
N GLU J 251 -19.83 -11.02 -3.96
CA GLU J 251 -19.28 -11.63 -2.76
C GLU J 251 -20.06 -12.89 -2.42
N CYS J 252 -20.35 -13.70 -3.43
CA CYS J 252 -21.09 -14.95 -3.26
C CYS J 252 -20.26 -16.16 -3.66
N ASN J 253 -20.94 -17.28 -3.88
CA ASN J 253 -20.27 -18.52 -4.25
C ASN J 253 -21.15 -19.39 -5.16
N ILE J 254 -21.03 -19.18 -6.46
CA ILE J 254 -21.81 -19.94 -7.44
C ILE J 254 -21.45 -21.42 -7.47
N HIS J 255 -22.48 -22.26 -7.60
CA HIS J 255 -22.31 -23.71 -7.61
C HIS J 255 -22.46 -24.25 -9.03
N SER J 256 -22.07 -25.51 -9.23
CA SER J 256 -22.19 -26.13 -10.54
C SER J 256 -23.57 -26.79 -10.63
N ARG J 257 -24.05 -27.02 -11.85
CA ARG J 257 -25.35 -27.66 -12.00
C ARG J 257 -25.29 -29.04 -11.37
N ARG J 258 -24.08 -29.61 -11.34
CA ARG J 258 -23.88 -30.94 -10.76
C ARG J 258 -24.18 -30.93 -9.26
N GLU J 259 -23.70 -29.90 -8.57
CA GLU J 259 -23.93 -29.78 -7.13
C GLU J 259 -25.41 -29.65 -6.82
N TYR J 260 -26.11 -28.87 -7.62
CA TYR J 260 -27.54 -28.66 -7.42
C TYR J 260 -28.29 -29.98 -7.50
N LEU J 261 -28.06 -30.73 -8.57
CA LEU J 261 -28.73 -32.01 -8.77
C LEU J 261 -28.38 -33.04 -7.69
N ARG J 262 -27.10 -33.15 -7.34
CA ARG J 262 -26.69 -34.12 -6.33
C ARG J 262 -27.22 -33.72 -4.96
N ALA J 263 -27.11 -32.44 -4.62
CA ALA J 263 -27.59 -31.95 -3.33
C ALA J 263 -29.07 -32.27 -3.14
N MET J 264 -29.86 -32.10 -4.20
CA MET J 264 -31.29 -32.38 -4.13
C MET J 264 -31.54 -33.87 -3.93
N ALA J 265 -30.79 -34.68 -4.67
CA ALA J 265 -30.93 -36.14 -4.58
C ALA J 265 -30.63 -36.62 -3.17
N ASP J 266 -29.66 -35.99 -2.52
CA ASP J 266 -29.28 -36.37 -1.17
C ASP J 266 -30.23 -35.85 -0.10
N ASN J 267 -31.23 -35.07 -0.50
CA ASN J 267 -32.18 -34.52 0.45
C ASN J 267 -33.64 -34.82 0.13
N ARG J 268 -33.90 -35.96 -0.50
CA ARG J 268 -35.25 -36.36 -0.86
C ARG J 268 -35.98 -35.33 -1.71
N LEU J 269 -35.27 -34.73 -2.66
CA LEU J 269 -35.85 -33.74 -3.56
C LEU J 269 -35.73 -34.22 -5.00
N VAL J 270 -36.81 -34.73 -5.55
CA VAL J 270 -36.81 -35.24 -6.92
C VAL J 270 -37.29 -34.23 -7.95
N PRO J 271 -36.39 -33.74 -8.81
CA PRO J 271 -36.70 -32.76 -9.85
C PRO J 271 -37.79 -33.22 -10.81
N GLN J 272 -38.80 -32.37 -10.98
CA GLN J 272 -39.91 -32.64 -11.89
C GLN J 272 -39.63 -31.91 -13.22
N THR J 273 -38.96 -30.76 -13.11
CA THR J 273 -38.62 -29.95 -14.26
C THR J 273 -37.24 -29.32 -14.12
N VAL J 274 -36.47 -29.38 -15.20
CA VAL J 274 -35.14 -28.80 -15.23
C VAL J 274 -34.98 -28.16 -16.60
N VAL J 275 -35.17 -26.84 -16.64
CA VAL J 275 -35.06 -26.10 -17.89
C VAL J 275 -33.99 -25.01 -17.83
N ASP J 276 -33.24 -24.90 -18.92
CA ASP J 276 -32.18 -23.90 -19.04
C ASP J 276 -32.78 -22.62 -19.62
N LEU J 277 -32.82 -21.56 -18.81
CA LEU J 277 -33.38 -20.29 -19.25
C LEU J 277 -32.37 -19.29 -19.79
N THR J 278 -31.13 -19.72 -19.99
CA THR J 278 -30.10 -18.83 -20.49
C THR J 278 -30.57 -18.00 -21.70
N PRO J 279 -31.11 -18.66 -22.73
CA PRO J 279 -31.57 -17.93 -23.92
C PRO J 279 -32.67 -16.91 -23.62
N GLU J 280 -33.42 -17.14 -22.56
CA GLU J 280 -34.52 -16.26 -22.17
C GLU J 280 -34.05 -15.04 -21.37
N THR J 281 -32.95 -15.20 -20.66
CA THR J 281 -32.41 -14.10 -19.85
C THR J 281 -31.39 -13.26 -20.62
N LEU J 282 -30.85 -13.79 -21.70
CA LEU J 282 -29.87 -13.06 -22.50
C LEU J 282 -30.39 -11.68 -22.92
N PRO J 283 -31.61 -11.63 -23.49
CA PRO J 283 -32.19 -10.35 -23.92
C PRO J 283 -32.18 -9.31 -22.81
N TYR J 284 -32.60 -9.72 -21.62
CA TYR J 284 -32.63 -8.84 -20.45
C TYR J 284 -31.30 -8.16 -20.22
N TRP J 285 -30.23 -8.94 -20.18
CA TRP J 285 -28.90 -8.39 -19.96
C TRP J 285 -28.39 -7.47 -21.07
N GLU J 286 -28.51 -7.91 -22.31
CA GLU J 286 -28.04 -7.10 -23.43
C GLU J 286 -28.70 -5.73 -23.44
N LEU J 287 -29.96 -5.68 -23.04
CA LEU J 287 -30.70 -4.42 -22.99
C LEU J 287 -30.19 -3.59 -21.81
N ARG J 288 -30.04 -4.24 -20.66
CA ARG J 288 -29.55 -3.57 -19.47
C ARG J 288 -28.13 -3.06 -19.68
N ALA J 289 -27.40 -3.71 -20.58
CA ALA J 289 -26.02 -3.32 -20.87
C ALA J 289 -25.93 -1.96 -21.55
N THR J 290 -27.00 -1.55 -22.21
CA THR J 290 -27.03 -0.27 -22.91
C THR J 290 -27.60 0.85 -22.05
N SER J 291 -28.29 0.50 -20.97
CA SER J 291 -28.88 1.49 -20.08
C SER J 291 -27.79 2.19 -19.28
N SER J 292 -28.22 3.09 -18.40
CA SER J 292 -27.29 3.83 -17.56
C SER J 292 -27.33 3.32 -16.13
N LEU J 293 -28.17 2.32 -15.88
CA LEU J 293 -28.29 1.74 -14.56
C LEU J 293 -27.18 0.72 -14.36
N VAL J 294 -26.45 0.47 -15.44
CA VAL J 294 -25.33 -0.47 -15.46
C VAL J 294 -24.52 -0.46 -14.17
N THR J 295 -24.29 -1.65 -13.60
CA THR J 295 -23.53 -1.77 -12.36
C THR J 295 -22.09 -2.19 -12.64
N GLY J 296 -21.82 -2.61 -13.87
CA GLY J 296 -20.47 -3.01 -14.24
C GLY J 296 -20.21 -4.50 -14.21
N ILE J 297 -21.25 -5.30 -14.03
CA ILE J 297 -21.10 -6.75 -14.01
C ILE J 297 -21.82 -7.38 -15.21
N GLU J 298 -22.41 -6.53 -16.05
CA GLU J 298 -23.13 -6.98 -17.24
C GLU J 298 -22.29 -7.87 -18.14
N GLU J 299 -21.06 -7.45 -18.42
CA GLU J 299 -20.18 -8.23 -19.31
C GLU J 299 -19.98 -9.65 -18.81
N ALA J 300 -19.59 -9.79 -17.54
CA ALA J 300 -19.36 -11.09 -16.95
C ALA J 300 -20.51 -12.04 -17.28
N PHE J 301 -21.73 -11.58 -17.06
CA PHE J 301 -22.91 -12.39 -17.34
C PHE J 301 -23.04 -12.71 -18.82
N ILE J 302 -23.18 -11.67 -19.64
CA ILE J 302 -23.33 -11.86 -21.08
C ILE J 302 -22.28 -12.81 -21.66
N GLU J 303 -21.02 -12.54 -21.39
CA GLU J 303 -19.94 -13.38 -21.90
C GLU J 303 -20.01 -14.82 -21.45
N SER J 304 -20.15 -15.03 -20.15
CA SER J 304 -20.22 -16.38 -19.60
C SER J 304 -21.41 -17.15 -20.18
N TYR J 305 -22.53 -16.45 -20.40
CA TYR J 305 -23.71 -17.08 -20.96
C TYR J 305 -23.43 -17.48 -22.41
N ARG J 306 -22.64 -16.66 -23.09
CA ARG J 306 -22.27 -16.88 -24.48
C ARG J 306 -21.41 -18.13 -24.67
N ASP J 307 -20.27 -18.20 -23.98
CA ASP J 307 -19.38 -19.35 -24.11
C ASP J 307 -19.88 -20.60 -23.37
N GLY J 308 -21.03 -20.47 -22.71
CA GLY J 308 -21.62 -21.59 -22.00
C GLY J 308 -20.94 -22.05 -20.73
N SER J 309 -20.10 -21.20 -20.14
CA SER J 309 -19.41 -21.56 -18.91
C SER J 309 -20.33 -21.30 -17.73
N PHE J 310 -21.34 -20.47 -17.96
CA PHE J 310 -22.30 -20.11 -16.93
C PHE J 310 -23.71 -20.25 -17.52
N GLN J 311 -24.66 -20.69 -16.70
CA GLN J 311 -26.02 -20.86 -17.18
C GLN J 311 -27.09 -20.48 -16.16
N TYR J 312 -28.22 -20.01 -16.66
CA TYR J 312 -29.35 -19.59 -15.84
C TYR J 312 -30.39 -20.70 -15.93
N VAL J 313 -30.57 -21.44 -14.84
CA VAL J 313 -31.53 -22.54 -14.86
C VAL J 313 -32.64 -22.47 -13.82
N LEU J 314 -33.71 -23.23 -14.07
CA LEU J 314 -34.85 -23.31 -13.19
C LEU J 314 -35.10 -24.78 -12.86
N ILE J 315 -35.24 -25.09 -11.57
CA ILE J 315 -35.48 -26.48 -11.15
C ILE J 315 -36.66 -26.56 -10.19
N ALA J 316 -37.60 -27.44 -10.50
CA ALA J 316 -38.79 -27.65 -9.68
C ALA J 316 -38.84 -29.11 -9.27
N ALA J 317 -38.60 -29.39 -7.99
CA ALA J 317 -38.60 -30.76 -7.49
C ALA J 317 -39.68 -31.03 -6.43
N ASP J 318 -40.04 -32.29 -6.28
CA ASP J 318 -41.03 -32.72 -5.33
C ASP J 318 -40.37 -33.24 -4.04
N ARG J 319 -41.05 -33.05 -2.92
CA ARG J 319 -40.54 -33.52 -1.64
C ARG J 319 -41.01 -34.96 -1.44
N VAL J 320 -40.17 -35.91 -1.85
CA VAL J 320 -40.50 -37.33 -1.74
C VAL J 320 -40.19 -37.89 -0.35
N PRO K 63 -47.94 -59.03 -37.43
CA PRO K 63 -47.89 -58.34 -36.11
C PRO K 63 -48.01 -56.82 -36.25
N VAL K 64 -48.97 -56.25 -35.53
CA VAL K 64 -49.22 -54.82 -35.55
C VAL K 64 -47.97 -53.94 -35.47
N ASN K 65 -47.12 -54.20 -34.48
CA ASN K 65 -45.90 -53.42 -34.30
C ASN K 65 -45.08 -53.31 -35.59
N LEU K 66 -45.05 -54.39 -36.37
CA LEU K 66 -44.31 -54.38 -37.64
C LEU K 66 -45.11 -53.65 -38.70
N ARG K 67 -46.42 -53.81 -38.68
CA ARG K 67 -47.31 -53.16 -39.64
C ARG K 67 -47.04 -51.66 -39.67
N LEU K 68 -46.96 -51.05 -38.49
CA LEU K 68 -46.72 -49.61 -38.38
C LEU K 68 -45.38 -49.24 -38.99
N GLY K 69 -44.37 -50.08 -38.78
CA GLY K 69 -43.06 -49.80 -39.31
C GLY K 69 -42.96 -50.00 -40.81
N ASP K 70 -43.96 -50.68 -41.36
CA ASP K 70 -44.00 -50.98 -42.79
C ASP K 70 -44.21 -49.73 -43.64
N VAL K 71 -45.03 -48.80 -43.13
CA VAL K 71 -45.32 -47.57 -43.86
C VAL K 71 -44.12 -46.66 -44.11
N ASP K 72 -43.16 -46.66 -43.18
CA ASP K 72 -41.97 -45.81 -43.30
C ASP K 72 -40.66 -46.57 -43.46
N GLY K 73 -40.57 -47.73 -42.83
CA GLY K 73 -39.35 -48.51 -42.88
C GLY K 73 -38.70 -48.38 -41.51
N LEU K 74 -39.19 -47.42 -40.75
CA LEU K 74 -38.70 -47.16 -39.40
C LEU K 74 -39.49 -48.06 -38.44
N TYR K 75 -38.85 -49.13 -37.98
CA TYR K 75 -39.50 -50.07 -37.07
C TYR K 75 -39.21 -49.73 -35.61
N HIS K 76 -40.19 -49.15 -34.94
CA HIS K 76 -40.05 -48.77 -33.54
C HIS K 76 -40.66 -49.81 -32.61
N HIS K 77 -40.54 -49.56 -31.31
CA HIS K 77 -41.09 -50.43 -30.29
C HIS K 77 -41.35 -49.65 -29.01
N HIS K 78 -41.86 -48.43 -29.19
CA HIS K 78 -42.19 -47.55 -28.08
C HIS K 78 -43.58 -46.95 -28.32
N TYR K 79 -43.77 -45.68 -27.95
CA TYR K 79 -45.06 -45.05 -28.13
C TYR K 79 -44.91 -43.67 -28.76
N GLY K 80 -45.96 -42.86 -28.72
CA GLY K 80 -45.88 -41.54 -29.33
C GLY K 80 -46.25 -40.37 -28.44
N ILE K 81 -46.00 -39.17 -28.95
CA ILE K 81 -46.30 -37.94 -28.25
C ILE K 81 -46.80 -36.92 -29.26
N GLY K 82 -47.52 -35.91 -28.77
CA GLY K 82 -48.07 -34.89 -29.65
C GLY K 82 -49.57 -34.99 -29.80
N ALA K 83 -50.16 -34.02 -30.50
CA ALA K 83 -51.59 -34.01 -30.73
C ALA K 83 -51.96 -34.90 -31.91
N VAL K 84 -53.13 -35.52 -31.83
CA VAL K 84 -53.60 -36.40 -32.89
C VAL K 84 -54.11 -35.58 -34.07
N ASP K 85 -54.02 -36.16 -35.26
CA ASP K 85 -54.49 -35.51 -36.48
C ASP K 85 -55.87 -36.05 -36.82
N HIS K 86 -56.89 -35.55 -36.12
CA HIS K 86 -58.26 -35.99 -36.32
C HIS K 86 -58.80 -35.63 -37.70
N ALA K 87 -58.04 -34.83 -38.44
CA ALA K 87 -58.45 -34.42 -39.78
C ALA K 87 -58.10 -35.54 -40.75
N ALA K 88 -56.80 -35.76 -40.95
CA ALA K 88 -56.32 -36.79 -41.86
C ALA K 88 -56.66 -38.19 -41.37
N LEU K 89 -57.44 -38.28 -40.31
CA LEU K 89 -57.84 -39.57 -39.74
C LEU K 89 -59.13 -40.07 -40.42
N GLY K 90 -59.97 -39.12 -40.81
CA GLY K 90 -61.22 -39.47 -41.49
C GLY K 90 -62.35 -39.96 -40.61
N ASP K 91 -63.21 -40.78 -41.18
CA ASP K 91 -64.37 -41.34 -40.48
C ASP K 91 -64.17 -42.81 -40.16
N PRO K 92 -64.36 -43.19 -38.87
CA PRO K 92 -64.18 -44.59 -38.47
C PRO K 92 -64.99 -45.54 -39.35
N GLY K 93 -66.18 -45.10 -39.75
CA GLY K 93 -67.04 -45.91 -40.59
C GLY K 93 -66.57 -45.93 -42.05
N ASP K 94 -65.29 -46.18 -42.24
CA ASP K 94 -64.72 -46.22 -43.59
C ASP K 94 -63.77 -47.42 -43.71
N GLY K 95 -63.55 -47.88 -44.93
CA GLY K 95 -62.66 -49.00 -45.14
C GLY K 95 -61.21 -48.59 -45.05
N GLY K 96 -60.94 -47.32 -45.37
CA GLY K 96 -59.58 -46.82 -45.32
C GLY K 96 -59.24 -46.10 -44.03
N TYR K 97 -60.22 -46.04 -43.12
CA TYR K 97 -60.03 -45.37 -41.83
C TYR K 97 -58.91 -46.01 -41.03
N GLU K 98 -59.03 -47.31 -40.78
CA GLU K 98 -58.03 -48.04 -40.02
C GLU K 98 -56.64 -47.86 -40.62
N ALA K 99 -56.59 -47.76 -41.94
CA ALA K 99 -55.31 -47.57 -42.63
C ALA K 99 -54.73 -46.21 -42.28
N ARG K 100 -55.62 -45.23 -42.10
CA ARG K 100 -55.20 -43.87 -41.76
C ARG K 100 -54.88 -43.75 -40.27
N LEU K 101 -55.49 -44.61 -39.47
CA LEU K 101 -55.26 -44.61 -38.02
C LEU K 101 -53.87 -45.14 -37.73
N ILE K 102 -53.47 -46.18 -38.47
CA ILE K 102 -52.15 -46.77 -38.30
C ILE K 102 -51.07 -45.75 -38.66
N ALA K 103 -51.34 -44.96 -39.70
CA ALA K 103 -50.40 -43.95 -40.14
C ALA K 103 -50.25 -42.88 -39.05
N GLU K 104 -51.38 -42.47 -38.47
CA GLU K 104 -51.38 -41.46 -37.42
C GLU K 104 -50.62 -41.94 -36.20
N LEU K 105 -50.88 -43.17 -35.78
CA LEU K 105 -50.20 -43.73 -34.61
C LEU K 105 -48.70 -43.82 -34.88
N HIS K 106 -48.34 -44.30 -36.07
CA HIS K 106 -46.92 -44.40 -36.43
C HIS K 106 -46.26 -43.02 -36.45
N ARG K 107 -47.00 -42.02 -36.91
CA ARG K 107 -46.46 -40.66 -36.97
C ARG K 107 -46.07 -40.22 -35.57
N LEU K 108 -46.99 -40.41 -34.62
CA LEU K 108 -46.75 -40.02 -33.23
C LEU K 108 -45.56 -40.77 -32.63
N GLU K 109 -45.41 -42.04 -32.98
CA GLU K 109 -44.31 -42.83 -32.46
C GLU K 109 -42.97 -42.36 -33.03
N SER K 110 -42.96 -42.00 -34.31
CA SER K 110 -41.74 -41.51 -34.95
C SER K 110 -41.48 -40.09 -34.43
N ALA K 111 -42.55 -39.44 -34.00
CA ALA K 111 -42.49 -38.07 -33.47
C ALA K 111 -41.66 -38.00 -32.19
N GLN K 112 -41.91 -38.92 -31.26
CA GLN K 112 -41.16 -38.91 -30.02
C GLN K 112 -39.72 -39.36 -30.26
N ALA K 113 -39.55 -40.31 -31.18
CA ALA K 113 -38.21 -40.78 -31.51
C ALA K 113 -37.39 -39.60 -32.01
N GLU K 114 -38.02 -38.76 -32.82
CA GLU K 114 -37.36 -37.57 -33.36
C GLU K 114 -37.09 -36.61 -32.21
N PHE K 115 -38.09 -36.47 -31.34
CA PHE K 115 -38.00 -35.59 -30.17
C PHE K 115 -36.83 -35.97 -29.28
N LEU K 116 -36.54 -37.26 -29.20
CA LEU K 116 -35.43 -37.74 -28.38
C LEU K 116 -34.10 -37.29 -28.98
N LEU K 117 -33.93 -37.48 -30.28
CA LEU K 117 -32.71 -37.09 -30.96
C LEU K 117 -32.43 -35.60 -30.82
N ASP K 118 -33.48 -34.81 -30.61
CA ASP K 118 -33.30 -33.37 -30.46
C ASP K 118 -32.49 -33.03 -29.22
N HIS K 119 -32.44 -33.97 -28.27
CA HIS K 119 -31.70 -33.75 -27.03
C HIS K 119 -30.33 -34.41 -26.98
N LEU K 120 -29.86 -34.94 -28.10
CA LEU K 120 -28.55 -35.57 -28.14
C LEU K 120 -27.47 -34.52 -28.34
N GLY K 121 -27.88 -33.28 -28.51
CA GLY K 121 -26.94 -32.20 -28.71
C GLY K 121 -26.19 -32.34 -30.02
N PRO K 122 -25.24 -31.44 -30.32
CA PRO K 122 -24.46 -31.48 -31.56
C PRO K 122 -23.73 -32.81 -31.72
N VAL K 123 -23.77 -33.36 -32.93
CA VAL K 123 -23.10 -34.63 -33.20
C VAL K 123 -22.72 -34.74 -34.67
N GLY K 124 -21.42 -34.87 -34.92
CA GLY K 124 -20.92 -34.97 -36.28
C GLY K 124 -20.78 -36.40 -36.80
N PRO K 125 -20.50 -36.55 -38.10
CA PRO K 125 -20.32 -37.85 -38.77
C PRO K 125 -19.20 -38.71 -38.17
N GLY K 126 -18.31 -38.07 -37.43
CA GLY K 126 -17.20 -38.80 -36.82
C GLY K 126 -17.55 -39.40 -35.47
N ASP K 127 -18.64 -38.92 -34.88
CA ASP K 127 -19.07 -39.41 -33.57
C ASP K 127 -19.77 -40.77 -33.63
N THR K 128 -19.83 -41.44 -32.48
CA THR K 128 -20.48 -42.74 -32.38
C THR K 128 -21.62 -42.67 -31.38
N LEU K 129 -22.76 -43.27 -31.74
CA LEU K 129 -23.94 -43.28 -30.88
C LEU K 129 -24.30 -44.70 -30.46
N VAL K 130 -24.82 -44.84 -29.25
CA VAL K 130 -25.22 -46.15 -28.74
C VAL K 130 -26.70 -46.17 -28.39
N ASP K 131 -27.37 -47.26 -28.75
CA ASP K 131 -28.80 -47.42 -28.49
C ASP K 131 -29.01 -48.62 -27.58
N ALA K 132 -29.12 -48.37 -26.28
CA ALA K 132 -29.34 -49.44 -25.30
C ALA K 132 -30.75 -50.00 -25.49
N GLY K 133 -30.83 -51.26 -25.93
CA GLY K 133 -32.13 -51.87 -26.18
C GLY K 133 -32.72 -51.20 -27.40
N CYS K 134 -32.06 -51.40 -28.54
CA CYS K 134 -32.45 -50.78 -29.80
C CYS K 134 -33.70 -51.35 -30.48
N GLY K 135 -34.16 -52.51 -30.05
CA GLY K 135 -35.34 -53.08 -30.67
C GLY K 135 -35.05 -53.49 -32.10
N ARG K 136 -35.87 -53.02 -33.05
CA ARG K 136 -35.67 -53.36 -34.46
C ARG K 136 -34.83 -52.35 -35.21
N GLY K 137 -34.35 -51.32 -34.52
CA GLY K 137 -33.50 -50.33 -35.15
C GLY K 137 -34.19 -49.09 -35.69
N GLY K 138 -35.46 -48.89 -35.35
CA GLY K 138 -36.17 -47.72 -35.85
C GLY K 138 -35.46 -46.42 -35.55
N SER K 139 -35.17 -46.20 -34.27
CA SER K 139 -34.50 -44.98 -33.83
C SER K 139 -33.08 -44.88 -34.40
N MET K 140 -32.42 -46.02 -34.54
CA MET K 140 -31.06 -46.05 -35.06
C MET K 140 -30.99 -45.48 -36.47
N VAL K 141 -31.88 -45.94 -37.35
CA VAL K 141 -31.91 -45.46 -38.72
C VAL K 141 -32.12 -43.95 -38.77
N MET K 142 -33.14 -43.47 -38.05
CA MET K 142 -33.44 -42.04 -38.01
C MET K 142 -32.22 -41.25 -37.56
N ALA K 143 -31.58 -41.72 -36.50
CA ALA K 143 -30.40 -41.06 -35.97
C ALA K 143 -29.32 -40.90 -37.04
N HIS K 144 -29.02 -41.98 -37.73
CA HIS K 144 -28.00 -41.95 -38.77
C HIS K 144 -28.39 -41.03 -39.92
N GLN K 145 -29.61 -41.19 -40.44
CA GLN K 145 -30.05 -40.36 -41.55
C GLN K 145 -29.93 -38.88 -41.18
N ARG K 146 -30.11 -38.58 -39.89
CA ARG K 146 -30.06 -37.21 -39.40
C ARG K 146 -28.65 -36.69 -39.08
N PHE K 147 -27.74 -37.57 -38.68
CA PHE K 147 -26.38 -37.15 -38.34
C PHE K 147 -25.29 -37.77 -39.22
N GLY K 148 -25.63 -38.84 -39.93
CA GLY K 148 -24.67 -39.50 -40.79
C GLY K 148 -23.43 -39.98 -40.05
N CYS K 149 -23.63 -40.50 -38.85
CA CYS K 149 -22.53 -40.99 -38.04
C CYS K 149 -22.72 -42.48 -37.72
N LYS K 150 -21.80 -43.03 -36.93
CA LYS K 150 -21.88 -44.43 -36.54
C LYS K 150 -22.96 -44.58 -35.47
N VAL K 151 -23.78 -45.61 -35.60
CA VAL K 151 -24.84 -45.87 -34.64
C VAL K 151 -24.81 -47.33 -34.24
N GLU K 152 -24.28 -47.59 -33.05
CA GLU K 152 -24.19 -48.95 -32.53
C GLU K 152 -25.41 -49.28 -31.68
N GLY K 153 -26.12 -50.33 -32.06
CA GLY K 153 -27.29 -50.74 -31.32
C GLY K 153 -26.98 -52.01 -30.57
N VAL K 154 -27.74 -52.26 -29.50
CA VAL K 154 -27.54 -53.45 -28.70
C VAL K 154 -28.88 -53.95 -28.15
N THR K 155 -29.15 -55.23 -28.34
CA THR K 155 -30.40 -55.82 -27.87
C THR K 155 -30.21 -57.25 -27.41
N LEU K 156 -31.18 -57.77 -26.66
CA LEU K 156 -31.13 -59.12 -26.15
C LEU K 156 -31.76 -60.12 -27.13
N SER K 157 -32.56 -59.60 -28.06
CA SER K 157 -33.24 -60.43 -29.05
C SER K 157 -32.45 -60.58 -30.35
N ALA K 158 -32.01 -61.80 -30.61
CA ALA K 158 -31.27 -62.10 -31.82
C ALA K 158 -32.14 -61.80 -33.04
N ALA K 159 -33.45 -61.99 -32.86
CA ALA K 159 -34.39 -61.72 -33.94
C ALA K 159 -34.38 -60.24 -34.30
N GLN K 160 -34.54 -59.39 -33.29
CA GLN K 160 -34.56 -57.95 -33.47
C GLN K 160 -33.24 -57.44 -34.06
N ALA K 161 -32.15 -58.08 -33.65
CA ALA K 161 -30.83 -57.69 -34.13
C ALA K 161 -30.75 -57.91 -35.63
N GLU K 162 -31.02 -59.14 -36.05
CA GLU K 162 -30.98 -59.48 -37.46
C GLU K 162 -31.95 -58.62 -38.27
N PHE K 163 -33.16 -58.43 -37.75
CA PHE K 163 -34.16 -57.63 -38.43
C PHE K 163 -33.59 -56.24 -38.67
N GLY K 164 -32.95 -55.68 -37.65
CA GLY K 164 -32.36 -54.35 -37.76
C GLY K 164 -31.30 -54.26 -38.83
N ASN K 165 -30.36 -55.20 -38.82
CA ASN K 165 -29.28 -55.20 -39.80
C ASN K 165 -29.83 -55.47 -41.20
N ARG K 166 -30.82 -56.35 -41.28
CA ARG K 166 -31.45 -56.68 -42.55
C ARG K 166 -31.93 -55.37 -43.17
N ARG K 167 -32.80 -54.68 -42.44
CA ARG K 167 -33.35 -53.40 -42.88
C ARG K 167 -32.24 -52.38 -43.09
N ALA K 168 -31.14 -52.55 -42.36
CA ALA K 168 -30.01 -51.64 -42.47
C ALA K 168 -29.31 -51.78 -43.81
N ARG K 169 -29.22 -53.01 -44.31
CA ARG K 169 -28.57 -53.27 -45.59
C ARG K 169 -29.42 -52.71 -46.72
N GLU K 170 -30.74 -52.81 -46.59
CA GLU K 170 -31.65 -52.31 -47.60
C GLU K 170 -31.43 -50.82 -47.84
N LEU K 171 -31.25 -50.07 -46.76
CA LEU K 171 -31.02 -48.63 -46.86
C LEU K 171 -29.59 -48.34 -47.28
N GLY K 172 -28.76 -49.39 -47.31
CA GLY K 172 -27.37 -49.24 -47.70
C GLY K 172 -26.57 -48.43 -46.69
N ILE K 173 -26.77 -48.70 -45.41
CA ILE K 173 -26.07 -48.00 -44.35
C ILE K 173 -25.53 -48.98 -43.32
N ASP K 174 -25.60 -50.26 -43.65
CA ASP K 174 -25.12 -51.33 -42.78
C ASP K 174 -23.71 -51.14 -42.25
N ASP K 175 -22.93 -50.29 -42.92
CA ASP K 175 -21.55 -50.04 -42.50
C ASP K 175 -21.45 -48.88 -41.50
N HIS K 176 -22.60 -48.34 -41.12
CA HIS K 176 -22.65 -47.24 -40.16
C HIS K 176 -23.63 -47.59 -39.04
N VAL K 177 -24.75 -48.19 -39.41
CA VAL K 177 -25.77 -48.60 -38.46
C VAL K 177 -25.72 -50.11 -38.29
N ARG K 178 -25.50 -50.57 -37.06
CA ARG K 178 -25.43 -52.00 -36.79
C ARG K 178 -25.99 -52.37 -35.43
N SER K 179 -26.83 -53.40 -35.41
CA SER K 179 -27.42 -53.90 -34.18
C SER K 179 -26.72 -55.21 -33.84
N ARG K 180 -26.60 -55.53 -32.57
CA ARG K 180 -25.96 -56.77 -32.15
C ARG K 180 -26.55 -57.29 -30.84
N VAL K 181 -26.57 -58.61 -30.69
CA VAL K 181 -27.09 -59.22 -29.49
C VAL K 181 -26.09 -59.08 -28.37
N CYS K 182 -26.46 -58.31 -27.35
CA CYS K 182 -25.59 -58.06 -26.21
C CYS K 182 -26.35 -57.40 -25.08
N ASN K 183 -25.89 -57.61 -23.85
CA ASN K 183 -26.55 -57.02 -22.69
C ASN K 183 -26.06 -55.57 -22.50
N MET K 184 -26.99 -54.63 -22.53
CA MET K 184 -26.67 -53.21 -22.38
C MET K 184 -25.91 -52.91 -21.08
N LEU K 185 -25.90 -53.86 -20.14
CA LEU K 185 -25.21 -53.66 -18.88
C LEU K 185 -23.73 -53.99 -19.00
N ASP K 186 -23.38 -54.80 -19.99
CA ASP K 186 -21.99 -55.19 -20.23
C ASP K 186 -21.71 -55.10 -21.73
N THR K 187 -21.56 -53.88 -22.21
CA THR K 187 -21.30 -53.62 -23.62
C THR K 187 -19.80 -53.64 -23.94
N PRO K 188 -19.45 -53.95 -25.21
CA PRO K 188 -18.06 -54.02 -25.68
C PRO K 188 -17.40 -52.68 -26.05
N PHE K 189 -18.18 -51.60 -26.08
CA PHE K 189 -17.64 -50.29 -26.43
C PHE K 189 -16.59 -49.82 -25.42
N GLU K 190 -15.52 -49.22 -25.93
CA GLU K 190 -14.43 -48.74 -25.08
C GLU K 190 -14.77 -47.44 -24.35
N LYS K 191 -14.08 -47.22 -23.23
CA LYS K 191 -14.30 -46.05 -22.40
C LYS K 191 -14.24 -44.71 -23.14
N GLY K 192 -15.22 -43.87 -22.84
CA GLY K 192 -15.31 -42.55 -23.45
C GLY K 192 -15.07 -42.45 -24.94
N THR K 193 -15.64 -43.38 -25.71
CA THR K 193 -15.49 -43.36 -27.15
C THR K 193 -16.82 -43.05 -27.81
N VAL K 194 -17.88 -43.00 -27.00
CA VAL K 194 -19.23 -42.73 -27.48
C VAL K 194 -19.60 -41.27 -27.23
N ALA K 195 -20.06 -40.60 -28.30
CA ALA K 195 -20.45 -39.19 -28.23
C ALA K 195 -21.79 -39.00 -27.54
N ALA K 196 -22.69 -39.96 -27.71
CA ALA K 196 -24.01 -39.89 -27.10
C ALA K 196 -24.71 -41.24 -27.14
N SER K 197 -25.47 -41.54 -26.09
CA SER K 197 -26.21 -42.79 -26.00
C SER K 197 -27.59 -42.49 -25.43
N TRP K 198 -28.45 -43.50 -25.40
CA TRP K 198 -29.80 -43.29 -24.88
C TRP K 198 -30.58 -44.58 -24.63
N ASN K 199 -31.65 -44.45 -23.86
CA ASN K 199 -32.53 -45.56 -23.55
C ASN K 199 -33.97 -45.15 -23.88
N ASN K 200 -34.48 -45.59 -25.02
CA ASN K 200 -35.83 -45.26 -25.41
C ASN K 200 -36.79 -46.37 -24.95
N GLU K 201 -37.30 -46.23 -23.72
CA GLU K 201 -38.21 -47.22 -23.16
C GLU K 201 -37.57 -48.60 -23.13
N SER K 202 -36.53 -48.75 -22.31
CA SER K 202 -35.83 -50.02 -22.18
C SER K 202 -35.11 -50.08 -20.84
N SER K 203 -35.25 -49.02 -20.05
CA SER K 203 -34.61 -48.97 -18.74
C SER K 203 -35.41 -49.67 -17.65
N MET K 204 -36.62 -50.12 -18.00
CA MET K 204 -37.47 -50.82 -17.03
C MET K 204 -37.06 -52.29 -16.96
N TYR K 205 -36.12 -52.68 -17.81
CA TYR K 205 -35.66 -54.06 -17.86
C TYR K 205 -34.31 -54.29 -17.17
N VAL K 206 -33.75 -53.24 -16.58
CA VAL K 206 -32.45 -53.37 -15.92
C VAL K 206 -32.31 -52.50 -14.67
N ASP K 207 -31.24 -52.72 -13.92
CA ASP K 207 -30.94 -51.96 -12.71
C ASP K 207 -30.40 -50.59 -13.13
N LEU K 208 -31.05 -49.53 -12.67
CA LEU K 208 -30.65 -48.18 -13.01
C LEU K 208 -29.18 -47.85 -12.74
N HIS K 209 -28.70 -48.11 -11.53
CA HIS K 209 -27.31 -47.81 -11.22
C HIS K 209 -26.36 -48.52 -12.17
N ASP K 210 -26.58 -49.81 -12.40
CA ASP K 210 -25.71 -50.58 -13.28
C ASP K 210 -25.74 -50.09 -14.73
N VAL K 211 -26.94 -49.78 -15.23
CA VAL K 211 -27.07 -49.32 -16.62
C VAL K 211 -26.45 -47.95 -16.83
N PHE K 212 -26.71 -47.01 -15.92
CA PHE K 212 -26.15 -45.67 -16.06
C PHE K 212 -24.64 -45.71 -15.86
N ALA K 213 -24.18 -46.64 -15.01
CA ALA K 213 -22.76 -46.80 -14.74
C ALA K 213 -22.06 -47.19 -16.04
N GLU K 214 -22.73 -48.03 -16.83
CA GLU K 214 -22.17 -48.49 -18.10
C GLU K 214 -22.13 -47.32 -19.09
N HIS K 215 -23.26 -46.65 -19.25
CA HIS K 215 -23.32 -45.50 -20.16
C HIS K 215 -22.20 -44.53 -19.79
N SER K 216 -22.12 -44.23 -18.49
CA SER K 216 -21.10 -43.31 -17.99
C SER K 216 -19.70 -43.78 -18.35
N ARG K 217 -19.52 -45.10 -18.48
CA ARG K 217 -18.22 -45.66 -18.83
C ARG K 217 -17.82 -45.40 -20.27
N PHE K 218 -18.57 -45.97 -21.20
CA PHE K 218 -18.26 -45.80 -22.62
C PHE K 218 -18.55 -44.42 -23.17
N LEU K 219 -19.25 -43.61 -22.38
CA LEU K 219 -19.60 -42.26 -22.80
C LEU K 219 -18.43 -41.28 -22.58
N ARG K 220 -18.13 -40.51 -23.61
CA ARG K 220 -17.06 -39.53 -23.56
C ARG K 220 -17.38 -38.42 -22.56
N VAL K 221 -16.35 -37.89 -21.91
CA VAL K 221 -16.55 -36.81 -20.95
C VAL K 221 -17.16 -35.63 -21.69
N GLY K 222 -18.26 -35.11 -21.15
CA GLY K 222 -18.92 -34.00 -21.79
C GLY K 222 -19.97 -34.53 -22.75
N GLY K 223 -20.00 -35.86 -22.89
CA GLY K 223 -20.96 -36.49 -23.78
C GLY K 223 -22.39 -36.26 -23.31
N ARG K 224 -23.35 -36.66 -24.13
CA ARG K 224 -24.75 -36.48 -23.78
C ARG K 224 -25.55 -37.78 -23.72
N TYR K 225 -26.30 -37.95 -22.63
CA TYR K 225 -27.14 -39.11 -22.44
C TYR K 225 -28.59 -38.67 -22.38
N VAL K 226 -29.47 -39.41 -23.04
CA VAL K 226 -30.88 -39.10 -23.07
C VAL K 226 -31.70 -40.35 -22.82
N THR K 227 -32.91 -40.18 -22.30
CA THR K 227 -33.78 -41.32 -22.04
C THR K 227 -35.25 -40.91 -21.92
N VAL K 228 -36.10 -41.66 -22.62
CA VAL K 228 -37.54 -41.42 -22.58
C VAL K 228 -38.07 -42.66 -21.88
N THR K 229 -38.84 -42.48 -20.82
CA THR K 229 -39.36 -43.63 -20.10
C THR K 229 -40.59 -43.32 -19.27
N GLY K 230 -41.16 -44.38 -18.70
CA GLY K 230 -42.33 -44.25 -17.85
C GLY K 230 -41.88 -44.67 -16.46
N CYS K 231 -42.09 -43.80 -15.47
CA CYS K 231 -41.69 -44.11 -14.12
C CYS K 231 -42.80 -43.73 -13.16
N TRP K 232 -43.02 -44.52 -12.12
CA TRP K 232 -44.06 -44.18 -11.18
C TRP K 232 -43.62 -42.96 -10.38
N ASN K 233 -44.52 -42.00 -10.24
CA ASN K 233 -44.23 -40.76 -9.53
C ASN K 233 -44.11 -40.98 -8.01
N PRO K 234 -42.94 -40.67 -7.44
CA PRO K 234 -42.70 -40.84 -6.00
C PRO K 234 -43.63 -39.94 -5.19
N ARG K 235 -44.17 -38.93 -5.83
CA ARG K 235 -45.09 -37.99 -5.20
C ARG K 235 -46.36 -38.74 -4.80
N TYR K 236 -46.66 -39.82 -5.54
CA TYR K 236 -47.84 -40.63 -5.30
C TYR K 236 -47.64 -41.56 -4.09
N GLY K 237 -46.39 -41.94 -3.83
CA GLY K 237 -46.11 -42.81 -2.71
C GLY K 237 -45.42 -44.11 -3.10
N GLN K 238 -46.18 -45.01 -3.72
CA GLN K 238 -45.66 -46.31 -4.15
C GLN K 238 -46.32 -46.67 -5.48
N PRO K 239 -45.81 -47.72 -6.15
CA PRO K 239 -46.39 -48.12 -7.44
C PRO K 239 -47.86 -48.52 -7.29
N SER K 240 -48.73 -47.84 -8.02
CA SER K 240 -50.16 -48.15 -7.96
C SER K 240 -50.41 -49.44 -8.73
N LYS K 241 -51.58 -50.06 -8.50
CA LYS K 241 -51.90 -51.30 -9.18
C LYS K 241 -51.70 -51.16 -10.69
N TRP K 242 -52.10 -50.01 -11.24
CA TRP K 242 -51.94 -49.76 -12.67
C TRP K 242 -50.52 -50.03 -13.11
N VAL K 243 -49.56 -49.45 -12.39
CA VAL K 243 -48.15 -49.63 -12.72
C VAL K 243 -47.79 -51.11 -12.62
N SER K 244 -48.20 -51.74 -11.52
CA SER K 244 -47.90 -53.15 -11.32
C SER K 244 -48.48 -53.98 -12.45
N GLN K 245 -49.64 -53.57 -12.96
CA GLN K 245 -50.29 -54.28 -14.05
C GLN K 245 -49.44 -54.17 -15.30
N ILE K 246 -48.83 -53.01 -15.51
CA ILE K 246 -47.97 -52.81 -16.66
C ILE K 246 -46.71 -53.66 -16.54
N ASN K 247 -46.21 -53.80 -15.31
CA ASN K 247 -45.03 -54.61 -15.07
C ASN K 247 -45.32 -56.07 -15.39
N ALA K 248 -46.45 -56.56 -14.89
CA ALA K 248 -46.85 -57.94 -15.10
C ALA K 248 -47.14 -58.21 -16.57
N HIS K 249 -47.64 -57.20 -17.26
CA HIS K 249 -47.98 -57.32 -18.67
C HIS K 249 -46.73 -57.46 -19.55
N PHE K 250 -45.77 -56.56 -19.37
CA PHE K 250 -44.55 -56.57 -20.14
C PHE K 250 -43.43 -57.35 -19.47
N GLU K 251 -43.71 -57.86 -18.28
CA GLU K 251 -42.74 -58.63 -17.51
C GLU K 251 -41.49 -57.79 -17.27
N CYS K 252 -41.71 -56.52 -16.90
CA CYS K 252 -40.61 -55.60 -16.63
C CYS K 252 -40.62 -55.11 -15.18
N ASN K 253 -39.91 -54.02 -14.92
CA ASN K 253 -39.82 -53.46 -13.59
C ASN K 253 -39.65 -51.94 -13.63
N ILE K 254 -40.76 -51.23 -13.60
CA ILE K 254 -40.77 -49.77 -13.64
C ILE K 254 -40.14 -49.16 -12.39
N HIS K 255 -39.36 -48.10 -12.59
CA HIS K 255 -38.68 -47.40 -11.51
C HIS K 255 -39.37 -46.08 -11.18
N SER K 256 -39.05 -45.49 -10.04
CA SER K 256 -39.65 -44.22 -9.65
C SER K 256 -38.78 -43.09 -10.22
N ARG K 257 -39.35 -41.90 -10.38
CA ARG K 257 -38.58 -40.79 -10.92
C ARG K 257 -37.41 -40.51 -9.97
N ARG K 258 -37.59 -40.87 -8.70
CA ARG K 258 -36.56 -40.67 -7.69
C ARG K 258 -35.33 -41.52 -7.99
N GLU K 259 -35.55 -42.78 -8.36
CA GLU K 259 -34.46 -43.69 -8.67
C GLU K 259 -33.67 -43.21 -9.89
N TYR K 260 -34.38 -42.72 -10.89
CA TYR K 260 -33.73 -42.22 -12.09
C TYR K 260 -32.78 -41.08 -11.78
N LEU K 261 -33.26 -40.09 -11.03
CA LEU K 261 -32.44 -38.94 -10.67
C LEU K 261 -31.26 -39.31 -9.77
N ARG K 262 -31.50 -40.13 -8.75
CA ARG K 262 -30.43 -40.52 -7.85
C ARG K 262 -29.40 -41.37 -8.59
N ALA K 263 -29.87 -42.33 -9.36
CA ALA K 263 -28.98 -43.22 -10.11
C ALA K 263 -28.05 -42.41 -11.01
N MET K 264 -28.58 -41.38 -11.66
CA MET K 264 -27.76 -40.56 -12.54
C MET K 264 -26.72 -39.77 -11.74
N ALA K 265 -27.15 -39.23 -10.60
CA ALA K 265 -26.27 -38.46 -9.75
C ALA K 265 -25.10 -39.30 -9.26
N ASP K 266 -25.37 -40.58 -8.99
CA ASP K 266 -24.33 -41.48 -8.51
C ASP K 266 -23.42 -41.98 -9.62
N ASN K 267 -23.70 -41.61 -10.86
CA ASN K 267 -22.89 -42.05 -11.99
C ASN K 267 -22.34 -40.93 -12.86
N ARG K 268 -22.11 -39.77 -12.26
CA ARG K 268 -21.57 -38.62 -12.98
C ARG K 268 -22.42 -38.21 -14.17
N LEU K 269 -23.75 -38.25 -14.00
CA LEU K 269 -24.67 -37.85 -15.06
C LEU K 269 -25.55 -36.71 -14.56
N VAL K 270 -25.23 -35.50 -15.02
CA VAL K 270 -25.96 -34.31 -14.60
C VAL K 270 -27.04 -33.91 -15.61
N PRO K 271 -28.31 -34.04 -15.22
CA PRO K 271 -29.48 -33.69 -16.05
C PRO K 271 -29.50 -32.25 -16.52
N GLN K 272 -29.60 -32.06 -17.83
CA GLN K 272 -29.67 -30.73 -18.43
C GLN K 272 -31.13 -30.37 -18.64
N THR K 273 -31.94 -31.39 -18.92
CA THR K 273 -33.37 -31.21 -19.14
C THR K 273 -34.19 -32.34 -18.53
N VAL K 274 -35.29 -31.98 -17.87
CA VAL K 274 -36.17 -32.96 -17.27
C VAL K 274 -37.59 -32.48 -17.53
N VAL K 275 -38.23 -33.05 -18.54
CA VAL K 275 -39.59 -32.66 -18.91
C VAL K 275 -40.57 -33.81 -18.83
N ASP K 276 -41.76 -33.52 -18.31
CA ASP K 276 -42.82 -34.52 -18.17
C ASP K 276 -43.66 -34.49 -19.45
N LEU K 277 -43.60 -35.57 -20.22
CA LEU K 277 -44.35 -35.67 -21.48
C LEU K 277 -45.71 -36.37 -21.36
N THR K 278 -46.16 -36.62 -20.15
CA THR K 278 -47.44 -37.30 -19.95
C THR K 278 -48.56 -36.67 -20.78
N PRO K 279 -48.73 -35.34 -20.71
CA PRO K 279 -49.79 -34.69 -21.49
C PRO K 279 -49.63 -34.84 -23.00
N GLU K 280 -48.41 -35.09 -23.45
CA GLU K 280 -48.12 -35.24 -24.87
C GLU K 280 -48.38 -36.65 -25.37
N THR K 281 -48.23 -37.63 -24.49
CA THR K 281 -48.45 -39.02 -24.86
C THR K 281 -49.88 -39.49 -24.64
N LEU K 282 -50.64 -38.75 -23.83
CA LEU K 282 -52.03 -39.12 -23.55
C LEU K 282 -52.84 -39.28 -24.83
N PRO K 283 -52.78 -38.29 -25.75
CA PRO K 283 -53.52 -38.37 -27.01
C PRO K 283 -53.25 -39.68 -27.74
N TYR K 284 -51.97 -40.06 -27.83
CA TYR K 284 -51.57 -41.29 -28.49
C TYR K 284 -52.33 -42.50 -27.97
N TRP K 285 -52.34 -42.66 -26.65
CA TRP K 285 -53.03 -43.79 -26.04
C TRP K 285 -54.55 -43.79 -26.23
N GLU K 286 -55.18 -42.66 -25.98
CA GLU K 286 -56.62 -42.57 -26.12
C GLU K 286 -57.07 -42.94 -27.52
N LEU K 287 -56.27 -42.59 -28.52
CA LEU K 287 -56.57 -42.91 -29.91
C LEU K 287 -56.37 -44.40 -30.13
N ARG K 288 -55.25 -44.91 -29.64
CA ARG K 288 -54.93 -46.33 -29.77
C ARG K 288 -55.95 -47.19 -29.03
N ALA K 289 -56.58 -46.61 -28.02
CA ALA K 289 -57.58 -47.32 -27.23
C ALA K 289 -58.85 -47.63 -28.02
N THR K 290 -59.09 -46.86 -29.08
CA THR K 290 -60.26 -47.06 -29.92
C THR K 290 -59.97 -47.94 -31.13
N SER K 291 -58.70 -48.10 -31.47
CA SER K 291 -58.32 -48.92 -32.60
C SER K 291 -58.55 -50.40 -32.30
N SER K 292 -58.19 -51.25 -33.26
CA SER K 292 -58.37 -52.69 -33.10
C SER K 292 -57.02 -53.37 -32.86
N LEU K 293 -55.96 -52.56 -32.83
CA LEU K 293 -54.61 -53.08 -32.59
C LEU K 293 -54.42 -53.24 -31.08
N VAL K 294 -55.39 -52.76 -30.33
CA VAL K 294 -55.39 -52.83 -28.87
C VAL K 294 -54.78 -54.12 -28.33
N THR K 295 -53.85 -54.00 -27.40
CA THR K 295 -53.20 -55.17 -26.81
C THR K 295 -53.79 -55.50 -25.44
N GLY K 296 -54.60 -54.61 -24.91
CA GLY K 296 -55.23 -54.85 -23.62
C GLY K 296 -54.56 -54.20 -22.42
N ILE K 297 -53.56 -53.35 -22.67
CA ILE K 297 -52.84 -52.68 -21.59
C ILE K 297 -53.11 -51.18 -21.65
N GLU K 298 -53.90 -50.76 -22.64
CA GLU K 298 -54.23 -49.35 -22.82
C GLU K 298 -54.79 -48.69 -21.57
N GLU K 299 -55.74 -49.35 -20.92
CA GLU K 299 -56.35 -48.82 -19.71
C GLU K 299 -55.32 -48.50 -18.62
N ALA K 300 -54.49 -49.48 -18.32
CA ALA K 300 -53.47 -49.30 -17.28
C ALA K 300 -52.71 -47.99 -17.49
N PHE K 301 -52.27 -47.74 -18.71
CA PHE K 301 -51.54 -46.53 -19.04
C PHE K 301 -52.41 -45.28 -18.84
N ILE K 302 -53.50 -45.22 -19.60
CA ILE K 302 -54.40 -44.07 -19.52
C ILE K 302 -54.77 -43.71 -18.09
N GLU K 303 -55.26 -44.69 -17.34
CA GLU K 303 -55.66 -44.45 -15.96
C GLU K 303 -54.53 -43.95 -15.06
N SER K 304 -53.40 -44.65 -15.08
CA SER K 304 -52.26 -44.27 -14.25
C SER K 304 -51.78 -42.86 -14.61
N TYR K 305 -51.83 -42.52 -15.90
CA TYR K 305 -51.41 -41.19 -16.34
C TYR K 305 -52.39 -40.17 -15.79
N ARG K 306 -53.66 -40.54 -15.73
CA ARG K 306 -54.73 -39.68 -15.24
C ARG K 306 -54.56 -39.32 -13.77
N ASP K 307 -54.52 -40.34 -12.91
CA ASP K 307 -54.38 -40.10 -11.47
C ASP K 307 -52.97 -39.68 -11.05
N GLY K 308 -52.07 -39.61 -12.03
CA GLY K 308 -50.71 -39.20 -11.76
C GLY K 308 -49.82 -40.17 -10.99
N SER K 309 -50.20 -41.43 -10.94
CA SER K 309 -49.38 -42.42 -10.24
C SER K 309 -48.25 -42.89 -11.16
N PHE K 310 -48.43 -42.65 -12.46
CA PHE K 310 -47.46 -43.04 -13.47
C PHE K 310 -47.22 -41.84 -14.39
N GLN K 311 -45.98 -41.67 -14.84
CA GLN K 311 -45.67 -40.55 -15.72
C GLN K 311 -44.66 -40.90 -16.81
N TYR K 312 -44.80 -40.23 -17.95
CA TYR K 312 -43.93 -40.43 -19.10
C TYR K 312 -42.96 -39.25 -19.13
N VAL K 313 -41.70 -39.49 -18.81
CA VAL K 313 -40.72 -38.40 -18.79
C VAL K 313 -39.51 -38.56 -19.71
N LEU K 314 -38.85 -37.44 -19.97
CA LEU K 314 -37.66 -37.39 -20.82
C LEU K 314 -36.55 -36.71 -20.03
N ILE K 315 -35.37 -37.33 -20.01
CA ILE K 315 -34.24 -36.77 -19.29
C ILE K 315 -32.98 -36.77 -20.17
N ALA K 316 -32.33 -35.61 -20.24
CA ALA K 316 -31.11 -35.46 -21.03
C ALA K 316 -30.03 -34.92 -20.09
N ALA K 317 -29.04 -35.75 -19.80
CA ALA K 317 -27.97 -35.35 -18.90
C ALA K 317 -26.60 -35.38 -19.57
N ASP K 318 -25.66 -34.63 -19.00
CA ASP K 318 -24.30 -34.55 -19.51
C ASP K 318 -23.37 -35.47 -18.73
N ARG K 319 -22.34 -35.96 -19.41
CA ARG K 319 -21.36 -36.84 -18.77
C ARG K 319 -20.26 -35.97 -18.16
N VAL K 320 -20.44 -35.64 -16.89
CA VAL K 320 -19.48 -34.78 -16.17
C VAL K 320 -18.29 -35.58 -15.64
N ALA L 46 -52.08 -39.22 4.57
CA ALA L 46 -50.66 -39.65 4.46
C ALA L 46 -50.14 -39.39 3.06
N THR L 47 -50.37 -40.35 2.16
CA THR L 47 -49.93 -40.23 0.78
C THR L 47 -50.99 -40.87 -0.11
N PRO L 48 -51.13 -40.39 -1.36
CA PRO L 48 -52.12 -40.93 -2.30
C PRO L 48 -52.14 -42.45 -2.40
N TYR L 49 -50.99 -43.08 -2.17
CA TYR L 49 -50.90 -44.54 -2.25
C TYR L 49 -51.56 -45.19 -1.05
N GLN L 50 -51.09 -44.87 0.15
CA GLN L 50 -51.64 -45.42 1.38
C GLN L 50 -53.14 -45.19 1.52
N GLU L 51 -53.67 -44.24 0.76
CA GLU L 51 -55.09 -43.95 0.78
C GLU L 51 -55.76 -45.13 0.08
N ASP L 52 -55.06 -45.66 -0.92
CA ASP L 52 -55.52 -46.81 -1.70
C ASP L 52 -55.48 -48.05 -0.82
N ILE L 53 -54.30 -48.31 -0.24
CA ILE L 53 -54.11 -49.47 0.61
C ILE L 53 -55.08 -49.43 1.78
N ALA L 54 -55.25 -48.26 2.38
CA ALA L 54 -56.17 -48.10 3.50
C ALA L 54 -57.55 -48.65 3.14
N ARG L 55 -58.10 -48.16 2.03
CA ARG L 55 -59.40 -48.58 1.56
C ARG L 55 -59.44 -50.07 1.25
N TYR L 56 -58.28 -50.65 0.93
CA TYR L 56 -58.17 -52.07 0.60
C TYR L 56 -58.48 -52.98 1.79
N TRP L 57 -57.76 -52.76 2.89
CA TRP L 57 -57.93 -53.58 4.09
C TRP L 57 -59.18 -53.36 4.92
N ASN L 58 -59.81 -52.18 4.80
CA ASN L 58 -61.03 -51.93 5.55
C ASN L 58 -62.23 -52.01 4.62
N ASN L 59 -62.11 -52.87 3.62
CA ASN L 59 -63.18 -53.09 2.65
C ASN L 59 -63.16 -54.53 2.15
N GLU L 60 -62.49 -55.40 2.89
CA GLU L 60 -62.41 -56.80 2.54
C GLU L 60 -62.78 -57.71 3.72
N ALA L 61 -63.51 -58.78 3.41
CA ALA L 61 -63.94 -59.74 4.42
C ALA L 61 -63.70 -61.13 3.85
N ARG L 62 -62.65 -61.24 3.05
CA ARG L 62 -62.26 -62.48 2.40
C ARG L 62 -62.47 -63.67 3.34
N PRO L 63 -63.22 -64.68 2.87
CA PRO L 63 -63.50 -65.89 3.66
C PRO L 63 -62.24 -66.55 4.21
N VAL L 64 -61.39 -67.01 3.29
CA VAL L 64 -60.15 -67.70 3.62
C VAL L 64 -59.42 -67.15 4.85
N ASN L 65 -59.48 -65.83 5.05
CA ASN L 65 -58.82 -65.21 6.19
C ASN L 65 -59.71 -65.23 7.44
N LEU L 66 -60.97 -64.83 7.26
CA LEU L 66 -61.92 -64.78 8.35
C LEU L 66 -62.32 -66.14 8.91
N ARG L 67 -62.86 -67.00 8.05
CA ARG L 67 -63.31 -68.32 8.49
C ARG L 67 -62.16 -69.21 8.92
N LEU L 68 -60.92 -68.74 8.78
CA LEU L 68 -59.76 -69.53 9.18
C LEU L 68 -59.44 -69.23 10.64
N GLY L 69 -59.15 -67.97 10.94
CA GLY L 69 -58.83 -67.57 12.30
C GLY L 69 -59.93 -67.94 13.29
N ASP L 70 -61.13 -68.19 12.78
CA ASP L 70 -62.26 -68.54 13.62
C ASP L 70 -61.96 -69.69 14.57
N VAL L 71 -61.51 -70.82 14.01
CA VAL L 71 -61.21 -72.02 14.79
C VAL L 71 -60.62 -71.78 16.19
N ASP L 72 -59.84 -70.71 16.34
CA ASP L 72 -59.26 -70.39 17.65
C ASP L 72 -59.80 -69.07 18.13
N GLY L 73 -59.36 -68.00 17.47
CA GLY L 73 -59.76 -66.66 17.82
C GLY L 73 -58.66 -65.73 17.33
N LEU L 74 -57.58 -66.36 16.90
CA LEU L 74 -56.41 -65.67 16.38
C LEU L 74 -56.57 -65.50 14.88
N TYR L 75 -56.68 -64.26 14.42
CA TYR L 75 -56.85 -63.99 13.00
C TYR L 75 -55.58 -63.50 12.33
N HIS L 76 -54.99 -64.37 11.53
CA HIS L 76 -53.75 -64.08 10.82
C HIS L 76 -54.00 -63.69 9.36
N HIS L 77 -53.26 -62.69 8.89
CA HIS L 77 -53.39 -62.25 7.52
C HIS L 77 -52.10 -62.51 6.75
N HIS L 78 -51.33 -63.48 7.21
CA HIS L 78 -50.09 -63.86 6.56
C HIS L 78 -50.22 -65.30 6.09
N TYR L 79 -49.12 -65.91 5.68
CA TYR L 79 -49.17 -67.29 5.21
C TYR L 79 -48.55 -68.27 6.20
N GLY L 80 -48.53 -69.55 5.83
CA GLY L 80 -47.98 -70.55 6.72
C GLY L 80 -46.68 -71.22 6.32
N ILE L 81 -46.15 -72.02 7.24
CA ILE L 81 -44.92 -72.75 7.03
C ILE L 81 -44.94 -74.06 7.81
N GLY L 82 -44.16 -75.03 7.36
CA GLY L 82 -44.10 -76.31 8.03
C GLY L 82 -44.72 -77.42 7.20
N ALA L 83 -44.35 -78.66 7.49
CA ALA L 83 -44.87 -79.82 6.78
C ALA L 83 -46.36 -79.96 7.05
N VAL L 84 -47.10 -80.43 6.05
CA VAL L 84 -48.53 -80.61 6.20
C VAL L 84 -48.83 -81.80 7.09
N ASP L 85 -49.89 -81.67 7.90
CA ASP L 85 -50.29 -82.74 8.80
C ASP L 85 -51.41 -83.52 8.12
N HIS L 86 -51.13 -84.04 6.93
CA HIS L 86 -52.11 -84.80 6.17
C HIS L 86 -52.63 -86.01 6.94
N ALA L 87 -51.97 -86.31 8.06
CA ALA L 87 -52.36 -87.44 8.90
C ALA L 87 -53.77 -87.21 9.46
N ALA L 88 -53.86 -86.40 10.51
CA ALA L 88 -55.14 -86.10 11.14
C ALA L 88 -55.95 -85.12 10.28
N LEU L 89 -55.68 -85.13 8.98
CA LEU L 89 -56.37 -84.25 8.05
C LEU L 89 -57.54 -84.92 7.35
N GLY L 90 -57.41 -86.22 7.09
CA GLY L 90 -58.48 -86.95 6.43
C GLY L 90 -58.37 -86.86 4.92
N ASP L 91 -59.21 -87.63 4.22
CA ASP L 91 -59.19 -87.64 2.76
C ASP L 91 -60.21 -86.66 2.21
N PRO L 92 -60.06 -86.26 0.93
CA PRO L 92 -60.97 -85.32 0.27
C PRO L 92 -62.45 -85.57 0.56
N GLY L 93 -62.89 -86.80 0.32
CA GLY L 93 -64.28 -87.14 0.54
C GLY L 93 -64.69 -87.22 2.00
N ASP L 94 -65.62 -86.36 2.40
CA ASP L 94 -66.12 -86.33 3.77
C ASP L 94 -67.22 -85.28 3.91
N TYR L 97 -64.30 -82.77 5.64
CA TYR L 97 -62.95 -82.61 5.11
C TYR L 97 -62.55 -81.13 5.05
N GLU L 98 -63.35 -80.34 4.35
CA GLU L 98 -63.08 -78.92 4.21
C GLU L 98 -62.91 -78.25 5.58
N ALA L 99 -63.65 -78.74 6.57
CA ALA L 99 -63.58 -78.20 7.92
C ALA L 99 -62.21 -78.54 8.52
N ARG L 100 -61.67 -79.69 8.15
CA ARG L 100 -60.37 -80.11 8.64
C ARG L 100 -59.25 -79.43 7.86
N LEU L 101 -59.53 -79.06 6.61
CA LEU L 101 -58.53 -78.40 5.78
C LEU L 101 -58.30 -76.97 6.28
N ILE L 102 -59.38 -76.31 6.69
CA ILE L 102 -59.29 -74.96 7.22
C ILE L 102 -58.47 -74.96 8.50
N ALA L 103 -58.64 -75.99 9.32
CA ALA L 103 -57.91 -76.11 10.57
C ALA L 103 -56.42 -76.30 10.28
N GLU L 104 -56.10 -77.13 9.30
CA GLU L 104 -54.72 -77.40 8.91
C GLU L 104 -54.04 -76.14 8.38
N LEU L 105 -54.74 -75.41 7.52
CA LEU L 105 -54.20 -74.18 6.96
C LEU L 105 -53.96 -73.16 8.07
N HIS L 106 -54.93 -73.02 8.97
CA HIS L 106 -54.81 -72.09 10.08
C HIS L 106 -53.63 -72.47 10.97
N ARG L 107 -53.45 -73.76 11.18
CA ARG L 107 -52.37 -74.25 12.02
C ARG L 107 -51.03 -73.76 11.46
N LEU L 108 -50.84 -73.95 10.15
CA LEU L 108 -49.61 -73.55 9.48
C LEU L 108 -49.40 -72.04 9.58
N GLU L 109 -50.48 -71.28 9.47
CA GLU L 109 -50.39 -69.83 9.56
C GLU L 109 -50.02 -69.37 10.97
N SER L 110 -50.56 -70.04 11.98
CA SER L 110 -50.23 -69.70 13.36
C SER L 110 -48.83 -70.21 13.65
N ALA L 111 -48.41 -71.22 12.89
CA ALA L 111 -47.10 -71.83 13.04
C ALA L 111 -45.97 -70.85 12.71
N GLN L 112 -46.12 -70.13 11.60
CA GLN L 112 -45.09 -69.17 11.21
C GLN L 112 -45.11 -67.96 12.15
N ALA L 113 -46.31 -67.57 12.59
CA ALA L 113 -46.45 -66.45 13.52
C ALA L 113 -45.67 -66.78 14.78
N GLU L 114 -45.79 -68.02 15.23
CA GLU L 114 -45.09 -68.47 16.42
C GLU L 114 -43.59 -68.47 16.11
N PHE L 115 -43.25 -68.97 14.92
CA PHE L 115 -41.86 -69.05 14.47
C PHE L 115 -41.20 -67.67 14.48
N LEU L 116 -41.99 -66.65 14.16
CA LEU L 116 -41.47 -65.28 14.14
C LEU L 116 -41.11 -64.86 15.55
N LEU L 117 -42.03 -65.05 16.48
CA LEU L 117 -41.81 -64.67 17.88
C LEU L 117 -40.57 -65.34 18.47
N ASP L 118 -40.20 -66.50 17.94
CA ASP L 118 -39.02 -67.21 18.44
C ASP L 118 -37.75 -66.42 18.19
N HIS L 119 -37.80 -65.46 17.27
CA HIS L 119 -36.63 -64.66 16.95
C HIS L 119 -36.62 -63.27 17.58
N LEU L 120 -37.59 -62.99 18.45
CA LEU L 120 -37.66 -61.69 19.11
C LEU L 120 -36.71 -61.65 20.30
N GLY L 121 -36.05 -62.77 20.58
CA GLY L 121 -35.13 -62.84 21.69
C GLY L 121 -35.84 -62.68 23.02
N PRO L 122 -35.09 -62.67 24.13
CA PRO L 122 -35.67 -62.52 25.48
C PRO L 122 -36.48 -61.24 25.59
N VAL L 123 -37.66 -61.36 26.20
CA VAL L 123 -38.53 -60.20 26.38
C VAL L 123 -39.43 -60.38 27.61
N GLY L 124 -39.28 -59.48 28.57
CA GLY L 124 -40.06 -59.55 29.80
C GLY L 124 -41.34 -58.74 29.75
N PRO L 125 -42.21 -58.89 30.78
CA PRO L 125 -43.49 -58.20 30.91
C PRO L 125 -43.37 -56.68 30.92
N GLY L 126 -42.18 -56.17 31.22
CA GLY L 126 -41.99 -54.73 31.25
C GLY L 126 -41.66 -54.14 29.89
N ASP L 127 -41.26 -54.99 28.96
CA ASP L 127 -40.91 -54.54 27.61
C ASP L 127 -42.12 -54.22 26.76
N THR L 128 -41.90 -53.47 25.70
CA THR L 128 -42.95 -53.08 24.77
C THR L 128 -42.62 -53.58 23.37
N LEU L 129 -43.61 -54.12 22.69
CA LEU L 129 -43.43 -54.63 21.34
C LEU L 129 -44.28 -53.87 20.34
N VAL L 130 -43.79 -53.73 19.12
CA VAL L 130 -44.52 -53.02 18.07
C VAL L 130 -44.76 -53.93 16.87
N ASP L 131 -45.98 -53.85 16.32
CA ASP L 131 -46.35 -54.67 15.18
C ASP L 131 -46.69 -53.75 14.01
N ALA L 132 -45.73 -53.53 13.11
CA ALA L 132 -45.94 -52.69 11.94
C ALA L 132 -46.89 -53.40 11.00
N GLY L 133 -48.09 -52.84 10.80
CA GLY L 133 -49.07 -53.47 9.93
C GLY L 133 -49.55 -54.73 10.63
N CYS L 134 -50.21 -54.54 11.76
CA CYS L 134 -50.70 -55.64 12.59
C CYS L 134 -51.91 -56.41 12.07
N GLY L 135 -52.61 -55.86 11.09
CA GLY L 135 -53.78 -56.54 10.57
C GLY L 135 -54.89 -56.60 11.61
N ARG L 136 -55.41 -57.79 11.88
CA ARG L 136 -56.48 -57.94 12.87
C ARG L 136 -55.98 -58.24 14.28
N GLY L 137 -54.66 -58.28 14.45
CA GLY L 137 -54.10 -58.52 15.77
C GLY L 137 -53.77 -59.97 16.13
N GLY L 138 -53.81 -60.86 15.15
CA GLY L 138 -53.51 -62.25 15.43
C GLY L 138 -52.18 -62.45 16.12
N SER L 139 -51.11 -61.95 15.50
CA SER L 139 -49.77 -62.07 16.05
C SER L 139 -49.62 -61.34 17.38
N MET L 140 -50.31 -60.22 17.51
CA MET L 140 -50.25 -59.42 18.73
C MET L 140 -50.73 -60.21 19.94
N VAL L 141 -51.87 -60.87 19.81
CA VAL L 141 -52.42 -61.67 20.90
C VAL L 141 -51.44 -62.77 21.30
N MET L 142 -50.94 -63.52 20.32
CA MET L 142 -50.01 -64.59 20.59
C MET L 142 -48.78 -64.07 21.33
N ALA L 143 -48.26 -62.94 20.85
CA ALA L 143 -47.09 -62.34 21.46
C ALA L 143 -47.33 -62.05 22.94
N HIS L 144 -48.45 -61.40 23.24
CA HIS L 144 -48.77 -61.08 24.63
C HIS L 144 -48.95 -62.32 25.48
N GLN L 145 -49.77 -63.26 25.01
CA GLN L 145 -50.00 -64.48 25.77
C GLN L 145 -48.69 -65.19 26.09
N ARG L 146 -47.72 -65.05 25.19
CA ARG L 146 -46.42 -65.67 25.36
C ARG L 146 -45.41 -64.89 26.21
N PHE L 147 -45.52 -63.57 26.23
CA PHE L 147 -44.58 -62.76 27.00
C PHE L 147 -45.25 -61.92 28.10
N GLY L 148 -46.56 -61.74 27.99
CA GLY L 148 -47.29 -60.96 28.97
C GLY L 148 -46.78 -59.54 29.10
N CYS L 149 -46.44 -58.94 27.96
CA CYS L 149 -45.92 -57.58 27.94
C CYS L 149 -46.83 -56.67 27.11
N LYS L 150 -46.45 -55.41 26.96
CA LYS L 150 -47.22 -54.47 26.17
C LYS L 150 -47.00 -54.77 24.69
N VAL L 151 -48.07 -54.75 23.92
CA VAL L 151 -47.97 -55.00 22.49
C VAL L 151 -48.74 -53.93 21.72
N GLU L 152 -48.01 -52.99 21.15
CA GLU L 152 -48.61 -51.91 20.39
C GLU L 152 -48.67 -52.26 18.91
N GLY L 153 -49.87 -52.25 18.36
CA GLY L 153 -50.04 -52.57 16.96
C GLY L 153 -50.36 -51.31 16.20
N VAL L 154 -50.10 -51.31 14.90
CA VAL L 154 -50.37 -50.15 14.07
C VAL L 154 -50.79 -50.58 12.67
N THR L 155 -51.91 -50.05 12.20
CA THR L 155 -52.41 -50.39 10.88
C THR L 155 -53.10 -49.22 10.21
N LEU L 156 -53.28 -49.33 8.90
CA LEU L 156 -53.91 -48.28 8.10
C LEU L 156 -55.42 -48.46 8.05
N SER L 157 -55.88 -49.67 8.35
CA SER L 157 -57.30 -49.98 8.31
C SER L 157 -58.00 -49.78 9.65
N ALA L 158 -58.90 -48.80 9.70
CA ALA L 158 -59.64 -48.52 10.93
C ALA L 158 -60.44 -49.76 11.30
N ALA L 159 -60.91 -50.49 10.29
CA ALA L 159 -61.69 -51.69 10.52
C ALA L 159 -60.85 -52.72 11.27
N GLN L 160 -59.67 -53.01 10.74
CA GLN L 160 -58.77 -53.99 11.37
C GLN L 160 -58.38 -53.57 12.77
N ALA L 161 -58.24 -52.27 12.98
CA ALA L 161 -57.86 -51.74 14.28
C ALA L 161 -58.93 -52.07 15.29
N GLU L 162 -60.16 -51.65 14.99
CA GLU L 162 -61.29 -51.91 15.88
C GLU L 162 -61.48 -53.40 16.11
N PHE L 163 -61.37 -54.18 15.04
CA PHE L 163 -61.53 -55.63 15.14
C PHE L 163 -60.53 -56.16 16.16
N GLY L 164 -59.29 -55.69 16.04
CA GLY L 164 -58.24 -56.14 16.94
C GLY L 164 -58.52 -55.82 18.40
N ASN L 165 -58.91 -54.57 18.67
CA ASN L 165 -59.21 -54.16 20.02
C ASN L 165 -60.44 -54.88 20.55
N ARG L 166 -61.42 -55.06 19.67
CA ARG L 166 -62.66 -55.75 20.03
C ARG L 166 -62.27 -57.11 20.60
N ARG L 167 -61.58 -57.89 19.78
CA ARG L 167 -61.12 -59.22 20.16
C ARG L 167 -60.18 -59.14 21.36
N ALA L 168 -59.51 -58.00 21.50
CA ALA L 168 -58.57 -57.80 22.60
C ALA L 168 -59.31 -57.70 23.93
N ARG L 169 -60.47 -57.03 23.92
CA ARG L 169 -61.26 -56.87 25.13
C ARG L 169 -61.84 -58.22 25.57
N GLU L 170 -62.24 -59.04 24.60
CA GLU L 170 -62.81 -60.35 24.87
C GLU L 170 -61.83 -61.21 25.69
N LEU L 171 -60.56 -61.16 25.32
CA LEU L 171 -59.53 -61.92 26.01
C LEU L 171 -59.15 -61.23 27.32
N GLY L 172 -59.67 -60.02 27.51
CA GLY L 172 -59.37 -59.27 28.72
C GLY L 172 -57.92 -58.87 28.82
N ILE L 173 -57.38 -58.37 27.71
CA ILE L 173 -55.98 -57.94 27.67
C ILE L 173 -55.87 -56.59 26.97
N ASP L 174 -57.02 -55.96 26.74
CA ASP L 174 -57.07 -54.67 26.06
C ASP L 174 -56.16 -53.60 26.67
N ASP L 175 -55.75 -53.81 27.92
CA ASP L 175 -54.87 -52.84 28.59
C ASP L 175 -53.39 -53.14 28.35
N HIS L 176 -53.13 -54.18 27.56
CA HIS L 176 -51.75 -54.56 27.23
C HIS L 176 -51.59 -54.63 25.72
N VAL L 177 -52.61 -55.17 25.04
CA VAL L 177 -52.60 -55.30 23.59
C VAL L 177 -53.56 -54.27 22.99
N ARG L 178 -53.02 -53.40 22.13
CA ARG L 178 -53.84 -52.38 21.50
C ARG L 178 -53.41 -52.06 20.08
N SER L 179 -54.39 -52.01 19.18
CA SER L 179 -54.14 -51.70 17.78
C SER L 179 -54.64 -50.28 17.55
N ARG L 180 -54.02 -49.55 16.63
CA ARG L 180 -54.45 -48.19 16.35
C ARG L 180 -54.17 -47.83 14.89
N VAL L 181 -55.01 -46.97 14.33
CA VAL L 181 -54.84 -46.53 12.95
C VAL L 181 -53.71 -45.53 12.87
N CYS L 182 -52.64 -45.90 12.19
CA CYS L 182 -51.48 -45.03 12.05
C CYS L 182 -50.52 -45.59 11.00
N ASN L 183 -49.75 -44.71 10.39
CA ASN L 183 -48.79 -45.13 9.37
C ASN L 183 -47.51 -45.60 10.04
N MET L 184 -47.13 -46.85 9.78
CA MET L 184 -45.93 -47.44 10.36
C MET L 184 -44.65 -46.64 10.05
N LEU L 185 -44.73 -45.74 9.09
CA LEU L 185 -43.58 -44.92 8.72
C LEU L 185 -43.43 -43.71 9.65
N ASP L 186 -44.53 -43.32 10.29
CA ASP L 186 -44.53 -42.20 11.20
C ASP L 186 -45.33 -42.56 12.45
N THR L 187 -44.73 -43.39 13.30
CA THR L 187 -45.35 -43.85 14.52
C THR L 187 -45.12 -42.90 15.69
N PRO L 188 -46.03 -42.91 16.68
CA PRO L 188 -45.94 -42.04 17.87
C PRO L 188 -45.04 -42.54 19.00
N PHE L 189 -44.53 -43.76 18.89
CA PHE L 189 -43.66 -44.31 19.92
C PHE L 189 -42.37 -43.51 20.06
N GLU L 190 -41.93 -43.31 21.31
CA GLU L 190 -40.72 -42.55 21.58
C GLU L 190 -39.45 -43.33 21.30
N LYS L 191 -38.37 -42.60 21.03
CA LYS L 191 -37.06 -43.19 20.71
C LYS L 191 -36.56 -44.23 21.70
N GLY L 192 -36.08 -45.35 21.17
CA GLY L 192 -35.55 -46.42 21.99
C GLY L 192 -36.36 -46.85 23.19
N THR L 193 -37.67 -46.94 23.03
CA THR L 193 -38.54 -47.33 24.14
C THR L 193 -39.14 -48.70 23.84
N VAL L 194 -38.92 -49.19 22.62
CA VAL L 194 -39.44 -50.48 22.19
C VAL L 194 -38.38 -51.57 22.29
N ALA L 195 -38.71 -52.67 22.96
CA ALA L 195 -37.78 -53.78 23.14
C ALA L 195 -37.61 -54.60 21.87
N ALA L 196 -38.68 -54.69 21.08
CA ALA L 196 -38.64 -55.45 19.83
C ALA L 196 -39.85 -55.13 18.96
N SER L 197 -39.63 -55.12 17.65
CA SER L 197 -40.70 -54.83 16.69
C SER L 197 -40.56 -55.78 15.51
N TRP L 198 -41.52 -55.76 14.59
CA TRP L 198 -41.45 -56.65 13.44
C TRP L 198 -42.44 -56.32 12.33
N ASN L 199 -42.20 -56.90 11.16
CA ASN L 199 -43.07 -56.71 9.99
C ASN L 199 -43.41 -58.08 9.46
N ASN L 200 -44.62 -58.57 9.76
CA ASN L 200 -45.02 -59.88 9.27
C ASN L 200 -45.81 -59.71 7.98
N GLU L 201 -45.10 -59.72 6.85
CA GLU L 201 -45.73 -59.57 5.55
C GLU L 201 -46.48 -58.25 5.47
N SER L 202 -45.75 -57.14 5.52
CA SER L 202 -46.35 -55.81 5.46
C SER L 202 -45.33 -54.80 4.97
N SER L 203 -44.12 -55.28 4.69
CA SER L 203 -43.06 -54.40 4.22
C SER L 203 -43.11 -54.15 2.71
N MET L 204 -44.03 -54.82 2.02
CA MET L 204 -44.17 -54.65 0.57
C MET L 204 -45.04 -53.44 0.29
N TYR L 205 -45.57 -52.83 1.34
CA TYR L 205 -46.44 -51.67 1.20
C TYR L 205 -45.75 -50.34 1.50
N VAL L 206 -44.46 -50.38 1.81
CA VAL L 206 -43.72 -49.17 2.13
C VAL L 206 -42.26 -49.17 1.66
N ASP L 207 -41.62 -48.02 1.77
CA ASP L 207 -40.23 -47.85 1.37
C ASP L 207 -39.34 -48.45 2.46
N LEU L 208 -38.51 -49.42 2.09
CA LEU L 208 -37.64 -50.09 3.05
C LEU L 208 -36.78 -49.17 3.92
N HIS L 209 -36.07 -48.24 3.30
CA HIS L 209 -35.23 -47.32 4.07
C HIS L 209 -36.04 -46.55 5.11
N ASP L 210 -37.17 -45.98 4.69
CA ASP L 210 -38.00 -45.22 5.61
C ASP L 210 -38.56 -46.06 6.74
N VAL L 211 -39.06 -47.25 6.42
CA VAL L 211 -39.64 -48.13 7.43
C VAL L 211 -38.61 -48.63 8.45
N PHE L 212 -37.45 -49.05 7.97
CA PHE L 212 -36.41 -49.53 8.88
C PHE L 212 -35.85 -48.37 9.70
N ALA L 213 -35.84 -47.18 9.10
CA ALA L 213 -35.35 -46.00 9.77
C ALA L 213 -36.25 -45.72 10.98
N GLU L 214 -37.55 -45.93 10.81
CA GLU L 214 -38.49 -45.71 11.88
C GLU L 214 -38.27 -46.73 12.99
N HIS L 215 -38.25 -48.01 12.61
CA HIS L 215 -38.03 -49.07 13.58
C HIS L 215 -36.76 -48.76 14.37
N SER L 216 -35.70 -48.44 13.64
CA SER L 216 -34.42 -48.11 14.25
C SER L 216 -34.56 -46.96 15.23
N ARG L 217 -35.52 -46.08 14.98
CA ARG L 217 -35.74 -44.93 15.86
C ARG L 217 -36.34 -45.31 17.21
N PHE L 218 -37.57 -45.81 17.20
CA PHE L 218 -38.25 -46.18 18.43
C PHE L 218 -37.69 -47.44 19.09
N LEU L 219 -36.83 -48.15 18.36
CA LEU L 219 -36.26 -49.38 18.89
C LEU L 219 -35.07 -49.09 19.79
N ARG L 220 -35.08 -49.70 20.98
CA ARG L 220 -34.02 -49.54 21.97
C ARG L 220 -32.70 -50.11 21.45
N VAL L 221 -31.58 -49.48 21.84
CA VAL L 221 -30.28 -49.96 21.41
C VAL L 221 -30.09 -51.37 21.94
N GLY L 222 -29.73 -52.29 21.04
CA GLY L 222 -29.55 -53.67 21.43
C GLY L 222 -30.86 -54.41 21.25
N GLY L 223 -31.91 -53.66 20.88
CA GLY L 223 -33.22 -54.26 20.66
C GLY L 223 -33.20 -55.23 19.49
N ARG L 224 -34.30 -55.95 19.30
CA ARG L 224 -34.39 -56.93 18.22
C ARG L 224 -35.51 -56.65 17.24
N TYR L 225 -35.17 -56.72 15.95
CA TYR L 225 -36.14 -56.52 14.88
C TYR L 225 -36.23 -57.79 14.06
N VAL L 226 -37.45 -58.18 13.71
CA VAL L 226 -37.66 -59.38 12.92
C VAL L 226 -38.65 -59.11 11.79
N THR L 227 -38.56 -59.88 10.72
CA THR L 227 -39.47 -59.70 9.60
C THR L 227 -39.55 -60.94 8.73
N VAL L 228 -40.79 -61.32 8.40
CA VAL L 228 -41.04 -62.45 7.54
C VAL L 228 -41.64 -61.82 6.30
N THR L 229 -41.07 -62.09 5.13
CA THR L 229 -41.59 -61.50 3.91
C THR L 229 -41.21 -62.25 2.65
N GLY L 230 -41.80 -61.81 1.54
CA GLY L 230 -41.52 -62.42 0.25
C GLY L 230 -40.80 -61.36 -0.56
N CYS L 231 -39.63 -61.70 -1.08
CA CYS L 231 -38.85 -60.76 -1.87
C CYS L 231 -38.30 -61.44 -3.11
N TRP L 232 -38.29 -60.74 -4.23
CA TRP L 232 -37.76 -61.35 -5.44
C TRP L 232 -36.26 -61.51 -5.29
N ASN L 233 -35.76 -62.69 -5.64
CA ASN L 233 -34.34 -63.01 -5.53
C ASN L 233 -33.51 -62.27 -6.58
N PRO L 234 -32.58 -61.42 -6.12
CA PRO L 234 -31.70 -60.66 -7.02
C PRO L 234 -30.83 -61.57 -7.87
N ARG L 235 -30.69 -62.81 -7.42
CA ARG L 235 -29.91 -63.82 -8.13
C ARG L 235 -30.58 -64.12 -9.46
N TYR L 236 -31.89 -63.93 -9.50
CA TYR L 236 -32.68 -64.17 -10.70
C TYR L 236 -32.52 -63.05 -11.72
N GLY L 237 -32.25 -61.84 -11.24
CA GLY L 237 -32.07 -60.71 -12.14
C GLY L 237 -33.04 -59.57 -11.87
N GLN L 238 -34.29 -59.75 -12.26
CA GLN L 238 -35.32 -58.73 -12.06
C GLN L 238 -36.62 -59.42 -11.69
N PRO L 239 -37.61 -58.66 -11.22
CA PRO L 239 -38.90 -59.27 -10.85
C PRO L 239 -39.54 -60.00 -12.03
N SER L 240 -39.81 -61.29 -11.85
CA SER L 240 -40.44 -62.09 -12.90
C SER L 240 -41.92 -61.75 -12.97
N LYS L 241 -42.56 -62.10 -14.08
CA LYS L 241 -43.98 -61.80 -14.25
C LYS L 241 -44.77 -62.27 -13.02
N TRP L 242 -44.42 -63.44 -12.50
CA TRP L 242 -45.10 -64.00 -11.34
C TRP L 242 -45.12 -62.98 -10.20
N VAL L 243 -43.97 -62.40 -9.91
CA VAL L 243 -43.88 -61.41 -8.84
C VAL L 243 -44.74 -60.21 -9.17
N SER L 244 -44.62 -59.72 -10.40
CA SER L 244 -45.41 -58.56 -10.82
C SER L 244 -46.91 -58.86 -10.69
N GLN L 245 -47.29 -60.10 -10.94
CA GLN L 245 -48.68 -60.51 -10.85
C GLN L 245 -49.14 -60.39 -9.41
N ILE L 246 -48.26 -60.78 -8.48
CA ILE L 246 -48.58 -60.71 -7.06
C ILE L 246 -48.73 -59.25 -6.64
N ASN L 247 -47.88 -58.38 -7.20
CA ASN L 247 -47.94 -56.96 -6.89
C ASN L 247 -49.26 -56.37 -7.36
N ALA L 248 -49.64 -56.68 -8.59
CA ALA L 248 -50.87 -56.19 -9.17
C ALA L 248 -52.08 -56.75 -8.42
N HIS L 249 -51.95 -57.98 -7.94
CA HIS L 249 -53.05 -58.63 -7.22
C HIS L 249 -53.31 -57.98 -5.87
N PHE L 250 -52.25 -57.80 -5.08
CA PHE L 250 -52.38 -57.20 -3.75
C PHE L 250 -52.17 -55.69 -3.77
N GLU L 251 -51.88 -55.16 -4.95
CA GLU L 251 -51.65 -53.74 -5.12
C GLU L 251 -50.51 -53.30 -4.20
N CYS L 252 -49.44 -54.09 -4.18
CA CYS L 252 -48.28 -53.79 -3.34
C CYS L 252 -47.02 -53.60 -4.19
N ASN L 253 -45.86 -53.67 -3.54
CA ASN L 253 -44.58 -53.48 -4.20
C ASN L 253 -43.49 -54.32 -3.54
N ILE L 254 -43.30 -55.54 -4.04
CA ILE L 254 -42.29 -56.46 -3.52
C ILE L 254 -40.86 -55.96 -3.78
N HIS L 255 -40.01 -56.13 -2.78
CA HIS L 255 -38.61 -55.70 -2.87
C HIS L 255 -37.68 -56.89 -3.08
N SER L 256 -36.44 -56.62 -3.46
CA SER L 256 -35.46 -57.69 -3.67
C SER L 256 -34.77 -57.97 -2.35
N ARG L 257 -34.20 -59.16 -2.20
CA ARG L 257 -33.52 -59.50 -0.96
C ARG L 257 -32.37 -58.52 -0.78
N ARG L 258 -31.88 -57.98 -1.89
CA ARG L 258 -30.77 -57.03 -1.85
C ARG L 258 -31.18 -55.74 -1.14
N GLU L 259 -32.37 -55.25 -1.46
CA GLU L 259 -32.87 -54.01 -0.84
C GLU L 259 -33.05 -54.19 0.67
N TYR L 260 -33.56 -55.35 1.06
CA TYR L 260 -33.77 -55.62 2.48
C TYR L 260 -32.47 -55.55 3.26
N LEU L 261 -31.46 -56.24 2.79
CA LEU L 261 -30.15 -56.25 3.44
C LEU L 261 -29.48 -54.88 3.46
N ARG L 262 -29.49 -54.18 2.33
CA ARG L 262 -28.87 -52.86 2.26
C ARG L 262 -29.63 -51.87 3.12
N ALA L 263 -30.95 -51.88 3.02
CA ALA L 263 -31.78 -50.97 3.81
C ALA L 263 -31.50 -51.12 5.30
N MET L 264 -31.33 -52.35 5.76
CA MET L 264 -31.06 -52.60 7.17
C MET L 264 -29.68 -52.08 7.55
N ALA L 265 -28.71 -52.32 6.67
CA ALA L 265 -27.33 -51.88 6.89
C ALA L 265 -27.28 -50.37 7.03
N ASP L 266 -28.08 -49.66 6.23
CA ASP L 266 -28.10 -48.21 6.26
C ASP L 266 -28.87 -47.64 7.45
N ASN L 267 -29.49 -48.52 8.25
CA ASN L 267 -30.25 -48.05 9.40
C ASN L 267 -29.85 -48.67 10.73
N ARG L 268 -28.57 -49.00 10.86
CA ARG L 268 -28.05 -49.58 12.09
C ARG L 268 -28.77 -50.86 12.50
N LEU L 269 -29.11 -51.69 11.52
CA LEU L 269 -29.77 -52.97 11.79
C LEU L 269 -28.92 -54.11 11.28
N VAL L 270 -28.25 -54.79 12.21
CA VAL L 270 -27.37 -55.91 11.86
C VAL L 270 -28.05 -57.26 12.00
N PRO L 271 -28.30 -57.94 10.86
CA PRO L 271 -28.94 -59.25 10.82
C PRO L 271 -28.21 -60.32 11.63
N GLN L 272 -28.95 -61.00 12.51
CA GLN L 272 -28.40 -62.07 13.33
C GLN L 272 -28.73 -63.41 12.65
N THR L 273 -29.88 -63.44 11.99
CA THR L 273 -30.33 -64.63 11.29
C THR L 273 -31.00 -64.29 9.98
N VAL L 274 -30.69 -65.06 8.95
CA VAL L 274 -31.28 -64.87 7.62
C VAL L 274 -31.52 -66.25 7.06
N VAL L 275 -32.77 -66.72 7.16
CA VAL L 275 -33.14 -68.04 6.68
C VAL L 275 -34.20 -68.00 5.59
N ASP L 276 -34.03 -68.82 4.57
CA ASP L 276 -34.97 -68.91 3.46
C ASP L 276 -36.03 -69.96 3.81
N LEU L 277 -37.26 -69.51 4.01
CA LEU L 277 -38.36 -70.42 4.37
C LEU L 277 -39.19 -70.91 3.20
N THR L 278 -38.75 -70.64 1.97
CA THR L 278 -39.50 -71.07 0.80
C THR L 278 -39.93 -72.53 0.87
N PRO L 279 -38.99 -73.45 1.16
CA PRO L 279 -39.33 -74.87 1.25
C PRO L 279 -40.37 -75.18 2.33
N GLU L 280 -40.43 -74.34 3.36
CA GLU L 280 -41.36 -74.53 4.46
C GLU L 280 -42.76 -74.02 4.15
N THR L 281 -42.85 -73.00 3.31
CA THR L 281 -44.14 -72.43 2.95
C THR L 281 -44.77 -73.08 1.72
N LEU L 282 -43.96 -73.78 0.92
CA LEU L 282 -44.47 -74.44 -0.28
C LEU L 282 -45.65 -75.34 0.04
N PRO L 283 -45.51 -76.23 1.04
CA PRO L 283 -46.59 -77.14 1.41
C PRO L 283 -47.92 -76.40 1.66
N TYR L 284 -47.84 -75.32 2.41
CA TYR L 284 -49.02 -74.50 2.71
C TYR L 284 -49.78 -74.11 1.44
N TRP L 285 -49.06 -73.56 0.46
CA TRP L 285 -49.69 -73.13 -0.78
C TRP L 285 -50.27 -74.25 -1.63
N GLU L 286 -49.50 -75.32 -1.81
CA GLU L 286 -49.97 -76.44 -2.62
C GLU L 286 -51.26 -77.03 -2.07
N LEU L 287 -51.39 -77.01 -0.74
CA LEU L 287 -52.58 -77.52 -0.08
C LEU L 287 -53.73 -76.53 -0.30
N ARG L 288 -53.45 -75.26 -0.09
CA ARG L 288 -54.44 -74.20 -0.27
C ARG L 288 -54.89 -74.14 -1.73
N ALA L 289 -54.03 -74.58 -2.63
CA ALA L 289 -54.33 -74.56 -4.06
C ALA L 289 -55.45 -75.53 -4.41
N THR L 290 -55.64 -76.55 -3.58
CA THR L 290 -56.68 -77.56 -3.83
C THR L 290 -57.98 -77.23 -3.12
N SER L 291 -57.93 -76.36 -2.12
CA SER L 291 -59.12 -75.98 -1.37
C SER L 291 -60.05 -75.14 -2.23
N SER L 292 -61.14 -74.68 -1.62
CA SER L 292 -62.11 -73.86 -2.33
C SER L 292 -62.02 -72.40 -1.87
N LEU L 293 -61.11 -72.14 -0.95
CA LEU L 293 -60.92 -70.79 -0.43
C LEU L 293 -60.01 -70.03 -1.38
N VAL L 294 -59.51 -70.74 -2.38
CA VAL L 294 -58.62 -70.19 -3.41
C VAL L 294 -59.01 -68.78 -3.83
N THR L 295 -58.04 -67.88 -3.82
CA THR L 295 -58.29 -66.48 -4.21
C THR L 295 -57.84 -66.22 -5.65
N GLY L 296 -57.12 -67.17 -6.23
CA GLY L 296 -56.66 -67.02 -7.60
C GLY L 296 -55.24 -66.52 -7.77
N ILE L 297 -54.50 -66.43 -6.67
CA ILE L 297 -53.12 -65.95 -6.73
C ILE L 297 -52.17 -67.08 -6.34
N GLU L 298 -52.73 -68.25 -6.05
CA GLU L 298 -51.95 -69.41 -5.65
C GLU L 298 -50.86 -69.77 -6.65
N GLU L 299 -51.22 -69.80 -7.94
CA GLU L 299 -50.25 -70.15 -8.98
C GLU L 299 -49.02 -69.24 -8.97
N ALA L 300 -49.25 -67.93 -8.98
CA ALA L 300 -48.16 -66.96 -8.97
C ALA L 300 -47.14 -67.32 -7.91
N PHE L 301 -47.61 -67.58 -6.69
CA PHE L 301 -46.73 -67.94 -5.58
C PHE L 301 -45.99 -69.25 -5.83
N ILE L 302 -46.75 -70.33 -5.99
CA ILE L 302 -46.17 -71.65 -6.23
C ILE L 302 -45.12 -71.63 -7.35
N GLU L 303 -45.50 -71.11 -8.51
CA GLU L 303 -44.58 -71.05 -9.64
C GLU L 303 -43.32 -70.26 -9.36
N SER L 304 -43.48 -69.03 -8.88
CA SER L 304 -42.33 -68.18 -8.58
C SER L 304 -41.40 -68.83 -7.54
N TYR L 305 -41.99 -69.53 -6.57
CA TYR L 305 -41.20 -70.20 -5.55
C TYR L 305 -40.42 -71.34 -6.20
N ARG L 306 -41.03 -71.96 -7.20
CA ARG L 306 -40.43 -73.07 -7.92
C ARG L 306 -39.20 -72.67 -8.73
N ASP L 307 -39.36 -71.70 -9.63
CA ASP L 307 -38.23 -71.26 -10.45
C ASP L 307 -37.23 -70.39 -9.69
N GLY L 308 -37.52 -70.14 -8.41
CA GLY L 308 -36.64 -69.34 -7.58
C GLY L 308 -36.58 -67.84 -7.85
N SER L 309 -37.56 -67.31 -8.56
CA SER L 309 -37.57 -65.88 -8.86
C SER L 309 -38.14 -65.12 -7.67
N PHE L 310 -38.83 -65.86 -6.81
CA PHE L 310 -39.45 -65.27 -5.61
C PHE L 310 -39.13 -66.17 -4.42
N GLN L 311 -38.90 -65.57 -3.27
CA GLN L 311 -38.56 -66.33 -2.07
C GLN L 311 -39.18 -65.79 -0.79
N TYR L 312 -39.49 -66.71 0.13
CA TYR L 312 -40.10 -66.37 1.40
C TYR L 312 -38.99 -66.43 2.45
N VAL L 313 -38.56 -65.28 2.95
CA VAL L 313 -37.48 -65.26 3.93
C VAL L 313 -37.81 -64.62 5.28
N LEU L 314 -36.98 -64.95 6.28
CA LEU L 314 -37.13 -64.43 7.62
C LEU L 314 -35.80 -63.80 8.03
N ILE L 315 -35.85 -62.57 8.55
CA ILE L 315 -34.65 -61.87 8.96
C ILE L 315 -34.80 -61.28 10.36
N ALA L 316 -33.85 -61.58 11.24
CA ALA L 316 -33.85 -61.09 12.60
C ALA L 316 -32.55 -60.32 12.83
N ALA L 317 -32.65 -59.01 12.97
CA ALA L 317 -31.46 -58.19 13.18
C ALA L 317 -31.47 -57.45 14.51
N ASP L 318 -30.29 -57.05 14.97
CA ASP L 318 -30.13 -56.33 16.22
C ASP L 318 -30.01 -54.83 15.96
N ARG L 319 -30.48 -54.02 16.92
CA ARG L 319 -30.42 -52.57 16.82
C ARG L 319 -29.07 -52.13 17.39
N VAL L 320 -28.07 -52.01 16.52
CA VAL L 320 -26.73 -51.60 16.92
C VAL L 320 -26.60 -50.09 17.04
#